data_8ZY6
#
_entry.id   8ZY6
#
_cell.length_a   1.00
_cell.length_b   1.00
_cell.length_c   1.00
_cell.angle_alpha   90.00
_cell.angle_beta   90.00
_cell.angle_gamma   90.00
#
_symmetry.space_group_name_H-M   'P 1'
#
loop_
_entity.id
_entity.type
_entity.pdbx_description
1 polymer 'Spike glycoprotein'
2 branched 2-acetamido-2-deoxy-beta-D-glucopyranose-(1-4)-2-acetamido-2-deoxy-beta-D-glucopyranose
3 non-polymer 2-acetamido-2-deoxy-beta-D-glucopyranose
#
_entity_poly.entity_id   1
_entity_poly.type   'polypeptide(L)'
_entity_poly.pdbx_seq_one_letter_code
;MKILILAFLASLAKAQEGCGIISRKPQPKMAQVSSSRRGVYYNDDIFRSDVLHLTQDYFLPFDSNLTQYFSLNVDSDRYT
YFDNPILDFGDGVYFAATEKSNVIRGWIFGSSFDNTTQSAVIVNNSTHIIIRVCNFNLCKEPMYTVSRGTQQNSWVYQSA
FNCTYDRVEKSFQLDTAPKTGNFKDLREYVFKNRDGFLSVYQTYTAVNLPRGLPQGFSVLRPILKLPFGINITSYRVVMA
MFSQSTSNFLPESAAYYVGNLKYSTFMLSFNENGTITDAIDCSQNPLAELKCTIKNFNVNKGIYQTSNFRVSPTQEVVRF
PNITNRCPFDKVFNATRFPNVYAWERTKISDCVADYTVLYNSTSFSTFKCYGVSPSKLIDLCFTSVYADTFLIRSSEVRQ
VAPGETGVIADYNYKLPDDFTGCVIAWNTAKQDTGNYYYRSHRKTKLKPFERDLSSDDGNGVYTLSTYDFNPNVPVAYQA
TRVVVLSFELLNAPATVCGPKLSTQLVKNQCVNFNFNGLKGTGVLTPSLKRFQSFQQFGRDTSDFTDSVRDPQTLEILDI
SPCSFGGVSVITPGTNASSEVAVLYQDVNCTDVPTAIRADQLTPAWRVYSTGLNVFQTQAGCLIGAEHVNASYECDIPIG
AGICASYHTASVLRSTGQKSIVAYTMSLGAENSIAYANNSIAIPTNFSISVTTEVMPVSMAKTSVDCTMYICGDSLECSN
LLLQYGSFCTQLNRALTGIAIEQDKNTQEVFAQVKQMYKTPAIKDFGGFNFSQILPDPSKPTKRSFIEDLLFNKVTLADA
GFMKQYGECLGDISARDLICAQKFNGLTVLPPLLTDEMIAAYTAALVSGTATAGWTFGAGAALQIPFAMQMAYRFNGIGV
TQNVLYENQKQIANQFNKAISQIQESLTTTSTALGKLQDVVNQNAQALNTLVKQLSSNFGAISSVLNDILSRLDKVEAEV
QIDRLITGRLQSLQTYVTQQLIRAAEIRASANLAATKMSECVLGQSKRVDFCGKGYHLMSFPQAAPHGVVFLHVTYVPSQ
ERNFTTAPAICHEGKAYFPREGVFVSNGTSWFITQRNFYSPQLITTDNTFVSGNCDVVIGIINNTVYDPLQPELDSFKDE
LDKYFKNHTSPDVDLGDISGINASVVNIQKEIDRLNEVAKNLNESLIDLQELGKYEQGSGYIPEAPRDGQAYVRKDGEWV
LLSTFLLEVLFQGPGHHHHHHHHSAWSHPQFEKGGGSGGGGSGGSAWSHPQFEKSA
;
_entity_poly.pdbx_strand_id   C,A,B
#
loop_
_chem_comp.id
_chem_comp.type
_chem_comp.name
_chem_comp.formula
NAG D-saccharide, beta linking 2-acetamido-2-deoxy-beta-D-glucopyranose 'C8 H15 N O6'
#
# COMPACT_ATOMS: atom_id res chain seq x y z
N MET A 30 7.66 23.54 -54.27
CA MET A 30 6.82 23.86 -53.13
C MET A 30 5.76 22.77 -52.90
N ALA A 31 5.89 21.66 -53.63
CA ALA A 31 4.99 20.54 -53.52
C ALA A 31 5.20 19.82 -52.19
N GLN A 32 4.14 19.24 -51.66
CA GLN A 32 4.23 18.52 -50.39
C GLN A 32 4.40 17.03 -50.64
N VAL A 33 5.40 16.43 -49.99
CA VAL A 33 5.70 15.02 -50.13
C VAL A 33 5.61 14.37 -48.75
N SER A 34 4.89 13.26 -48.67
CA SER A 34 4.77 12.54 -47.41
C SER A 34 6.10 11.89 -47.04
N SER A 35 6.45 11.97 -45.77
CA SER A 35 7.69 11.39 -45.24
C SER A 35 7.31 10.37 -44.17
N SER A 36 7.14 9.12 -44.60
CA SER A 36 6.72 8.06 -43.70
C SER A 36 7.92 7.51 -42.95
N ARG A 37 7.91 7.63 -41.63
CA ARG A 37 8.88 7.03 -40.71
C ARG A 37 10.31 7.48 -41.01
N ARG A 38 10.51 8.80 -41.08
CA ARG A 38 11.81 9.40 -41.31
C ARG A 38 12.12 10.42 -40.23
N GLY A 39 13.40 10.74 -40.07
CA GLY A 39 13.83 11.76 -39.14
C GLY A 39 14.11 11.29 -37.73
N VAL A 40 14.33 9.99 -37.52
CA VAL A 40 14.62 9.49 -36.19
C VAL A 40 16.10 9.71 -35.87
N TYR A 41 16.36 10.29 -34.69
CA TYR A 41 17.72 10.55 -34.23
C TYR A 41 17.82 10.19 -32.76
N TYR A 42 19.03 10.28 -32.21
CA TYR A 42 19.27 10.04 -30.79
C TYR A 42 19.13 11.37 -30.07
N ASN A 43 18.00 11.56 -29.37
CA ASN A 43 17.80 12.78 -28.62
C ASN A 43 18.65 12.81 -27.35
N ASP A 44 18.98 11.64 -26.80
CA ASP A 44 19.78 11.56 -25.59
C ASP A 44 21.09 10.83 -25.88
N ASP A 45 22.13 11.20 -25.15
CA ASP A 45 23.46 10.65 -25.36
C ASP A 45 23.76 9.44 -24.48
N ILE A 46 22.85 9.05 -23.60
CA ILE A 46 23.10 7.92 -22.71
C ILE A 46 22.99 6.61 -23.50
N PHE A 47 23.60 5.57 -22.95
CA PHE A 47 23.67 4.27 -23.61
C PHE A 47 22.56 3.37 -23.09
N ARG A 48 21.79 2.77 -23.99
CA ARG A 48 20.74 1.83 -23.65
C ARG A 48 20.89 0.59 -24.52
N SER A 49 20.65 -0.59 -23.93
CA SER A 49 20.83 -1.85 -24.63
C SER A 49 19.63 -2.75 -24.36
N ASP A 50 18.94 -3.14 -25.44
CA ASP A 50 17.87 -4.15 -25.43
C ASP A 50 16.72 -3.73 -24.52
N VAL A 51 16.22 -2.51 -24.70
CA VAL A 51 15.12 -1.99 -23.91
C VAL A 51 14.07 -1.40 -24.84
N LEU A 52 12.84 -1.35 -24.35
CA LEU A 52 11.73 -0.70 -25.04
C LEU A 52 11.51 0.64 -24.34
N HIS A 53 12.32 1.62 -24.69
CA HIS A 53 12.28 2.94 -24.06
C HIS A 53 11.41 3.87 -24.89
N LEU A 54 10.54 4.62 -24.20
CA LEU A 54 9.75 5.68 -24.82
C LEU A 54 10.17 7.02 -24.23
N THR A 55 10.22 8.04 -25.08
CA THR A 55 10.70 9.35 -24.66
C THR A 55 9.77 10.43 -25.21
N GLN A 56 9.81 11.59 -24.57
CA GLN A 56 8.98 12.74 -24.94
C GLN A 56 9.92 13.90 -25.26
N ASP A 57 10.05 14.22 -26.54
CA ASP A 57 11.01 15.22 -27.00
C ASP A 57 10.57 15.74 -28.36
N TYR A 58 11.39 16.62 -28.93
CA TYR A 58 11.11 17.18 -30.26
C TYR A 58 11.49 16.15 -31.31
N PHE A 59 10.54 15.81 -32.17
CA PHE A 59 10.76 14.84 -33.23
C PHE A 59 9.98 15.26 -34.47
N LEU A 60 10.38 14.69 -35.60
CA LEU A 60 9.63 14.88 -36.84
C LEU A 60 8.45 13.93 -36.86
N PRO A 61 7.23 14.42 -37.04
CA PRO A 61 6.06 13.51 -37.03
C PRO A 61 6.06 12.57 -38.22
N PHE A 62 5.52 11.38 -38.00
CA PHE A 62 5.45 10.37 -39.04
C PHE A 62 4.41 10.76 -40.09
N ASP A 63 4.73 10.45 -41.35
CA ASP A 63 3.86 10.71 -42.51
C ASP A 63 3.49 12.19 -42.62
N SER A 64 4.44 13.06 -42.32
CA SER A 64 4.23 14.50 -42.42
C SER A 64 4.58 14.98 -43.81
N ASN A 65 4.03 16.15 -44.17
CA ASN A 65 4.25 16.73 -45.49
C ASN A 65 5.45 17.65 -45.47
N LEU A 66 6.44 17.34 -46.31
CA LEU A 66 7.66 18.14 -46.45
C LEU A 66 7.57 18.97 -47.72
N THR A 67 8.02 20.21 -47.65
CA THR A 67 8.06 21.07 -48.81
C THR A 67 9.25 20.69 -49.70
N GLN A 68 9.01 20.65 -51.01
CA GLN A 68 10.04 20.25 -51.97
C GLN A 68 10.60 21.47 -52.66
N TYR A 69 11.92 21.61 -52.63
CA TYR A 69 12.63 22.70 -53.29
C TYR A 69 13.59 22.12 -54.32
N PHE A 70 13.73 22.84 -55.44
CA PHE A 70 14.49 22.36 -56.58
C PHE A 70 15.74 23.22 -56.79
N SER A 71 16.88 22.57 -56.99
CA SER A 71 18.14 23.23 -57.34
C SER A 71 18.91 22.26 -58.24
N LEU A 72 19.04 22.61 -59.52
CA LEU A 72 19.61 21.78 -60.59
C LEU A 72 18.86 20.46 -60.71
N SER A 76 24.66 24.00 -63.16
CA SER A 76 23.64 25.04 -63.10
C SER A 76 22.59 24.82 -64.19
N ASP A 77 22.16 23.57 -64.36
CA ASP A 77 21.17 23.25 -65.38
C ASP A 77 19.79 23.73 -64.94
N ARG A 78 19.43 24.95 -65.35
CA ARG A 78 18.18 25.57 -64.96
C ARG A 78 17.38 25.91 -66.21
N TYR A 79 16.12 25.47 -66.25
CA TYR A 79 15.29 25.78 -67.41
C TYR A 79 14.54 27.09 -67.22
N THR A 80 13.90 27.28 -66.06
CA THR A 80 13.22 28.53 -65.76
C THR A 80 13.87 29.25 -64.59
N TYR A 81 13.94 28.63 -63.41
CA TYR A 81 14.60 29.20 -62.24
C TYR A 81 14.78 28.10 -61.19
N PHE A 82 15.98 28.04 -60.63
CA PHE A 82 16.30 27.14 -59.54
C PHE A 82 17.02 27.94 -58.46
N ASP A 83 16.41 28.02 -57.28
CA ASP A 83 16.91 28.91 -56.24
C ASP A 83 16.61 28.29 -54.88
N ASN A 84 16.94 29.04 -53.83
CA ASN A 84 16.75 28.63 -52.44
C ASN A 84 16.34 29.84 -51.61
N PRO A 85 15.23 29.73 -50.88
CA PRO A 85 14.78 30.86 -50.05
C PRO A 85 15.34 30.83 -48.64
N ILE A 86 14.92 31.77 -47.81
CA ILE A 86 15.21 31.76 -46.38
C ILE A 86 14.11 30.99 -45.68
N LEU A 87 14.49 30.00 -44.87
CA LEU A 87 13.55 29.09 -44.25
C LEU A 87 13.45 29.38 -42.75
N ASP A 88 12.70 28.54 -42.05
CA ASP A 88 12.44 28.70 -40.62
C ASP A 88 13.07 27.55 -39.86
N PHE A 89 13.86 27.86 -38.84
CA PHE A 89 14.48 26.84 -38.01
C PHE A 89 13.49 26.28 -37.00
N GLY A 90 12.82 27.15 -36.26
CA GLY A 90 11.92 26.69 -35.21
C GLY A 90 12.69 26.12 -34.05
N ASP A 91 12.21 24.99 -33.53
CA ASP A 91 12.88 24.30 -32.43
C ASP A 91 13.67 23.09 -32.90
N GLY A 92 13.93 22.99 -34.20
CA GLY A 92 14.61 21.84 -34.77
C GLY A 92 14.15 21.61 -36.19
N VAL A 93 15.06 21.24 -37.08
CA VAL A 93 14.77 21.09 -38.50
C VAL A 93 15.37 19.80 -39.01
N TYR A 94 14.67 19.15 -39.93
CA TYR A 94 15.15 17.94 -40.59
C TYR A 94 15.45 18.26 -42.05
N PHE A 95 16.67 17.96 -42.47
CA PHE A 95 17.13 18.29 -43.82
C PHE A 95 17.53 17.02 -44.53
N ALA A 96 16.82 16.68 -45.60
CA ALA A 96 17.13 15.54 -46.45
C ALA A 96 17.28 16.03 -47.89
N ALA A 97 18.43 15.74 -48.49
CA ALA A 97 18.75 16.21 -49.83
C ALA A 97 19.14 15.04 -50.72
N THR A 98 18.58 15.00 -51.92
CA THR A 98 18.93 14.00 -52.94
C THR A 98 19.87 14.66 -53.92
N GLU A 99 21.08 14.09 -54.06
CA GLU A 99 22.10 14.66 -54.93
C GLU A 99 22.71 13.57 -55.78
N LYS A 100 23.23 13.98 -56.94
CA LYS A 100 23.96 13.10 -57.84
C LYS A 100 25.34 13.60 -58.21
N SER A 101 25.58 14.91 -58.13
CA SER A 101 26.88 15.49 -58.42
C SER A 101 27.47 16.22 -57.22
N ASN A 102 26.88 16.05 -56.04
CA ASN A 102 27.30 16.69 -54.79
C ASN A 102 27.29 18.22 -54.92
N VAL A 103 26.10 18.76 -55.16
CA VAL A 103 25.96 20.19 -55.34
C VAL A 103 25.65 20.91 -54.02
N ILE A 104 25.01 20.24 -53.07
CA ILE A 104 24.70 20.85 -51.78
C ILE A 104 25.99 20.82 -50.95
N ARG A 105 26.44 22.01 -50.52
CA ARG A 105 27.74 22.15 -49.89
C ARG A 105 27.70 22.61 -48.44
N GLY A 106 26.57 23.10 -47.96
CA GLY A 106 26.49 23.51 -46.58
C GLY A 106 25.26 24.36 -46.32
N TRP A 107 25.25 24.95 -45.11
CA TRP A 107 24.14 25.76 -44.65
C TRP A 107 24.67 27.00 -43.95
N ILE A 108 23.83 28.02 -43.88
CA ILE A 108 24.12 29.25 -43.14
C ILE A 108 23.02 29.46 -42.12
N PHE A 109 23.40 29.51 -40.84
CA PHE A 109 22.45 29.65 -39.74
C PHE A 109 22.55 31.06 -39.17
N GLY A 110 21.40 31.65 -38.86
CA GLY A 110 21.39 32.99 -38.32
C GLY A 110 20.05 33.32 -37.70
N SER A 111 19.91 34.59 -37.31
CA SER A 111 18.66 35.11 -36.77
C SER A 111 18.04 36.20 -37.62
N SER A 112 18.83 37.19 -38.03
CA SER A 112 18.37 38.23 -38.94
C SER A 112 19.15 38.28 -40.24
N PHE A 113 20.19 37.44 -40.39
CA PHE A 113 21.01 37.34 -41.59
C PHE A 113 21.67 38.67 -41.96
N ASP A 114 22.06 39.44 -40.96
CA ASP A 114 22.84 40.65 -41.10
C ASP A 114 24.13 40.49 -40.31
N ASN A 115 25.02 41.48 -40.39
CA ASN A 115 26.24 41.42 -39.60
C ASN A 115 26.07 42.02 -38.21
N THR A 116 24.88 42.54 -37.91
CA THR A 116 24.56 42.94 -36.54
C THR A 116 24.28 41.75 -35.63
N THR A 117 24.08 40.56 -36.20
CA THR A 117 23.88 39.34 -35.43
C THR A 117 24.83 38.26 -35.94
N GLN A 118 25.14 37.32 -35.04
CA GLN A 118 26.12 36.28 -35.36
C GLN A 118 25.52 35.27 -36.33
N SER A 119 26.34 34.80 -37.26
CA SER A 119 25.95 33.80 -38.25
C SER A 119 26.95 32.65 -38.23
N ALA A 120 26.51 31.48 -38.70
CA ALA A 120 27.32 30.28 -38.67
C ALA A 120 27.35 29.62 -40.04
N VAL A 121 28.53 29.12 -40.42
CA VAL A 121 28.71 28.37 -41.66
C VAL A 121 29.34 27.01 -41.32
N ILE A 122 28.72 25.94 -41.81
CA ILE A 122 29.14 24.57 -41.53
C ILE A 122 29.43 23.91 -42.88
N VAL A 123 29.93 24.69 -43.83
CA VAL A 123 30.25 24.14 -45.16
C VAL A 123 31.40 23.15 -45.06
N ASN A 124 31.39 22.18 -45.98
CA ASN A 124 32.33 21.06 -45.93
C ASN A 124 33.00 20.86 -47.27
N ASN A 125 34.11 20.12 -47.26
CA ASN A 125 34.87 19.84 -48.47
C ASN A 125 35.35 18.39 -48.55
N SER A 126 35.03 17.56 -47.55
CA SER A 126 35.46 16.17 -47.33
C SER A 126 36.96 16.05 -47.02
N THR A 127 37.72 17.13 -47.11
CA THR A 127 39.11 17.15 -46.65
C THR A 127 39.45 18.38 -45.80
N HIS A 128 38.70 19.48 -45.90
CA HIS A 128 38.88 20.66 -45.04
C HIS A 128 37.49 21.26 -44.84
N ILE A 129 36.81 20.84 -43.78
CA ILE A 129 35.48 21.35 -43.49
C ILE A 129 35.62 22.63 -42.68
N ILE A 130 34.70 23.57 -42.89
CA ILE A 130 34.77 24.90 -42.30
C ILE A 130 33.56 25.10 -41.42
N ILE A 131 33.78 25.33 -40.13
CA ILE A 131 32.75 25.67 -39.17
C ILE A 131 33.16 27.00 -38.54
N ARG A 132 32.51 28.08 -38.95
CA ARG A 132 32.84 29.42 -38.46
C ARG A 132 31.58 30.14 -38.00
N VAL A 133 31.61 30.67 -36.79
CA VAL A 133 30.50 31.41 -36.22
C VAL A 133 31.00 32.84 -36.01
N CYS A 134 30.70 33.73 -36.95
CA CYS A 134 31.18 35.10 -36.91
C CYS A 134 30.10 36.05 -37.39
N ASN A 135 30.37 37.34 -37.23
CA ASN A 135 29.51 38.39 -37.78
C ASN A 135 29.81 38.54 -39.27
N PHE A 136 29.23 37.63 -40.06
CA PHE A 136 29.50 37.58 -41.48
C PHE A 136 28.76 38.68 -42.23
N ASN A 137 29.38 39.15 -43.30
CA ASN A 137 28.72 40.03 -44.27
C ASN A 137 28.11 39.14 -45.34
N LEU A 138 26.84 38.80 -45.18
CA LEU A 138 26.20 37.80 -46.02
C LEU A 138 25.98 38.32 -47.43
N CYS A 139 26.23 37.44 -48.40
CA CYS A 139 25.88 37.69 -49.79
C CYS A 139 24.44 37.27 -50.05
N LYS A 140 23.88 37.79 -51.14
CA LYS A 140 22.48 37.48 -51.44
C LYS A 140 22.31 36.07 -51.97
N GLU A 141 23.29 35.56 -52.73
CA GLU A 141 23.26 34.20 -53.26
C GLU A 141 24.56 33.51 -52.87
N PRO A 142 24.56 32.77 -51.76
CA PRO A 142 25.80 32.14 -51.28
C PRO A 142 26.13 30.88 -52.07
N MET A 143 27.24 30.92 -52.80
CA MET A 143 27.73 29.79 -53.58
C MET A 143 29.08 29.35 -53.02
N TYR A 144 29.60 28.25 -53.56
CA TYR A 144 30.86 27.72 -53.07
C TYR A 144 31.64 27.08 -54.21
N THR A 145 32.96 27.03 -54.07
CA THR A 145 33.82 26.43 -55.07
C THR A 145 34.49 25.16 -54.53
N ASN A 153 37.52 30.28 -50.85
CA ASN A 153 36.68 29.79 -49.77
C ASN A 153 35.84 30.92 -49.16
N SER A 154 36.29 32.16 -49.36
CA SER A 154 35.61 33.34 -48.84
C SER A 154 34.59 33.90 -49.83
N TRP A 155 33.68 33.04 -50.30
CA TRP A 155 32.61 33.47 -51.19
C TRP A 155 31.26 33.53 -50.51
N VAL A 156 31.01 32.68 -49.51
CA VAL A 156 29.76 32.77 -48.75
C VAL A 156 29.73 34.02 -47.91
N TYR A 157 30.88 34.49 -47.45
CA TYR A 157 31.00 35.79 -46.79
C TYR A 157 31.89 36.69 -47.63
N GLN A 158 31.58 38.00 -47.59
CA GLN A 158 32.61 39.05 -47.80
C GLN A 158 33.67 39.02 -46.70
N SER A 159 33.27 39.29 -45.47
CA SER A 159 34.23 39.44 -44.38
C SER A 159 33.63 38.93 -43.08
N ALA A 160 34.52 38.62 -42.14
CA ALA A 160 34.15 38.16 -40.81
C ALA A 160 34.97 38.89 -39.77
N PHE A 161 34.37 39.17 -38.62
CA PHE A 161 35.06 39.88 -37.56
C PHE A 161 34.38 39.59 -36.23
N ASN A 162 35.14 39.77 -35.15
CA ASN A 162 34.68 39.72 -33.76
C ASN A 162 34.02 38.36 -33.44
N CYS A 163 34.86 37.33 -33.48
CA CYS A 163 34.38 35.99 -33.18
C CYS A 163 35.50 35.17 -32.55
N THR A 164 35.10 34.11 -31.85
CA THR A 164 36.03 33.29 -31.09
C THR A 164 36.03 31.81 -31.48
N TYR A 165 35.18 31.38 -32.41
CA TYR A 165 35.06 29.97 -32.76
C TYR A 165 35.54 29.74 -34.18
N ASP A 166 36.42 28.75 -34.35
CA ASP A 166 36.90 28.31 -35.65
C ASP A 166 37.43 26.90 -35.50
N ARG A 167 36.82 25.96 -36.22
CA ARG A 167 37.12 24.55 -36.00
C ARG A 167 37.10 23.80 -37.33
N VAL A 168 38.13 22.98 -37.54
CA VAL A 168 38.22 22.09 -38.69
C VAL A 168 38.37 20.68 -38.14
N GLU A 169 37.29 19.90 -38.16
CA GLU A 169 37.32 18.55 -37.59
C GLU A 169 38.11 17.59 -38.48
N LYS A 170 37.89 17.63 -39.79
CA LYS A 170 38.52 16.68 -40.69
C LYS A 170 38.89 17.32 -42.03
N LYS A 184 21.20 9.86 -56.51
CA LYS A 184 22.16 8.77 -56.39
C LYS A 184 22.74 8.72 -54.98
N ASP A 185 22.68 9.86 -54.29
CA ASP A 185 23.12 9.97 -52.91
C ASP A 185 22.00 10.60 -52.09
N LEU A 186 21.67 10.00 -50.96
CA LEU A 186 20.62 10.49 -50.07
C LEU A 186 21.22 10.73 -48.69
N ARG A 187 21.38 11.99 -48.33
CA ARG A 187 21.91 12.38 -47.02
C ARG A 187 20.83 13.08 -46.22
N GLU A 188 20.68 12.69 -44.96
CA GLU A 188 19.70 13.26 -44.05
C GLU A 188 20.42 13.92 -42.89
N TYR A 189 19.95 15.11 -42.50
CA TYR A 189 20.59 15.92 -41.48
C TYR A 189 19.55 16.40 -40.48
N VAL A 190 19.96 16.47 -39.21
CA VAL A 190 19.14 17.00 -38.12
C VAL A 190 20.01 17.95 -37.30
N PHE A 191 19.55 19.19 -37.16
CA PHE A 191 20.23 20.19 -36.34
C PHE A 191 19.30 20.65 -35.23
N LYS A 192 19.81 20.66 -34.00
CA LYS A 192 19.05 21.20 -32.88
C LYS A 192 19.94 22.07 -32.01
N ASN A 193 19.45 23.26 -31.67
CA ASN A 193 20.20 24.23 -30.86
C ASN A 193 19.58 24.26 -29.47
N ARG A 194 20.19 23.54 -28.54
CA ARG A 194 19.71 23.45 -27.17
C ARG A 194 20.84 23.82 -26.21
N ASP A 195 20.54 24.73 -25.28
CA ASP A 195 21.45 25.11 -24.18
C ASP A 195 22.80 25.60 -24.68
N GLY A 196 22.78 26.36 -25.77
CA GLY A 196 24.01 26.86 -26.34
C GLY A 196 24.83 25.85 -27.10
N PHE A 197 24.28 24.66 -27.37
CA PHE A 197 24.98 23.62 -28.10
C PHE A 197 24.16 23.25 -29.33
N LEU A 198 24.83 23.21 -30.49
CA LEU A 198 24.17 22.82 -31.74
C LEU A 198 24.54 21.37 -32.03
N SER A 199 23.64 20.47 -31.66
CA SER A 199 23.82 19.06 -31.98
C SER A 199 23.46 18.80 -33.43
N VAL A 200 24.37 18.11 -34.14
CA VAL A 200 24.23 17.82 -35.56
C VAL A 200 24.31 16.30 -35.74
N TYR A 201 23.26 15.74 -36.33
CA TYR A 201 23.13 14.32 -36.61
C TYR A 201 23.06 14.13 -38.12
N GLN A 202 23.70 13.09 -38.63
CA GLN A 202 23.79 12.84 -40.06
C GLN A 202 23.59 11.35 -40.34
N THR A 203 22.95 11.04 -41.47
CA THR A 203 22.99 9.70 -42.03
C THR A 203 23.05 9.79 -43.54
N TYR A 204 23.50 8.70 -44.17
CA TYR A 204 23.70 8.65 -45.61
C TYR A 204 23.37 7.27 -46.14
N THR A 205 22.68 7.23 -47.28
CA THR A 205 22.37 5.98 -47.96
C THR A 205 22.43 6.21 -49.46
N ALA A 206 22.61 5.12 -50.19
CA ALA A 206 22.70 5.14 -51.65
C ALA A 206 21.41 4.58 -52.23
N VAL A 207 20.66 5.42 -52.95
CA VAL A 207 19.39 5.05 -53.53
C VAL A 207 19.38 5.54 -54.97
N ASN A 208 18.46 5.01 -55.78
CA ASN A 208 18.51 5.19 -57.23
C ASN A 208 17.25 5.78 -57.83
N LEU A 209 16.24 6.13 -57.03
CA LEU A 209 15.00 6.63 -57.61
C LEU A 209 15.22 8.07 -58.10
N PRO A 210 14.68 8.45 -59.27
CA PRO A 210 15.04 9.75 -59.82
C PRO A 210 14.36 10.93 -59.16
N ARG A 211 13.06 10.84 -58.85
CA ARG A 211 12.25 12.03 -58.61
C ARG A 211 11.36 11.87 -57.37
N GLY A 212 11.92 11.36 -56.28
CA GLY A 212 11.10 11.21 -55.08
C GLY A 212 11.94 10.88 -53.88
N LEU A 213 11.32 11.06 -52.72
CA LEU A 213 11.86 10.61 -51.45
C LEU A 213 11.36 9.20 -51.15
N PRO A 214 12.22 8.30 -50.69
CA PRO A 214 11.78 6.92 -50.41
C PRO A 214 10.85 6.88 -49.20
N GLN A 215 10.15 5.76 -49.07
CA GLN A 215 9.19 5.53 -48.00
C GLN A 215 9.74 4.56 -46.96
N GLY A 216 11.06 4.56 -46.77
CA GLY A 216 11.71 3.66 -45.85
C GLY A 216 11.80 4.23 -44.44
N PHE A 217 12.66 3.60 -43.64
CA PHE A 217 12.88 3.97 -42.26
C PHE A 217 14.36 4.21 -42.03
N SER A 218 14.70 5.36 -41.45
CA SER A 218 16.08 5.76 -41.27
C SER A 218 16.31 6.28 -39.87
N VAL A 219 17.50 6.03 -39.34
CA VAL A 219 17.93 6.52 -38.04
C VAL A 219 19.22 7.31 -38.24
N LEU A 220 19.39 8.35 -37.42
CA LEU A 220 20.54 9.24 -37.53
C LEU A 220 21.38 9.13 -36.27
N ARG A 221 22.67 8.83 -36.44
CA ARG A 221 23.69 8.81 -35.40
C ARG A 221 24.41 10.16 -35.31
N PRO A 222 24.79 10.58 -34.10
CA PRO A 222 25.34 11.93 -33.93
C PRO A 222 26.78 12.04 -34.40
N ILE A 223 27.14 13.21 -34.93
CA ILE A 223 28.53 13.53 -35.20
C ILE A 223 29.00 14.82 -34.56
N LEU A 224 28.13 15.79 -34.26
CA LEU A 224 28.64 17.07 -33.76
C LEU A 224 27.88 17.55 -32.55
N LYS A 225 28.62 18.10 -31.59
CA LYS A 225 28.08 18.82 -30.43
C LYS A 225 28.95 20.06 -30.26
N LEU A 226 28.51 21.19 -30.81
CA LEU A 226 29.36 22.37 -30.92
C LEU A 226 28.84 23.48 -30.02
N PRO A 227 29.67 24.13 -29.22
CA PRO A 227 29.23 25.26 -28.38
C PRO A 227 29.19 26.59 -29.12
N PHE A 228 28.14 26.78 -29.92
CA PHE A 228 28.01 28.02 -30.70
C PHE A 228 27.63 29.19 -29.81
N GLY A 229 26.65 28.99 -28.93
CA GLY A 229 26.25 30.03 -28.00
C GLY A 229 25.42 31.14 -28.59
N ILE A 230 24.95 31.01 -29.83
CA ILE A 230 24.18 32.05 -30.50
C ILE A 230 22.75 31.58 -30.69
N ASN A 231 21.91 32.48 -31.19
CA ASN A 231 20.50 32.22 -31.40
C ASN A 231 20.23 32.03 -32.89
N ILE A 232 19.55 30.93 -33.23
CA ILE A 232 19.23 30.58 -34.60
C ILE A 232 17.72 30.48 -34.71
N THR A 233 17.15 31.18 -35.69
CA THR A 233 15.72 31.08 -35.97
C THR A 233 15.41 30.96 -37.46
N SER A 234 16.40 31.16 -38.33
CA SER A 234 16.21 31.05 -39.76
C SER A 234 17.52 30.58 -40.38
N TYR A 235 17.42 29.96 -41.56
CA TYR A 235 18.63 29.47 -42.22
C TYR A 235 18.44 29.44 -43.73
N ARG A 236 19.53 29.12 -44.42
CA ARG A 236 19.55 28.88 -45.85
C ARG A 236 20.40 27.65 -46.14
N VAL A 237 20.65 27.40 -47.42
CA VAL A 237 21.48 26.28 -47.85
C VAL A 237 22.48 26.81 -48.87
N VAL A 238 23.68 26.23 -48.88
CA VAL A 238 24.76 26.64 -49.75
C VAL A 238 24.92 25.60 -50.85
N MET A 239 24.86 26.04 -52.10
CA MET A 239 24.99 25.16 -53.26
C MET A 239 26.28 25.44 -54.01
N ALA A 240 26.76 24.43 -54.71
CA ALA A 240 28.05 24.49 -55.40
C ALA A 240 27.93 25.17 -56.75
N MET A 241 29.09 25.46 -57.33
CA MET A 241 29.20 26.12 -58.63
C MET A 241 29.79 25.16 -59.64
N PHE A 242 29.17 25.06 -60.80
CA PHE A 242 29.66 24.24 -61.90
C PHE A 242 30.08 25.14 -63.06
N SER A 243 31.32 24.97 -63.51
CA SER A 243 31.85 25.77 -64.59
C SER A 243 31.79 25.03 -65.92
N SER A 253 18.96 14.97 -61.48
CA SER A 253 18.13 15.93 -60.78
C SER A 253 18.44 15.96 -59.30
N ALA A 254 18.67 17.16 -58.76
CA ALA A 254 19.00 17.36 -57.36
C ALA A 254 17.90 18.18 -56.70
N ALA A 255 17.44 17.72 -55.54
CA ALA A 255 16.40 18.41 -54.77
C ALA A 255 16.56 18.07 -53.30
N TYR A 256 15.99 18.92 -52.45
CA TYR A 256 16.03 18.71 -51.01
C TYR A 256 14.66 18.97 -50.42
N TYR A 257 14.39 18.31 -49.29
CA TYR A 257 13.12 18.42 -48.58
C TYR A 257 13.38 18.79 -47.14
N VAL A 258 12.48 19.59 -46.56
CA VAL A 258 12.68 20.17 -45.24
C VAL A 258 11.45 19.92 -44.39
N GLY A 259 11.65 19.39 -43.19
CA GLY A 259 10.58 19.25 -42.22
C GLY A 259 11.02 19.77 -40.87
N ASN A 260 10.04 20.25 -40.11
CA ASN A 260 10.29 20.81 -38.79
C ASN A 260 9.89 19.82 -37.70
N LEU A 261 10.61 19.87 -36.59
CA LEU A 261 10.36 18.99 -35.46
C LEU A 261 9.22 19.54 -34.62
N LYS A 262 8.42 18.63 -34.06
CA LYS A 262 7.31 18.99 -33.20
C LYS A 262 7.45 18.26 -31.87
N TYR A 263 6.85 18.82 -30.83
CA TYR A 263 6.92 18.25 -29.48
C TYR A 263 5.94 17.08 -29.42
N SER A 264 6.46 15.86 -29.50
CA SER A 264 5.65 14.65 -29.54
C SER A 264 6.25 13.60 -28.61
N THR A 265 5.61 12.43 -28.57
CA THR A 265 6.08 11.30 -27.78
C THR A 265 6.38 10.14 -28.71
N PHE A 266 7.59 9.58 -28.60
CA PHE A 266 8.02 8.46 -29.42
C PHE A 266 8.37 7.27 -28.54
N MET A 267 8.47 6.11 -29.18
CA MET A 267 9.00 4.91 -28.52
C MET A 267 10.02 4.27 -29.45
N LEU A 268 11.20 3.97 -28.94
CA LEU A 268 12.27 3.41 -29.73
C LEU A 268 12.63 2.02 -29.23
N SER A 269 13.05 1.16 -30.15
CA SER A 269 13.52 -0.19 -29.82
C SER A 269 14.98 -0.31 -30.19
N PHE A 270 15.79 -0.79 -29.23
CA PHE A 270 17.24 -0.87 -29.40
C PHE A 270 17.65 -2.32 -29.59
N ASN A 271 18.53 -2.56 -30.55
CA ASN A 271 19.00 -3.90 -30.88
C ASN A 271 20.26 -4.26 -30.10
N GLU A 272 20.21 -4.08 -28.77
CA GLU A 272 21.23 -4.43 -27.77
C GLU A 272 22.65 -3.97 -28.11
N ASN A 273 22.80 -3.06 -29.07
CA ASN A 273 24.10 -2.52 -29.46
C ASN A 273 24.10 -1.00 -29.49
N GLY A 274 23.02 -0.36 -29.02
CA GLY A 274 22.85 1.06 -29.20
C GLY A 274 22.26 1.46 -30.54
N THR A 275 21.88 0.49 -31.36
CA THR A 275 21.29 0.75 -32.66
C THR A 275 19.77 0.64 -32.57
N ILE A 276 19.08 1.64 -33.12
CA ILE A 276 17.63 1.69 -33.06
C ILE A 276 17.06 0.75 -34.13
N THR A 277 16.20 -0.17 -33.70
CA THR A 277 15.56 -1.09 -34.64
C THR A 277 14.32 -0.46 -35.27
N ASP A 278 13.41 0.03 -34.44
CA ASP A 278 12.15 0.58 -34.93
C ASP A 278 11.67 1.68 -34.00
N ALA A 279 10.80 2.54 -34.52
CA ALA A 279 10.27 3.67 -33.80
C ALA A 279 8.77 3.77 -34.02
N ILE A 280 8.07 4.27 -33.00
CA ILE A 280 6.62 4.42 -33.02
C ILE A 280 6.29 5.85 -32.59
N ASP A 281 5.54 6.56 -33.43
CA ASP A 281 4.99 7.86 -33.09
C ASP A 281 3.59 7.65 -32.52
N CYS A 282 3.42 7.98 -31.23
CA CYS A 282 2.19 7.66 -30.52
C CYS A 282 0.99 8.49 -30.96
N SER A 283 1.19 9.57 -31.70
CA SER A 283 0.11 10.45 -32.12
C SER A 283 -0.32 10.22 -33.56
N GLN A 284 0.14 9.15 -34.20
CA GLN A 284 -0.16 8.93 -35.61
C GLN A 284 -1.55 8.35 -35.80
N ASN A 285 -1.76 7.13 -35.33
CA ASN A 285 -3.02 6.40 -35.52
C ASN A 285 -3.36 5.69 -34.21
N PRO A 286 -4.62 5.24 -34.06
CA PRO A 286 -4.97 4.51 -32.82
C PRO A 286 -4.17 3.25 -32.57
N LEU A 287 -3.65 2.60 -33.63
CA LEU A 287 -2.80 1.43 -33.43
C LEU A 287 -1.51 1.79 -32.70
N ALA A 288 -0.87 2.89 -33.11
CA ALA A 288 0.36 3.32 -32.45
C ALA A 288 0.08 3.82 -31.05
N GLU A 289 -1.07 4.46 -30.83
CA GLU A 289 -1.44 4.90 -29.49
C GLU A 289 -1.67 3.70 -28.58
N LEU A 290 -2.29 2.63 -29.11
CA LEU A 290 -2.44 1.40 -28.36
C LEU A 290 -1.09 0.77 -28.04
N LYS A 291 -0.18 0.78 -29.02
CA LYS A 291 1.16 0.22 -28.80
C LYS A 291 1.92 0.99 -27.74
N CYS A 292 1.80 2.32 -27.76
CA CYS A 292 2.44 3.14 -26.72
C CYS A 292 1.79 2.94 -25.37
N THR A 293 0.48 2.68 -25.35
CA THR A 293 -0.21 2.42 -24.09
C THR A 293 0.24 1.11 -23.46
N ILE A 294 0.30 0.05 -24.27
CA ILE A 294 0.69 -1.27 -23.76
C ILE A 294 2.19 -1.46 -23.70
N LYS A 295 2.97 -0.51 -24.22
CA LYS A 295 4.44 -0.53 -24.19
C LYS A 295 5.01 -1.78 -24.85
N ASN A 296 4.51 -2.07 -26.05
CA ASN A 296 4.98 -3.24 -26.79
C ASN A 296 4.78 -3.01 -28.28
N PHE A 297 5.52 -3.78 -29.08
CA PHE A 297 5.41 -3.70 -30.53
C PHE A 297 4.46 -4.73 -31.12
N ASN A 298 4.20 -5.82 -30.41
CA ASN A 298 3.29 -6.86 -30.86
C ASN A 298 2.06 -6.87 -29.96
N VAL A 299 0.88 -6.79 -30.57
CA VAL A 299 -0.37 -6.66 -29.85
C VAL A 299 -1.21 -7.90 -30.10
N ASN A 300 -1.73 -8.49 -29.02
CA ASN A 300 -2.63 -9.63 -29.14
C ASN A 300 -4.03 -9.14 -29.51
N LYS A 301 -4.82 -10.05 -30.08
CA LYS A 301 -6.18 -9.74 -30.50
C LYS A 301 -7.07 -9.46 -29.29
N GLY A 302 -7.81 -8.36 -29.34
CA GLY A 302 -8.75 -8.05 -28.28
C GLY A 302 -9.10 -6.57 -28.26
N ILE A 303 -9.64 -6.17 -27.12
CA ILE A 303 -10.04 -4.79 -26.87
C ILE A 303 -9.24 -4.26 -25.68
N TYR A 304 -8.77 -3.02 -25.78
CA TYR A 304 -8.01 -2.38 -24.70
C TYR A 304 -8.36 -0.91 -24.64
N GLN A 305 -8.47 -0.38 -23.42
CA GLN A 305 -8.62 1.06 -23.23
C GLN A 305 -7.29 1.76 -23.49
N THR A 306 -7.36 2.95 -24.09
CA THR A 306 -6.16 3.68 -24.44
C THR A 306 -6.15 5.04 -23.75
N SER A 307 -4.95 5.49 -23.37
CA SER A 307 -4.77 6.80 -22.76
C SER A 307 -4.73 7.87 -23.84
N ASN A 308 -4.51 9.11 -23.41
CA ASN A 308 -4.56 10.27 -24.31
C ASN A 308 -3.15 10.56 -24.83
N PHE A 309 -2.97 10.41 -26.14
CA PHE A 309 -1.74 10.78 -26.82
C PHE A 309 -2.01 11.55 -28.12
N ARG A 310 -3.25 11.99 -28.32
CA ARG A 310 -3.69 12.49 -29.62
C ARG A 310 -3.70 14.00 -29.73
N VAL A 311 -4.25 14.69 -28.72
CA VAL A 311 -4.48 16.13 -28.78
C VAL A 311 -3.43 16.85 -27.95
N SER A 312 -2.87 17.92 -28.51
CA SER A 312 -1.88 18.74 -27.84
C SER A 312 -2.17 20.21 -28.12
N PRO A 313 -2.02 21.08 -27.11
CA PRO A 313 -2.27 22.50 -27.33
C PRO A 313 -1.19 23.15 -28.18
N THR A 314 -1.56 24.18 -28.93
CA THR A 314 -0.64 24.88 -29.82
C THR A 314 -0.79 26.39 -29.77
N GLN A 315 -1.57 26.93 -28.83
CA GLN A 315 -1.82 28.37 -28.77
C GLN A 315 -1.69 28.87 -27.33
N GLU A 316 -1.46 30.17 -27.20
CA GLU A 316 -1.33 30.84 -25.91
C GLU A 316 -2.36 31.96 -25.83
N VAL A 317 -3.09 32.01 -24.72
CA VAL A 317 -4.08 33.06 -24.47
C VAL A 317 -3.74 33.67 -23.12
N VAL A 318 -3.36 34.94 -23.12
CA VAL A 318 -3.06 35.68 -21.90
C VAL A 318 -4.05 36.84 -21.76
N ARG A 319 -4.63 36.97 -20.56
CA ARG A 319 -5.61 38.01 -20.29
C ARG A 319 -5.30 38.64 -18.94
N PHE A 320 -4.76 39.85 -18.96
CA PHE A 320 -4.48 40.62 -17.75
C PHE A 320 -5.34 41.88 -17.72
N PRO A 321 -5.65 42.42 -16.54
CA PRO A 321 -6.40 43.66 -16.47
C PRO A 321 -5.61 44.83 -17.03
N ASN A 322 -6.33 45.78 -17.61
CA ASN A 322 -5.74 46.92 -18.32
C ASN A 322 -5.53 48.11 -17.38
N ILE A 323 -4.62 47.90 -16.43
CA ILE A 323 -4.14 48.94 -15.54
C ILE A 323 -2.84 49.47 -16.12
N THR A 324 -2.77 50.78 -16.32
CA THR A 324 -1.63 51.41 -16.97
C THR A 324 -0.79 52.27 -16.05
N ASN A 325 -1.26 52.58 -14.85
CA ASN A 325 -0.52 53.46 -13.96
C ASN A 325 0.67 52.72 -13.38
N ARG A 326 1.79 53.44 -13.22
CA ARG A 326 3.04 52.89 -12.73
C ARG A 326 3.29 53.34 -11.30
N CYS A 327 3.20 52.40 -10.35
CA CYS A 327 3.38 52.77 -8.95
C CYS A 327 4.85 53.00 -8.65
N PRO A 328 5.18 53.95 -7.78
CA PRO A 328 6.58 54.37 -7.63
C PRO A 328 7.44 53.41 -6.82
N PHE A 329 8.36 52.72 -7.51
CA PHE A 329 9.49 52.12 -6.82
C PHE A 329 10.63 53.10 -6.65
N ASP A 330 10.48 54.34 -7.11
CA ASP A 330 11.46 55.39 -6.88
C ASP A 330 11.15 56.24 -5.67
N LYS A 331 10.06 55.94 -4.96
CA LYS A 331 9.69 56.67 -3.75
C LYS A 331 9.69 55.82 -2.50
N VAL A 332 9.15 54.60 -2.56
CA VAL A 332 9.17 53.72 -1.40
C VAL A 332 10.57 53.15 -1.18
N PHE A 333 11.36 53.07 -2.24
CA PHE A 333 12.74 52.61 -2.11
C PHE A 333 13.70 53.78 -1.89
N ASN A 334 13.77 54.69 -2.86
CA ASN A 334 14.66 55.84 -2.76
C ASN A 334 13.92 57.03 -2.16
N ALA A 335 13.55 56.89 -0.90
CA ALA A 335 12.93 57.98 -0.17
C ALA A 335 13.99 58.95 0.34
N THR A 336 13.55 59.93 1.13
CA THR A 336 14.48 60.90 1.68
C THR A 336 15.25 60.32 2.86
N ARG A 337 14.54 59.77 3.84
CA ARG A 337 15.18 59.25 5.05
C ARG A 337 14.31 58.14 5.62
N PHE A 338 14.85 56.92 5.66
CA PHE A 338 14.14 55.82 6.29
C PHE A 338 14.15 55.99 7.82
N PRO A 339 13.11 55.53 8.50
CA PRO A 339 13.05 55.70 9.95
C PRO A 339 13.86 54.64 10.68
N ASN A 340 13.75 54.67 12.00
CA ASN A 340 14.43 53.72 12.86
C ASN A 340 13.83 52.32 12.71
N VAL A 341 14.58 51.32 13.16
CA VAL A 341 14.09 49.95 13.11
C VAL A 341 12.96 49.71 14.10
N TYR A 342 12.95 50.40 15.25
CA TYR A 342 11.87 50.23 16.19
C TYR A 342 10.65 51.07 15.84
N ALA A 343 10.76 51.92 14.81
CA ALA A 343 9.65 52.70 14.29
C ALA A 343 9.50 52.47 12.80
N TRP A 344 9.53 51.20 12.41
CA TRP A 344 9.41 50.82 11.01
C TRP A 344 8.02 51.15 10.47
N GLU A 345 7.96 51.56 9.21
CA GLU A 345 6.73 52.03 8.61
C GLU A 345 6.23 51.08 7.54
N ARG A 346 4.91 51.08 7.35
CA ARG A 346 4.21 50.17 6.46
C ARG A 346 3.32 50.98 5.53
N THR A 347 3.46 50.75 4.22
CA THR A 347 2.66 51.42 3.21
C THR A 347 1.91 50.40 2.38
N LYS A 348 0.77 50.80 1.83
CA LYS A 348 -0.04 49.94 0.99
C LYS A 348 0.16 50.31 -0.48
N ILE A 349 0.35 49.30 -1.33
CA ILE A 349 0.53 49.52 -2.76
C ILE A 349 -0.65 48.89 -3.49
N SER A 350 -1.28 49.65 -4.36
CA SER A 350 -2.49 49.19 -5.02
C SER A 350 -2.52 49.71 -6.46
N ASP A 351 -3.47 49.13 -7.22
CA ASP A 351 -3.91 49.52 -8.59
C ASP A 351 -2.80 50.10 -9.48
N CYS A 352 -1.72 49.34 -9.62
CA CYS A 352 -0.61 49.78 -10.45
C CYS A 352 -0.07 48.58 -11.22
N VAL A 353 1.13 48.76 -11.77
CA VAL A 353 1.90 47.69 -12.39
C VAL A 353 3.28 47.67 -11.74
N ALA A 354 3.75 46.48 -11.38
CA ALA A 354 5.07 46.30 -10.79
C ALA A 354 6.03 45.82 -11.87
N ASP A 355 7.05 46.61 -12.16
CA ASP A 355 7.89 46.33 -13.32
C ASP A 355 9.19 45.64 -12.92
N TYR A 356 9.89 46.17 -11.91
CA TYR A 356 11.13 45.67 -11.33
C TYR A 356 12.30 45.62 -12.32
N THR A 357 12.22 46.28 -13.48
CA THR A 357 13.35 46.35 -14.38
C THR A 357 13.92 47.76 -14.52
N VAL A 358 13.22 48.78 -14.04
CA VAL A 358 13.77 50.13 -14.05
C VAL A 358 14.87 50.31 -13.02
N LEU A 359 14.95 49.43 -12.03
CA LEU A 359 16.03 49.44 -11.05
C LEU A 359 17.26 48.70 -11.54
N TYR A 360 17.20 48.11 -12.74
CA TYR A 360 18.36 47.39 -13.26
C TYR A 360 19.50 48.33 -13.65
N ASN A 361 19.19 49.61 -13.87
CA ASN A 361 20.21 50.52 -14.38
C ASN A 361 21.07 51.07 -13.25
N SER A 362 20.45 51.49 -12.14
CA SER A 362 21.15 52.23 -11.10
C SER A 362 21.48 51.35 -9.89
N THR A 363 20.52 50.56 -9.42
CA THR A 363 20.66 49.86 -8.15
C THR A 363 21.08 48.42 -8.38
N SER A 364 21.96 47.93 -7.52
CA SER A 364 22.30 46.51 -7.45
C SER A 364 22.08 46.07 -6.01
N PHE A 365 21.11 45.18 -5.81
CA PHE A 365 20.66 44.82 -4.48
C PHE A 365 21.64 43.89 -3.79
N SER A 366 21.89 44.13 -2.51
CA SER A 366 22.76 43.25 -1.73
C SER A 366 22.14 41.88 -1.56
N THR A 367 20.83 41.84 -1.30
CA THR A 367 20.10 40.58 -1.30
C THR A 367 18.65 40.83 -1.72
N PHE A 368 18.09 39.85 -2.44
CA PHE A 368 16.71 39.89 -2.91
C PHE A 368 16.22 38.45 -2.89
N LYS A 369 15.60 38.03 -1.79
CA LYS A 369 15.18 36.64 -1.64
C LYS A 369 13.70 36.59 -1.30
N CYS A 370 12.97 35.72 -2.00
CA CYS A 370 11.52 35.64 -1.90
C CYS A 370 11.16 34.32 -1.23
N TYR A 371 10.15 34.34 -0.37
CA TYR A 371 9.66 33.16 0.33
C TYR A 371 8.24 32.87 -0.12
N GLY A 372 8.02 31.65 -0.61
CA GLY A 372 6.73 31.23 -1.10
C GLY A 372 6.56 31.36 -2.61
N VAL A 373 7.34 32.22 -3.26
CA VAL A 373 7.33 32.38 -4.70
C VAL A 373 8.76 32.33 -5.19
N SER A 374 8.92 32.14 -6.50
CA SER A 374 10.24 32.20 -7.09
C SER A 374 10.48 33.56 -7.72
N PRO A 375 11.68 34.12 -7.58
CA PRO A 375 11.95 35.44 -8.19
C PRO A 375 11.91 35.42 -9.70
N SER A 376 12.24 34.30 -10.34
CA SER A 376 12.17 34.22 -11.80
C SER A 376 10.74 34.23 -12.31
N LYS A 377 9.80 33.65 -11.57
CA LYS A 377 8.40 33.60 -11.97
C LYS A 377 7.62 34.80 -11.49
N LEU A 378 8.29 35.80 -10.91
CA LEU A 378 7.61 36.91 -10.26
C LEU A 378 7.00 37.89 -11.26
N ILE A 379 7.56 37.99 -12.46
CA ILE A 379 7.08 39.00 -13.40
C ILE A 379 5.72 38.64 -14.00
N ASP A 380 5.35 37.36 -14.01
CA ASP A 380 4.11 36.93 -14.62
C ASP A 380 2.92 36.92 -13.66
N LEU A 381 3.13 37.24 -12.39
CA LEU A 381 2.11 37.09 -11.37
C LEU A 381 1.31 38.36 -11.17
N CYS A 382 0.12 38.20 -10.59
CA CYS A 382 -0.74 39.30 -10.19
C CYS A 382 -1.04 39.16 -8.70
N PHE A 383 -1.07 40.27 -7.99
CA PHE A 383 -1.22 40.27 -6.55
C PHE A 383 -2.47 41.02 -6.13
N THR A 384 -3.23 40.43 -5.21
CA THR A 384 -4.44 41.08 -4.69
C THR A 384 -4.13 42.21 -3.71
N SER A 385 -3.16 42.01 -2.81
CA SER A 385 -2.82 43.03 -1.84
C SER A 385 -1.34 42.98 -1.52
N VAL A 386 -0.70 44.15 -1.54
CA VAL A 386 0.74 44.30 -1.36
C VAL A 386 0.98 45.38 -0.31
N TYR A 387 1.80 45.06 0.70
CA TYR A 387 2.25 46.02 1.70
C TYR A 387 3.78 46.04 1.70
N ALA A 388 4.35 47.20 1.99
CA ALA A 388 5.80 47.36 2.01
C ALA A 388 6.22 47.90 3.37
N ASP A 389 7.18 47.24 4.00
CA ASP A 389 7.73 47.64 5.29
C ASP A 389 9.15 48.14 5.07
N THR A 390 9.42 49.37 5.51
CA THR A 390 10.71 50.01 5.23
C THR A 390 11.42 50.36 6.53
N PHE A 391 12.70 50.00 6.62
CA PHE A 391 13.53 50.48 7.72
C PHE A 391 15.00 50.42 7.31
N LEU A 392 15.87 50.74 8.27
CA LEU A 392 17.31 50.84 8.06
C LEU A 392 18.05 50.22 9.23
N ILE A 393 18.94 49.27 8.96
CA ILE A 393 19.63 48.50 9.99
C ILE A 393 21.11 48.41 9.66
N ARG A 394 21.82 47.62 10.45
CA ARG A 394 23.22 47.29 10.22
C ARG A 394 23.35 46.27 9.09
N SER A 395 24.58 45.99 8.70
CA SER A 395 24.82 45.05 7.61
C SER A 395 24.87 43.60 8.11
N SER A 396 25.17 43.39 9.38
CA SER A 396 25.22 42.04 9.91
C SER A 396 23.85 41.48 10.26
N GLU A 397 22.83 42.31 10.35
CA GLU A 397 21.49 41.88 10.72
C GLU A 397 20.61 41.52 9.54
N VAL A 398 21.14 41.58 8.32
CA VAL A 398 20.37 41.19 7.14
C VAL A 398 20.04 39.71 7.18
N ARG A 399 20.87 38.90 7.83
CA ARG A 399 20.53 37.50 8.03
C ARG A 399 19.38 37.32 9.01
N GLN A 400 19.15 38.29 9.90
CA GLN A 400 18.13 38.14 10.92
C GLN A 400 16.71 38.33 10.40
N VAL A 401 16.53 38.97 9.25
CA VAL A 401 15.17 39.13 8.69
C VAL A 401 14.89 37.89 7.84
N ALA A 402 14.44 36.84 8.53
CA ALA A 402 14.14 35.56 7.91
C ALA A 402 13.13 34.84 8.80
N PRO A 403 12.24 34.04 8.22
CA PRO A 403 11.25 33.33 9.05
C PRO A 403 11.91 32.26 9.91
N GLY A 404 11.76 32.40 11.23
CA GLY A 404 12.26 31.43 12.17
C GLY A 404 13.63 31.72 12.75
N GLU A 405 14.38 32.66 12.17
CA GLU A 405 15.70 32.96 12.68
C GLU A 405 15.63 34.07 13.72
N THR A 406 16.36 33.87 14.82
CA THR A 406 16.37 34.82 15.93
C THR A 406 17.59 35.73 15.81
N GLY A 407 17.65 36.71 16.70
CA GLY A 407 18.72 37.68 16.70
C GLY A 407 18.38 38.80 17.67
N VAL A 408 18.86 40.00 17.34
CA VAL A 408 18.50 41.18 18.13
C VAL A 408 17.39 41.99 17.45
N ILE A 409 17.26 41.91 16.13
CA ILE A 409 16.19 42.59 15.42
C ILE A 409 14.94 41.73 15.37
N ALA A 410 15.11 40.44 15.15
CA ALA A 410 13.98 39.50 15.13
C ALA A 410 13.39 39.26 16.50
N ASP A 411 14.05 39.70 17.56
CA ASP A 411 13.57 39.51 18.93
C ASP A 411 12.81 40.71 19.47
N TYR A 412 13.40 41.90 19.42
CA TYR A 412 12.84 43.06 20.10
C TYR A 412 12.45 44.19 19.17
N ASN A 413 12.72 44.08 17.86
CA ASN A 413 12.47 45.18 16.94
C ASN A 413 11.52 44.83 15.81
N TYR A 414 11.75 43.71 15.12
CA TYR A 414 10.96 43.38 13.93
C TYR A 414 11.07 41.90 13.65
N LYS A 415 9.96 41.18 13.80
CA LYS A 415 9.91 39.75 13.57
C LYS A 415 8.98 39.44 12.42
N LEU A 416 9.42 38.58 11.51
CA LEU A 416 8.70 38.10 10.35
C LEU A 416 7.68 37.04 10.77
N PRO A 417 6.55 36.96 10.07
CA PRO A 417 5.55 35.94 10.43
C PRO A 417 6.05 34.55 10.09
N ASP A 418 5.35 33.56 10.66
CA ASP A 418 5.83 32.19 10.59
C ASP A 418 5.63 31.63 9.18
N ASP A 419 4.39 31.58 8.70
CA ASP A 419 4.03 31.23 7.32
C ASP A 419 4.16 32.43 6.38
N PHE A 420 5.36 32.99 6.28
CA PHE A 420 5.56 34.25 5.58
C PHE A 420 5.67 34.02 4.07
N THR A 421 4.65 34.45 3.33
CA THR A 421 4.74 34.57 1.88
C THR A 421 5.04 36.02 1.54
N GLY A 422 6.03 36.23 0.68
CA GLY A 422 6.47 37.57 0.36
C GLY A 422 7.87 37.53 -0.21
N CYS A 423 8.55 38.67 -0.09
CA CYS A 423 9.92 38.79 -0.58
C CYS A 423 10.65 39.91 0.14
N VAL A 424 11.84 39.63 0.65
CA VAL A 424 12.63 40.60 1.40
C VAL A 424 13.81 41.05 0.52
N ILE A 425 13.99 42.37 0.44
CA ILE A 425 15.04 43.00 -0.34
C ILE A 425 15.84 43.92 0.57
N ALA A 426 17.16 43.88 0.46
CA ALA A 426 18.02 44.73 1.26
C ALA A 426 19.20 45.19 0.43
N TRP A 427 19.56 46.46 0.59
CA TRP A 427 20.58 47.06 -0.26
C TRP A 427 21.38 48.06 0.54
N ASN A 428 22.68 48.10 0.27
CA ASN A 428 23.64 48.86 1.07
C ASN A 428 23.62 50.32 0.67
N THR A 429 23.37 51.21 1.63
CA THR A 429 23.58 52.65 1.48
C THR A 429 24.53 53.06 2.60
N ALA A 430 25.82 52.85 2.40
CA ALA A 430 26.80 53.22 3.41
C ALA A 430 27.18 54.69 3.33
N LYS A 431 26.81 55.36 2.25
CA LYS A 431 27.21 56.74 2.00
C LYS A 431 26.04 57.70 2.05
N GLN A 432 24.86 57.29 1.57
CA GLN A 432 23.68 58.14 1.50
C GLN A 432 23.10 58.47 2.87
N ASP A 433 22.97 57.47 3.75
CA ASP A 433 22.38 57.67 5.06
C ASP A 433 23.49 57.67 6.12
N THR A 434 23.63 58.77 6.83
CA THR A 434 24.62 58.94 7.89
C THR A 434 23.94 59.48 9.14
N GLY A 435 24.59 59.28 10.29
CA GLY A 435 24.06 59.83 11.52
C GLY A 435 23.69 58.80 12.57
N ASN A 436 22.83 59.17 13.52
CA ASN A 436 22.53 58.34 14.68
C ASN A 436 21.14 57.74 14.58
N TYR A 437 21.03 56.45 14.86
CA TYR A 437 19.75 55.75 14.85
C TYR A 437 19.69 54.85 16.09
N TYR A 438 18.50 54.32 16.36
CA TYR A 438 18.24 53.63 17.62
C TYR A 438 17.73 52.22 17.40
N TYR A 439 17.87 51.38 18.43
CA TYR A 439 17.20 50.10 18.44
C TYR A 439 16.93 49.68 19.88
N ARG A 440 15.98 48.75 20.04
CA ARG A 440 15.60 48.23 21.34
C ARG A 440 16.57 47.13 21.73
N SER A 441 17.14 47.23 22.94
CA SER A 441 18.07 46.22 23.42
C SER A 441 17.51 45.36 24.54
N HIS A 442 16.56 45.88 25.32
CA HIS A 442 15.98 45.15 26.44
C HIS A 442 14.47 45.19 26.35
N ARG A 443 13.83 44.03 26.48
CA ARG A 443 12.38 43.94 26.57
C ARG A 443 12.03 42.69 27.36
N LYS A 444 10.82 42.70 27.94
CA LYS A 444 10.43 41.60 28.80
C LYS A 444 10.05 40.35 28.02
N THR A 445 9.37 40.50 26.88
CA THR A 445 8.81 39.36 26.17
C THR A 445 9.25 39.38 24.71
N LYS A 446 9.07 38.23 24.05
CA LYS A 446 9.23 38.16 22.60
C LYS A 446 8.17 39.02 21.91
N LEU A 447 8.53 39.58 20.77
CA LEU A 447 7.55 40.30 19.98
C LEU A 447 6.75 39.36 19.09
N LYS A 448 5.46 39.63 18.99
CA LYS A 448 4.62 38.92 18.05
C LYS A 448 4.97 39.37 16.62
N PRO A 449 4.70 38.52 15.63
CA PRO A 449 5.00 38.90 14.24
C PRO A 449 4.21 40.11 13.79
N PHE A 450 4.90 40.99 13.04
CA PHE A 450 4.33 42.22 12.48
C PHE A 450 3.75 43.11 13.57
N GLU A 451 4.44 43.22 14.69
CA GLU A 451 4.02 44.03 15.82
C GLU A 451 5.02 45.15 16.05
N ARG A 452 4.51 46.38 16.15
CA ARG A 452 5.31 47.56 16.41
C ARG A 452 5.38 47.85 17.90
N ASP A 453 6.40 48.61 18.30
CA ASP A 453 6.57 48.99 19.70
C ASP A 453 7.29 50.34 19.74
N LEU A 454 6.53 51.41 19.89
CA LEU A 454 7.09 52.75 20.01
C LEU A 454 7.31 53.17 21.46
N SER A 455 7.08 52.27 22.41
CA SER A 455 7.14 52.62 23.82
C SER A 455 8.58 52.78 24.29
N SER A 456 9.16 53.95 24.06
CA SER A 456 10.48 54.28 24.58
C SER A 456 10.38 54.64 26.05
N ASP A 457 11.54 54.58 26.73
CA ASP A 457 11.67 54.90 28.15
C ASP A 457 10.76 54.04 29.01
N ASP A 458 11.02 52.72 28.97
CA ASP A 458 10.26 51.77 29.78
C ASP A 458 10.59 51.98 31.26
N GLY A 459 9.67 52.59 31.99
CA GLY A 459 9.93 52.97 33.37
C GLY A 459 10.37 54.41 33.49
N ASN A 460 11.14 54.72 34.51
CA ASN A 460 11.61 56.08 34.76
C ASN A 460 13.11 56.14 34.48
N GLY A 461 13.48 56.76 33.37
CA GLY A 461 14.88 56.95 33.04
C GLY A 461 15.58 55.71 32.50
N VAL A 462 14.84 54.63 32.28
CA VAL A 462 15.38 53.41 31.70
C VAL A 462 15.02 53.43 30.22
N TYR A 463 15.97 53.86 29.38
CA TYR A 463 15.65 54.26 28.03
C TYR A 463 15.37 53.07 27.13
N THR A 464 16.16 51.99 27.27
CA THR A 464 16.02 50.74 26.50
C THR A 464 16.09 50.95 24.99
N LEU A 465 16.73 52.04 24.56
CA LEU A 465 16.92 52.31 23.12
C LEU A 465 18.40 52.65 22.93
N SER A 466 19.22 51.62 22.76
CA SER A 466 20.63 51.85 22.51
C SER A 466 20.85 52.31 21.08
N THR A 467 21.78 53.25 20.92
CA THR A 467 22.00 53.93 19.65
C THR A 467 23.21 53.38 18.91
N TYR A 468 23.25 53.69 17.62
CA TYR A 468 24.37 53.34 16.76
C TYR A 468 24.55 54.42 15.70
N ASP A 469 25.75 54.49 15.15
CA ASP A 469 26.14 55.58 14.28
C ASP A 469 26.54 55.07 12.91
N PHE A 470 26.28 55.88 11.89
CA PHE A 470 26.54 55.56 10.49
C PHE A 470 27.47 56.60 9.87
N ASN A 471 28.66 56.14 9.48
CA ASN A 471 29.67 56.88 8.75
C ASN A 471 30.25 55.95 7.70
N PRO A 472 30.84 56.49 6.63
CA PRO A 472 31.37 55.61 5.57
C PRO A 472 32.56 54.75 5.98
N ASN A 473 33.23 55.04 7.10
CA ASN A 473 34.42 54.31 7.50
C ASN A 473 34.11 53.04 8.29
N VAL A 474 32.83 52.73 8.49
CA VAL A 474 32.40 51.65 9.37
C VAL A 474 32.73 50.33 8.69
N PRO A 475 33.07 49.25 9.44
CA PRO A 475 33.42 47.98 8.79
C PRO A 475 32.30 47.30 8.02
N VAL A 476 32.62 46.14 7.43
CA VAL A 476 31.78 45.51 6.42
C VAL A 476 30.45 45.07 7.02
N ALA A 477 30.50 44.35 8.14
CA ALA A 477 29.27 43.85 8.75
C ALA A 477 28.48 44.93 9.47
N TYR A 478 29.04 46.13 9.62
CA TYR A 478 28.42 47.17 10.44
C TYR A 478 27.92 48.33 9.59
N GLN A 479 27.79 48.13 8.27
CA GLN A 479 27.38 49.18 7.37
C GLN A 479 25.86 49.38 7.38
N ALA A 480 25.44 50.53 6.88
CA ALA A 480 24.03 50.91 6.85
C ALA A 480 23.34 50.24 5.68
N THR A 481 22.36 49.39 5.96
CA THR A 481 21.61 48.68 4.94
C THR A 481 20.14 49.09 5.02
N ARG A 482 19.59 49.52 3.89
CA ARG A 482 18.17 49.81 3.80
C ARG A 482 17.43 48.53 3.47
N VAL A 483 16.39 48.22 4.24
CA VAL A 483 15.67 46.95 4.13
C VAL A 483 14.21 47.26 3.84
N VAL A 484 13.68 46.61 2.79
CA VAL A 484 12.27 46.70 2.42
C VAL A 484 11.73 45.27 2.39
N VAL A 485 10.55 45.08 2.94
CA VAL A 485 9.89 43.79 2.97
C VAL A 485 8.58 43.93 2.22
N LEU A 486 8.40 43.15 1.16
CA LEU A 486 7.16 43.14 0.39
C LEU A 486 6.33 41.96 0.86
N SER A 487 5.24 42.23 1.57
CA SER A 487 4.31 41.19 2.00
C SER A 487 3.08 41.29 1.10
N PHE A 488 2.90 40.31 0.24
CA PHE A 488 1.80 40.29 -0.71
C PHE A 488 1.10 38.95 -0.67
N GLU A 489 -0.19 38.96 -0.98
CA GLU A 489 -0.94 37.71 -1.04
C GLU A 489 -1.93 37.74 -2.21
N LEU A 490 -2.27 36.54 -2.68
CA LEU A 490 -3.18 36.35 -3.80
C LEU A 490 -4.22 35.32 -3.42
N LEU A 491 -5.48 35.61 -3.76
CA LEU A 491 -6.61 34.74 -3.44
C LEU A 491 -7.75 35.08 -4.40
N ASN A 492 -8.91 34.47 -4.17
CA ASN A 492 -10.07 34.62 -5.05
C ASN A 492 -10.65 36.01 -4.86
N ALA A 493 -9.99 37.00 -5.47
CA ALA A 493 -10.35 38.40 -5.35
C ALA A 493 -9.78 39.13 -6.57
N PRO A 494 -10.38 40.26 -6.96
CA PRO A 494 -9.80 41.05 -8.05
C PRO A 494 -8.40 41.56 -7.70
N ALA A 495 -7.52 41.55 -8.68
CA ALA A 495 -6.13 41.89 -8.45
C ALA A 495 -5.89 43.38 -8.67
N THR A 496 -4.92 43.91 -7.94
CA THR A 496 -4.56 45.32 -8.04
C THR A 496 -3.18 45.55 -8.63
N VAL A 497 -2.20 44.73 -8.26
CA VAL A 497 -0.84 44.87 -8.76
C VAL A 497 -0.56 43.70 -9.69
N CYS A 498 -0.16 43.99 -10.91
CA CYS A 498 0.10 42.97 -11.92
C CYS A 498 1.43 43.25 -12.62
N GLY A 499 1.84 42.29 -13.44
CA GLY A 499 3.06 42.42 -14.21
C GLY A 499 2.81 43.06 -15.57
N PRO A 500 3.88 43.50 -16.23
CA PRO A 500 3.73 44.19 -17.53
C PRO A 500 3.68 43.23 -18.72
N LYS A 501 2.52 42.61 -18.93
CA LYS A 501 2.28 41.72 -20.06
C LYS A 501 1.04 42.17 -20.80
N LEU A 502 1.08 42.12 -22.12
CA LEU A 502 -0.03 42.56 -22.95
C LEU A 502 -1.03 41.42 -23.18
N SER A 503 -2.31 41.75 -23.06
CA SER A 503 -3.36 40.76 -23.29
C SER A 503 -3.48 40.42 -24.77
N THR A 504 -4.00 39.22 -25.05
CA THR A 504 -4.16 38.74 -26.41
C THR A 504 -5.63 38.40 -26.66
N GLN A 505 -5.89 37.86 -27.85
CA GLN A 505 -7.23 37.43 -28.20
C GLN A 505 -7.51 36.05 -27.62
N LEU A 506 -8.77 35.83 -27.24
CA LEU A 506 -9.20 34.57 -26.64
C LEU A 506 -9.75 33.67 -27.74
N VAL A 507 -9.36 32.40 -27.71
CA VAL A 507 -9.82 31.41 -28.67
C VAL A 507 -10.72 30.43 -27.94
N LYS A 508 -11.91 30.18 -28.49
CA LYS A 508 -12.91 29.35 -27.85
C LYS A 508 -13.02 28.01 -28.56
N ASN A 509 -13.47 27.01 -27.79
CA ASN A 509 -13.73 25.64 -28.28
C ASN A 509 -12.49 24.99 -28.86
N GLN A 510 -11.31 25.29 -28.30
CA GLN A 510 -10.07 24.66 -28.71
C GLN A 510 -9.21 24.40 -27.49
N CYS A 511 -8.36 23.38 -27.59
CA CYS A 511 -7.44 23.04 -26.51
C CYS A 511 -6.23 23.98 -26.58
N VAL A 512 -6.21 24.98 -25.70
CA VAL A 512 -5.20 26.02 -25.70
C VAL A 512 -4.64 26.19 -24.30
N ASN A 513 -3.47 26.83 -24.24
CA ASN A 513 -2.86 27.20 -22.97
C ASN A 513 -3.33 28.60 -22.60
N PHE A 514 -3.79 28.77 -21.36
CA PHE A 514 -4.35 30.02 -20.90
C PHE A 514 -3.56 30.55 -19.71
N ASN A 515 -3.58 31.88 -19.58
CA ASN A 515 -2.90 32.61 -18.52
C ASN A 515 -3.89 33.69 -18.04
N PHE A 516 -4.63 33.36 -16.98
CA PHE A 516 -5.63 34.26 -16.41
C PHE A 516 -5.11 34.80 -15.08
N ASN A 517 -4.73 36.08 -15.08
CA ASN A 517 -4.30 36.80 -13.88
C ASN A 517 -3.09 36.14 -13.21
N GLY A 518 -2.23 35.54 -14.01
CA GLY A 518 -1.08 34.82 -13.50
C GLY A 518 -1.29 33.34 -13.28
N LEU A 519 -2.54 32.86 -13.35
CA LEU A 519 -2.85 31.45 -13.23
C LEU A 519 -2.67 30.82 -14.61
N LYS A 520 -1.71 29.92 -14.71
CA LYS A 520 -1.45 29.25 -15.98
C LYS A 520 -2.12 27.88 -16.01
N GLY A 521 -2.52 27.46 -17.20
CA GLY A 521 -3.15 26.16 -17.34
C GLY A 521 -3.34 25.80 -18.79
N THR A 522 -3.92 24.62 -19.00
CA THR A 522 -4.20 24.12 -20.34
C THR A 522 -5.61 23.55 -20.35
N GLY A 523 -6.43 23.97 -21.31
CA GLY A 523 -7.79 23.48 -21.36
C GLY A 523 -8.54 24.08 -22.53
N VAL A 524 -9.85 23.88 -22.52
CA VAL A 524 -10.75 24.38 -23.55
C VAL A 524 -11.67 25.42 -22.90
N LEU A 525 -11.69 26.62 -23.47
CA LEU A 525 -12.50 27.71 -22.95
C LEU A 525 -13.81 27.78 -23.70
N THR A 526 -14.92 27.78 -22.96
CA THR A 526 -16.26 27.87 -23.53
C THR A 526 -17.04 28.95 -22.81
N PRO A 527 -18.04 29.55 -23.47
CA PRO A 527 -18.95 30.45 -22.75
C PRO A 527 -19.71 29.69 -21.68
N SER A 528 -19.90 30.34 -20.53
CA SER A 528 -20.41 29.67 -19.34
C SER A 528 -21.73 30.27 -18.91
N LEU A 529 -22.61 29.39 -18.42
CA LEU A 529 -23.88 29.79 -17.83
C LEU A 529 -23.81 29.87 -16.31
N LYS A 530 -22.62 29.71 -15.74
CA LYS A 530 -22.45 29.77 -14.29
C LYS A 530 -22.61 31.20 -13.80
N ARG A 531 -22.80 31.33 -12.49
CA ARG A 531 -23.05 32.62 -11.85
C ARG A 531 -22.08 32.77 -10.67
N PHE A 532 -21.17 33.74 -10.77
CA PHE A 532 -20.23 34.04 -9.71
C PHE A 532 -20.83 35.06 -8.74
N GLN A 533 -20.04 35.44 -7.75
CA GLN A 533 -20.38 36.52 -6.85
C GLN A 533 -19.85 37.84 -7.40
N SER A 534 -19.94 38.90 -6.59
CA SER A 534 -19.39 40.18 -6.99
C SER A 534 -17.87 40.20 -6.97
N PHE A 535 -17.25 39.44 -6.07
CA PHE A 535 -15.80 39.41 -5.94
C PHE A 535 -15.16 38.11 -6.43
N GLN A 536 -15.96 37.14 -6.86
CA GLN A 536 -15.42 35.86 -7.30
C GLN A 536 -14.66 36.00 -8.61
N GLN A 537 -13.53 35.31 -8.71
CA GLN A 537 -12.75 35.25 -9.93
C GLN A 537 -12.69 33.86 -10.55
N PHE A 538 -12.76 32.81 -9.74
CA PHE A 538 -12.72 31.44 -10.25
C PHE A 538 -13.44 30.51 -9.29
N GLY A 539 -14.12 29.52 -9.85
CA GLY A 539 -14.82 28.52 -9.07
C GLY A 539 -14.01 27.25 -8.92
N ARG A 540 -14.42 26.40 -7.97
CA ARG A 540 -13.69 25.19 -7.66
C ARG A 540 -14.64 24.01 -7.55
N ASP A 541 -14.14 22.83 -7.94
CA ASP A 541 -14.88 21.59 -7.79
C ASP A 541 -14.70 21.01 -6.40
N THR A 542 -15.27 19.82 -6.19
CA THR A 542 -15.00 19.07 -4.97
C THR A 542 -13.61 18.48 -4.94
N SER A 543 -12.96 18.36 -6.10
CA SER A 543 -11.59 17.86 -6.20
C SER A 543 -10.58 19.01 -6.27
N ASP A 544 -11.02 20.23 -5.95
CA ASP A 544 -10.20 21.45 -5.98
C ASP A 544 -9.60 21.71 -7.36
N PHE A 545 -10.37 21.41 -8.40
CA PHE A 545 -10.00 21.71 -9.78
C PHE A 545 -10.84 22.88 -10.26
N THR A 546 -10.18 23.89 -10.81
CA THR A 546 -10.85 25.11 -11.27
C THR A 546 -11.61 24.80 -12.55
N ASP A 547 -12.93 24.97 -12.52
CA ASP A 547 -13.77 24.69 -13.67
C ASP A 547 -14.28 25.94 -14.38
N SER A 548 -14.29 27.08 -13.70
CA SER A 548 -14.80 28.31 -14.29
C SER A 548 -13.95 29.47 -13.82
N VAL A 549 -13.77 30.47 -14.68
CA VAL A 549 -12.93 31.62 -14.39
C VAL A 549 -13.65 32.88 -14.85
N ARG A 550 -13.26 34.01 -14.27
CA ARG A 550 -13.80 35.30 -14.66
C ARG A 550 -12.79 36.03 -15.54
N ASP A 551 -13.26 36.51 -16.68
CA ASP A 551 -12.39 37.24 -17.61
C ASP A 551 -12.09 38.63 -17.04
N PRO A 552 -10.82 38.99 -16.84
CA PRO A 552 -10.50 40.33 -16.34
C PRO A 552 -10.93 41.46 -17.27
N GLN A 553 -10.92 41.22 -18.58
CA GLN A 553 -11.43 42.17 -19.56
C GLN A 553 -12.75 41.66 -20.10
N THR A 554 -13.74 42.55 -20.17
CA THR A 554 -15.13 42.22 -20.54
C THR A 554 -15.68 41.12 -19.64
N LEU A 555 -15.87 41.50 -18.37
CA LEU A 555 -16.14 40.60 -17.25
C LEU A 555 -17.28 39.64 -17.50
N GLU A 556 -16.96 38.35 -17.60
CA GLU A 556 -17.93 37.29 -17.78
C GLU A 556 -17.27 35.98 -17.40
N ILE A 557 -18.09 34.95 -17.25
CA ILE A 557 -17.64 33.66 -16.76
C ILE A 557 -17.37 32.74 -17.95
N LEU A 558 -16.22 32.05 -17.90
CA LEU A 558 -15.83 31.10 -18.92
C LEU A 558 -15.57 29.75 -18.28
N ASP A 559 -16.10 28.70 -18.90
CA ASP A 559 -15.88 27.34 -18.42
C ASP A 559 -14.64 26.73 -19.07
N ILE A 560 -13.97 25.85 -18.31
CA ILE A 560 -12.75 25.20 -18.73
C ILE A 560 -13.00 23.70 -18.75
N SER A 561 -12.71 23.06 -19.89
CA SER A 561 -12.89 21.63 -20.04
C SER A 561 -11.56 20.97 -20.37
N PRO A 562 -11.35 19.71 -19.96
CA PRO A 562 -10.11 19.02 -20.33
C PRO A 562 -10.05 18.71 -21.82
N CYS A 563 -8.82 18.69 -22.34
CA CYS A 563 -8.62 18.34 -23.75
C CYS A 563 -8.86 16.86 -24.01
N SER A 564 -8.46 16.00 -23.06
CA SER A 564 -8.71 14.56 -23.18
C SER A 564 -10.19 14.31 -22.91
N PHE A 565 -10.97 14.44 -23.98
CA PHE A 565 -12.43 14.57 -23.90
C PHE A 565 -13.11 13.22 -24.12
N GLY A 566 -12.89 12.31 -23.17
CA GLY A 566 -13.57 11.03 -23.18
C GLY A 566 -12.67 9.81 -23.06
N GLY A 567 -13.29 8.63 -23.01
CA GLY A 567 -12.56 7.37 -22.95
C GLY A 567 -12.67 6.63 -24.27
N VAL A 568 -11.55 6.08 -24.71
CA VAL A 568 -11.41 5.47 -26.03
C VAL A 568 -10.94 4.04 -25.87
N SER A 569 -11.62 3.12 -26.56
CA SER A 569 -11.22 1.72 -26.61
C SER A 569 -10.80 1.37 -28.03
N VAL A 570 -9.77 0.55 -28.17
CA VAL A 570 -9.25 0.14 -29.47
C VAL A 570 -9.47 -1.36 -29.62
N ILE A 571 -10.07 -1.73 -30.75
CA ILE A 571 -10.50 -3.10 -31.03
C ILE A 571 -9.63 -3.61 -32.16
N THR A 572 -8.89 -4.68 -31.92
CA THR A 572 -7.92 -5.11 -32.92
C THR A 572 -7.87 -6.63 -33.01
N PRO A 573 -7.58 -7.17 -34.19
CA PRO A 573 -7.10 -8.55 -34.28
C PRO A 573 -5.62 -8.62 -33.95
N GLY A 574 -5.02 -9.79 -34.09
CA GLY A 574 -3.59 -9.92 -33.86
C GLY A 574 -2.79 -9.15 -34.90
N THR A 575 -1.65 -8.60 -34.45
CA THR A 575 -0.79 -7.85 -35.35
C THR A 575 -0.16 -8.73 -36.43
N ASN A 576 0.08 -10.00 -36.13
CA ASN A 576 0.55 -10.94 -37.14
C ASN A 576 -0.52 -11.28 -38.17
N ALA A 577 -1.79 -11.04 -37.86
CA ALA A 577 -2.90 -11.29 -38.78
C ALA A 577 -3.20 -10.10 -39.67
N SER A 578 -3.35 -8.91 -39.09
CA SER A 578 -3.64 -7.70 -39.85
C SER A 578 -3.18 -6.50 -39.05
N SER A 579 -3.44 -5.32 -39.61
CA SER A 579 -3.06 -4.06 -38.97
C SER A 579 -4.19 -3.04 -38.94
N GLU A 580 -5.43 -3.46 -39.19
CA GLU A 580 -6.58 -2.55 -39.17
C GLU A 580 -7.29 -2.67 -37.83
N VAL A 581 -7.76 -1.53 -37.32
CA VAL A 581 -8.36 -1.45 -36.00
C VAL A 581 -9.70 -0.76 -36.09
N ALA A 582 -10.48 -0.89 -35.02
CA ALA A 582 -11.72 -0.16 -34.84
C ALA A 582 -11.64 0.64 -33.54
N VAL A 583 -12.39 1.72 -33.46
CA VAL A 583 -12.34 2.63 -32.32
C VAL A 583 -13.73 2.75 -31.72
N LEU A 584 -13.82 2.56 -30.41
CA LEU A 584 -15.09 2.67 -29.68
C LEU A 584 -15.01 3.87 -28.74
N TYR A 585 -16.00 4.75 -28.86
CA TYR A 585 -16.14 5.91 -27.99
C TYR A 585 -17.30 5.65 -27.04
N GLN A 586 -17.12 6.01 -25.77
CA GLN A 586 -18.11 5.68 -24.74
C GLN A 586 -19.14 6.81 -24.61
N ASP A 587 -20.42 6.43 -24.76
CA ASP A 587 -21.57 7.27 -24.37
C ASP A 587 -21.62 8.60 -25.13
N VAL A 588 -21.38 8.52 -26.44
CA VAL A 588 -21.54 9.69 -27.32
C VAL A 588 -22.34 9.27 -28.53
N ASN A 589 -22.96 10.26 -29.18
CA ASN A 589 -23.68 10.03 -30.42
C ASN A 589 -22.75 10.24 -31.61
N CYS A 590 -23.04 9.52 -32.69
CA CYS A 590 -22.17 9.51 -33.86
C CYS A 590 -22.29 10.76 -34.71
N THR A 591 -23.32 11.61 -34.49
CA THR A 591 -23.24 13.04 -34.87
C THR A 591 -22.17 13.78 -34.09
N ASP A 592 -22.11 13.53 -32.77
CA ASP A 592 -21.34 14.37 -31.86
C ASP A 592 -19.88 13.91 -31.72
N VAL A 593 -19.45 12.93 -32.51
CA VAL A 593 -18.08 12.42 -32.44
C VAL A 593 -17.06 13.49 -32.84
N PRO A 594 -17.13 14.16 -34.04
CA PRO A 594 -16.05 15.09 -34.37
C PRO A 594 -16.25 16.48 -33.74
N THR A 595 -16.69 16.49 -32.48
CA THR A 595 -16.68 17.67 -31.65
C THR A 595 -16.18 17.22 -30.28
N ALA A 596 -16.35 15.92 -30.00
CA ALA A 596 -15.95 15.34 -28.74
C ALA A 596 -14.51 14.86 -28.73
N ILE A 597 -13.83 14.88 -29.88
CA ILE A 597 -12.43 14.52 -29.96
C ILE A 597 -11.59 15.60 -30.60
N ARG A 598 -12.21 16.72 -31.03
CA ARG A 598 -11.55 17.85 -31.69
C ARG A 598 -10.81 17.40 -32.95
N ALA A 599 -11.60 16.89 -33.91
CA ALA A 599 -11.05 16.30 -35.12
C ALA A 599 -10.30 17.31 -35.99
N ASP A 600 -10.64 18.60 -35.90
CA ASP A 600 -9.91 19.61 -36.65
C ASP A 600 -8.49 19.82 -36.14
N GLN A 601 -8.22 19.50 -34.87
CA GLN A 601 -6.91 19.68 -34.27
C GLN A 601 -6.06 18.42 -34.33
N LEU A 602 -6.55 17.36 -34.97
CA LEU A 602 -5.84 16.08 -35.03
C LEU A 602 -5.23 15.87 -36.41
N THR A 603 -4.39 14.84 -36.49
CA THR A 603 -3.80 14.44 -37.75
C THR A 603 -4.86 13.83 -38.66
N PRO A 604 -4.68 13.88 -39.98
CA PRO A 604 -5.65 13.26 -40.89
C PRO A 604 -5.77 11.75 -40.73
N ALA A 605 -4.78 11.08 -40.15
CA ALA A 605 -4.91 9.65 -39.87
C ALA A 605 -5.96 9.39 -38.80
N TRP A 606 -6.03 10.23 -37.77
CA TRP A 606 -7.12 10.15 -36.80
C TRP A 606 -8.44 10.64 -37.37
N ARG A 607 -8.41 11.47 -38.42
CA ARG A 607 -9.63 12.05 -38.95
C ARG A 607 -10.48 11.05 -39.72
N VAL A 608 -9.91 9.93 -40.14
CA VAL A 608 -10.71 8.90 -40.82
C VAL A 608 -11.47 8.02 -39.85
N TYR A 609 -11.15 8.08 -38.55
CA TYR A 609 -11.89 7.35 -37.53
C TYR A 609 -12.89 8.24 -36.80
N SER A 610 -13.04 9.49 -37.22
CA SER A 610 -14.06 10.38 -36.68
C SER A 610 -15.35 10.34 -37.46
N THR A 611 -15.27 10.36 -38.79
CA THR A 611 -16.43 10.17 -39.65
C THR A 611 -16.15 9.07 -40.66
N GLY A 612 -17.12 8.78 -41.52
CA GLY A 612 -16.93 7.75 -42.53
C GLY A 612 -18.22 7.10 -42.97
N LEU A 613 -18.11 5.93 -43.61
CA LEU A 613 -19.26 5.21 -44.12
C LEU A 613 -19.64 4.01 -43.26
N ASN A 614 -18.70 3.45 -42.50
CA ASN A 614 -18.95 2.27 -41.68
C ASN A 614 -19.21 2.63 -40.22
N VAL A 615 -19.88 3.76 -39.97
CA VAL A 615 -20.21 4.15 -38.61
C VAL A 615 -21.38 3.31 -38.10
N PHE A 616 -21.40 3.07 -36.78
CA PHE A 616 -22.48 2.30 -36.17
C PHE A 616 -22.75 2.86 -34.79
N GLN A 617 -24.02 2.84 -34.38
CA GLN A 617 -24.43 3.34 -33.09
C GLN A 617 -24.92 2.17 -32.24
N THR A 618 -24.31 2.00 -31.07
CA THR A 618 -24.67 0.97 -30.11
C THR A 618 -25.16 1.63 -28.83
N GLN A 619 -25.61 0.80 -27.88
CA GLN A 619 -25.99 1.33 -26.57
C GLN A 619 -24.77 1.78 -25.78
N ALA A 620 -23.62 1.12 -25.99
CA ALA A 620 -22.39 1.53 -25.32
C ALA A 620 -21.88 2.86 -25.86
N GLY A 621 -22.07 3.12 -27.14
CA GLY A 621 -21.59 4.34 -27.75
C GLY A 621 -21.49 4.18 -29.27
N CYS A 622 -20.53 4.88 -29.85
CA CYS A 622 -20.34 4.92 -31.29
C CYS A 622 -19.14 4.06 -31.67
N LEU A 623 -19.34 3.17 -32.64
CA LEU A 623 -18.28 2.31 -33.14
C LEU A 623 -17.98 2.67 -34.58
N ILE A 624 -16.72 3.04 -34.85
CA ILE A 624 -16.29 3.47 -36.17
C ILE A 624 -15.11 2.61 -36.60
N GLY A 625 -15.19 2.06 -37.80
CA GLY A 625 -14.13 1.24 -38.35
C GLY A 625 -14.54 -0.17 -38.71
N ALA A 626 -15.74 -0.59 -38.35
CA ALA A 626 -16.23 -1.93 -38.64
C ALA A 626 -17.64 -1.84 -39.21
N GLU A 627 -17.92 -2.62 -40.25
CA GLU A 627 -19.24 -2.63 -40.84
C GLU A 627 -20.18 -3.53 -40.04
N HIS A 628 -21.47 -3.27 -40.17
CA HIS A 628 -22.50 -4.00 -39.43
C HIS A 628 -23.19 -5.00 -40.35
N VAL A 629 -23.30 -6.24 -39.88
CA VAL A 629 -23.95 -7.30 -40.63
C VAL A 629 -25.19 -7.75 -39.88
N ASN A 630 -26.07 -8.47 -40.58
CA ASN A 630 -27.34 -8.89 -39.99
C ASN A 630 -27.30 -10.29 -39.41
N ALA A 631 -26.22 -11.04 -39.64
CA ALA A 631 -26.13 -12.40 -39.15
C ALA A 631 -25.80 -12.42 -37.66
N SER A 632 -25.77 -13.62 -37.09
CA SER A 632 -25.49 -13.82 -35.67
C SER A 632 -24.59 -15.03 -35.51
N TYR A 633 -23.32 -14.78 -35.20
CA TYR A 633 -22.37 -15.85 -34.93
C TYR A 633 -22.04 -15.89 -33.44
N GLU A 634 -21.08 -16.73 -33.08
CA GLU A 634 -20.61 -16.78 -31.71
C GLU A 634 -19.74 -15.55 -31.41
N CYS A 635 -19.54 -15.30 -30.12
CA CYS A 635 -18.78 -14.12 -29.71
C CYS A 635 -17.29 -14.38 -29.82
N ASP A 636 -16.58 -13.47 -30.48
CA ASP A 636 -15.13 -13.52 -30.60
C ASP A 636 -14.45 -12.42 -29.78
N ILE A 637 -14.77 -11.17 -30.06
CA ILE A 637 -14.30 -10.03 -29.29
C ILE A 637 -15.52 -9.33 -28.70
N PRO A 638 -15.77 -9.50 -27.40
CA PRO A 638 -16.98 -8.91 -26.79
C PRO A 638 -16.87 -7.40 -26.63
N ILE A 639 -17.60 -6.66 -27.46
CA ILE A 639 -17.50 -5.21 -27.43
C ILE A 639 -18.28 -4.64 -26.25
N GLY A 640 -19.48 -5.18 -26.01
CA GLY A 640 -20.33 -4.69 -24.94
C GLY A 640 -21.75 -4.45 -25.42
N ALA A 641 -22.71 -4.53 -24.49
CA ALA A 641 -24.14 -4.31 -24.75
C ALA A 641 -24.67 -5.24 -25.83
N GLY A 642 -24.24 -6.49 -25.81
CA GLY A 642 -24.73 -7.50 -26.72
C GLY A 642 -24.05 -7.56 -28.07
N ILE A 643 -22.97 -6.83 -28.26
CA ILE A 643 -22.29 -6.78 -29.55
C ILE A 643 -20.96 -7.52 -29.45
N CYS A 644 -20.65 -8.33 -30.46
CA CYS A 644 -19.36 -8.99 -30.55
C CYS A 644 -18.80 -8.80 -31.95
N ALA A 645 -17.51 -8.55 -32.04
CA ALA A 645 -16.84 -8.32 -33.32
C ALA A 645 -15.85 -9.44 -33.61
N SER A 646 -15.59 -9.64 -34.90
CA SER A 646 -14.68 -10.68 -35.35
C SER A 646 -14.07 -10.28 -36.68
N TYR A 647 -12.97 -10.93 -37.02
CA TYR A 647 -12.24 -10.65 -38.27
C TYR A 647 -12.69 -11.62 -39.35
N HIS A 648 -13.93 -11.43 -39.80
CA HIS A 648 -14.51 -12.28 -40.81
C HIS A 648 -14.06 -11.85 -42.21
N THR A 649 -14.42 -12.66 -43.20
CA THR A 649 -14.07 -12.38 -44.58
C THR A 649 -15.07 -11.42 -45.22
N GLN A 658 -11.89 -8.95 -49.38
CA GLN A 658 -10.88 -9.41 -48.43
C GLN A 658 -11.43 -9.39 -47.01
N LYS A 659 -10.64 -9.92 -46.07
CA LYS A 659 -11.05 -9.96 -44.67
C LYS A 659 -11.08 -8.56 -44.07
N SER A 660 -12.10 -8.30 -43.27
CA SER A 660 -12.24 -7.01 -42.60
C SER A 660 -12.99 -7.22 -41.30
N ILE A 661 -12.88 -6.22 -40.41
CA ILE A 661 -13.54 -6.29 -39.11
C ILE A 661 -15.02 -6.00 -39.28
N VAL A 662 -15.87 -6.91 -38.79
CA VAL A 662 -17.31 -6.75 -38.86
C VAL A 662 -17.87 -6.79 -37.44
N ALA A 663 -19.05 -6.19 -37.29
CA ALA A 663 -19.75 -6.13 -36.02
C ALA A 663 -21.13 -6.76 -36.17
N TYR A 664 -21.55 -7.51 -35.16
CA TYR A 664 -22.82 -8.23 -35.24
C TYR A 664 -23.39 -8.38 -33.84
N THR A 665 -24.68 -8.70 -33.79
CA THR A 665 -25.32 -9.07 -32.54
C THR A 665 -25.03 -10.54 -32.25
N MET A 666 -24.51 -10.80 -31.04
CA MET A 666 -24.11 -12.16 -30.69
C MET A 666 -25.32 -13.07 -30.58
N SER A 667 -25.11 -14.35 -30.92
CA SER A 667 -26.17 -15.35 -30.91
C SER A 667 -26.26 -15.99 -29.54
N LEU A 668 -27.47 -15.98 -28.97
CA LEU A 668 -27.67 -16.57 -27.65
C LEU A 668 -27.51 -18.08 -27.69
N GLY A 669 -28.03 -18.73 -28.71
CA GLY A 669 -27.94 -20.17 -28.82
C GLY A 669 -28.84 -20.68 -29.92
N ALA A 670 -28.82 -22.00 -30.09
CA ALA A 670 -29.65 -22.64 -31.09
C ALA A 670 -31.11 -22.60 -30.67
N GLU A 671 -31.97 -22.12 -31.57
CA GLU A 671 -33.39 -22.04 -31.27
C GLU A 671 -34.01 -23.43 -31.32
N ASN A 672 -34.79 -23.76 -30.29
CA ASN A 672 -35.44 -25.06 -30.17
C ASN A 672 -36.89 -24.87 -29.76
N SER A 673 -37.72 -25.84 -30.11
CA SER A 673 -39.13 -25.85 -29.73
C SER A 673 -39.49 -27.25 -29.26
N ILE A 674 -40.32 -27.34 -28.22
CA ILE A 674 -40.72 -28.61 -27.64
C ILE A 674 -42.25 -28.68 -27.68
N ALA A 675 -42.77 -29.82 -28.11
CA ALA A 675 -44.21 -30.01 -28.26
C ALA A 675 -44.78 -30.58 -26.97
N TYR A 676 -45.55 -29.78 -26.25
CA TYR A 676 -46.14 -30.21 -24.99
C TYR A 676 -47.55 -30.73 -25.20
N ALA A 677 -47.86 -31.86 -24.58
CA ALA A 677 -49.20 -32.42 -24.60
C ALA A 677 -49.46 -33.11 -23.27
N ASN A 678 -50.73 -33.20 -22.88
CA ASN A 678 -51.08 -33.77 -21.59
C ASN A 678 -51.20 -35.29 -21.62
N ASN A 679 -50.98 -35.93 -22.77
CA ASN A 679 -51.04 -37.39 -22.83
C ASN A 679 -49.89 -37.99 -23.64
N SER A 680 -48.82 -37.24 -23.86
CA SER A 680 -47.70 -37.72 -24.66
C SER A 680 -46.43 -37.67 -23.83
N ILE A 681 -45.59 -38.68 -23.98
CA ILE A 681 -44.33 -38.77 -23.25
C ILE A 681 -43.22 -39.11 -24.24
N ALA A 682 -41.99 -38.87 -23.84
CA ALA A 682 -40.81 -39.18 -24.65
C ALA A 682 -39.87 -40.07 -23.85
N ILE A 683 -39.72 -41.30 -24.29
CA ILE A 683 -38.88 -42.30 -23.62
C ILE A 683 -37.75 -42.68 -24.56
N PRO A 684 -36.49 -42.56 -24.16
CA PRO A 684 -35.37 -42.90 -25.06
C PRO A 684 -35.22 -44.40 -25.22
N THR A 685 -34.74 -44.82 -26.39
CA THR A 685 -34.56 -46.24 -26.70
C THR A 685 -33.10 -46.65 -26.79
N ASN A 686 -32.16 -45.70 -26.72
CA ASN A 686 -30.75 -46.03 -26.84
C ASN A 686 -29.96 -44.98 -26.06
N PHE A 687 -28.68 -45.26 -25.83
CA PHE A 687 -27.87 -44.44 -24.97
C PHE A 687 -26.44 -44.38 -25.51
N SER A 688 -25.57 -43.72 -24.76
CA SER A 688 -24.17 -43.57 -25.11
C SER A 688 -23.39 -43.23 -23.85
N ILE A 689 -22.10 -43.56 -23.87
CA ILE A 689 -21.18 -43.28 -22.78
C ILE A 689 -20.18 -42.25 -23.28
N SER A 690 -20.05 -41.14 -22.56
CA SER A 690 -19.20 -40.03 -22.97
C SER A 690 -18.16 -39.75 -21.89
N VAL A 691 -16.93 -39.47 -22.31
CA VAL A 691 -15.85 -39.11 -21.40
C VAL A 691 -15.51 -37.66 -21.61
N THR A 692 -15.59 -36.87 -20.54
CA THR A 692 -15.34 -35.43 -20.60
C THR A 692 -14.16 -35.06 -19.72
N THR A 693 -13.39 -34.07 -20.17
CA THR A 693 -12.19 -33.65 -19.45
C THR A 693 -12.46 -32.36 -18.71
N GLU A 694 -11.93 -32.26 -17.48
CA GLU A 694 -12.03 -31.05 -16.67
C GLU A 694 -10.67 -30.77 -16.05
N VAL A 695 -10.11 -29.60 -16.36
CA VAL A 695 -8.80 -29.20 -15.85
C VAL A 695 -9.00 -28.24 -14.68
N MET A 696 -8.24 -28.46 -13.60
CA MET A 696 -8.37 -27.58 -12.44
C MET A 696 -6.98 -27.31 -11.85
N PRO A 697 -6.65 -26.05 -11.60
CA PRO A 697 -5.39 -25.74 -10.92
C PRO A 697 -5.42 -26.20 -9.47
N VAL A 698 -4.24 -26.50 -8.95
CA VAL A 698 -4.08 -27.00 -7.58
C VAL A 698 -3.14 -26.12 -6.77
N SER A 699 -1.94 -25.88 -7.28
CA SER A 699 -0.94 -25.12 -6.55
C SER A 699 -0.24 -24.16 -7.49
N MET A 700 0.52 -23.23 -6.91
CA MET A 700 1.32 -22.28 -7.68
C MET A 700 2.74 -22.23 -7.14
N ALA A 701 3.58 -21.39 -7.75
CA ALA A 701 4.99 -21.37 -7.41
C ALA A 701 5.22 -20.70 -6.05
N LYS A 702 6.13 -21.26 -5.27
CA LYS A 702 6.50 -20.69 -3.98
C LYS A 702 7.69 -19.75 -4.16
N THR A 703 7.54 -18.51 -3.73
CA THR A 703 8.54 -17.46 -3.96
C THR A 703 9.09 -16.98 -2.63
N SER A 704 10.41 -16.85 -2.55
CA SER A 704 11.08 -16.27 -1.39
C SER A 704 11.82 -15.01 -1.82
N VAL A 705 11.65 -13.94 -1.03
CA VAL A 705 12.19 -12.62 -1.32
C VAL A 705 13.05 -12.17 -0.16
N ASP A 706 14.25 -11.70 -0.47
CA ASP A 706 15.18 -11.16 0.51
C ASP A 706 15.18 -9.65 0.43
N CYS A 707 14.99 -8.98 1.57
CA CYS A 707 15.07 -7.52 1.61
C CYS A 707 16.47 -7.03 1.27
N THR A 708 17.49 -7.66 1.86
CA THR A 708 18.85 -7.42 1.42
C THR A 708 19.05 -8.00 0.03
N MET A 709 20.07 -7.49 -0.66
CA MET A 709 20.44 -7.72 -2.06
C MET A 709 19.28 -7.57 -3.04
N TYR A 710 18.19 -6.92 -2.62
CA TYR A 710 17.20 -6.36 -3.52
C TYR A 710 17.06 -4.86 -3.33
N ILE A 711 16.85 -4.42 -2.10
CA ILE A 711 16.68 -3.00 -1.82
C ILE A 711 18.02 -2.28 -1.86
N CYS A 712 19.04 -2.85 -1.21
CA CYS A 712 20.32 -2.18 -1.04
C CYS A 712 21.44 -2.79 -1.85
N GLY A 713 21.39 -4.09 -2.13
CA GLY A 713 22.49 -4.76 -2.79
C GLY A 713 23.67 -4.92 -1.85
N ASP A 714 24.85 -5.04 -2.44
CA ASP A 714 26.09 -5.11 -1.67
C ASP A 714 26.54 -3.69 -1.36
N SER A 715 25.86 -3.07 -0.40
CA SER A 715 26.16 -1.69 -0.02
C SER A 715 25.95 -1.57 1.49
N LEU A 716 27.05 -1.45 2.24
CA LEU A 716 26.96 -1.36 3.69
C LEU A 716 26.35 -0.03 4.14
N GLU A 717 26.51 1.03 3.35
CA GLU A 717 25.89 2.31 3.69
C GLU A 717 24.38 2.23 3.63
N CYS A 718 23.84 1.55 2.63
CA CYS A 718 22.39 1.35 2.57
C CYS A 718 21.93 0.37 3.62
N SER A 719 22.74 -0.65 3.92
CA SER A 719 22.37 -1.66 4.90
C SER A 719 22.33 -1.09 6.31
N ASN A 720 23.16 -0.08 6.60
CA ASN A 720 23.13 0.54 7.91
C ASN A 720 21.82 1.29 8.15
N LEU A 721 21.32 1.98 7.13
CA LEU A 721 20.07 2.72 7.26
C LEU A 721 18.84 1.82 7.24
N LEU A 722 18.97 0.60 6.73
CA LEU A 722 17.85 -0.32 6.62
C LEU A 722 17.54 -1.06 7.91
N LEU A 723 18.38 -0.92 8.94
CA LEU A 723 18.19 -1.67 10.17
C LEU A 723 16.98 -1.18 10.95
N GLN A 724 16.50 0.03 10.65
CA GLN A 724 15.32 0.56 11.32
C GLN A 724 14.02 0.05 10.71
N TYR A 725 14.09 -0.72 9.62
CA TYR A 725 12.89 -1.25 8.97
C TYR A 725 12.82 -2.78 9.04
N GLY A 726 13.25 -3.37 10.15
CA GLY A 726 13.21 -4.83 10.26
C GLY A 726 11.80 -5.39 10.32
N SER A 727 10.92 -4.70 11.04
CA SER A 727 9.52 -5.14 11.13
C SER A 727 8.79 -5.06 9.81
N PHE A 728 9.27 -4.22 8.88
CA PHE A 728 8.71 -4.15 7.54
C PHE A 728 9.17 -5.31 6.67
N CYS A 729 10.13 -6.11 7.13
CA CYS A 729 10.62 -7.26 6.38
C CYS A 729 10.22 -8.59 7.01
N THR A 730 10.12 -8.64 8.34
CA THR A 730 9.64 -9.86 8.99
C THR A 730 8.21 -10.18 8.59
N GLN A 731 7.38 -9.16 8.40
CA GLN A 731 6.02 -9.37 7.92
C GLN A 731 6.00 -9.98 6.53
N LEU A 732 6.84 -9.47 5.61
CA LEU A 732 6.88 -10.00 4.25
C LEU A 732 7.37 -11.45 4.24
N ASN A 733 8.42 -11.73 5.02
CA ASN A 733 8.92 -13.10 5.10
C ASN A 733 7.90 -14.05 5.71
N ARG A 734 7.20 -13.63 6.77
CA ARG A 734 6.18 -14.47 7.37
C ARG A 734 5.02 -14.73 6.42
N ALA A 735 4.59 -13.71 5.67
CA ALA A 735 3.52 -13.89 4.71
C ALA A 735 3.92 -14.84 3.58
N LEU A 736 5.16 -14.71 3.09
CA LEU A 736 5.62 -15.58 2.03
C LEU A 736 5.75 -17.04 2.51
N THR A 737 6.24 -17.23 3.73
CA THR A 737 6.33 -18.60 4.26
C THR A 737 4.95 -19.19 4.50
N GLY A 738 4.00 -18.38 4.97
CA GLY A 738 2.63 -18.85 5.13
C GLY A 738 1.98 -19.21 3.81
N ILE A 739 2.32 -18.49 2.75
CA ILE A 739 1.84 -18.87 1.41
C ILE A 739 2.45 -20.19 0.98
N ALA A 740 3.76 -20.35 1.19
CA ALA A 740 4.46 -21.55 0.71
C ALA A 740 3.99 -22.80 1.42
N ILE A 741 3.75 -22.72 2.74
CA ILE A 741 3.25 -23.87 3.48
C ILE A 741 1.85 -24.26 3.01
N GLU A 742 1.01 -23.27 2.73
CA GLU A 742 -0.32 -23.55 2.20
C GLU A 742 -0.26 -24.20 0.83
N GLN A 743 0.67 -23.75 -0.02
CA GLN A 743 0.86 -24.38 -1.32
C GLN A 743 1.34 -25.82 -1.21
N ASP A 744 2.23 -26.11 -0.27
CA ASP A 744 2.61 -27.49 0.01
C ASP A 744 1.46 -28.32 0.56
N LYS A 745 0.58 -27.73 1.37
CA LYS A 745 -0.54 -28.41 1.98
C LYS A 745 -1.67 -28.74 1.00
N ASN A 746 -1.84 -27.90 -0.03
CA ASN A 746 -2.93 -28.11 -0.99
C ASN A 746 -2.77 -29.42 -1.75
N THR A 747 -1.53 -29.74 -2.16
CA THR A 747 -1.29 -30.98 -2.89
C THR A 747 -1.54 -32.20 -2.01
N GLN A 748 -1.17 -32.13 -0.74
CA GLN A 748 -1.51 -33.20 0.20
C GLN A 748 -3.01 -33.33 0.41
N GLU A 749 -3.73 -32.21 0.49
CA GLU A 749 -5.18 -32.24 0.65
C GLU A 749 -5.90 -32.84 -0.56
N VAL A 750 -5.41 -32.57 -1.77
CA VAL A 750 -6.11 -33.03 -2.96
C VAL A 750 -5.78 -34.50 -3.25
N PHE A 751 -4.49 -34.85 -3.26
CA PHE A 751 -4.07 -36.13 -3.79
C PHE A 751 -3.98 -37.23 -2.73
N ALA A 752 -3.54 -36.91 -1.52
CA ALA A 752 -3.33 -37.94 -0.49
C ALA A 752 -4.61 -38.22 0.28
N GLN A 753 -5.65 -38.67 -0.42
CA GLN A 753 -6.90 -39.00 0.24
C GLN A 753 -6.81 -40.34 0.96
N VAL A 754 -6.11 -41.31 0.40
CA VAL A 754 -5.94 -42.63 1.00
C VAL A 754 -4.49 -42.80 1.39
N LYS A 755 -4.26 -43.61 2.43
CA LYS A 755 -2.92 -43.86 2.94
C LYS A 755 -2.44 -45.29 2.66
N GLN A 756 -3.20 -46.04 1.87
CA GLN A 756 -2.80 -47.38 1.45
C GLN A 756 -2.43 -47.35 -0.01
N MET A 757 -1.19 -47.72 -0.32
CA MET A 757 -0.67 -47.66 -1.69
C MET A 757 -0.94 -49.00 -2.36
N TYR A 758 -2.08 -49.10 -3.02
CA TYR A 758 -2.42 -50.33 -3.74
C TYR A 758 -1.55 -50.45 -4.99
N LYS A 759 -0.91 -51.59 -5.15
CA LYS A 759 0.00 -51.78 -6.27
C LYS A 759 -0.77 -51.99 -7.57
N THR A 760 -0.12 -51.69 -8.68
CA THR A 760 -0.75 -51.81 -9.99
C THR A 760 -0.94 -53.29 -10.34
N PRO A 761 -2.14 -53.70 -10.73
CA PRO A 761 -2.34 -55.09 -11.16
C PRO A 761 -1.62 -55.39 -12.46
N ALA A 762 -1.29 -56.68 -12.63
CA ALA A 762 -0.54 -57.10 -13.81
C ALA A 762 -1.36 -56.96 -15.09
N ILE A 763 -2.64 -57.31 -15.03
CA ILE A 763 -3.51 -57.25 -16.19
C ILE A 763 -4.10 -55.85 -16.30
N LYS A 764 -4.56 -55.49 -17.49
CA LYS A 764 -5.17 -54.20 -17.75
C LYS A 764 -6.58 -54.27 -18.30
N ASP A 765 -7.07 -55.47 -18.63
CA ASP A 765 -8.43 -55.63 -19.17
C ASP A 765 -9.33 -56.12 -18.04
N PHE A 766 -10.23 -55.26 -17.59
CA PHE A 766 -11.16 -55.60 -16.51
C PHE A 766 -12.54 -55.80 -17.12
N GLY A 767 -12.80 -57.03 -17.57
CA GLY A 767 -14.07 -57.35 -18.20
C GLY A 767 -14.30 -56.66 -19.52
N GLY A 768 -13.29 -56.60 -20.38
CA GLY A 768 -13.40 -55.93 -21.65
C GLY A 768 -13.08 -54.46 -21.64
N PHE A 769 -12.78 -53.89 -20.48
CA PHE A 769 -12.49 -52.47 -20.36
C PHE A 769 -10.98 -52.27 -20.42
N ASN A 770 -10.51 -51.55 -21.43
CA ASN A 770 -9.08 -51.39 -21.68
C ASN A 770 -8.56 -50.23 -20.83
N PHE A 771 -7.93 -50.55 -19.69
CA PHE A 771 -7.34 -49.57 -18.81
C PHE A 771 -5.85 -49.39 -19.03
N SER A 772 -5.29 -49.96 -20.09
CA SER A 772 -3.85 -49.88 -20.33
C SER A 772 -3.40 -48.47 -20.68
N GLN A 773 -4.30 -47.60 -21.11
CA GLN A 773 -3.94 -46.22 -21.44
C GLN A 773 -3.68 -45.36 -20.21
N ILE A 774 -4.48 -45.52 -19.16
CA ILE A 774 -4.38 -44.63 -17.99
C ILE A 774 -3.56 -45.23 -16.85
N LEU A 775 -3.22 -46.51 -16.91
CA LEU A 775 -2.34 -47.03 -15.87
C LEU A 775 -0.90 -47.05 -16.37
N PRO A 776 0.07 -46.86 -15.49
CA PRO A 776 1.48 -46.92 -15.91
C PRO A 776 1.87 -48.33 -16.33
N ASP A 777 2.80 -48.40 -17.28
CA ASP A 777 3.30 -49.63 -17.84
C ASP A 777 4.76 -49.84 -17.45
N PRO A 778 5.19 -51.11 -17.27
CA PRO A 778 6.59 -51.40 -16.91
C PRO A 778 7.55 -51.44 -18.10
N SER A 779 7.47 -50.42 -18.95
CA SER A 779 8.39 -50.32 -20.09
C SER A 779 8.81 -48.88 -20.37
N LYS A 780 8.80 -48.02 -19.35
CA LYS A 780 9.15 -46.62 -19.52
C LYS A 780 10.15 -46.20 -18.46
N PRO A 781 11.03 -45.23 -18.79
CA PRO A 781 11.88 -44.65 -17.73
C PRO A 781 11.08 -43.93 -16.65
N THR A 782 9.96 -43.32 -17.01
CA THR A 782 9.08 -42.70 -16.05
C THR A 782 7.98 -43.67 -15.62
N LYS A 783 7.28 -43.32 -14.54
CA LYS A 783 6.19 -44.13 -14.01
C LYS A 783 4.83 -43.49 -14.28
N ARG A 784 4.74 -42.66 -15.31
CA ARG A 784 3.52 -41.98 -15.67
C ARG A 784 2.80 -42.72 -16.79
N SER A 785 1.48 -42.47 -16.88
CA SER A 785 0.70 -43.04 -17.95
C SER A 785 0.90 -42.26 -19.24
N PHE A 786 0.29 -42.74 -20.32
CA PHE A 786 0.44 -42.08 -21.61
C PHE A 786 -0.28 -40.74 -21.66
N ILE A 787 -1.51 -40.70 -21.14
CA ILE A 787 -2.26 -39.44 -21.09
C ILE A 787 -1.56 -38.43 -20.18
N GLU A 788 -0.97 -38.91 -19.09
CA GLU A 788 -0.20 -38.03 -18.23
C GLU A 788 1.02 -37.47 -18.93
N ASP A 789 1.69 -38.27 -19.77
CA ASP A 789 2.81 -37.78 -20.56
C ASP A 789 2.36 -36.74 -21.57
N LEU A 790 1.22 -36.97 -22.23
CA LEU A 790 0.70 -35.97 -23.16
C LEU A 790 0.32 -34.68 -22.45
N LEU A 791 -0.24 -34.78 -21.24
CA LEU A 791 -0.55 -33.58 -20.47
C LEU A 791 0.70 -32.83 -20.03
N PHE A 792 1.74 -33.56 -19.63
CA PHE A 792 2.99 -32.95 -19.21
C PHE A 792 3.76 -32.34 -20.37
N ASN A 793 3.55 -32.83 -21.60
CA ASN A 793 4.14 -32.20 -22.77
C ASN A 793 3.38 -30.97 -23.26
N LYS A 794 2.14 -30.78 -22.81
CA LYS A 794 1.35 -29.62 -23.25
C LYS A 794 1.82 -28.33 -22.60
N VAL A 795 2.12 -28.36 -21.30
CA VAL A 795 2.45 -27.16 -20.55
C VAL A 795 3.94 -26.89 -20.71
N THR A 796 4.28 -25.69 -21.16
CA THR A 796 5.67 -25.29 -21.34
C THR A 796 6.14 -24.50 -20.13
N LEU A 797 7.11 -25.04 -19.42
CA LEU A 797 7.67 -24.38 -18.23
C LEU A 797 8.83 -23.47 -18.65
N ALA A 798 8.46 -22.32 -19.21
CA ALA A 798 9.46 -21.34 -19.63
C ALA A 798 10.16 -20.72 -18.43
N ASP A 799 9.45 -20.57 -17.32
CA ASP A 799 10.06 -20.03 -16.11
C ASP A 799 10.96 -21.06 -15.43
N ALA A 800 11.86 -20.58 -14.58
CA ALA A 800 12.74 -21.46 -13.83
C ALA A 800 12.83 -21.03 -12.37
N GLY A 801 13.79 -21.58 -11.64
CA GLY A 801 13.98 -21.21 -10.24
C GLY A 801 14.33 -22.36 -9.33
N PHE A 802 13.97 -23.59 -9.72
CA PHE A 802 14.33 -24.77 -8.95
C PHE A 802 14.86 -25.91 -9.82
N MET A 803 15.18 -25.63 -11.09
CA MET A 803 15.89 -26.60 -11.93
C MET A 803 17.06 -26.00 -12.69
N LYS A 804 17.13 -24.67 -12.83
CA LYS A 804 18.23 -24.03 -13.54
C LYS A 804 19.42 -23.88 -12.60
N GLN A 805 20.59 -24.28 -13.08
CA GLN A 805 21.79 -24.17 -12.26
C GLN A 805 22.19 -22.72 -12.07
N TYR A 806 22.71 -22.42 -10.88
CA TYR A 806 23.07 -21.05 -10.54
C TYR A 806 24.36 -20.64 -11.25
N GLY A 807 25.34 -21.56 -11.32
CA GLY A 807 26.57 -21.32 -12.05
C GLY A 807 26.41 -21.14 -13.54
N GLU A 808 25.23 -21.46 -14.08
CA GLU A 808 24.92 -21.15 -15.47
C GLU A 808 24.79 -19.64 -15.70
N CYS A 809 24.64 -18.84 -14.64
CA CYS A 809 24.46 -17.40 -14.77
C CYS A 809 25.77 -16.64 -14.96
N LEU A 810 26.81 -17.27 -15.52
CA LEU A 810 28.05 -16.56 -15.83
C LEU A 810 28.27 -16.56 -17.34
N GLY A 811 27.20 -16.36 -18.12
CA GLY A 811 27.26 -16.45 -19.56
C GLY A 811 27.57 -15.14 -20.24
N ASP A 812 27.26 -15.09 -21.54
CA ASP A 812 27.57 -13.96 -22.39
C ASP A 812 26.42 -12.97 -22.41
N ILE A 813 26.46 -12.02 -23.36
CA ILE A 813 25.40 -11.04 -23.53
C ILE A 813 24.09 -11.68 -23.98
N SER A 814 24.16 -12.85 -24.62
CA SER A 814 22.95 -13.59 -24.98
C SER A 814 22.38 -14.39 -23.82
N ALA A 815 23.16 -14.58 -22.75
CA ALA A 815 22.69 -15.25 -21.55
C ALA A 815 22.07 -14.30 -20.55
N ARG A 816 21.98 -13.01 -20.87
CA ARG A 816 21.35 -12.03 -19.99
C ARG A 816 19.84 -12.24 -20.06
N ASP A 817 19.35 -13.22 -19.30
CA ASP A 817 17.94 -13.54 -19.25
C ASP A 817 17.35 -13.02 -17.93
N LEU A 818 16.03 -13.12 -17.80
CA LEU A 818 15.34 -12.61 -16.63
C LEU A 818 15.53 -13.48 -15.40
N ILE A 819 15.74 -14.78 -15.59
CA ILE A 819 15.85 -15.70 -14.46
C ILE A 819 17.12 -15.44 -13.67
N CYS A 820 18.24 -15.20 -14.37
CA CYS A 820 19.49 -14.92 -13.68
C CYS A 820 19.44 -13.57 -12.98
N ALA A 821 18.72 -12.60 -13.56
CA ALA A 821 18.50 -11.33 -12.88
C ALA A 821 17.66 -11.50 -11.63
N GLN A 822 16.63 -12.35 -11.68
CA GLN A 822 15.85 -12.65 -10.48
C GLN A 822 16.70 -13.31 -9.42
N LYS A 823 17.58 -14.22 -9.81
CA LYS A 823 18.44 -14.90 -8.84
C LYS A 823 19.50 -13.96 -8.28
N PHE A 824 19.95 -12.99 -9.08
CA PHE A 824 20.89 -11.98 -8.61
C PHE A 824 20.24 -10.92 -7.74
N ASN A 825 18.92 -10.74 -7.83
CA ASN A 825 18.25 -9.71 -7.03
C ASN A 825 17.49 -10.31 -5.85
N GLY A 826 17.88 -11.49 -5.39
CA GLY A 826 17.32 -12.07 -4.18
C GLY A 826 15.93 -12.66 -4.31
N LEU A 827 15.42 -12.82 -5.53
CA LEU A 827 14.09 -13.40 -5.74
C LEU A 827 14.27 -14.84 -6.18
N THR A 828 13.96 -15.78 -5.29
CA THR A 828 14.16 -17.20 -5.57
C THR A 828 12.83 -17.94 -5.57
N VAL A 829 12.81 -19.09 -6.24
CA VAL A 829 11.64 -19.95 -6.32
C VAL A 829 11.98 -21.26 -5.65
N LEU A 830 11.26 -21.58 -4.59
CA LEU A 830 11.50 -22.81 -3.84
C LEU A 830 10.87 -24.00 -4.57
N PRO A 831 11.50 -25.18 -4.51
CA PRO A 831 10.91 -26.34 -5.19
C PRO A 831 9.74 -26.88 -4.40
N PRO A 832 8.79 -27.54 -5.07
CA PRO A 832 7.68 -28.18 -4.34
C PRO A 832 8.16 -29.41 -3.58
N LEU A 833 7.40 -29.74 -2.53
CA LEU A 833 7.75 -30.88 -1.69
C LEU A 833 7.52 -32.20 -2.41
N LEU A 834 6.40 -32.32 -3.11
CA LEU A 834 6.00 -33.57 -3.74
C LEU A 834 6.50 -33.60 -5.18
N THR A 835 7.28 -34.62 -5.51
CA THR A 835 7.76 -34.81 -6.88
C THR A 835 6.61 -35.28 -7.76
N ASP A 836 6.69 -34.95 -9.05
CA ASP A 836 5.67 -35.42 -10.00
C ASP A 836 5.65 -36.94 -10.09
N GLU A 837 6.82 -37.57 -10.06
CA GLU A 837 6.93 -39.01 -10.18
C GLU A 837 6.39 -39.76 -8.97
N MET A 838 6.14 -39.08 -7.85
CA MET A 838 5.54 -39.74 -6.69
C MET A 838 4.09 -39.37 -6.46
N ILE A 839 3.60 -38.26 -7.03
CA ILE A 839 2.15 -38.06 -7.06
C ILE A 839 1.53 -38.88 -8.18
N ALA A 840 2.35 -39.24 -9.18
CA ALA A 840 1.94 -40.26 -10.13
C ALA A 840 1.66 -41.60 -9.44
N ALA A 841 2.42 -41.92 -8.39
CA ALA A 841 2.12 -43.11 -7.59
C ALA A 841 0.77 -43.01 -6.90
N TYR A 842 0.45 -41.83 -6.34
CA TYR A 842 -0.86 -41.64 -5.72
C TYR A 842 -1.99 -41.79 -6.73
N THR A 843 -1.87 -41.20 -7.91
CA THR A 843 -2.97 -41.30 -8.87
C THR A 843 -3.07 -42.71 -9.45
N ALA A 844 -1.94 -43.42 -9.58
CA ALA A 844 -2.00 -44.80 -10.04
C ALA A 844 -2.65 -45.70 -8.98
N ALA A 845 -2.33 -45.47 -7.70
CA ALA A 845 -2.95 -46.24 -6.63
C ALA A 845 -4.44 -45.96 -6.54
N LEU A 846 -4.84 -44.70 -6.75
CA LEU A 846 -6.26 -44.36 -6.74
C LEU A 846 -7.01 -45.04 -7.86
N VAL A 847 -6.45 -45.04 -9.08
CA VAL A 847 -7.11 -45.68 -10.20
C VAL A 847 -7.16 -47.20 -10.01
N SER A 848 -6.09 -47.78 -9.48
CA SER A 848 -6.08 -49.22 -9.23
C SER A 848 -7.10 -49.62 -8.17
N GLY A 849 -7.21 -48.85 -7.09
CA GLY A 849 -8.19 -49.14 -6.07
C GLY A 849 -9.62 -48.95 -6.55
N THR A 850 -9.85 -47.96 -7.41
CA THR A 850 -11.15 -47.79 -8.03
C THR A 850 -11.49 -48.95 -8.95
N ALA A 851 -10.52 -49.42 -9.75
CA ALA A 851 -10.79 -50.47 -10.71
C ALA A 851 -10.97 -51.83 -10.04
N THR A 852 -10.28 -52.09 -8.94
CA THR A 852 -10.32 -53.38 -8.29
C THR A 852 -11.30 -53.42 -7.11
N ALA A 853 -11.11 -52.53 -6.13
CA ALA A 853 -11.96 -52.57 -4.94
C ALA A 853 -13.30 -51.89 -5.18
N GLY A 854 -13.35 -50.92 -6.09
CA GLY A 854 -14.57 -50.19 -6.35
C GLY A 854 -14.65 -48.95 -5.48
N TRP A 855 -15.82 -48.71 -4.90
CA TRP A 855 -16.03 -47.56 -4.03
C TRP A 855 -15.80 -47.89 -2.56
N THR A 856 -15.53 -49.16 -2.24
CA THR A 856 -15.50 -49.59 -0.84
C THR A 856 -14.24 -49.15 -0.11
N PHE A 857 -13.13 -48.95 -0.82
CA PHE A 857 -11.87 -48.66 -0.15
C PHE A 857 -11.79 -47.24 0.38
N GLY A 858 -12.73 -46.37 0.01
CA GLY A 858 -12.74 -45.02 0.53
C GLY A 858 -13.47 -44.91 1.85
N ALA A 859 -14.60 -45.61 1.97
CA ALA A 859 -15.35 -45.59 3.21
C ALA A 859 -14.66 -46.39 4.30
N GLY A 860 -14.16 -47.58 3.97
CA GLY A 860 -13.47 -48.41 4.93
C GLY A 860 -12.25 -49.09 4.33
N ALA A 861 -12.16 -50.41 4.51
CA ALA A 861 -11.07 -51.18 3.94
C ALA A 861 -11.37 -51.52 2.48
N ALA A 862 -10.40 -52.18 1.84
CA ALA A 862 -10.52 -52.53 0.43
C ALA A 862 -11.21 -53.89 0.31
N LEU A 863 -12.31 -53.93 -0.45
CA LEU A 863 -13.07 -55.15 -0.66
C LEU A 863 -13.14 -55.41 -2.16
N GLN A 864 -12.61 -56.54 -2.60
CA GLN A 864 -12.56 -56.84 -4.02
C GLN A 864 -13.93 -57.23 -4.55
N ILE A 865 -14.13 -56.98 -5.84
CA ILE A 865 -15.41 -57.22 -6.51
C ILE A 865 -15.12 -57.25 -8.02
N PRO A 866 -15.74 -58.16 -8.77
CA PRO A 866 -15.58 -58.13 -10.23
C PRO A 866 -16.10 -56.82 -10.82
N PHE A 867 -15.44 -56.36 -11.88
CA PHE A 867 -15.70 -55.03 -12.42
C PHE A 867 -17.07 -54.94 -13.08
N ALA A 868 -17.54 -56.04 -13.68
CA ALA A 868 -18.86 -56.04 -14.32
C ALA A 868 -19.97 -55.82 -13.30
N MET A 869 -19.88 -56.49 -12.15
CA MET A 869 -20.89 -56.31 -11.11
C MET A 869 -20.83 -54.92 -10.51
N GLN A 870 -19.61 -54.37 -10.36
CA GLN A 870 -19.47 -53.00 -9.87
C GLN A 870 -20.11 -52.00 -10.82
N MET A 871 -19.87 -52.16 -12.13
CA MET A 871 -20.45 -51.23 -13.09
C MET A 871 -21.96 -51.42 -13.21
N ALA A 872 -22.44 -52.65 -13.01
CA ALA A 872 -23.88 -52.89 -12.96
C ALA A 872 -24.51 -52.22 -11.76
N TYR A 873 -23.83 -52.25 -10.61
CA TYR A 873 -24.29 -51.49 -9.45
C TYR A 873 -24.31 -50.00 -9.72
N ARG A 874 -23.34 -49.52 -10.51
CA ARG A 874 -23.30 -48.09 -10.85
C ARG A 874 -24.45 -47.70 -11.77
N PHE A 875 -24.82 -48.56 -12.72
CA PHE A 875 -26.06 -48.32 -13.46
C PHE A 875 -27.29 -48.45 -12.58
N ASN A 876 -27.23 -49.29 -11.53
CA ASN A 876 -28.37 -49.42 -10.64
C ASN A 876 -28.62 -48.16 -9.83
N GLY A 877 -27.59 -47.34 -9.59
CA GLY A 877 -27.76 -46.09 -8.89
C GLY A 877 -28.26 -44.94 -9.73
N ILE A 878 -28.32 -45.11 -11.04
CA ILE A 878 -28.83 -44.09 -11.94
C ILE A 878 -30.35 -44.15 -12.02
N GLY A 879 -30.91 -45.35 -12.14
CA GLY A 879 -32.34 -45.52 -12.30
C GLY A 879 -32.64 -46.54 -13.38
N VAL A 880 -31.60 -46.98 -14.05
CA VAL A 880 -31.70 -47.97 -15.12
C VAL A 880 -31.49 -49.35 -14.50
N THR A 881 -32.23 -50.35 -15.00
CA THR A 881 -32.22 -51.68 -14.42
C THR A 881 -30.89 -52.37 -14.64
N GLN A 882 -30.72 -53.52 -13.95
CA GLN A 882 -29.43 -54.20 -13.91
C GLN A 882 -29.17 -55.01 -15.17
N ASN A 883 -30.21 -55.34 -15.94
CA ASN A 883 -30.09 -56.28 -17.04
C ASN A 883 -29.42 -55.70 -18.27
N VAL A 884 -29.44 -54.38 -18.45
CA VAL A 884 -28.96 -53.79 -19.70
C VAL A 884 -27.45 -53.94 -19.83
N LEU A 885 -26.71 -53.85 -18.72
CA LEU A 885 -25.28 -54.10 -18.76
C LEU A 885 -24.99 -55.54 -19.14
N TYR A 886 -25.66 -56.48 -18.48
CA TYR A 886 -25.39 -57.89 -18.71
C TYR A 886 -25.83 -58.31 -20.11
N GLU A 887 -26.68 -57.51 -20.76
CA GLU A 887 -27.00 -57.76 -22.16
C GLU A 887 -26.05 -57.05 -23.14
N ASN A 888 -25.54 -55.87 -22.82
CA ASN A 888 -24.86 -55.04 -23.82
C ASN A 888 -23.49 -54.57 -23.33
N GLN A 889 -22.82 -55.37 -22.50
CA GLN A 889 -21.53 -54.95 -21.95
C GLN A 889 -20.45 -54.86 -23.02
N LYS A 890 -20.55 -55.65 -24.09
CA LYS A 890 -19.57 -55.54 -25.16
C LYS A 890 -19.69 -54.20 -25.89
N GLN A 891 -20.94 -53.78 -26.18
CA GLN A 891 -21.15 -52.48 -26.81
C GLN A 891 -20.73 -51.35 -25.89
N ILE A 892 -21.00 -51.48 -24.58
CA ILE A 892 -20.59 -50.47 -23.62
C ILE A 892 -19.07 -50.37 -23.56
N ALA A 893 -18.37 -51.51 -23.55
CA ALA A 893 -16.91 -51.50 -23.51
C ALA A 893 -16.32 -50.90 -24.79
N ASN A 894 -16.93 -51.21 -25.95
CA ASN A 894 -16.46 -50.63 -27.20
C ASN A 894 -16.64 -49.12 -27.22
N GLN A 895 -17.77 -48.62 -26.72
CA GLN A 895 -17.98 -47.18 -26.67
C GLN A 895 -17.02 -46.51 -25.69
N PHE A 896 -16.74 -47.18 -24.57
CA PHE A 896 -15.80 -46.66 -23.57
C PHE A 896 -14.39 -46.56 -24.13
N ASN A 897 -13.94 -47.61 -24.82
CA ASN A 897 -12.62 -47.58 -25.45
C ASN A 897 -12.55 -46.53 -26.56
N LYS A 898 -13.64 -46.38 -27.33
CA LYS A 898 -13.68 -45.36 -28.37
C LYS A 898 -13.62 -43.96 -27.79
N ALA A 899 -14.30 -43.72 -26.66
CA ALA A 899 -14.25 -42.42 -26.01
C ALA A 899 -12.85 -42.11 -25.50
N ILE A 900 -12.17 -43.10 -24.91
CA ILE A 900 -10.79 -42.86 -24.45
C ILE A 900 -9.87 -42.61 -25.64
N SER A 901 -10.11 -43.30 -26.75
CA SER A 901 -9.28 -43.06 -27.94
C SER A 901 -9.51 -41.66 -28.50
N GLN A 902 -10.76 -41.18 -28.47
CA GLN A 902 -11.05 -39.82 -28.91
C GLN A 902 -10.38 -38.79 -28.00
N ILE A 903 -10.39 -39.03 -26.68
CA ILE A 903 -9.69 -38.14 -25.75
C ILE A 903 -8.20 -38.13 -26.03
N GLN A 904 -7.62 -39.31 -26.27
CA GLN A 904 -6.20 -39.42 -26.59
C GLN A 904 -5.84 -38.66 -27.86
N GLU A 905 -6.69 -38.76 -28.89
CA GLU A 905 -6.45 -38.00 -30.11
C GLU A 905 -6.66 -36.50 -29.92
N SER A 906 -7.61 -36.10 -29.07
CA SER A 906 -7.86 -34.68 -28.84
C SER A 906 -6.79 -34.01 -28.01
N LEU A 907 -6.09 -34.75 -27.15
CA LEU A 907 -5.04 -34.18 -26.32
C LEU A 907 -3.67 -34.13 -26.99
N THR A 908 -3.62 -34.15 -28.33
CA THR A 908 -2.36 -34.01 -29.05
C THR A 908 -2.31 -32.81 -29.97
N THR A 909 -3.45 -32.17 -30.24
CA THR A 909 -3.51 -31.09 -31.22
C THR A 909 -3.80 -29.72 -30.59
N THR A 910 -4.86 -29.62 -29.80
CA THR A 910 -5.28 -28.32 -29.28
C THR A 910 -4.32 -27.84 -28.20
N SER A 911 -3.88 -26.60 -28.32
CA SER A 911 -3.01 -25.98 -27.34
C SER A 911 -3.77 -25.15 -26.30
N THR A 912 -5.09 -25.03 -26.44
CA THR A 912 -5.90 -24.25 -25.52
C THR A 912 -6.68 -25.14 -24.55
N ALA A 913 -6.41 -26.45 -24.53
CA ALA A 913 -7.11 -27.33 -23.61
C ALA A 913 -6.64 -27.11 -22.17
N LEU A 914 -5.37 -26.74 -22.00
CA LEU A 914 -4.77 -26.55 -20.68
C LEU A 914 -4.37 -25.10 -20.45
N GLY A 915 -5.26 -24.16 -20.80
CA GLY A 915 -4.92 -22.75 -20.70
C GLY A 915 -4.85 -22.21 -19.30
N LYS A 916 -5.48 -22.87 -18.34
CA LYS A 916 -5.55 -22.34 -16.98
C LYS A 916 -4.19 -22.42 -16.28
N LEU A 917 -3.53 -23.58 -16.37
CA LEU A 917 -2.23 -23.75 -15.75
C LEU A 917 -1.19 -22.87 -16.44
N GLN A 918 -1.29 -22.74 -17.76
CA GLN A 918 -0.41 -21.84 -18.51
C GLN A 918 -0.63 -20.39 -18.07
N ASP A 919 -1.88 -20.01 -17.81
CA ASP A 919 -2.17 -18.66 -17.33
C ASP A 919 -1.57 -18.43 -15.95
N VAL A 920 -1.64 -19.44 -15.07
CA VAL A 920 -1.04 -19.32 -13.74
C VAL A 920 0.46 -19.13 -13.84
N VAL A 921 1.11 -19.94 -14.67
CA VAL A 921 2.57 -19.85 -14.84
C VAL A 921 2.97 -18.50 -15.41
N ASN A 922 2.25 -18.04 -16.44
CA ASN A 922 2.54 -16.76 -17.06
C ASN A 922 2.30 -15.61 -16.09
N GLN A 923 1.27 -15.71 -15.25
CA GLN A 923 1.01 -14.67 -14.26
C GLN A 923 2.13 -14.56 -13.25
N ASN A 924 2.61 -15.69 -12.75
CA ASN A 924 3.72 -15.67 -11.79
C ASN A 924 4.99 -15.13 -12.42
N ALA A 925 5.31 -15.57 -13.65
CA ALA A 925 6.51 -15.10 -14.33
C ALA A 925 6.45 -13.61 -14.62
N GLN A 926 5.28 -13.12 -15.06
CA GLN A 926 5.13 -11.70 -15.37
C GLN A 926 5.19 -10.86 -14.10
N ALA A 927 4.66 -11.36 -12.99
CA ALA A 927 4.76 -10.63 -11.73
C ALA A 927 6.21 -10.52 -11.27
N LEU A 928 6.97 -11.60 -11.38
CA LEU A 928 8.39 -11.55 -11.00
C LEU A 928 9.17 -10.62 -11.93
N ASN A 929 8.89 -10.66 -13.23
CA ASN A 929 9.60 -9.81 -14.18
C ASN A 929 9.26 -8.33 -13.95
N THR A 930 8.00 -8.03 -13.61
CA THR A 930 7.64 -6.65 -13.29
C THR A 930 8.33 -6.19 -12.00
N LEU A 931 8.43 -7.08 -11.01
CA LEU A 931 9.13 -6.73 -9.78
C LEU A 931 10.60 -6.45 -10.04
N VAL A 932 11.23 -7.20 -10.95
CA VAL A 932 12.62 -6.91 -11.32
C VAL A 932 12.72 -5.59 -12.07
N LYS A 933 11.82 -5.37 -13.04
CA LYS A 933 11.89 -4.18 -13.89
C LYS A 933 11.55 -2.90 -13.14
N GLN A 934 10.87 -2.99 -12.00
CA GLN A 934 10.55 -1.79 -11.24
C GLN A 934 11.75 -1.18 -10.54
N LEU A 935 12.92 -1.82 -10.57
CA LEU A 935 14.12 -1.28 -9.93
C LEU A 935 14.71 -0.09 -10.66
N SER A 936 14.25 0.21 -11.87
CA SER A 936 14.81 1.29 -12.67
C SER A 936 14.19 2.64 -12.36
N SER A 937 13.26 2.71 -11.42
CA SER A 937 12.63 3.98 -11.05
C SER A 937 13.39 4.62 -9.90
N ASN A 938 13.73 5.90 -10.06
CA ASN A 938 14.52 6.60 -9.04
C ASN A 938 13.68 7.12 -7.89
N PHE A 939 12.35 7.10 -8.02
CA PHE A 939 11.41 7.54 -6.98
C PHE A 939 11.67 8.97 -6.53
N GLY A 940 12.00 9.84 -7.49
CA GLY A 940 12.27 11.23 -7.21
C GLY A 940 13.71 11.58 -6.91
N ALA A 941 14.59 10.59 -6.82
CA ALA A 941 16.01 10.85 -6.62
C ALA A 941 16.65 11.24 -7.94
N ILE A 942 17.92 11.67 -7.88
CA ILE A 942 18.59 12.12 -9.09
C ILE A 942 19.15 10.97 -9.91
N SER A 943 19.13 9.75 -9.39
CA SER A 943 19.56 8.59 -10.15
C SER A 943 18.85 7.36 -9.63
N SER A 944 18.60 6.42 -10.55
CA SER A 944 17.91 5.17 -10.21
C SER A 944 18.78 4.22 -9.40
N VAL A 945 20.05 4.10 -9.76
CA VAL A 945 20.96 3.20 -9.05
C VAL A 945 21.53 3.96 -7.84
N LEU A 946 21.75 3.22 -6.75
CA LEU A 946 22.28 3.80 -5.53
C LEU A 946 23.77 4.06 -5.59
N ASN A 947 24.46 3.43 -6.55
CA ASN A 947 25.92 3.43 -6.54
C ASN A 947 26.48 4.81 -6.89
N ASP A 948 25.95 5.44 -7.93
CA ASP A 948 26.41 6.78 -8.25
C ASP A 948 25.87 7.83 -7.28
N ILE A 949 24.76 7.52 -6.59
CA ILE A 949 24.32 8.35 -5.47
C ILE A 949 25.38 8.38 -4.38
N LEU A 950 25.93 7.21 -4.04
CA LEU A 950 27.01 7.15 -3.06
C LEU A 950 28.30 7.74 -3.59
N SER A 951 28.59 7.57 -4.88
CA SER A 951 29.87 8.03 -5.42
C SER A 951 29.91 9.54 -5.66
N ARG A 952 28.77 10.16 -5.92
CA ARG A 952 28.75 11.55 -6.36
C ARG A 952 28.54 12.54 -5.23
N LEU A 953 27.88 12.16 -4.16
CA LEU A 953 27.55 13.07 -3.06
C LEU A 953 28.08 12.53 -1.75
N ASP A 954 28.37 13.44 -0.82
CA ASP A 954 28.68 13.05 0.54
C ASP A 954 27.41 12.56 1.24
N LYS A 955 27.59 11.85 2.36
CA LYS A 955 26.51 11.07 2.95
C LYS A 955 25.40 11.93 3.54
N VAL A 956 25.65 13.23 3.76
CA VAL A 956 24.70 14.09 4.47
C VAL A 956 23.40 14.22 3.70
N GLU A 957 23.48 14.45 2.39
CA GLU A 957 22.29 14.42 1.55
C GLU A 957 22.14 13.11 0.79
N ALA A 958 23.19 12.28 0.77
CA ALA A 958 23.06 10.97 0.15
C ALA A 958 22.10 10.09 0.92
N GLU A 959 22.02 10.25 2.25
CA GLU A 959 21.03 9.49 3.01
C GLU A 959 19.62 9.96 2.67
N VAL A 960 19.44 11.25 2.41
CA VAL A 960 18.15 11.78 1.97
C VAL A 960 17.77 11.19 0.62
N GLN A 961 18.74 11.12 -0.30
CA GLN A 961 18.48 10.51 -1.60
C GLN A 961 18.18 9.01 -1.49
N ILE A 962 18.89 8.31 -0.59
CA ILE A 962 18.72 6.87 -0.41
C ILE A 962 17.37 6.53 0.21
N ASP A 963 16.85 7.41 1.07
CA ASP A 963 15.59 7.15 1.76
C ASP A 963 14.42 7.00 0.78
N ARG A 964 14.38 7.82 -0.26
CA ARG A 964 13.31 7.72 -1.24
C ARG A 964 13.35 6.40 -1.99
N LEU A 965 14.55 5.95 -2.37
CA LEU A 965 14.70 4.66 -3.02
C LEU A 965 14.26 3.52 -2.12
N ILE A 966 14.63 3.60 -0.83
CA ILE A 966 14.24 2.57 0.14
C ILE A 966 12.72 2.51 0.27
N THR A 967 12.08 3.68 0.39
CA THR A 967 10.63 3.73 0.52
C THR A 967 9.93 3.19 -0.72
N GLY A 968 10.42 3.55 -1.91
CA GLY A 968 9.81 3.06 -3.13
C GLY A 968 9.94 1.56 -3.30
N ARG A 969 11.13 1.02 -2.99
CA ARG A 969 11.31 -0.43 -3.12
C ARG A 969 10.50 -1.19 -2.07
N LEU A 970 10.36 -0.65 -0.86
CA LEU A 970 9.50 -1.27 0.14
C LEU A 970 8.05 -1.27 -0.30
N GLN A 971 7.59 -0.17 -0.91
CA GLN A 971 6.22 -0.11 -1.40
C GLN A 971 5.99 -1.12 -2.52
N SER A 972 6.97 -1.27 -3.41
CA SER A 972 6.87 -2.27 -4.49
C SER A 972 6.80 -3.68 -3.93
N LEU A 973 7.63 -3.98 -2.92
CA LEU A 973 7.59 -5.30 -2.29
C LEU A 973 6.25 -5.57 -1.62
N GLN A 974 5.69 -4.56 -0.94
CA GLN A 974 4.40 -4.72 -0.29
C GLN A 974 3.29 -4.96 -1.31
N THR A 975 3.33 -4.26 -2.44
CA THR A 975 2.34 -4.47 -3.49
C THR A 975 2.43 -5.88 -4.06
N TYR A 976 3.66 -6.36 -4.30
CA TYR A 976 3.85 -7.72 -4.81
C TYR A 976 3.33 -8.76 -3.83
N VAL A 977 3.60 -8.55 -2.53
CA VAL A 977 3.14 -9.49 -1.51
C VAL A 977 1.62 -9.52 -1.44
N THR A 978 0.98 -8.35 -1.54
CA THR A 978 -0.48 -8.29 -1.49
C THR A 978 -1.12 -9.02 -2.69
N GLN A 979 -0.57 -8.79 -3.89
CA GLN A 979 -1.09 -9.48 -5.07
C GLN A 979 -0.87 -10.99 -4.97
N GLN A 980 0.29 -11.40 -4.46
CA GLN A 980 0.55 -12.82 -4.26
C GLN A 980 -0.41 -13.45 -3.26
N LEU A 981 -0.75 -12.71 -2.19
CA LEU A 981 -1.70 -13.21 -1.20
C LEU A 981 -3.09 -13.40 -1.81
N ILE A 982 -3.53 -12.45 -2.63
CA ILE A 982 -4.84 -12.56 -3.26
C ILE A 982 -4.88 -13.76 -4.22
N ARG A 983 -3.83 -13.91 -5.03
CA ARG A 983 -3.78 -15.04 -5.95
C ARG A 983 -3.69 -16.37 -5.21
N ALA A 984 -2.99 -16.40 -4.07
CA ALA A 984 -2.92 -17.61 -3.28
C ALA A 984 -4.26 -17.97 -2.68
N ALA A 985 -5.05 -16.97 -2.28
CA ALA A 985 -6.39 -17.24 -1.77
C ALA A 985 -7.29 -17.82 -2.87
N GLU A 986 -7.19 -17.29 -4.09
CA GLU A 986 -7.97 -17.84 -5.20
C GLU A 986 -7.55 -19.28 -5.51
N ILE A 987 -6.24 -19.54 -5.48
CA ILE A 987 -5.75 -20.90 -5.70
C ILE A 987 -6.22 -21.84 -4.60
N ARG A 988 -6.29 -21.34 -3.36
CA ARG A 988 -6.82 -22.14 -2.24
C ARG A 988 -8.27 -22.51 -2.46
N ALA A 989 -9.08 -21.56 -2.95
CA ALA A 989 -10.48 -21.87 -3.24
C ALA A 989 -10.60 -22.92 -4.33
N SER A 990 -9.79 -22.80 -5.39
CA SER A 990 -9.81 -23.79 -6.47
C SER A 990 -9.36 -25.16 -5.98
N ALA A 991 -8.37 -25.19 -5.08
CA ALA A 991 -7.88 -26.46 -4.55
C ALA A 991 -8.90 -27.12 -3.65
N ASN A 992 -9.65 -26.33 -2.88
CA ASN A 992 -10.73 -26.88 -2.07
C ASN A 992 -11.82 -27.49 -2.95
N LEU A 993 -12.16 -26.81 -4.05
CA LEU A 993 -13.15 -27.38 -4.97
C LEU A 993 -12.63 -28.67 -5.60
N ALA A 994 -11.34 -28.70 -5.96
CA ALA A 994 -10.75 -29.91 -6.53
C ALA A 994 -10.73 -31.06 -5.54
N ALA A 995 -10.45 -30.77 -4.26
CA ALA A 995 -10.49 -31.81 -3.23
C ALA A 995 -11.90 -32.35 -3.04
N THR A 996 -12.90 -31.46 -3.09
CA THR A 996 -14.28 -31.92 -2.98
C THR A 996 -14.68 -32.80 -4.16
N LYS A 997 -14.28 -32.42 -5.37
CA LYS A 997 -14.57 -33.26 -6.54
C LYS A 997 -13.83 -34.59 -6.48
N MET A 998 -12.61 -34.59 -5.94
CA MET A 998 -11.87 -35.84 -5.75
C MET A 998 -12.57 -36.75 -4.76
N SER A 999 -13.08 -36.18 -3.66
CA SER A 999 -13.70 -37.00 -2.62
C SER A 999 -15.06 -37.53 -3.05
N GLU A 1000 -15.86 -36.72 -3.74
CA GLU A 1000 -17.24 -37.09 -4.00
C GLU A 1000 -17.48 -37.77 -5.33
N CYS A 1001 -16.57 -37.64 -6.31
CA CYS A 1001 -16.79 -38.21 -7.63
C CYS A 1001 -15.84 -39.35 -7.98
N VAL A 1002 -14.65 -39.38 -7.38
CA VAL A 1002 -13.70 -40.46 -7.67
C VAL A 1002 -13.85 -41.60 -6.67
N LEU A 1003 -13.90 -41.27 -5.37
CA LEU A 1003 -14.05 -42.27 -4.34
C LEU A 1003 -15.45 -42.87 -4.29
N GLY A 1004 -16.43 -42.24 -4.91
CA GLY A 1004 -17.78 -42.76 -4.93
C GLY A 1004 -18.60 -42.09 -6.01
N GLN A 1005 -19.88 -42.47 -6.06
CA GLN A 1005 -20.83 -41.92 -7.01
C GLN A 1005 -21.95 -41.24 -6.23
N SER A 1006 -22.25 -40.00 -6.62
CA SER A 1006 -23.29 -39.22 -5.96
C SER A 1006 -24.41 -38.91 -6.94
N LYS A 1007 -25.33 -38.05 -6.51
CA LYS A 1007 -26.49 -37.68 -7.31
C LYS A 1007 -26.57 -36.19 -7.58
N ARG A 1008 -25.50 -35.44 -7.31
CA ARG A 1008 -25.51 -34.00 -7.57
C ARG A 1008 -25.49 -33.76 -9.07
N VAL A 1009 -26.39 -32.90 -9.54
CA VAL A 1009 -26.55 -32.66 -10.97
C VAL A 1009 -25.40 -31.78 -11.46
N ASP A 1010 -24.73 -32.23 -12.52
CA ASP A 1010 -23.66 -31.51 -13.21
C ASP A 1010 -22.48 -31.17 -12.30
N PHE A 1011 -22.29 -31.94 -11.22
CA PHE A 1011 -21.14 -31.67 -10.35
C PHE A 1011 -19.84 -32.10 -11.00
N CYS A 1012 -19.81 -33.30 -11.60
CA CYS A 1012 -18.63 -33.82 -12.27
C CYS A 1012 -19.06 -34.31 -13.65
N GLY A 1013 -19.10 -33.41 -14.63
CA GLY A 1013 -19.48 -33.78 -15.98
C GLY A 1013 -20.95 -33.58 -16.26
N LYS A 1014 -21.28 -33.32 -17.52
CA LYS A 1014 -22.66 -33.07 -17.94
C LYS A 1014 -23.26 -34.40 -18.38
N GLY A 1015 -24.10 -34.98 -17.52
CA GLY A 1015 -24.71 -36.25 -17.80
C GLY A 1015 -25.28 -36.85 -16.54
N TYR A 1016 -25.58 -38.15 -16.63
CA TYR A 1016 -26.13 -38.85 -15.48
C TYR A 1016 -25.03 -39.53 -14.66
N HIS A 1017 -24.26 -40.41 -15.29
CA HIS A 1017 -23.31 -41.23 -14.56
C HIS A 1017 -22.13 -40.37 -14.14
N LEU A 1018 -21.65 -40.58 -12.92
CA LEU A 1018 -20.91 -39.51 -12.24
C LEU A 1018 -19.66 -40.07 -11.55
N MET A 1019 -18.84 -40.85 -12.27
CA MET A 1019 -17.53 -41.21 -11.75
C MET A 1019 -16.47 -40.50 -12.59
N SER A 1020 -15.23 -40.53 -12.10
CA SER A 1020 -14.12 -39.88 -12.78
C SER A 1020 -12.83 -40.65 -12.54
N PHE A 1021 -11.82 -40.33 -13.36
CA PHE A 1021 -10.47 -40.82 -13.18
C PHE A 1021 -9.52 -39.63 -13.10
N PRO A 1022 -8.61 -39.60 -12.12
CA PRO A 1022 -7.70 -38.45 -12.00
C PRO A 1022 -6.37 -38.66 -12.72
N GLN A 1023 -5.85 -37.56 -13.27
CA GLN A 1023 -4.53 -37.52 -13.87
C GLN A 1023 -3.80 -36.29 -13.37
N ALA A 1024 -2.50 -36.45 -13.12
CA ALA A 1024 -1.68 -35.33 -12.70
C ALA A 1024 -1.35 -34.42 -13.89
N ALA A 1025 -1.14 -33.15 -13.59
CA ALA A 1025 -0.71 -32.17 -14.57
C ALA A 1025 0.19 -31.18 -13.85
N PRO A 1026 1.09 -30.49 -14.59
CA PRO A 1026 1.95 -29.48 -13.94
C PRO A 1026 1.16 -28.40 -13.24
N HIS A 1027 1.24 -28.41 -11.90
CA HIS A 1027 0.46 -27.56 -11.01
C HIS A 1027 -1.04 -27.67 -11.28
N GLY A 1028 -1.52 -28.90 -11.47
CA GLY A 1028 -2.94 -29.06 -11.72
C GLY A 1028 -3.36 -30.52 -11.76
N VAL A 1029 -4.67 -30.70 -11.89
CA VAL A 1029 -5.28 -32.02 -11.96
C VAL A 1029 -6.25 -32.04 -13.13
N VAL A 1030 -6.40 -33.22 -13.73
CA VAL A 1030 -7.31 -33.42 -14.86
C VAL A 1030 -8.25 -34.56 -14.50
N PHE A 1031 -9.54 -34.28 -14.51
CA PHE A 1031 -10.56 -35.28 -14.20
C PHE A 1031 -11.22 -35.75 -15.49
N LEU A 1032 -11.26 -37.06 -15.70
CA LEU A 1032 -11.98 -37.65 -16.82
C LEU A 1032 -13.29 -38.22 -16.26
N HIS A 1033 -14.39 -37.52 -16.53
CA HIS A 1033 -15.71 -37.94 -16.07
C HIS A 1033 -16.33 -38.87 -17.09
N VAL A 1034 -16.86 -39.99 -16.62
CA VAL A 1034 -17.56 -40.96 -17.45
C VAL A 1034 -19.05 -40.79 -17.20
N THR A 1035 -19.80 -40.41 -18.22
CA THR A 1035 -21.20 -40.04 -18.10
C THR A 1035 -22.06 -40.87 -19.03
N TYR A 1036 -23.31 -41.07 -18.63
CA TYR A 1036 -24.31 -41.82 -19.38
C TYR A 1036 -25.32 -40.83 -19.93
N VAL A 1037 -25.59 -40.90 -21.23
CA VAL A 1037 -26.51 -39.94 -21.86
C VAL A 1037 -27.44 -40.71 -22.79
N PRO A 1038 -28.75 -40.45 -22.76
CA PRO A 1038 -29.66 -41.11 -23.70
C PRO A 1038 -29.73 -40.36 -25.03
N SER A 1039 -29.78 -41.12 -26.12
CA SER A 1039 -29.64 -40.54 -27.45
C SER A 1039 -30.87 -40.72 -28.34
N GLN A 1040 -31.28 -41.95 -28.64
CA GLN A 1040 -32.28 -42.20 -29.68
C GLN A 1040 -33.67 -42.08 -29.07
N GLU A 1041 -34.53 -41.30 -29.71
CA GLU A 1041 -35.77 -40.90 -29.07
C GLU A 1041 -36.99 -41.47 -29.79
N ARG A 1042 -38.05 -41.72 -29.01
CA ARG A 1042 -39.30 -42.24 -29.53
C ARG A 1042 -40.43 -41.69 -28.68
N ASN A 1043 -41.47 -41.14 -29.32
CA ASN A 1043 -42.60 -40.58 -28.60
C ASN A 1043 -43.64 -41.66 -28.32
N PHE A 1044 -44.49 -41.42 -27.32
CA PHE A 1044 -45.43 -42.43 -26.85
C PHE A 1044 -46.66 -41.79 -26.22
N THR A 1045 -47.70 -42.60 -26.07
CA THR A 1045 -48.92 -42.19 -25.39
C THR A 1045 -48.91 -42.73 -23.96
N THR A 1046 -49.26 -41.88 -22.99
CA THR A 1046 -49.10 -42.20 -21.59
C THR A 1046 -50.37 -41.88 -20.81
N ALA A 1047 -50.53 -42.54 -19.67
CA ALA A 1047 -51.64 -42.34 -18.75
C ALA A 1047 -51.11 -42.36 -17.33
N PRO A 1048 -51.73 -41.60 -16.41
CA PRO A 1048 -51.21 -41.58 -15.03
C PRO A 1048 -51.47 -42.87 -14.27
N ALA A 1049 -52.67 -43.43 -14.37
CA ALA A 1049 -53.00 -44.65 -13.65
C ALA A 1049 -54.10 -45.38 -14.42
N ILE A 1050 -54.40 -46.60 -13.96
CA ILE A 1050 -55.40 -47.45 -14.59
C ILE A 1050 -56.43 -47.87 -13.55
N CYS A 1051 -57.70 -47.84 -13.95
CA CYS A 1051 -58.81 -48.30 -13.11
C CYS A 1051 -59.29 -49.64 -13.65
N HIS A 1052 -59.02 -50.71 -12.91
CA HIS A 1052 -59.34 -52.06 -13.38
C HIS A 1052 -60.72 -52.50 -12.91
N GLU A 1053 -60.94 -52.52 -11.60
CA GLU A 1053 -62.21 -52.95 -11.01
C GLU A 1053 -62.69 -51.93 -10.00
N GLY A 1054 -62.67 -50.66 -10.39
CA GLY A 1054 -63.06 -49.58 -9.50
C GLY A 1054 -61.96 -49.07 -8.60
N LYS A 1055 -60.74 -49.62 -8.70
CA LYS A 1055 -59.62 -49.23 -7.86
C LYS A 1055 -58.48 -48.78 -8.75
N ALA A 1056 -57.81 -47.68 -8.36
CA ALA A 1056 -56.67 -47.19 -9.12
C ALA A 1056 -55.44 -48.05 -8.86
N TYR A 1057 -54.64 -48.24 -9.90
CA TYR A 1057 -53.42 -49.04 -9.82
C TYR A 1057 -52.25 -48.15 -10.24
N PHE A 1058 -51.56 -47.60 -9.25
CA PHE A 1058 -50.44 -46.73 -9.58
C PHE A 1058 -49.17 -47.55 -9.78
N PRO A 1059 -48.34 -47.18 -10.75
CA PRO A 1059 -47.10 -47.92 -10.98
C PRO A 1059 -46.12 -47.75 -9.81
N ARG A 1060 -45.50 -48.86 -9.41
CA ARG A 1060 -44.56 -48.81 -8.29
C ARG A 1060 -43.30 -48.05 -8.68
N GLU A 1061 -42.73 -48.34 -9.84
CA GLU A 1061 -41.60 -47.58 -10.38
C GLU A 1061 -41.75 -47.58 -11.90
N GLY A 1062 -41.38 -46.47 -12.53
CA GLY A 1062 -41.53 -46.31 -13.95
C GLY A 1062 -42.86 -45.67 -14.27
N VAL A 1063 -43.20 -45.65 -15.56
CA VAL A 1063 -44.41 -45.00 -16.05
C VAL A 1063 -45.18 -45.98 -16.92
N PHE A 1064 -46.48 -45.69 -17.07
CA PHE A 1064 -47.36 -46.45 -17.94
C PHE A 1064 -47.25 -45.91 -19.36
N VAL A 1065 -47.16 -46.81 -20.33
CA VAL A 1065 -46.90 -46.45 -21.72
C VAL A 1065 -47.85 -47.27 -22.58
N SER A 1066 -48.13 -46.76 -23.78
CA SER A 1066 -48.88 -47.50 -24.78
C SER A 1066 -48.01 -47.72 -26.01
N ASN A 1067 -48.09 -48.92 -26.60
CA ASN A 1067 -47.32 -49.13 -27.81
C ASN A 1067 -47.96 -48.41 -29.00
N GLY A 1068 -49.24 -48.09 -28.88
CA GLY A 1068 -50.11 -47.81 -30.01
C GLY A 1068 -51.37 -48.65 -29.99
N THR A 1069 -51.30 -49.88 -29.50
CA THR A 1069 -52.47 -50.73 -29.34
C THR A 1069 -52.56 -51.44 -28.00
N SER A 1070 -51.50 -51.46 -27.19
CA SER A 1070 -51.51 -52.17 -25.93
C SER A 1070 -50.63 -51.41 -24.94
N TRP A 1071 -50.84 -51.67 -23.65
CA TRP A 1071 -50.24 -50.87 -22.59
C TRP A 1071 -49.22 -51.70 -21.81
N PHE A 1072 -48.13 -51.02 -21.43
CA PHE A 1072 -47.02 -51.63 -20.72
C PHE A 1072 -46.58 -50.68 -19.60
N ILE A 1073 -45.60 -51.12 -18.82
CA ILE A 1073 -44.95 -50.31 -17.81
C ILE A 1073 -43.44 -50.36 -18.06
N THR A 1074 -42.79 -49.20 -18.01
CA THR A 1074 -41.36 -49.16 -18.30
C THR A 1074 -40.71 -47.98 -17.60
N GLN A 1075 -39.41 -48.10 -17.35
CA GLN A 1075 -38.68 -47.03 -16.69
C GLN A 1075 -38.47 -45.85 -17.63
N ARG A 1076 -38.24 -44.68 -17.03
CA ARG A 1076 -38.15 -43.45 -17.81
C ARG A 1076 -36.85 -43.31 -18.59
N ASN A 1077 -35.74 -43.82 -18.06
CA ASN A 1077 -34.44 -43.56 -18.68
C ASN A 1077 -34.08 -44.53 -19.79
N PHE A 1078 -34.85 -45.60 -19.98
CA PHE A 1078 -34.56 -46.56 -21.05
C PHE A 1078 -35.85 -47.27 -21.41
N TYR A 1079 -35.99 -47.62 -22.68
CA TYR A 1079 -37.21 -48.25 -23.17
C TYR A 1079 -37.07 -49.76 -23.08
N SER A 1080 -37.61 -50.33 -22.01
CA SER A 1080 -37.71 -51.79 -21.85
C SER A 1080 -39.15 -52.09 -21.46
N PRO A 1081 -40.02 -52.31 -22.45
CA PRO A 1081 -41.44 -52.55 -22.14
C PRO A 1081 -41.64 -53.86 -21.41
N GLN A 1082 -42.60 -53.86 -20.48
CA GLN A 1082 -42.87 -55.00 -19.63
C GLN A 1082 -44.36 -55.12 -19.41
N LEU A 1083 -44.82 -56.36 -19.27
CA LEU A 1083 -46.25 -56.62 -19.07
C LEU A 1083 -46.69 -56.15 -17.69
N ILE A 1084 -47.88 -55.55 -17.63
CA ILE A 1084 -48.39 -54.98 -16.39
C ILE A 1084 -48.94 -56.13 -15.53
N THR A 1085 -48.28 -56.39 -14.41
CA THR A 1085 -48.71 -57.39 -13.44
C THR A 1085 -49.01 -56.71 -12.12
N THR A 1086 -49.34 -57.53 -11.11
CA THR A 1086 -49.63 -56.97 -9.79
C THR A 1086 -48.36 -56.51 -9.07
N ASP A 1087 -47.23 -57.17 -9.34
CA ASP A 1087 -45.98 -56.81 -8.68
C ASP A 1087 -45.42 -55.48 -9.17
N ASN A 1088 -45.77 -55.05 -10.38
CA ASN A 1088 -45.28 -53.79 -10.90
C ASN A 1088 -46.06 -52.58 -10.39
N THR A 1089 -47.19 -52.81 -9.72
CA THR A 1089 -48.06 -51.71 -9.32
C THR A 1089 -48.56 -51.88 -7.89
N PHE A 1090 -49.31 -50.89 -7.41
CA PHE A 1090 -49.91 -50.96 -6.09
C PHE A 1090 -51.25 -50.22 -6.11
N VAL A 1091 -52.15 -50.65 -5.22
CA VAL A 1091 -53.53 -50.17 -5.20
C VAL A 1091 -53.68 -49.11 -4.13
N SER A 1092 -54.38 -48.03 -4.46
CA SER A 1092 -54.61 -46.94 -3.51
C SER A 1092 -55.93 -46.26 -3.87
N GLY A 1093 -56.97 -46.54 -3.11
CA GLY A 1093 -58.24 -45.85 -3.26
C GLY A 1093 -59.01 -46.24 -4.50
N ASN A 1094 -60.05 -45.46 -4.77
CA ASN A 1094 -60.90 -45.67 -5.93
C ASN A 1094 -60.31 -44.97 -7.14
N CYS A 1095 -61.04 -45.03 -8.26
CA CYS A 1095 -60.58 -44.47 -9.53
C CYS A 1095 -61.50 -43.35 -10.01
N ASP A 1096 -62.04 -42.56 -9.08
CA ASP A 1096 -62.89 -41.43 -9.42
C ASP A 1096 -62.35 -40.10 -8.91
N VAL A 1097 -61.19 -40.10 -8.24
CA VAL A 1097 -60.60 -38.88 -7.72
C VAL A 1097 -59.43 -38.42 -8.59
N VAL A 1098 -58.91 -39.29 -9.43
CA VAL A 1098 -57.79 -38.92 -10.30
C VAL A 1098 -58.30 -38.59 -11.70
N ILE A 1099 -57.74 -37.55 -12.28
CA ILE A 1099 -58.11 -37.10 -13.62
C ILE A 1099 -57.25 -37.81 -14.64
N GLY A 1100 -57.85 -38.13 -15.79
CA GLY A 1100 -57.14 -38.76 -16.88
C GLY A 1100 -56.86 -40.24 -16.72
N ILE A 1101 -57.57 -40.92 -15.81
CA ILE A 1101 -57.35 -42.36 -15.63
C ILE A 1101 -58.00 -43.11 -16.78
N ILE A 1102 -57.36 -44.20 -17.21
CA ILE A 1102 -57.86 -45.03 -18.29
C ILE A 1102 -58.28 -46.38 -17.72
N ASN A 1103 -58.79 -47.26 -18.58
CA ASN A 1103 -59.27 -48.58 -18.18
C ASN A 1103 -58.49 -49.65 -18.92
N ASN A 1104 -58.05 -50.67 -18.19
CA ASN A 1104 -57.29 -51.77 -18.76
C ASN A 1104 -57.45 -52.98 -17.85
N THR A 1105 -56.63 -54.00 -18.08
CA THR A 1105 -56.63 -55.21 -17.26
C THR A 1105 -55.27 -55.39 -16.61
N VAL A 1106 -55.27 -56.00 -15.42
CA VAL A 1106 -54.07 -56.25 -14.65
C VAL A 1106 -53.88 -57.76 -14.56
N TYR A 1107 -52.71 -58.24 -14.95
CA TYR A 1107 -52.41 -59.66 -14.89
C TYR A 1107 -52.24 -60.10 -13.43
N ASP A 1108 -52.81 -61.25 -13.10
CA ASP A 1108 -52.71 -61.83 -11.77
C ASP A 1108 -52.37 -63.31 -11.95
N PRO A 1109 -51.25 -63.78 -11.41
CA PRO A 1109 -50.92 -65.22 -11.55
C PRO A 1109 -51.93 -66.09 -10.79
N LEU A 1110 -52.31 -67.19 -11.44
CA LEU A 1110 -53.28 -68.12 -10.87
C LEU A 1110 -52.71 -69.53 -10.80
N MET B 30 53.39 -15.41 21.77
CA MET B 30 52.90 -15.22 20.41
C MET B 30 51.91 -16.31 20.02
N ALA B 31 51.56 -17.15 20.99
CA ALA B 31 50.60 -18.22 20.79
C ALA B 31 49.20 -17.66 20.61
N GLN B 32 48.38 -18.33 19.81
CA GLN B 32 47.02 -17.87 19.58
C GLN B 32 46.05 -18.58 20.52
N VAL B 33 45.22 -17.80 21.20
CA VAL B 33 44.24 -18.32 22.15
C VAL B 33 42.85 -17.89 21.69
N SER B 34 41.92 -18.85 21.63
CA SER B 34 40.56 -18.52 21.25
C SER B 34 39.87 -17.71 22.33
N SER B 35 39.10 -16.70 21.91
CA SER B 35 38.36 -15.83 22.82
C SER B 35 36.88 -15.96 22.50
N SER B 36 36.22 -16.88 23.18
CA SER B 36 34.81 -17.17 22.93
C SER B 36 33.94 -16.16 23.67
N ARG B 37 33.20 -15.36 22.90
CA ARG B 37 32.15 -14.47 23.41
C ARG B 37 32.70 -13.45 24.41
N ARG B 38 33.80 -12.80 24.04
CA ARG B 38 34.42 -11.76 24.87
C ARG B 38 34.53 -10.46 24.08
N GLY B 39 34.70 -9.37 24.81
CA GLY B 39 34.89 -8.07 24.19
C GLY B 39 33.64 -7.27 23.91
N VAL B 40 32.52 -7.59 24.58
CA VAL B 40 31.28 -6.84 24.37
C VAL B 40 31.32 -5.56 25.19
N TYR B 41 31.00 -4.44 24.55
CA TYR B 41 30.98 -3.14 25.20
C TYR B 41 29.75 -2.37 24.73
N TYR B 42 29.49 -1.23 25.38
CA TYR B 42 28.40 -0.34 24.99
C TYR B 42 28.93 0.61 23.92
N ASN B 43 28.55 0.36 22.67
CA ASN B 43 29.00 1.23 21.59
C ASN B 43 28.24 2.54 21.56
N ASP B 44 27.02 2.56 22.10
CA ASP B 44 26.19 3.76 22.11
C ASP B 44 25.86 4.15 23.55
N ASP B 45 25.72 5.46 23.76
CA ASP B 45 25.48 5.99 25.09
C ASP B 45 24.00 6.16 25.43
N ILE B 46 23.11 5.85 24.49
CA ILE B 46 21.68 6.02 24.75
C ILE B 46 21.18 4.90 25.65
N PHE B 47 20.04 5.14 26.28
CA PHE B 47 19.47 4.20 27.23
C PHE B 47 18.39 3.35 26.56
N ARG B 48 18.50 2.03 26.73
CA ARG B 48 17.53 1.08 26.20
C ARG B 48 17.16 0.11 27.32
N SER B 49 15.87 -0.26 27.38
CA SER B 49 15.37 -1.12 28.44
C SER B 49 14.48 -2.20 27.83
N ASP B 50 14.87 -3.46 28.02
CA ASP B 50 14.06 -4.64 27.67
C ASP B 50 13.73 -4.68 26.17
N VAL B 51 14.77 -4.58 25.34
CA VAL B 51 14.62 -4.59 23.89
C VAL B 51 15.60 -5.58 23.30
N LEU B 52 15.34 -5.94 22.05
CA LEU B 52 16.23 -6.78 21.25
C LEU B 52 16.77 -5.91 20.12
N HIS B 53 17.87 -5.21 20.39
CA HIS B 53 18.44 -4.27 19.45
C HIS B 53 19.66 -4.88 18.77
N LEU B 54 19.75 -4.69 17.45
CA LEU B 54 20.92 -5.11 16.68
C LEU B 54 21.48 -3.90 15.95
N THR B 55 22.80 -3.83 15.84
CA THR B 55 23.48 -2.67 15.28
C THR B 55 24.75 -3.10 14.56
N GLN B 56 25.23 -2.21 13.70
CA GLN B 56 26.47 -2.41 12.96
C GLN B 56 27.52 -1.47 13.52
N ASP B 57 28.55 -2.02 14.15
CA ASP B 57 29.64 -1.23 14.70
C ASP B 57 30.88 -2.10 14.82
N TYR B 58 31.98 -1.49 15.25
CA TYR B 58 33.24 -2.20 15.42
C TYR B 58 33.18 -3.04 16.69
N PHE B 59 33.38 -4.34 16.55
CA PHE B 59 33.33 -5.28 17.66
C PHE B 59 34.42 -6.32 17.51
N LEU B 60 34.72 -6.99 18.62
CA LEU B 60 35.63 -8.13 18.58
C LEU B 60 34.86 -9.36 18.12
N PRO B 61 35.29 -10.04 17.06
CA PRO B 61 34.56 -11.23 16.60
C PRO B 61 34.62 -12.37 17.60
N PHE B 62 33.54 -13.15 17.65
CA PHE B 62 33.46 -14.26 18.58
C PHE B 62 34.40 -15.38 18.15
N ASP B 63 35.00 -16.04 19.15
CA ASP B 63 35.92 -17.17 18.96
C ASP B 63 37.09 -16.81 18.06
N SER B 64 37.59 -15.59 18.21
CA SER B 64 38.75 -15.12 17.44
C SER B 64 40.04 -15.46 18.18
N ASN B 65 41.13 -15.51 17.43
CA ASN B 65 42.43 -15.85 17.99
C ASN B 65 43.15 -14.59 18.43
N LEU B 66 43.49 -14.53 19.72
CA LEU B 66 44.23 -13.42 20.30
C LEU B 66 45.68 -13.84 20.50
N THR B 67 46.60 -12.92 20.23
CA THR B 67 48.02 -13.18 20.46
C THR B 67 48.31 -13.10 21.96
N GLN B 68 49.14 -14.01 22.45
CA GLN B 68 49.50 -14.09 23.86
C GLN B 68 50.90 -13.52 24.06
N TYR B 69 51.01 -12.55 24.97
CA TYR B 69 52.28 -11.95 25.32
C TYR B 69 52.55 -12.17 26.80
N PHE B 70 53.81 -12.37 27.14
CA PHE B 70 54.22 -12.74 28.49
C PHE B 70 54.92 -11.57 29.16
N SER B 71 54.51 -11.26 30.38
CA SER B 71 55.14 -10.23 31.22
C SER B 71 55.01 -10.68 32.67
N LEU B 72 56.16 -11.03 33.26
CA LEU B 72 56.28 -11.59 34.63
C LEU B 72 55.52 -12.90 34.77
N SER B 76 63.63 -6.94 40.13
CA SER B 76 63.57 -7.19 38.69
C SER B 76 63.00 -8.58 38.41
N ASP B 77 61.69 -8.72 38.61
CA ASP B 77 61.03 -10.01 38.40
C ASP B 77 60.77 -10.24 36.91
N ARG B 78 61.83 -10.51 36.15
CA ARG B 78 61.73 -10.71 34.71
C ARG B 78 62.58 -11.91 34.30
N TYR B 79 61.97 -13.11 34.30
CA TYR B 79 62.75 -14.33 34.09
C TYR B 79 63.02 -14.60 32.62
N THR B 80 61.96 -14.82 31.83
CA THR B 80 62.14 -15.23 30.44
C THR B 80 61.83 -14.10 29.47
N TYR B 81 62.77 -13.15 29.34
CA TYR B 81 62.74 -12.00 28.42
C TYR B 81 61.37 -11.31 28.36
N PHE B 82 60.74 -11.10 29.52
CA PHE B 82 59.42 -10.48 29.56
C PHE B 82 59.49 -9.03 29.09
N ASP B 83 58.82 -8.74 27.98
CA ASP B 83 58.84 -7.41 27.40
C ASP B 83 57.56 -7.20 26.60
N ASN B 84 57.46 -6.02 25.99
CA ASN B 84 56.30 -5.66 25.20
C ASN B 84 56.70 -4.92 23.93
N PRO B 85 56.20 -5.35 22.79
CA PRO B 85 56.50 -4.63 21.54
C PRO B 85 55.48 -3.54 21.25
N ILE B 86 55.65 -2.86 20.12
CA ILE B 86 54.68 -1.87 19.66
C ILE B 86 53.62 -2.59 18.84
N LEU B 87 52.36 -2.46 19.26
CA LEU B 87 51.26 -3.17 18.64
C LEU B 87 50.53 -2.26 17.67
N ASP B 88 49.41 -2.74 17.13
CA ASP B 88 48.60 -2.01 16.16
C ASP B 88 47.26 -1.66 16.79
N PHE B 89 46.94 -0.37 16.81
CA PHE B 89 45.65 0.07 17.32
C PHE B 89 44.52 -0.30 16.37
N GLY B 90 44.70 -0.02 15.08
CA GLY B 90 43.65 -0.27 14.12
C GLY B 90 42.50 0.70 14.32
N ASP B 91 41.28 0.17 14.29
CA ASP B 91 40.07 0.95 14.54
C ASP B 91 39.44 0.61 15.88
N GLY B 92 40.19 0.01 16.80
CA GLY B 92 39.67 -0.42 18.07
C GLY B 92 40.46 -1.59 18.62
N VAL B 93 40.67 -1.64 19.92
CA VAL B 93 41.51 -2.64 20.55
C VAL B 93 40.82 -3.19 21.78
N TYR B 94 40.84 -4.51 21.95
CA TYR B 94 40.40 -5.17 23.16
C TYR B 94 41.62 -5.65 23.92
N PHE B 95 41.77 -5.19 25.16
CA PHE B 95 42.94 -5.50 25.98
C PHE B 95 42.48 -6.25 27.23
N ALA B 96 42.88 -7.52 27.32
CA ALA B 96 42.60 -8.35 28.49
C ALA B 96 43.92 -8.80 29.09
N ALA B 97 44.11 -8.53 30.39
CA ALA B 97 45.36 -8.85 31.08
C ALA B 97 45.07 -9.67 32.33
N THR B 98 45.81 -10.77 32.48
CA THR B 98 45.74 -11.59 33.69
C THR B 98 46.93 -11.22 34.57
N GLU B 99 46.65 -10.79 35.80
CA GLU B 99 47.70 -10.37 36.71
C GLU B 99 47.45 -10.97 38.08
N LYS B 100 48.54 -11.11 38.85
CA LYS B 100 48.48 -11.59 40.21
C LYS B 100 49.18 -10.69 41.21
N SER B 101 50.19 -9.93 40.78
CA SER B 101 50.91 -9.02 41.66
C SER B 101 50.78 -7.57 41.22
N ASN B 102 49.81 -7.26 40.36
CA ASN B 102 49.52 -5.91 39.86
C ASN B 102 50.74 -5.30 39.16
N VAL B 103 51.13 -5.93 38.06
CA VAL B 103 52.32 -5.49 37.33
C VAL B 103 51.98 -4.57 36.16
N ILE B 104 50.81 -4.73 35.54
CA ILE B 104 50.41 -3.90 34.42
C ILE B 104 49.93 -2.55 34.97
N ARG B 105 50.55 -1.47 34.51
CA ARG B 105 50.31 -0.15 35.09
C ARG B 105 49.74 0.87 34.11
N GLY B 106 49.67 0.57 32.83
CA GLY B 106 49.08 1.51 31.90
C GLY B 106 49.54 1.27 30.49
N TRP B 107 49.18 2.21 29.62
CA TRP B 107 49.49 2.14 28.20
C TRP B 107 49.97 3.50 27.71
N ILE B 108 50.71 3.48 26.62
CA ILE B 108 51.14 4.69 25.93
C ILE B 108 50.60 4.65 24.50
N PHE B 109 49.78 5.65 24.16
CA PHE B 109 49.14 5.72 22.86
C PHE B 109 49.91 6.71 21.98
N GLY B 110 50.03 6.40 20.71
CA GLY B 110 50.74 7.27 19.80
C GLY B 110 50.54 6.89 18.36
N SER B 111 51.29 7.56 17.49
CA SER B 111 51.31 7.28 16.06
C SER B 111 52.68 6.90 15.54
N SER B 112 53.73 7.62 15.96
CA SER B 112 55.09 7.28 15.59
C SER B 112 56.01 7.10 16.79
N PHE B 113 55.51 7.35 18.00
CA PHE B 113 56.25 7.18 19.27
C PHE B 113 57.53 8.01 19.30
N ASP B 114 57.50 9.19 18.71
CA ASP B 114 58.55 10.19 18.82
C ASP B 114 57.95 11.45 19.45
N ASN B 115 58.78 12.46 19.66
CA ASN B 115 58.27 13.73 20.16
C ASN B 115 57.82 14.66 19.03
N THR B 116 57.96 14.25 17.78
CA THR B 116 57.38 14.98 16.67
C THR B 116 55.88 14.78 16.56
N THR B 117 55.32 13.78 17.24
CA THR B 117 53.90 13.53 17.26
C THR B 117 53.43 13.40 18.70
N GLN B 118 52.15 13.72 18.91
CA GLN B 118 51.59 13.71 20.26
C GLN B 118 51.41 12.28 20.77
N SER B 119 51.62 12.11 22.07
CA SER B 119 51.47 10.81 22.72
C SER B 119 50.63 10.96 23.97
N ALA B 120 50.03 9.87 24.42
CA ALA B 120 49.13 9.88 25.56
C ALA B 120 49.52 8.81 26.57
N VAL B 121 49.60 9.21 27.83
CA VAL B 121 50.08 8.26 28.86
C VAL B 121 48.96 8.10 29.88
N ILE B 122 48.27 6.97 29.86
CA ILE B 122 47.24 6.70 30.91
C ILE B 122 47.88 5.75 31.94
N VAL B 123 48.67 6.28 32.87
CA VAL B 123 49.25 5.44 33.94
C VAL B 123 48.48 5.70 35.23
N ASN B 124 48.04 4.65 35.92
CA ASN B 124 47.21 4.77 37.11
C ASN B 124 47.99 4.33 38.35
N ASN B 125 47.47 4.70 39.52
CA ASN B 125 48.09 4.36 40.80
C ASN B 125 47.08 3.91 41.84
N SER B 126 45.79 3.86 41.51
CA SER B 126 44.62 3.62 42.36
C SER B 126 44.36 4.76 43.34
N THR B 127 45.22 5.77 43.41
CA THR B 127 44.97 6.98 44.18
C THR B 127 45.32 8.26 43.44
N HIS B 128 46.15 8.22 42.40
CA HIS B 128 46.48 9.38 41.56
C HIS B 128 46.71 8.85 40.14
N ILE B 129 45.66 8.87 39.34
CA ILE B 129 45.76 8.44 37.95
C ILE B 129 46.25 9.61 37.11
N ILE B 130 47.07 9.31 36.11
CA ILE B 130 47.71 10.32 35.28
C ILE B 130 47.26 10.13 33.84
N ILE B 131 46.58 11.13 33.30
CA ILE B 131 46.16 11.13 31.89
C ILE B 131 46.79 12.37 31.27
N ARG B 132 47.86 12.20 30.51
CA ARG B 132 48.59 13.31 29.92
C ARG B 132 48.78 13.06 28.42
N VAL B 133 48.40 14.03 27.60
CA VAL B 133 48.57 13.98 26.16
C VAL B 133 49.55 15.08 25.79
N CYS B 134 50.82 14.71 25.62
CA CYS B 134 51.87 15.68 25.34
C CYS B 134 52.85 15.11 24.33
N ASN B 135 53.75 15.96 23.85
CA ASN B 135 54.87 15.56 23.00
C ASN B 135 55.94 14.95 23.88
N PHE B 136 55.74 13.69 24.24
CA PHE B 136 56.62 13.01 25.19
C PHE B 136 57.91 12.58 24.52
N ASN B 137 58.98 12.57 25.32
CA ASN B 137 60.26 11.98 24.92
C ASN B 137 60.25 10.53 25.40
N LEU B 138 59.86 9.62 24.52
CA LEU B 138 59.63 8.24 24.92
C LEU B 138 60.95 7.51 25.20
N CYS B 139 60.95 6.69 26.24
CA CYS B 139 62.04 5.77 26.50
C CYS B 139 61.81 4.46 25.75
N LYS B 140 62.87 3.67 25.63
CA LYS B 140 62.78 2.42 24.89
C LYS B 140 61.97 1.37 25.64
N GLU B 141 62.05 1.36 26.97
CA GLU B 141 61.31 0.42 27.80
C GLU B 141 60.51 1.21 28.83
N PRO B 142 59.18 1.25 28.70
CA PRO B 142 58.36 2.01 29.64
C PRO B 142 58.16 1.25 30.94
N MET B 143 58.72 1.78 32.02
CA MET B 143 58.61 1.22 33.36
C MET B 143 57.99 2.25 34.28
N TYR B 144 57.28 1.80 35.30
CA TYR B 144 56.64 2.69 36.25
C TYR B 144 56.94 2.23 37.67
N THR B 145 57.01 3.19 38.59
CA THR B 145 57.29 2.90 39.99
C THR B 145 56.05 3.08 40.85
N ASN B 153 57.57 9.23 39.04
CA ASN B 153 56.45 9.20 38.11
C ASN B 153 56.90 9.57 36.69
N SER B 154 57.97 10.33 36.60
CA SER B 154 58.50 10.79 35.32
C SER B 154 59.57 9.84 34.77
N TRP B 155 59.24 8.56 34.69
CA TRP B 155 60.13 7.57 34.10
C TRP B 155 59.66 7.07 32.74
N VAL B 156 58.35 7.05 32.49
CA VAL B 156 57.85 6.67 31.18
C VAL B 156 58.19 7.72 30.14
N TYR B 157 58.31 8.98 30.55
CA TYR B 157 58.87 10.04 29.73
C TYR B 157 60.12 10.58 30.40
N GLN B 158 61.09 11.01 29.57
CA GLN B 158 62.07 12.04 29.98
C GLN B 158 61.39 13.38 30.22
N SER B 159 60.77 13.95 29.19
CA SER B 159 60.22 15.29 29.29
C SER B 159 58.98 15.41 28.43
N ALA B 160 58.17 16.42 28.74
CA ALA B 160 56.97 16.74 27.99
C ALA B 160 56.89 18.25 27.77
N PHE B 161 56.31 18.64 26.64
CA PHE B 161 56.20 20.06 26.31
C PHE B 161 55.08 20.26 25.30
N ASN B 162 54.56 21.49 25.27
CA ASN B 162 53.60 21.97 24.28
C ASN B 162 52.33 21.11 24.25
N CYS B 163 51.61 21.16 25.37
CA CYS B 163 50.37 20.41 25.47
C CYS B 163 49.38 21.17 26.36
N THR B 164 48.10 20.82 26.19
CA THR B 164 47.02 21.51 26.86
C THR B 164 46.14 20.62 27.73
N TYR B 165 46.24 19.30 27.62
CA TYR B 165 45.35 18.40 28.34
C TYR B 165 46.09 17.73 29.49
N ASP B 166 45.49 17.79 30.68
CA ASP B 166 46.03 17.14 31.87
C ASP B 166 44.89 16.96 32.86
N ARG B 167 44.76 15.74 33.40
CA ARG B 167 43.64 15.44 34.26
C ARG B 167 44.04 14.36 35.27
N VAL B 168 43.60 14.54 36.51
CA VAL B 168 43.70 13.51 37.55
C VAL B 168 42.28 13.31 38.07
N GLU B 169 41.59 12.29 37.54
CA GLU B 169 40.18 12.11 37.87
C GLU B 169 40.01 11.55 39.27
N LYS B 170 40.84 10.59 39.67
CA LYS B 170 40.71 9.97 40.97
C LYS B 170 42.06 9.71 41.62
N LYS B 184 45.50 -13.69 39.56
CA LYS B 184 44.33 -13.80 40.42
C LYS B 184 43.28 -12.77 40.03
N ASP B 185 43.68 -11.81 39.20
CA ASP B 185 42.80 -10.74 38.75
C ASP B 185 42.74 -10.73 37.23
N LEU B 186 41.55 -10.50 36.68
CA LEU B 186 41.32 -10.46 35.25
C LEU B 186 40.63 -9.14 34.92
N ARG B 187 41.36 -8.24 34.25
CA ARG B 187 40.82 -6.95 33.84
C ARG B 187 40.79 -6.88 32.32
N GLU B 188 39.67 -6.41 31.77
CA GLU B 188 39.48 -6.27 30.33
C GLU B 188 39.25 -4.80 30.01
N TYR B 189 39.87 -4.33 28.92
CA TYR B 189 39.83 -2.94 28.52
C TYR B 189 39.49 -2.82 27.04
N VAL B 190 38.73 -1.79 26.70
CA VAL B 190 38.41 -1.47 25.31
C VAL B 190 38.63 0.03 25.10
N PHE B 191 39.48 0.38 24.14
CA PHE B 191 39.74 1.76 23.78
C PHE B 191 39.32 2.01 22.34
N LYS B 192 38.55 3.07 22.10
CA LYS B 192 38.22 3.44 20.74
C LYS B 192 38.32 4.96 20.57
N ASN B 193 38.96 5.39 19.49
CA ASN B 193 39.17 6.81 19.20
C ASN B 193 38.27 7.19 18.03
N ARG B 194 37.16 7.84 18.34
CA ARG B 194 36.19 8.28 17.35
C ARG B 194 35.89 9.77 17.54
N ASP B 195 35.97 10.53 16.44
CA ASP B 195 35.59 11.95 16.39
C ASP B 195 36.33 12.79 17.42
N GLY B 196 37.62 12.49 17.61
CA GLY B 196 38.42 13.22 18.58
C GLY B 196 38.14 12.86 20.02
N PHE B 197 37.41 11.78 20.28
CA PHE B 197 37.11 11.34 21.64
C PHE B 197 37.61 9.92 21.82
N LEU B 198 38.34 9.68 22.91
CA LEU B 198 38.84 8.34 23.22
C LEU B 198 37.96 7.74 24.30
N SER B 199 37.01 6.91 23.86
CA SER B 199 36.15 6.19 24.79
C SER B 199 36.90 5.00 25.37
N VAL B 200 36.86 4.88 26.69
CA VAL B 200 37.56 3.83 27.43
C VAL B 200 36.54 3.09 28.29
N TYR B 201 36.46 1.77 28.06
CA TYR B 201 35.57 0.86 28.76
C TYR B 201 36.41 -0.15 29.53
N GLN B 202 35.96 -0.51 30.72
CA GLN B 202 36.70 -1.40 31.61
C GLN B 202 35.75 -2.39 32.26
N THR B 203 36.24 -3.61 32.50
CA THR B 203 35.57 -4.54 33.40
C THR B 203 36.63 -5.34 34.16
N TYR B 204 36.22 -5.89 35.30
CA TYR B 204 37.14 -6.59 36.18
C TYR B 204 36.42 -7.76 36.84
N THR B 205 37.12 -8.90 36.94
CA THR B 205 36.60 -10.07 37.61
C THR B 205 37.76 -10.80 38.28
N ALA B 206 37.42 -11.61 39.28
CA ALA B 206 38.40 -12.39 40.03
C ALA B 206 38.31 -13.84 39.61
N VAL B 207 39.38 -14.35 39.00
CA VAL B 207 39.43 -15.73 38.52
C VAL B 207 40.77 -16.32 38.94
N ASN B 208 40.85 -17.65 39.00
CA ASN B 208 41.94 -18.34 39.69
C ASN B 208 42.74 -19.28 38.79
N LEU B 209 42.45 -19.34 37.49
CA LEU B 209 43.17 -20.30 36.64
C LEU B 209 44.59 -19.79 36.38
N PRO B 210 45.60 -20.66 36.39
CA PRO B 210 46.98 -20.16 36.32
C PRO B 210 47.43 -19.72 34.93
N ARG B 211 47.13 -20.49 33.88
CA ARG B 211 47.82 -20.33 32.60
C ARG B 211 46.84 -20.32 31.44
N GLY B 212 45.77 -19.55 31.56
CA GLY B 212 44.82 -19.49 30.45
C GLY B 212 43.82 -18.37 30.63
N LEU B 213 43.06 -18.15 29.57
CA LEU B 213 41.96 -17.20 29.56
C LEU B 213 40.63 -17.94 29.68
N PRO B 214 39.71 -17.47 30.53
CA PRO B 214 38.43 -18.17 30.68
C PRO B 214 37.58 -18.08 29.42
N GLN B 215 36.69 -19.05 29.28
CA GLN B 215 35.82 -19.17 28.11
C GLN B 215 34.42 -18.65 28.41
N GLY B 216 34.32 -17.70 29.33
CA GLY B 216 33.05 -17.11 29.71
C GLY B 216 32.62 -15.99 28.79
N PHE B 217 31.63 -15.23 29.24
CA PHE B 217 31.07 -14.12 28.50
C PHE B 217 31.06 -12.89 29.40
N SER B 218 31.57 -11.78 28.88
CA SER B 218 31.74 -10.57 29.67
C SER B 218 31.28 -9.35 28.90
N VAL B 219 30.84 -8.32 29.63
CA VAL B 219 30.43 -7.05 29.08
C VAL B 219 31.24 -5.95 29.75
N LEU B 220 31.41 -4.83 29.06
CA LEU B 220 32.19 -3.71 29.57
C LEU B 220 31.33 -2.45 29.61
N ARG B 221 31.23 -1.86 30.80
CA ARG B 221 30.58 -0.57 31.04
C ARG B 221 31.57 0.58 30.89
N PRO B 222 31.11 1.73 30.39
CA PRO B 222 32.05 2.83 30.10
C PRO B 222 32.46 3.59 31.35
N ILE B 223 33.71 4.04 31.37
CA ILE B 223 34.17 4.97 32.40
C ILE B 223 34.77 6.26 31.84
N LEU B 224 35.30 6.27 30.61
CA LEU B 224 35.99 7.49 30.18
C LEU B 224 35.56 7.91 28.79
N LYS B 225 35.38 9.22 28.63
CA LYS B 225 35.15 9.86 27.33
C LYS B 225 36.01 11.14 27.33
N LEU B 226 37.19 11.05 26.74
CA LEU B 226 38.18 12.12 26.85
C LEU B 226 38.43 12.77 25.51
N PRO B 227 38.39 14.10 25.41
CA PRO B 227 38.70 14.81 24.15
C PRO B 227 40.19 14.98 23.89
N PHE B 228 40.82 13.92 23.35
CA PHE B 228 42.25 13.98 23.09
C PHE B 228 42.55 14.79 21.83
N GLY B 229 41.88 14.48 20.74
CA GLY B 229 42.05 15.24 19.51
C GLY B 229 43.27 14.86 18.69
N ILE B 230 43.98 13.80 19.05
CA ILE B 230 45.17 13.37 18.33
C ILE B 230 44.85 12.07 17.60
N ASN B 231 45.78 11.66 16.74
CA ASN B 231 45.62 10.44 15.95
C ASN B 231 46.47 9.32 16.55
N ILE B 232 45.86 8.17 16.78
CA ILE B 232 46.50 7.02 17.41
C ILE B 232 46.44 5.88 16.40
N THR B 233 47.59 5.28 16.12
CA THR B 233 47.66 4.10 15.27
C THR B 233 48.47 2.96 15.87
N SER B 234 49.15 3.19 17.00
CA SER B 234 49.96 2.18 17.64
C SER B 234 50.03 2.47 19.13
N TYR B 235 50.38 1.46 19.92
CA TYR B 235 50.44 1.64 21.36
C TYR B 235 51.45 0.67 21.96
N ARG B 236 51.68 0.83 23.26
CA ARG B 236 52.49 -0.08 24.06
C ARG B 236 51.81 -0.30 25.40
N VAL B 237 52.49 -1.01 26.29
CA VAL B 237 51.99 -1.34 27.62
C VAL B 237 53.03 -0.90 28.64
N VAL B 238 52.58 -0.28 29.73
CA VAL B 238 53.46 0.14 30.82
C VAL B 238 53.38 -0.91 31.93
N MET B 239 54.52 -1.47 32.29
CA MET B 239 54.60 -2.49 33.32
C MET B 239 55.43 -1.98 34.50
N ALA B 240 55.16 -2.56 35.67
CA ALA B 240 55.75 -2.10 36.92
C ALA B 240 57.10 -2.77 37.18
N MET B 241 57.69 -2.44 38.32
CA MET B 241 58.97 -2.97 38.75
C MET B 241 58.84 -3.58 40.13
N PHE B 242 59.69 -4.57 40.42
CA PHE B 242 59.78 -5.16 41.75
C PHE B 242 61.23 -5.18 42.20
N SER B 243 61.48 -4.61 43.37
CA SER B 243 62.83 -4.52 43.91
C SER B 243 63.15 -5.69 44.83
N SER B 253 52.13 -16.28 37.60
CA SER B 253 52.36 -15.93 36.21
C SER B 253 51.34 -14.91 35.71
N ALA B 254 51.84 -13.87 35.06
CA ALA B 254 50.99 -12.80 34.51
C ALA B 254 51.19 -12.72 33.01
N ALA B 255 50.11 -12.43 32.29
CA ALA B 255 50.14 -12.29 30.85
C ALA B 255 48.95 -11.44 30.40
N TYR B 256 49.05 -10.92 29.18
CA TYR B 256 47.97 -10.15 28.58
C TYR B 256 47.74 -10.61 27.15
N TYR B 257 46.51 -10.42 26.68
CA TYR B 257 46.10 -10.84 25.35
C TYR B 257 45.49 -9.66 24.61
N VAL B 258 45.65 -9.66 23.29
CA VAL B 258 45.32 -8.51 22.45
C VAL B 258 44.44 -8.96 21.31
N GLY B 259 43.31 -8.26 21.11
CA GLY B 259 42.48 -8.49 19.95
C GLY B 259 42.04 -7.16 19.35
N ASN B 260 41.92 -7.16 18.03
CA ASN B 260 41.52 -5.97 17.29
C ASN B 260 40.05 -6.07 16.89
N LEU B 261 39.37 -4.93 16.95
CA LEU B 261 37.96 -4.87 16.60
C LEU B 261 37.79 -4.86 15.08
N LYS B 262 36.77 -5.56 14.62
CA LYS B 262 36.42 -5.61 13.20
C LYS B 262 34.98 -5.13 13.03
N TYR B 263 34.68 -4.59 11.86
CA TYR B 263 33.34 -4.08 11.59
C TYR B 263 32.42 -5.26 11.29
N SER B 264 31.53 -5.57 12.23
CA SER B 264 30.57 -6.66 12.08
C SER B 264 29.22 -6.19 12.60
N THR B 265 28.26 -7.11 12.58
CA THR B 265 26.91 -6.85 13.07
C THR B 265 26.64 -7.71 14.29
N PHE B 266 26.24 -7.08 15.38
CA PHE B 266 25.92 -7.77 16.63
C PHE B 266 24.45 -7.56 16.97
N MET B 267 23.93 -8.45 17.81
CA MET B 267 22.57 -8.31 18.34
C MET B 267 22.63 -8.53 19.85
N LEU B 268 22.06 -7.60 20.60
CA LEU B 268 22.19 -7.59 22.06
C LEU B 268 20.82 -7.69 22.73
N SER B 269 20.81 -8.28 23.92
CA SER B 269 19.62 -8.36 24.75
C SER B 269 19.85 -7.59 26.04
N PHE B 270 18.89 -6.73 26.40
CA PHE B 270 19.00 -5.88 27.57
C PHE B 270 18.07 -6.37 28.67
N ASN B 271 18.59 -6.44 29.89
CA ASN B 271 17.83 -6.93 31.04
C ASN B 271 17.10 -5.80 31.77
N GLU B 272 16.34 -5.00 31.01
CA GLU B 272 15.44 -3.93 31.46
C GLU B 272 16.05 -2.94 32.45
N ASN B 273 17.37 -2.94 32.60
CA ASN B 273 18.08 -2.06 33.53
C ASN B 273 19.28 -1.38 32.86
N GLY B 274 19.43 -1.51 31.55
CA GLY B 274 20.63 -1.07 30.88
C GLY B 274 21.77 -2.07 30.91
N THR B 275 21.54 -3.27 31.43
CA THR B 275 22.56 -4.31 31.50
C THR B 275 22.33 -5.33 30.39
N ILE B 276 23.41 -5.69 29.71
CA ILE B 276 23.33 -6.61 28.58
C ILE B 276 23.20 -8.04 29.11
N THR B 277 22.17 -8.75 28.65
CA THR B 277 22.00 -10.14 29.04
C THR B 277 22.88 -11.05 28.18
N ASP B 278 22.75 -10.95 26.86
CA ASP B 278 23.50 -11.82 25.96
C ASP B 278 23.73 -11.09 24.65
N ALA B 279 24.75 -11.57 23.91
CA ALA B 279 25.14 -10.98 22.65
C ALA B 279 25.33 -12.08 21.61
N ILE B 280 25.02 -11.75 20.36
CA ILE B 280 25.12 -12.69 19.25
C ILE B 280 25.86 -12.01 18.11
N ASP B 281 26.93 -12.65 17.64
CA ASP B 281 27.66 -12.22 16.45
C ASP B 281 27.05 -12.93 15.25
N CYS B 282 26.45 -12.16 14.34
CA CYS B 282 25.67 -12.73 13.25
C CYS B 282 26.53 -13.41 12.18
N SER B 283 27.84 -13.21 12.19
CA SER B 283 28.72 -13.79 11.19
C SER B 283 29.46 -15.02 11.69
N GLN B 284 29.09 -15.56 12.84
CA GLN B 284 29.84 -16.67 13.42
C GLN B 284 29.47 -18.00 12.77
N ASN B 285 28.23 -18.44 12.92
CA ASN B 285 27.75 -19.71 12.41
C ASN B 285 26.35 -19.50 11.87
N PRO B 286 25.85 -20.45 11.05
CA PRO B 286 24.48 -20.30 10.53
C PRO B 286 23.40 -20.19 11.58
N LEU B 287 23.60 -20.76 12.78
CA LEU B 287 22.62 -20.61 13.85
C LEU B 287 22.50 -19.15 14.29
N ALA B 288 23.63 -18.46 14.46
CA ALA B 288 23.57 -17.05 14.85
C ALA B 288 23.04 -16.18 13.72
N GLU B 289 23.33 -16.54 12.48
CA GLU B 289 22.75 -15.81 11.34
C GLU B 289 21.23 -15.98 11.29
N LEU B 290 20.74 -17.18 11.58
CA LEU B 290 19.31 -17.40 11.67
C LEU B 290 18.69 -16.60 12.82
N LYS B 291 19.38 -16.57 13.97
CA LYS B 291 18.89 -15.82 15.12
C LYS B 291 18.83 -14.32 14.83
N CYS B 292 19.83 -13.80 14.13
CA CYS B 292 19.81 -12.39 13.73
C CYS B 292 18.75 -12.13 12.66
N THR B 293 18.50 -13.10 11.78
CA THR B 293 17.49 -12.92 10.74
C THR B 293 16.09 -12.86 11.34
N ILE B 294 15.77 -13.78 12.25
CA ILE B 294 14.43 -13.78 12.84
C ILE B 294 14.31 -12.85 14.04
N LYS B 295 15.42 -12.22 14.46
CA LYS B 295 15.44 -11.25 15.57
C LYS B 295 14.93 -11.86 16.87
N ASN B 296 15.45 -13.03 17.21
CA ASN B 296 15.06 -13.71 18.44
C ASN B 296 16.20 -14.60 18.91
N PHE B 297 16.18 -14.93 20.19
CA PHE B 297 17.18 -15.79 20.80
C PHE B 297 16.76 -17.24 20.88
N ASN B 298 15.45 -17.51 20.84
CA ASN B 298 14.93 -18.87 20.87
C ASN B 298 14.28 -19.19 19.53
N VAL B 299 14.70 -20.30 18.93
CA VAL B 299 14.28 -20.66 17.58
C VAL B 299 13.49 -21.96 17.64
N ASN B 300 12.33 -21.96 16.99
CA ASN B 300 11.50 -23.15 16.91
C ASN B 300 12.02 -24.07 15.80
N LYS B 301 11.65 -25.35 15.88
CA LYS B 301 12.09 -26.34 14.92
C LYS B 301 11.48 -26.09 13.55
N GLY B 302 12.31 -26.09 12.51
CA GLY B 302 11.83 -25.93 11.16
C GLY B 302 12.93 -25.52 10.20
N ILE B 303 12.49 -25.00 9.07
CA ILE B 303 13.36 -24.50 8.01
C ILE B 303 13.05 -23.03 7.77
N TYR B 304 14.10 -22.22 7.64
CA TYR B 304 13.95 -20.78 7.41
C TYR B 304 15.01 -20.31 6.43
N GLN B 305 14.62 -19.41 5.53
CA GLN B 305 15.59 -18.75 4.66
C GLN B 305 16.36 -17.69 5.44
N THR B 306 17.64 -17.53 5.10
CA THR B 306 18.49 -16.57 5.80
C THR B 306 18.99 -15.50 4.83
N SER B 307 19.17 -14.29 5.36
CA SER B 307 19.78 -13.20 4.61
C SER B 307 21.30 -13.32 4.67
N ASN B 308 21.98 -12.34 4.09
CA ASN B 308 23.43 -12.37 4.00
C ASN B 308 24.04 -11.62 5.18
N PHE B 309 24.82 -12.32 5.99
CA PHE B 309 25.61 -11.72 7.07
C PHE B 309 27.01 -12.32 7.14
N ARG B 310 27.42 -13.08 6.13
CA ARG B 310 28.61 -13.92 6.21
C ARG B 310 29.83 -13.29 5.54
N VAL B 311 29.67 -12.77 4.33
CA VAL B 311 30.79 -12.30 3.53
C VAL B 311 30.83 -10.77 3.56
N SER B 312 32.05 -10.23 3.64
CA SER B 312 32.27 -8.79 3.66
C SER B 312 33.63 -8.48 3.03
N PRO B 313 33.70 -7.45 2.19
CA PRO B 313 34.99 -7.09 1.58
C PRO B 313 35.94 -6.48 2.60
N THR B 314 37.24 -6.63 2.33
CA THR B 314 38.27 -6.15 3.24
C THR B 314 39.40 -5.40 2.53
N GLN B 315 39.37 -5.30 1.20
CA GLN B 315 40.45 -4.69 0.46
C GLN B 315 39.90 -3.83 -0.67
N GLU B 316 40.76 -2.95 -1.20
CA GLU B 316 40.38 -1.89 -2.13
C GLU B 316 41.10 -2.07 -3.45
N VAL B 317 40.39 -1.85 -4.55
CA VAL B 317 40.96 -1.87 -5.90
C VAL B 317 40.55 -0.56 -6.55
N VAL B 318 41.53 0.26 -6.93
CA VAL B 318 41.28 1.51 -7.64
C VAL B 318 42.03 1.48 -8.97
N ARG B 319 41.35 1.85 -10.05
CA ARG B 319 41.93 1.84 -11.39
C ARG B 319 41.54 3.13 -12.10
N PHE B 320 42.51 4.00 -12.33
CA PHE B 320 42.32 5.24 -13.06
C PHE B 320 43.17 5.25 -14.33
N PRO B 321 42.76 5.99 -15.36
CA PRO B 321 43.62 6.16 -16.53
C PRO B 321 44.89 6.91 -16.18
N ASN B 322 45.97 6.51 -16.84
CA ASN B 322 47.32 7.01 -16.53
C ASN B 322 47.66 8.24 -17.37
N ILE B 323 46.91 9.30 -17.11
CA ILE B 323 47.15 10.62 -17.68
C ILE B 323 47.97 11.42 -16.67
N THR B 324 49.11 11.94 -17.11
CA THR B 324 50.04 12.62 -16.21
C THR B 324 50.17 14.11 -16.47
N ASN B 325 49.61 14.62 -17.56
CA ASN B 325 49.74 16.04 -17.87
C ASN B 325 48.85 16.87 -16.96
N ARG B 326 49.35 18.04 -16.59
CA ARG B 326 48.69 18.94 -15.66
C ARG B 326 48.15 20.15 -16.39
N CYS B 327 46.83 20.22 -16.52
CA CYS B 327 46.22 21.34 -17.25
C CYS B 327 46.28 22.62 -16.42
N PRO B 328 46.47 23.78 -17.06
CA PRO B 328 46.74 25.00 -16.29
C PRO B 328 45.51 25.60 -15.62
N PHE B 329 45.42 25.45 -14.30
CA PHE B 329 44.53 26.30 -13.52
C PHE B 329 45.14 27.66 -13.22
N ASP B 330 46.44 27.83 -13.46
CA ASP B 330 47.12 29.10 -13.26
C ASP B 330 47.04 30.00 -14.48
N LYS B 331 46.50 29.52 -15.59
CA LYS B 331 46.33 30.33 -16.79
C LYS B 331 44.88 30.64 -17.09
N VAL B 332 43.94 29.78 -16.70
CA VAL B 332 42.53 30.07 -16.89
C VAL B 332 42.03 30.98 -15.77
N PHE B 333 42.30 30.60 -14.53
CA PHE B 333 41.88 31.42 -13.39
C PHE B 333 42.67 32.73 -13.33
N ASN B 334 43.98 32.63 -13.37
CA ASN B 334 44.85 33.80 -13.27
C ASN B 334 45.33 34.24 -14.65
N ALA B 335 44.37 34.65 -15.48
CA ALA B 335 44.70 35.16 -16.79
C ALA B 335 45.14 36.62 -16.71
N THR B 336 45.38 37.22 -17.88
CA THR B 336 45.81 38.61 -17.90
C THR B 336 44.65 39.55 -17.63
N ARG B 337 43.60 39.48 -18.44
CA ARG B 337 42.46 40.38 -18.29
C ARG B 337 41.20 39.64 -18.71
N PHE B 338 40.27 39.47 -17.79
CA PHE B 338 39.00 38.84 -18.12
C PHE B 338 38.12 39.79 -18.95
N PRO B 339 37.31 39.25 -19.85
CA PRO B 339 36.48 40.11 -20.71
C PRO B 339 35.26 40.64 -19.97
N ASN B 340 34.42 41.33 -20.73
CA ASN B 340 33.17 41.85 -20.22
C ASN B 340 32.19 40.71 -19.93
N VAL B 341 31.16 41.03 -19.13
CA VAL B 341 30.15 40.03 -18.82
C VAL B 341 29.27 39.72 -20.04
N TYR B 342 29.05 40.69 -20.93
CA TYR B 342 28.26 40.43 -22.12
C TYR B 342 29.08 39.80 -23.24
N ALA B 343 30.38 39.66 -23.06
CA ALA B 343 31.27 38.99 -23.99
C ALA B 343 32.05 37.90 -23.28
N TRP B 344 31.35 37.10 -22.49
CA TRP B 344 31.98 36.03 -21.73
C TRP B 344 32.50 34.94 -22.66
N GLU B 345 33.66 34.38 -22.32
CA GLU B 345 34.32 33.42 -23.17
C GLU B 345 34.26 32.02 -22.56
N ARG B 346 34.37 31.02 -23.44
CA ARG B 346 34.23 29.61 -23.08
C ARG B 346 35.45 28.86 -23.57
N THR B 347 36.04 28.04 -22.71
CA THR B 347 37.25 27.29 -23.02
C THR B 347 37.06 25.82 -22.65
N LYS B 348 37.40 24.94 -23.58
CA LYS B 348 37.32 23.49 -23.37
C LYS B 348 38.58 23.01 -22.65
N ILE B 349 38.40 22.16 -21.65
CA ILE B 349 39.51 21.57 -20.91
C ILE B 349 39.48 20.07 -21.13
N SER B 350 40.62 19.49 -21.51
CA SER B 350 40.67 18.08 -21.86
C SER B 350 41.98 17.46 -21.37
N ASP B 351 41.98 16.11 -21.37
CA ASP B 351 43.13 15.20 -21.19
C ASP B 351 44.20 15.70 -20.22
N CYS B 352 43.78 15.99 -18.99
CA CYS B 352 44.71 16.44 -17.96
C CYS B 352 44.34 15.78 -16.65
N VAL B 353 44.93 16.29 -15.56
CA VAL B 353 44.57 15.92 -14.20
C VAL B 353 44.24 17.22 -13.45
N ALA B 354 43.15 17.20 -12.69
CA ALA B 354 42.71 18.37 -11.95
C ALA B 354 43.11 18.21 -10.49
N ASP B 355 43.86 19.18 -9.97
CA ASP B 355 44.39 19.08 -8.62
C ASP B 355 43.51 19.80 -7.59
N TYR B 356 43.23 21.08 -7.82
CA TYR B 356 42.48 21.99 -6.96
C TYR B 356 43.16 22.22 -5.61
N THR B 357 44.40 21.77 -5.42
CA THR B 357 45.13 21.97 -4.18
C THR B 357 46.35 22.87 -4.33
N VAL B 358 46.75 23.19 -5.57
CA VAL B 358 47.83 24.14 -5.77
C VAL B 358 47.39 25.57 -5.55
N LEU B 359 46.09 25.83 -5.55
CA LEU B 359 45.54 27.13 -5.22
C LEU B 359 45.37 27.32 -3.72
N TYR B 360 45.67 26.31 -2.91
CA TYR B 360 45.52 26.41 -1.46
C TYR B 360 46.55 27.36 -0.85
N ASN B 361 47.63 27.66 -1.57
CA ASN B 361 48.71 28.44 -0.98
C ASN B 361 48.47 29.93 -1.14
N SER B 362 48.13 30.37 -2.35
CA SER B 362 48.11 31.80 -2.67
C SER B 362 46.69 32.38 -2.68
N THR B 363 45.73 31.66 -3.24
CA THR B 363 44.42 32.22 -3.55
C THR B 363 43.37 31.72 -2.57
N SER B 364 42.58 32.65 -2.03
CA SER B 364 41.41 32.32 -1.23
C SER B 364 40.18 32.68 -2.04
N PHE B 365 39.29 31.71 -2.22
CA PHE B 365 38.14 31.89 -3.08
C PHE B 365 36.95 32.41 -2.30
N SER B 366 36.19 33.33 -2.91
CA SER B 366 35.04 33.91 -2.23
C SER B 366 33.91 32.89 -2.09
N THR B 367 33.57 32.17 -3.16
CA THR B 367 32.46 31.22 -3.07
C THR B 367 32.55 30.09 -4.09
N PHE B 368 32.47 28.85 -3.57
CA PHE B 368 32.13 27.62 -4.29
C PHE B 368 30.62 27.44 -4.18
N LYS B 369 29.95 27.23 -5.32
CA LYS B 369 28.63 26.63 -5.34
C LYS B 369 28.64 25.52 -6.37
N CYS B 370 28.69 24.27 -5.90
CA CYS B 370 28.69 23.11 -6.78
C CYS B 370 27.29 22.51 -6.80
N TYR B 371 26.71 22.43 -8.00
CA TYR B 371 25.35 21.95 -8.17
C TYR B 371 25.39 20.58 -8.87
N GLY B 372 24.73 19.60 -8.28
CA GLY B 372 24.70 18.26 -8.80
C GLY B 372 25.81 17.36 -8.29
N VAL B 373 26.76 17.90 -7.55
CA VAL B 373 27.88 17.15 -7.01
C VAL B 373 28.33 17.83 -5.72
N SER B 374 28.85 17.03 -4.78
CA SER B 374 29.38 17.57 -3.55
C SER B 374 30.82 18.00 -3.75
N PRO B 375 31.23 19.14 -3.20
CA PRO B 375 32.63 19.57 -3.35
C PRO B 375 33.62 18.67 -2.61
N SER B 376 33.20 18.01 -1.53
CA SER B 376 34.09 17.10 -0.83
C SER B 376 34.38 15.84 -1.63
N LYS B 377 33.41 15.34 -2.39
CA LYS B 377 33.56 14.14 -3.20
C LYS B 377 34.10 14.44 -4.59
N LEU B 378 34.69 15.62 -4.79
CA LEU B 378 35.08 16.06 -6.12
C LEU B 378 36.43 15.51 -6.55
N ILE B 379 37.32 15.22 -5.59
CA ILE B 379 38.68 14.83 -5.94
C ILE B 379 38.74 13.39 -6.45
N ASP B 380 37.72 12.58 -6.19
CA ASP B 380 37.73 11.18 -6.56
C ASP B 380 37.06 10.89 -7.90
N LEU B 381 36.64 11.91 -8.64
CA LEU B 381 35.84 11.71 -9.84
C LEU B 381 36.63 12.01 -11.10
N CYS B 382 36.19 11.38 -12.19
CA CYS B 382 36.71 11.63 -13.52
C CYS B 382 35.60 12.22 -14.38
N PHE B 383 35.98 13.09 -15.32
CA PHE B 383 35.02 13.86 -16.10
C PHE B 383 35.21 13.58 -17.58
N THR B 384 34.08 13.37 -18.29
CA THR B 384 34.13 13.15 -19.73
C THR B 384 34.39 14.45 -20.50
N SER B 385 33.77 15.55 -20.12
CA SER B 385 33.97 16.82 -20.81
C SER B 385 33.73 17.97 -19.85
N VAL B 386 34.64 18.95 -19.89
CA VAL B 386 34.64 20.12 -19.00
C VAL B 386 34.79 21.37 -19.85
N TYR B 387 33.91 22.35 -19.62
CA TYR B 387 33.99 23.67 -20.23
C TYR B 387 34.04 24.71 -19.12
N ALA B 388 34.74 25.82 -19.39
CA ALA B 388 34.89 26.89 -18.41
C ALA B 388 34.44 28.21 -19.04
N ASP B 389 33.54 28.90 -18.35
CA ASP B 389 33.02 30.19 -18.79
C ASP B 389 33.56 31.26 -17.85
N THR B 390 34.17 32.30 -18.42
CA THR B 390 34.88 33.30 -17.64
C THR B 390 34.31 34.69 -17.86
N PHE B 391 34.17 35.46 -16.78
CA PHE B 391 33.82 36.87 -16.88
C PHE B 391 34.13 37.58 -15.56
N LEU B 392 33.79 38.88 -15.53
CA LEU B 392 34.09 39.77 -14.43
C LEU B 392 32.87 40.63 -14.13
N ILE B 393 32.39 40.59 -12.87
CA ILE B 393 31.19 41.30 -12.47
C ILE B 393 31.47 42.08 -11.20
N ARG B 394 30.43 42.70 -10.65
CA ARG B 394 30.52 43.33 -9.34
C ARG B 394 30.24 42.28 -8.25
N SER B 395 30.53 42.66 -7.01
CA SER B 395 30.44 41.71 -5.91
C SER B 395 29.01 41.41 -5.52
N SER B 396 28.07 42.29 -5.87
CA SER B 396 26.67 42.10 -5.48
C SER B 396 25.94 41.08 -6.33
N GLU B 397 26.48 40.73 -7.50
CA GLU B 397 25.79 39.82 -8.41
C GLU B 397 26.32 38.39 -8.36
N VAL B 398 27.13 38.05 -7.36
CA VAL B 398 27.54 36.66 -7.19
C VAL B 398 26.35 35.79 -6.79
N ARG B 399 25.33 36.40 -6.19
CA ARG B 399 24.07 35.70 -5.95
C ARG B 399 23.29 35.45 -7.24
N GLN B 400 23.58 36.22 -8.29
CA GLN B 400 22.80 36.11 -9.52
C GLN B 400 23.27 35.00 -10.45
N VAL B 401 24.38 34.35 -10.14
CA VAL B 401 24.83 33.18 -10.94
C VAL B 401 24.38 31.94 -10.17
N ALA B 402 23.14 31.52 -10.44
CA ALA B 402 22.54 30.38 -9.78
C ALA B 402 21.39 29.89 -10.64
N PRO B 403 21.09 28.59 -10.63
CA PRO B 403 19.96 28.09 -11.42
C PRO B 403 18.64 28.58 -10.86
N GLY B 404 17.82 29.18 -11.73
CA GLY B 404 16.51 29.65 -11.36
C GLY B 404 16.46 31.02 -10.71
N GLU B 405 17.62 31.64 -10.46
CA GLU B 405 17.64 32.95 -9.84
C GLU B 405 17.71 34.03 -10.93
N THR B 406 17.16 35.20 -10.62
CA THR B 406 17.01 36.26 -11.61
C THR B 406 17.62 37.57 -11.11
N GLY B 407 17.83 38.47 -12.05
CA GLY B 407 18.46 39.74 -11.77
C GLY B 407 18.86 40.40 -13.07
N VAL B 408 19.70 41.44 -12.95
CA VAL B 408 20.17 42.16 -14.14
C VAL B 408 21.13 41.32 -14.96
N ILE B 409 21.87 40.40 -14.35
CA ILE B 409 22.83 39.57 -15.07
C ILE B 409 22.18 38.30 -15.59
N ALA B 410 21.24 37.75 -14.82
CA ALA B 410 20.70 36.42 -15.09
C ALA B 410 19.71 36.38 -16.25
N ASP B 411 19.32 37.51 -16.83
CA ASP B 411 18.37 37.52 -17.93
C ASP B 411 18.90 38.21 -19.18
N TYR B 412 19.76 39.21 -19.03
CA TYR B 412 20.23 40.00 -20.15
C TYR B 412 21.68 39.74 -20.53
N ASN B 413 22.47 39.14 -19.64
CA ASN B 413 23.89 38.96 -19.90
C ASN B 413 24.33 37.51 -19.86
N TYR B 414 23.93 36.75 -18.84
CA TYR B 414 24.42 35.39 -18.65
C TYR B 414 23.41 34.62 -17.81
N LYS B 415 22.79 33.61 -18.39
CA LYS B 415 21.81 32.78 -17.70
C LYS B 415 22.30 31.34 -17.62
N LEU B 416 22.24 30.76 -16.42
CA LEU B 416 22.53 29.36 -16.16
C LEU B 416 21.31 28.49 -16.48
N PRO B 417 21.53 27.26 -16.93
CA PRO B 417 20.41 26.35 -17.17
C PRO B 417 19.79 25.89 -15.86
N ASP B 418 18.58 25.35 -15.97
CA ASP B 418 17.86 24.89 -14.78
C ASP B 418 18.44 23.59 -14.26
N ASP B 419 18.59 22.60 -15.12
CA ASP B 419 19.22 21.32 -14.76
C ASP B 419 20.74 21.38 -14.87
N PHE B 420 21.33 22.37 -14.20
CA PHE B 420 22.75 22.65 -14.36
C PHE B 420 23.57 21.78 -13.41
N THR B 421 24.28 20.82 -13.96
CA THR B 421 25.32 20.09 -13.24
C THR B 421 26.65 20.78 -13.51
N GLY B 422 27.38 21.10 -12.45
CA GLY B 422 28.61 21.83 -12.58
C GLY B 422 28.99 22.46 -11.25
N CYS B 423 29.86 23.47 -11.33
CA CYS B 423 30.24 24.22 -10.15
C CYS B 423 30.75 25.60 -10.53
N VAL B 424 30.26 26.62 -9.81
CA VAL B 424 30.67 28.01 -10.03
C VAL B 424 31.64 28.38 -8.92
N ILE B 425 32.76 28.98 -9.31
CA ILE B 425 33.73 29.55 -8.38
C ILE B 425 33.91 31.04 -8.69
N ALA B 426 33.71 31.85 -7.67
CA ALA B 426 33.86 33.29 -7.80
C ALA B 426 34.81 33.80 -6.73
N TRP B 427 35.62 34.79 -7.08
CA TRP B 427 36.67 35.24 -6.18
C TRP B 427 37.01 36.70 -6.47
N ASN B 428 37.31 37.43 -5.40
CA ASN B 428 37.39 38.88 -5.45
C ASN B 428 38.77 39.34 -5.92
N THR B 429 38.79 40.19 -6.96
CA THR B 429 39.99 40.92 -7.38
C THR B 429 39.65 42.40 -7.36
N ALA B 430 39.66 42.99 -6.16
CA ALA B 430 39.35 44.41 -6.04
C ALA B 430 40.55 45.28 -6.37
N LYS B 431 41.74 44.69 -6.48
CA LYS B 431 42.98 45.43 -6.68
C LYS B 431 43.62 45.15 -8.03
N GLN B 432 43.61 43.90 -8.49
CA GLN B 432 44.28 43.49 -9.71
C GLN B 432 43.61 44.02 -10.97
N ASP B 433 42.28 43.89 -11.07
CA ASP B 433 41.54 44.34 -12.24
C ASP B 433 40.88 45.67 -11.93
N THR B 434 41.33 46.72 -12.60
CA THR B 434 40.80 48.08 -12.42
C THR B 434 40.42 48.66 -13.78
N GLY B 435 39.51 49.63 -13.77
CA GLY B 435 39.10 50.24 -15.02
C GLY B 435 37.63 50.06 -15.33
N ASN B 436 37.23 50.25 -16.59
CA ASN B 436 35.82 50.27 -16.95
C ASN B 436 35.42 49.03 -17.75
N TYR B 437 34.23 48.52 -17.48
CA TYR B 437 33.67 47.36 -18.16
C TYR B 437 32.18 47.63 -18.40
N TYR B 438 31.60 46.92 -19.35
CA TYR B 438 30.24 47.20 -19.79
C TYR B 438 29.30 46.04 -19.45
N TYR B 439 28.00 46.35 -19.42
CA TYR B 439 26.99 45.30 -19.32
C TYR B 439 25.71 45.76 -20.00
N ARG B 440 24.87 44.78 -20.34
CA ARG B 440 23.59 45.03 -20.99
C ARG B 440 22.56 45.42 -19.95
N SER B 441 21.93 46.58 -20.13
CA SER B 441 20.90 47.05 -19.21
C SER B 441 19.49 46.86 -19.75
N HIS B 442 19.30 46.90 -21.07
CA HIS B 442 17.98 46.79 -21.67
C HIS B 442 18.02 45.83 -22.85
N ARG B 443 16.99 45.00 -22.96
CA ARG B 443 16.85 44.08 -24.08
C ARG B 443 15.38 43.73 -24.22
N LYS B 444 15.01 43.21 -25.41
CA LYS B 444 13.62 42.89 -25.67
C LYS B 444 13.17 41.64 -24.90
N THR B 445 13.98 40.59 -24.90
CA THR B 445 13.61 39.33 -24.28
C THR B 445 14.75 38.84 -23.39
N LYS B 446 14.39 38.04 -22.39
CA LYS B 446 15.41 37.41 -21.56
C LYS B 446 16.17 36.36 -22.36
N LEU B 447 17.46 36.22 -22.04
CA LEU B 447 18.31 35.32 -22.78
C LEU B 447 17.99 33.86 -22.47
N LYS B 448 18.19 33.00 -23.46
CA LYS B 448 18.16 31.57 -23.23
C LYS B 448 19.41 31.15 -22.46
N PRO B 449 19.35 30.01 -21.76
CA PRO B 449 20.55 29.56 -21.02
C PRO B 449 21.74 29.29 -21.93
N PHE B 450 22.93 29.69 -21.43
CA PHE B 450 24.21 29.50 -22.10
C PHE B 450 24.23 30.13 -23.49
N GLU B 451 23.65 31.32 -23.61
CA GLU B 451 23.56 32.02 -24.88
C GLU B 451 24.30 33.35 -24.80
N ARG B 452 25.16 33.59 -25.79
CA ARG B 452 25.93 34.83 -25.88
C ARG B 452 25.18 35.85 -26.72
N ASP B 453 25.56 37.12 -26.56
CA ASP B 453 24.94 38.20 -27.31
C ASP B 453 25.96 39.34 -27.42
N LEU B 454 26.63 39.42 -28.57
CA LEU B 454 27.59 40.49 -28.83
C LEU B 454 26.96 41.66 -29.57
N SER B 455 25.64 41.65 -29.75
CA SER B 455 24.98 42.68 -30.55
C SER B 455 24.95 44.01 -29.82
N SER B 456 26.04 44.75 -29.87
CA SER B 456 26.14 46.08 -29.30
C SER B 456 25.42 47.07 -30.20
N ASP B 457 25.03 48.20 -29.61
CA ASP B 457 24.38 49.32 -30.30
C ASP B 457 23.09 48.88 -30.98
N ASP B 458 22.13 48.44 -30.17
CA ASP B 458 20.81 48.06 -30.67
C ASP B 458 20.07 49.30 -31.15
N GLY B 459 19.73 49.33 -32.44
CA GLY B 459 19.17 50.53 -33.03
C GLY B 459 20.26 51.47 -33.52
N ASN B 460 19.98 52.76 -33.50
CA ASN B 460 20.93 53.78 -33.95
C ASN B 460 21.30 54.67 -32.77
N GLY B 461 22.55 54.55 -32.31
CA GLY B 461 23.03 55.39 -31.23
C GLY B 461 22.56 54.99 -29.85
N VAL B 462 21.87 53.86 -29.74
CA VAL B 462 21.38 53.34 -28.46
C VAL B 462 22.22 52.12 -28.13
N TYR B 463 23.14 52.28 -27.18
CA TYR B 463 24.07 51.20 -26.84
C TYR B 463 23.37 49.99 -26.24
N THR B 464 22.45 50.24 -25.29
CA THR B 464 21.96 49.22 -24.35
C THR B 464 23.11 48.50 -23.66
N LEU B 465 24.19 49.24 -23.38
CA LEU B 465 25.39 48.72 -22.73
C LEU B 465 25.92 49.85 -21.84
N SER B 466 25.49 49.85 -20.58
CA SER B 466 25.98 50.86 -19.66
C SER B 466 27.25 50.36 -18.97
N THR B 467 28.10 51.31 -18.59
CA THR B 467 29.44 51.02 -18.11
C THR B 467 29.52 51.17 -16.59
N TYR B 468 30.57 50.57 -16.04
CA TYR B 468 30.83 50.58 -14.61
C TYR B 468 32.31 50.38 -14.37
N ASP B 469 32.84 51.10 -13.37
CA ASP B 469 34.28 51.20 -13.16
C ASP B 469 34.67 50.51 -11.86
N PHE B 470 35.94 50.11 -11.79
CA PHE B 470 36.51 49.48 -10.61
C PHE B 470 37.78 50.19 -10.19
N ASN B 471 37.83 50.55 -8.91
CA ASN B 471 38.93 51.16 -8.20
C ASN B 471 39.01 50.52 -6.84
N PRO B 472 40.17 50.57 -6.17
CA PRO B 472 40.27 49.95 -4.83
C PRO B 472 39.38 50.59 -3.76
N ASN B 473 38.87 51.80 -3.99
CA ASN B 473 38.05 52.50 -3.02
C ASN B 473 36.57 52.18 -3.14
N VAL B 474 36.20 51.26 -4.02
CA VAL B 474 34.81 50.96 -4.35
C VAL B 474 34.21 50.21 -3.15
N PRO B 475 32.90 50.34 -2.87
CA PRO B 475 32.33 49.68 -1.69
C PRO B 475 32.29 48.16 -1.74
N VAL B 476 31.72 47.57 -0.68
CA VAL B 476 31.85 46.14 -0.42
C VAL B 476 31.17 45.31 -1.50
N ALA B 477 29.91 45.65 -1.81
CA ALA B 477 29.16 44.89 -2.80
C ALA B 477 29.50 45.32 -4.22
N TYR B 478 30.37 46.30 -4.40
CA TYR B 478 30.64 46.88 -5.71
C TYR B 478 32.03 46.52 -6.21
N GLN B 479 32.68 45.54 -5.59
CA GLN B 479 34.04 45.16 -5.93
C GLN B 479 34.07 44.20 -7.12
N ALA B 480 35.19 44.23 -7.84
CA ALA B 480 35.36 43.41 -9.04
C ALA B 480 35.57 41.95 -8.62
N THR B 481 34.60 41.11 -8.93
CA THR B 481 34.68 39.68 -8.67
C THR B 481 34.86 38.95 -9.99
N ARG B 482 35.92 38.17 -10.09
CA ARG B 482 36.15 37.30 -11.23
C ARG B 482 35.34 36.03 -11.02
N VAL B 483 34.48 35.69 -11.98
CA VAL B 483 33.59 34.54 -11.87
C VAL B 483 33.88 33.60 -13.02
N VAL B 484 34.17 32.33 -12.69
CA VAL B 484 34.32 31.29 -13.71
C VAL B 484 33.43 30.10 -13.31
N VAL B 485 32.71 29.59 -14.30
CA VAL B 485 31.73 28.53 -14.14
C VAL B 485 32.28 27.31 -14.86
N LEU B 486 32.42 26.20 -14.14
CA LEU B 486 32.86 24.95 -14.73
C LEU B 486 31.65 24.07 -14.97
N SER B 487 31.31 23.84 -16.23
CA SER B 487 30.22 22.95 -16.61
C SER B 487 30.86 21.66 -17.12
N PHE B 488 30.67 20.58 -16.37
CA PHE B 488 31.25 19.29 -16.70
C PHE B 488 30.17 18.22 -16.64
N GLU B 489 30.33 17.19 -17.47
CA GLU B 489 29.39 16.07 -17.44
C GLU B 489 30.12 14.75 -17.55
N LEU B 490 29.48 13.71 -17.03
CA LEU B 490 30.01 12.35 -17.03
C LEU B 490 28.95 11.40 -17.55
N LEU B 491 29.36 10.43 -18.36
CA LEU B 491 28.45 9.48 -18.98
C LEU B 491 29.27 8.27 -19.42
N ASN B 492 28.63 7.36 -20.16
CA ASN B 492 29.29 6.17 -20.67
C ASN B 492 30.18 6.57 -21.84
N ALA B 493 31.33 7.15 -21.50
CA ALA B 493 32.26 7.69 -22.46
C ALA B 493 33.65 7.69 -21.82
N PRO B 494 34.72 7.64 -22.62
CA PRO B 494 36.07 7.76 -22.04
C PRO B 494 36.28 9.11 -21.37
N ALA B 495 36.99 9.09 -20.26
CA ALA B 495 37.18 10.28 -19.45
C ALA B 495 38.44 11.02 -19.86
N THR B 496 38.44 12.33 -19.67
CA THR B 496 39.57 13.19 -20.01
C THR B 496 40.20 13.85 -18.80
N VAL B 497 39.41 14.40 -17.89
CA VAL B 497 39.91 15.08 -16.70
C VAL B 497 39.65 14.17 -15.50
N CYS B 498 40.70 13.84 -14.77
CA CYS B 498 40.61 12.94 -13.62
C CYS B 498 41.29 13.57 -12.41
N GLY B 499 41.06 12.95 -11.26
CA GLY B 499 41.68 13.38 -10.03
C GLY B 499 43.03 12.74 -9.82
N PRO B 500 43.81 13.25 -8.87
CA PRO B 500 45.17 12.71 -8.61
C PRO B 500 45.18 11.53 -7.64
N LYS B 501 44.82 10.35 -8.15
CA LYS B 501 44.87 9.12 -7.38
C LYS B 501 45.65 8.06 -8.16
N LEU B 502 46.37 7.22 -7.43
CA LEU B 502 47.22 6.21 -8.06
C LEU B 502 46.48 4.88 -8.16
N SER B 503 46.60 4.23 -9.31
CA SER B 503 45.97 2.94 -9.52
C SER B 503 46.70 1.85 -8.74
N THR B 504 45.97 0.79 -8.43
CA THR B 504 46.51 -0.35 -7.67
C THR B 504 46.34 -1.63 -8.46
N GLN B 505 46.73 -2.74 -7.83
CA GLN B 505 46.56 -4.05 -8.43
C GLN B 505 45.11 -4.50 -8.33
N LEU B 506 44.66 -5.24 -9.35
CA LEU B 506 43.29 -5.73 -9.41
C LEU B 506 43.27 -7.16 -8.86
N VAL B 507 42.26 -7.45 -8.05
CA VAL B 507 42.09 -8.77 -7.46
C VAL B 507 40.85 -9.41 -8.07
N LYS B 508 40.98 -10.65 -8.51
CA LYS B 508 39.91 -11.34 -9.22
C LYS B 508 39.34 -12.46 -8.35
N ASN B 509 38.07 -12.77 -8.61
CA ASN B 509 37.32 -13.85 -7.94
C ASN B 509 37.26 -13.67 -6.43
N GLN B 510 37.17 -12.42 -5.97
CA GLN B 510 37.02 -12.12 -4.57
C GLN B 510 36.07 -10.94 -4.41
N CYS B 511 35.41 -10.86 -3.26
CA CYS B 511 34.48 -9.77 -2.98
C CYS B 511 35.30 -8.55 -2.52
N VAL B 512 35.42 -7.55 -3.38
CA VAL B 512 36.28 -6.41 -3.15
C VAL B 512 35.48 -5.13 -3.36
N ASN B 513 36.00 -4.05 -2.78
CA ASN B 513 35.50 -2.71 -3.04
C ASN B 513 36.30 -2.10 -4.18
N PHE B 514 35.62 -1.73 -5.26
CA PHE B 514 36.28 -1.26 -6.46
C PHE B 514 35.95 0.21 -6.70
N ASN B 515 36.87 0.89 -7.41
CA ASN B 515 36.72 2.29 -7.82
C ASN B 515 37.21 2.37 -9.26
N PHE B 516 36.30 2.19 -10.20
CA PHE B 516 36.62 2.18 -11.62
C PHE B 516 36.27 3.53 -12.22
N ASN B 517 37.31 4.32 -12.53
CA ASN B 517 37.20 5.57 -13.30
C ASN B 517 36.27 6.59 -12.64
N GLY B 518 36.21 6.56 -11.31
CA GLY B 518 35.35 7.44 -10.57
C GLY B 518 34.09 6.81 -10.04
N LEU B 519 33.70 5.64 -10.55
CA LEU B 519 32.50 4.94 -10.09
C LEU B 519 32.93 3.94 -9.02
N LYS B 520 32.44 4.14 -7.80
CA LYS B 520 32.76 3.21 -6.72
C LYS B 520 31.84 1.99 -6.78
N GLY B 521 32.06 1.06 -5.87
CA GLY B 521 31.13 -0.05 -5.74
C GLY B 521 31.75 -1.18 -4.96
N THR B 522 30.95 -2.23 -4.79
CA THR B 522 31.38 -3.44 -4.08
C THR B 522 30.89 -4.66 -4.85
N GLY B 523 31.79 -5.56 -5.20
CA GLY B 523 31.40 -6.72 -5.97
C GLY B 523 32.58 -7.63 -6.21
N VAL B 524 32.36 -8.64 -7.05
CA VAL B 524 33.37 -9.61 -7.43
C VAL B 524 33.71 -9.39 -8.89
N LEU B 525 34.99 -9.20 -9.17
CA LEU B 525 35.45 -8.93 -10.53
C LEU B 525 35.98 -10.21 -11.16
N THR B 526 35.47 -10.55 -12.33
CA THR B 526 35.85 -11.75 -13.05
C THR B 526 36.21 -11.39 -14.49
N PRO B 527 37.06 -12.17 -15.15
CA PRO B 527 37.26 -11.99 -16.59
C PRO B 527 35.96 -12.23 -17.34
N SER B 528 35.74 -11.43 -18.38
CA SER B 528 34.45 -11.39 -19.06
C SER B 528 34.59 -11.74 -20.53
N LEU B 529 33.59 -12.46 -21.04
CA LEU B 529 33.48 -12.77 -22.46
C LEU B 529 32.57 -11.79 -23.19
N LYS B 530 32.11 -10.75 -22.51
CA LYS B 530 31.22 -9.78 -23.12
C LYS B 530 31.98 -8.92 -24.13
N ARG B 531 31.23 -8.23 -24.98
CA ARG B 531 31.78 -7.37 -26.01
C ARG B 531 31.15 -5.99 -25.89
N PHE B 532 31.99 -4.97 -25.71
CA PHE B 532 31.54 -3.58 -25.70
C PHE B 532 31.68 -2.98 -27.08
N GLN B 533 31.33 -1.69 -27.19
CA GLN B 533 31.57 -0.92 -28.39
C GLN B 533 32.92 -0.23 -28.29
N SER B 534 33.18 0.70 -29.21
CA SER B 534 34.44 1.44 -29.19
C SER B 534 34.48 2.50 -28.10
N PHE B 535 33.34 3.11 -27.77
CA PHE B 535 33.27 4.15 -26.77
C PHE B 535 32.66 3.68 -25.45
N GLN B 536 32.25 2.43 -25.36
CA GLN B 536 31.58 1.95 -24.16
C GLN B 536 32.57 1.77 -23.02
N GLN B 537 32.15 2.16 -21.81
CA GLN B 537 32.93 1.94 -20.60
C GLN B 537 32.27 0.99 -19.62
N PHE B 538 30.94 0.93 -19.59
CA PHE B 538 30.23 0.04 -18.69
C PHE B 538 28.89 -0.33 -19.27
N GLY B 539 28.46 -1.57 -19.02
CA GLY B 539 27.18 -2.05 -19.49
C GLY B 539 26.15 -2.07 -18.38
N ARG B 540 24.88 -2.14 -18.76
CA ARG B 540 23.78 -2.06 -17.82
C ARG B 540 22.78 -3.18 -18.06
N ASP B 541 22.16 -3.64 -16.98
CA ASP B 541 21.08 -4.62 -17.06
C ASP B 541 19.74 -3.92 -17.30
N THR B 542 18.68 -4.72 -17.30
CA THR B 542 17.33 -4.18 -17.37
C THR B 542 16.91 -3.49 -16.09
N SER B 543 17.57 -3.79 -14.96
CA SER B 543 17.30 -3.14 -13.69
C SER B 543 18.27 -2.00 -13.41
N ASP B 544 18.97 -1.52 -14.44
CA ASP B 544 19.94 -0.42 -14.35
C ASP B 544 21.06 -0.72 -13.35
N PHE B 545 21.47 -1.99 -13.30
CA PHE B 545 22.59 -2.42 -12.48
C PHE B 545 23.78 -2.71 -13.38
N THR B 546 24.91 -2.07 -13.09
CA THR B 546 26.12 -2.24 -13.91
C THR B 546 26.69 -3.63 -13.68
N ASP B 547 26.77 -4.42 -14.76
CA ASP B 547 27.24 -5.79 -14.66
C ASP B 547 28.60 -6.01 -15.33
N SER B 548 29.03 -5.10 -16.20
CA SER B 548 30.31 -5.26 -16.89
C SER B 548 30.92 -3.88 -17.08
N VAL B 549 32.23 -3.79 -16.87
CA VAL B 549 32.93 -2.50 -16.92
C VAL B 549 34.24 -2.67 -17.67
N ARG B 550 34.67 -1.61 -18.33
CA ARG B 550 35.91 -1.61 -19.10
C ARG B 550 37.05 -1.08 -18.23
N ASP B 551 38.14 -1.82 -18.17
CA ASP B 551 39.31 -1.43 -17.39
C ASP B 551 40.01 -0.26 -18.08
N PRO B 552 40.20 0.88 -17.41
CA PRO B 552 40.91 2.00 -18.04
C PRO B 552 42.37 1.69 -18.38
N GLN B 553 43.01 0.82 -17.62
CA GLN B 553 44.36 0.35 -17.93
C GLN B 553 44.28 -1.09 -18.42
N THR B 554 44.98 -1.38 -19.52
CA THR B 554 44.93 -2.67 -20.22
C THR B 554 43.48 -3.03 -20.57
N LEU B 555 42.94 -2.25 -21.51
CA LEU B 555 41.53 -2.20 -21.86
C LEU B 555 40.91 -3.57 -22.16
N GLU B 556 40.02 -4.01 -21.27
CA GLU B 556 39.29 -5.26 -21.43
C GLU B 556 38.06 -5.21 -20.54
N ILE B 557 37.14 -6.11 -20.80
CA ILE B 557 35.85 -6.12 -20.11
C ILE B 557 35.93 -7.04 -18.90
N LEU B 558 35.42 -6.57 -17.77
CA LEU B 558 35.38 -7.36 -16.54
C LEU B 558 33.94 -7.42 -16.05
N ASP B 559 33.51 -8.62 -15.64
CA ASP B 559 32.17 -8.80 -15.12
C ASP B 559 32.15 -8.62 -13.61
N ILE B 560 31.00 -8.18 -13.10
CA ILE B 560 30.80 -7.86 -11.69
C ILE B 560 29.67 -8.74 -11.16
N SER B 561 29.93 -9.44 -10.08
CA SER B 561 28.94 -10.32 -9.47
C SER B 561 28.69 -9.93 -8.02
N PRO B 562 27.49 -10.14 -7.50
CA PRO B 562 27.25 -9.86 -6.07
C PRO B 562 28.02 -10.82 -5.17
N CYS B 563 28.44 -10.29 -4.01
CA CYS B 563 29.09 -11.13 -3.01
C CYS B 563 28.11 -12.11 -2.37
N SER B 564 26.88 -11.68 -2.08
CA SER B 564 25.84 -12.59 -1.59
C SER B 564 25.37 -13.43 -2.77
N PHE B 565 26.13 -14.48 -3.04
CA PHE B 565 26.02 -15.20 -4.32
C PHE B 565 25.18 -16.47 -4.12
N GLY B 566 23.88 -16.28 -3.97
CA GLY B 566 22.97 -17.40 -3.79
C GLY B 566 22.07 -17.29 -2.57
N GLY B 567 21.08 -18.18 -2.49
CA GLY B 567 20.14 -18.22 -1.38
C GLY B 567 20.41 -19.44 -0.50
N VAL B 568 20.27 -19.24 0.81
CA VAL B 568 20.65 -20.23 1.81
C VAL B 568 19.48 -20.44 2.77
N SER B 569 19.15 -21.71 3.02
CA SER B 569 18.15 -22.08 4.01
C SER B 569 18.83 -22.83 5.15
N VAL B 570 18.30 -22.67 6.37
CA VAL B 570 18.86 -23.31 7.56
C VAL B 570 17.79 -24.25 8.10
N ILE B 571 18.22 -25.44 8.55
CA ILE B 571 17.35 -26.51 8.98
C ILE B 571 17.71 -26.80 10.43
N THR B 572 16.74 -26.70 11.34
CA THR B 572 17.08 -26.82 12.75
C THR B 572 15.98 -27.52 13.52
N PRO B 573 16.34 -28.26 14.58
CA PRO B 573 15.37 -28.58 15.61
C PRO B 573 15.20 -27.42 16.57
N GLY B 574 14.40 -27.60 17.63
CA GLY B 574 14.26 -26.55 18.62
C GLY B 574 15.55 -26.30 19.38
N THR B 575 15.73 -25.05 19.80
CA THR B 575 16.94 -24.68 20.54
C THR B 575 16.99 -25.33 21.91
N ASN B 576 15.84 -25.60 22.52
CA ASN B 576 15.80 -26.35 23.77
C ASN B 576 16.19 -27.80 23.59
N ALA B 577 16.08 -28.34 22.38
CA ALA B 577 16.48 -29.71 22.08
C ALA B 577 17.96 -29.83 21.77
N SER B 578 18.46 -29.02 20.84
CA SER B 578 19.86 -29.08 20.44
C SER B 578 20.25 -27.74 19.83
N SER B 579 21.52 -27.65 19.45
CA SER B 579 22.06 -26.43 18.84
C SER B 579 22.82 -26.70 17.54
N GLU B 580 22.65 -27.88 16.94
CA GLU B 580 23.30 -28.22 15.70
C GLU B 580 22.31 -28.13 14.55
N VAL B 581 22.76 -27.56 13.43
CA VAL B 581 21.88 -27.23 12.31
C VAL B 581 22.42 -27.85 11.04
N ALA B 582 21.62 -27.76 9.98
CA ALA B 582 22.01 -28.15 8.64
C ALA B 582 21.78 -26.98 7.69
N VAL B 583 22.54 -26.94 6.61
CA VAL B 583 22.48 -25.82 5.67
C VAL B 583 22.12 -26.36 4.29
N LEU B 584 21.12 -25.75 3.65
CA LEU B 584 20.70 -26.13 2.32
C LEU B 584 20.99 -24.98 1.35
N TYR B 585 21.71 -25.31 0.27
CA TYR B 585 22.01 -24.36 -0.79
C TYR B 585 21.17 -24.72 -2.01
N GLN B 586 20.65 -23.70 -2.69
CA GLN B 586 19.70 -23.92 -3.78
C GLN B 586 20.43 -24.02 -5.12
N ASP B 587 20.20 -25.13 -5.82
CA ASP B 587 20.56 -25.30 -7.24
C ASP B 587 22.07 -25.16 -7.49
N VAL B 588 22.86 -25.80 -6.62
CA VAL B 588 24.30 -25.87 -6.82
C VAL B 588 24.74 -27.32 -6.63
N ASN B 589 25.90 -27.64 -7.20
CA ASN B 589 26.49 -28.96 -7.02
C ASN B 589 27.45 -28.95 -5.85
N CYS B 590 27.59 -30.11 -5.20
CA CYS B 590 28.35 -30.21 -3.97
C CYS B 590 29.85 -30.23 -4.21
N THR B 591 30.32 -30.40 -5.46
CA THR B 591 31.66 -29.91 -5.86
C THR B 591 31.74 -28.39 -5.80
N ASP B 592 30.74 -27.71 -6.36
CA ASP B 592 30.82 -26.26 -6.58
C ASP B 592 30.39 -25.44 -5.37
N VAL B 593 30.32 -26.04 -4.18
CA VAL B 593 29.91 -25.31 -2.98
C VAL B 593 30.99 -24.33 -2.53
N PRO B 594 32.29 -24.73 -2.26
CA PRO B 594 33.22 -23.73 -1.71
C PRO B 594 33.84 -22.86 -2.79
N THR B 595 33.02 -22.44 -3.74
CA THR B 595 33.35 -21.42 -4.71
C THR B 595 32.15 -20.48 -4.77
N ALA B 596 30.97 -21.01 -4.47
CA ALA B 596 29.72 -20.25 -4.54
C ALA B 596 29.43 -19.48 -3.27
N ILE B 597 30.19 -19.72 -2.20
CA ILE B 597 30.04 -19.02 -0.94
C ILE B 597 31.32 -18.33 -0.52
N ARG B 598 32.41 -18.53 -1.27
CA ARG B 598 33.75 -18.02 -0.96
C ARG B 598 34.19 -18.46 0.44
N ALA B 599 34.39 -19.77 0.59
CA ALA B 599 34.75 -20.36 1.87
C ALA B 599 36.11 -19.89 2.39
N ASP B 600 37.03 -19.51 1.49
CA ASP B 600 38.31 -18.98 1.92
C ASP B 600 38.20 -17.62 2.59
N GLN B 601 37.14 -16.86 2.29
CA GLN B 601 36.95 -15.54 2.86
C GLN B 601 36.06 -15.56 4.10
N LEU B 602 35.63 -16.73 4.55
CA LEU B 602 34.75 -16.85 5.70
C LEU B 602 35.51 -17.36 6.92
N THR B 603 34.80 -17.33 8.06
CA THR B 603 35.35 -17.86 9.29
C THR B 603 35.44 -19.38 9.21
N PRO B 604 36.34 -20.01 9.98
CA PRO B 604 36.40 -21.48 10.01
C PRO B 604 35.14 -22.15 10.54
N ALA B 605 34.30 -21.44 11.30
CA ALA B 605 33.03 -22.01 11.71
C ALA B 605 32.09 -22.22 10.53
N TRP B 606 32.08 -21.27 9.58
CA TRP B 606 31.34 -21.48 8.34
C TRP B 606 32.02 -22.48 7.42
N ARG B 607 33.33 -22.68 7.57
CA ARG B 607 34.07 -23.54 6.66
C ARG B 607 33.76 -25.03 6.88
N VAL B 608 33.19 -25.40 8.02
CA VAL B 608 32.82 -26.79 8.25
C VAL B 608 31.48 -27.15 7.62
N TYR B 609 30.70 -26.15 7.19
CA TYR B 609 29.46 -26.39 6.48
C TYR B 609 29.62 -26.22 4.98
N SER B 610 30.83 -25.96 4.50
CA SER B 610 31.11 -25.90 3.08
C SER B 610 31.54 -27.25 2.51
N THR B 611 32.43 -27.96 3.19
CA THR B 611 32.80 -29.31 2.79
C THR B 611 32.68 -30.23 4.00
N GLY B 612 32.99 -31.51 3.81
CA GLY B 612 32.91 -32.45 4.90
C GLY B 612 32.53 -33.85 4.48
N LEU B 613 32.16 -34.69 5.44
CA LEU B 613 31.80 -36.08 5.17
C LEU B 613 30.29 -36.31 5.12
N ASN B 614 29.50 -35.39 5.67
CA ASN B 614 28.04 -35.55 5.73
C ASN B 614 27.33 -34.80 4.60
N VAL B 615 27.96 -34.73 3.43
CA VAL B 615 27.37 -34.02 2.30
C VAL B 615 26.35 -34.91 1.61
N PHE B 616 25.34 -34.29 1.01
CA PHE B 616 24.31 -35.02 0.27
C PHE B 616 23.85 -34.15 -0.88
N GLN B 617 23.52 -34.79 -2.00
CA GLN B 617 23.04 -34.08 -3.19
C GLN B 617 21.58 -34.45 -3.44
N THR B 618 20.73 -33.43 -3.51
CA THR B 618 19.31 -33.59 -3.81
C THR B 618 18.99 -32.88 -5.12
N GLN B 619 17.72 -33.00 -5.54
CA GLN B 619 17.28 -32.26 -6.71
C GLN B 619 17.12 -30.77 -6.40
N ALA B 620 16.82 -30.43 -5.14
CA ALA B 620 16.74 -29.03 -4.75
C ALA B 620 18.11 -28.38 -4.70
N GLY B 621 19.13 -29.13 -4.36
CA GLY B 621 20.47 -28.61 -4.24
C GLY B 621 21.32 -29.50 -3.35
N CYS B 622 22.26 -28.87 -2.66
CA CYS B 622 23.23 -29.56 -1.81
C CYS B 622 22.88 -29.36 -0.36
N LEU B 623 22.81 -30.46 0.40
CA LEU B 623 22.50 -30.43 1.82
C LEU B 623 23.72 -30.90 2.60
N ILE B 624 24.22 -30.04 3.49
CA ILE B 624 25.42 -30.33 4.27
C ILE B 624 25.08 -30.18 5.75
N GLY B 625 25.43 -31.19 6.53
CA GLY B 625 25.20 -31.18 7.97
C GLY B 625 24.37 -32.33 8.49
N ALA B 626 23.70 -33.08 7.61
CA ALA B 626 22.87 -34.20 8.01
C ALA B 626 23.25 -35.42 7.19
N GLU B 627 23.32 -36.58 7.84
CA GLU B 627 23.65 -37.82 7.14
C GLU B 627 22.41 -38.41 6.48
N HIS B 628 22.64 -39.19 5.43
CA HIS B 628 21.57 -39.77 4.64
C HIS B 628 21.39 -41.24 5.03
N VAL B 629 20.16 -41.62 5.32
CA VAL B 629 19.84 -43.00 5.70
C VAL B 629 18.97 -43.62 4.61
N ASN B 630 18.89 -44.94 4.62
CA ASN B 630 18.16 -45.67 3.59
C ASN B 630 16.71 -45.95 3.97
N ALA B 631 16.31 -45.65 5.21
CA ALA B 631 14.95 -45.94 5.64
C ALA B 631 13.98 -44.89 5.11
N SER B 632 12.70 -45.08 5.44
CA SER B 632 11.64 -44.18 5.01
C SER B 632 10.62 -44.03 6.14
N TYR B 633 10.72 -42.94 6.88
CA TYR B 633 9.77 -42.63 7.93
C TYR B 633 8.78 -41.57 7.46
N GLU B 634 7.94 -41.11 8.37
CA GLU B 634 7.05 -40.01 8.07
C GLU B 634 7.81 -38.70 7.99
N CYS B 635 7.18 -37.69 7.39
CA CYS B 635 7.83 -36.40 7.22
C CYS B 635 7.76 -35.59 8.50
N ASP B 636 8.91 -35.05 8.92
CA ASP B 636 8.99 -34.18 10.09
C ASP B 636 9.31 -32.75 9.68
N ILE B 637 10.44 -32.52 9.03
CA ILE B 637 10.80 -31.23 8.47
C ILE B 637 10.89 -31.38 6.96
N PRO B 638 9.92 -30.86 6.21
CA PRO B 638 9.93 -31.04 4.75
C PRO B 638 10.99 -30.18 4.07
N ILE B 639 12.05 -30.81 3.56
CA ILE B 639 13.16 -30.07 2.98
C ILE B 639 12.81 -29.64 1.56
N GLY B 640 12.21 -30.54 0.80
CA GLY B 640 11.87 -30.27 -0.59
C GLY B 640 12.26 -31.41 -1.51
N ALA B 641 11.53 -31.54 -2.62
CA ALA B 641 11.79 -32.55 -3.65
C ALA B 641 11.77 -33.97 -3.07
N GLY B 642 10.82 -34.23 -2.18
CA GLY B 642 10.62 -35.56 -1.63
C GLY B 642 11.51 -35.93 -0.47
N ILE B 643 12.21 -34.96 0.11
CA ILE B 643 13.13 -35.23 1.21
C ILE B 643 12.57 -34.62 2.49
N CYS B 644 12.66 -35.36 3.58
CA CYS B 644 12.26 -34.85 4.89
C CYS B 644 13.35 -35.19 5.90
N ALA B 645 13.60 -34.28 6.83
CA ALA B 645 14.62 -34.46 7.85
C ALA B 645 13.99 -34.51 9.24
N SER B 646 14.70 -35.18 10.15
CA SER B 646 14.23 -35.34 11.52
C SER B 646 15.42 -35.49 12.44
N TYR B 647 15.19 -35.26 13.73
CA TYR B 647 16.23 -35.36 14.76
C TYR B 647 16.18 -36.75 15.39
N HIS B 648 16.61 -37.74 14.61
CA HIS B 648 16.61 -39.12 15.07
C HIS B 648 17.84 -39.40 15.94
N THR B 649 17.91 -40.62 16.44
CA THR B 649 19.03 -41.04 17.27
C THR B 649 20.15 -41.64 16.42
N GLN B 658 24.84 -40.82 19.64
CA GLN B 658 23.92 -39.81 20.14
C GLN B 658 22.98 -39.32 19.04
N LYS B 659 22.02 -38.48 19.42
CA LYS B 659 21.06 -37.96 18.47
C LYS B 659 21.71 -36.98 17.50
N SER B 660 21.30 -37.06 16.23
CA SER B 660 21.81 -36.16 15.20
C SER B 660 20.75 -36.01 14.11
N ILE B 661 20.92 -34.99 13.29
CA ILE B 661 19.99 -34.72 12.20
C ILE B 661 20.26 -35.70 11.06
N VAL B 662 19.21 -36.39 10.62
CA VAL B 662 19.31 -37.34 9.52
C VAL B 662 18.40 -36.88 8.39
N ALA B 663 18.72 -37.33 7.18
CA ALA B 663 17.94 -37.03 5.99
C ALA B 663 17.49 -38.32 5.34
N TYR B 664 16.25 -38.34 4.85
CA TYR B 664 15.68 -39.55 4.30
C TYR B 664 14.63 -39.18 3.26
N THR B 665 14.31 -40.15 2.41
CA THR B 665 13.19 -40.02 1.48
C THR B 665 11.90 -40.34 2.23
N MET B 666 10.93 -39.43 2.14
CA MET B 666 9.68 -39.60 2.87
C MET B 666 8.88 -40.77 2.31
N SER B 667 8.17 -41.46 3.21
CA SER B 667 7.36 -42.61 2.85
C SER B 667 5.98 -42.14 2.41
N LEU B 668 5.56 -42.60 1.22
CA LEU B 668 4.26 -42.22 0.69
C LEU B 668 3.13 -42.80 1.52
N GLY B 669 3.25 -44.06 1.91
CA GLY B 669 2.23 -44.72 2.70
C GLY B 669 2.52 -46.19 2.83
N ALA B 670 1.65 -46.87 3.55
CA ALA B 670 1.78 -48.31 3.76
C ALA B 670 1.48 -49.04 2.47
N GLU B 671 2.39 -49.93 2.06
CA GLU B 671 2.22 -50.68 0.83
C GLU B 671 1.17 -51.76 1.01
N ASN B 672 0.23 -51.84 0.08
CA ASN B 672 -0.85 -52.80 0.13
C ASN B 672 -1.02 -53.46 -1.24
N SER B 673 -1.52 -54.70 -1.23
CA SER B 673 -1.83 -55.43 -2.44
C SER B 673 -3.21 -56.05 -2.30
N ILE B 674 -3.97 -56.04 -3.39
CA ILE B 674 -5.33 -56.58 -3.40
C ILE B 674 -5.42 -57.65 -4.47
N ALA B 675 -6.03 -58.78 -4.12
CA ALA B 675 -6.14 -59.93 -5.02
C ALA B 675 -7.44 -59.81 -5.80
N TYR B 676 -7.33 -59.58 -7.11
CA TYR B 676 -8.50 -59.44 -7.96
C TYR B 676 -8.82 -60.74 -8.67
N ALA B 677 -10.09 -61.12 -8.67
CA ALA B 677 -10.58 -62.27 -9.42
C ALA B 677 -11.97 -61.94 -9.94
N ASN B 678 -12.35 -62.61 -11.03
CA ASN B 678 -13.63 -62.33 -11.67
C ASN B 678 -14.79 -63.12 -11.07
N ASN B 679 -14.54 -63.94 -10.05
CA ASN B 679 -15.61 -64.67 -9.39
C ASN B 679 -15.48 -64.68 -7.88
N SER B 680 -14.72 -63.75 -7.30
CA SER B 680 -14.50 -63.69 -5.87
C SER B 680 -14.91 -62.32 -5.37
N ILE B 681 -15.58 -62.29 -4.22
CA ILE B 681 -16.07 -61.05 -3.63
C ILE B 681 -15.71 -61.07 -2.14
N ALA B 682 -15.65 -59.88 -1.54
CA ALA B 682 -15.41 -59.73 -0.11
C ALA B 682 -16.66 -59.13 0.52
N ILE B 683 -17.16 -59.76 1.57
CA ILE B 683 -18.35 -59.31 2.30
C ILE B 683 -17.99 -59.25 3.78
N PRO B 684 -18.19 -58.11 4.45
CA PRO B 684 -17.80 -58.02 5.86
C PRO B 684 -18.82 -58.69 6.77
N THR B 685 -18.32 -59.33 7.82
CA THR B 685 -19.16 -60.04 8.78
C THR B 685 -19.33 -59.32 10.10
N ASN B 686 -18.66 -58.19 10.29
CA ASN B 686 -18.74 -57.43 11.53
C ASN B 686 -18.44 -55.98 11.23
N PHE B 687 -18.77 -55.11 12.18
CA PHE B 687 -18.66 -53.67 11.95
C PHE B 687 -18.20 -53.00 13.23
N SER B 688 -18.14 -51.67 13.20
CA SER B 688 -17.73 -50.87 14.34
C SER B 688 -18.29 -49.46 14.16
N ILE B 689 -18.40 -48.76 15.29
CA ILE B 689 -18.89 -47.39 15.34
C ILE B 689 -17.74 -46.50 15.80
N SER B 690 -17.43 -45.48 15.02
CA SER B 690 -16.28 -44.62 15.28
C SER B 690 -16.72 -43.17 15.39
N VAL B 691 -16.23 -42.47 16.42
CA VAL B 691 -16.50 -41.06 16.61
C VAL B 691 -15.23 -40.28 16.31
N THR B 692 -15.30 -39.35 15.38
CA THR B 692 -14.15 -38.54 14.97
C THR B 692 -14.43 -37.07 15.23
N THR B 693 -13.37 -36.33 15.57
CA THR B 693 -13.49 -34.92 15.89
C THR B 693 -13.03 -34.07 14.72
N GLU B 694 -13.75 -32.98 14.46
CA GLU B 694 -13.38 -32.02 13.42
C GLU B 694 -13.55 -30.62 13.98
N VAL B 695 -12.45 -29.90 14.15
CA VAL B 695 -12.48 -28.55 14.69
C VAL B 695 -12.38 -27.55 13.54
N MET B 696 -13.26 -26.54 13.55
CA MET B 696 -13.30 -25.55 12.49
C MET B 696 -13.43 -24.15 13.08
N PRO B 697 -12.60 -23.20 12.65
CA PRO B 697 -12.77 -21.82 13.09
C PRO B 697 -14.04 -21.21 12.55
N VAL B 698 -14.59 -20.26 13.31
CA VAL B 698 -15.85 -19.59 12.97
C VAL B 698 -15.67 -18.08 12.85
N SER B 699 -15.11 -17.46 13.89
CA SER B 699 -14.98 -16.01 13.93
C SER B 699 -13.59 -15.64 14.45
N MET B 700 -13.27 -14.35 14.35
CA MET B 700 -12.02 -13.82 14.87
C MET B 700 -12.27 -12.52 15.63
N ALA B 701 -11.21 -11.93 16.18
CA ALA B 701 -11.35 -10.77 17.03
C ALA B 701 -11.69 -9.52 16.21
N LYS B 702 -12.60 -8.70 16.73
CA LYS B 702 -12.96 -7.45 16.09
C LYS B 702 -12.10 -6.32 16.66
N THR B 703 -11.42 -5.60 15.79
CA THR B 703 -10.46 -4.58 16.19
C THR B 703 -10.91 -3.21 15.69
N SER B 704 -10.83 -2.20 16.55
CA SER B 704 -11.12 -0.83 16.20
C SER B 704 -9.88 0.03 16.44
N VAL B 705 -9.62 0.95 15.51
CA VAL B 705 -8.44 1.80 15.53
C VAL B 705 -8.89 3.25 15.55
N ASP B 706 -8.04 4.13 16.08
CA ASP B 706 -8.26 5.56 16.03
C ASP B 706 -7.05 6.21 15.38
N CYS B 707 -7.29 7.03 14.35
CA CYS B 707 -6.19 7.76 13.72
C CYS B 707 -5.57 8.76 14.68
N THR B 708 -6.41 9.52 15.37
CA THR B 708 -5.93 10.30 16.50
C THR B 708 -5.49 9.37 17.61
N MET B 709 -4.59 9.88 18.46
CA MET B 709 -3.91 9.22 19.58
C MET B 709 -3.22 7.91 19.20
N TYR B 710 -3.03 7.68 17.89
CA TYR B 710 -2.06 6.72 17.37
C TYR B 710 -1.02 7.41 16.49
N ILE B 711 -1.49 8.18 15.50
CA ILE B 711 -0.58 8.84 14.58
C ILE B 711 0.09 10.04 15.25
N CYS B 712 -0.69 10.86 15.94
CA CYS B 712 -0.21 12.11 16.50
C CYS B 712 -0.12 12.13 18.02
N GLY B 713 -1.03 11.44 18.70
CA GLY B 713 -1.08 11.52 20.14
C GLY B 713 -1.72 12.80 20.61
N ASP B 714 -1.42 13.18 21.84
CA ASP B 714 -1.93 14.41 22.42
C ASP B 714 -1.06 15.56 21.95
N SER B 715 -1.30 16.01 20.72
CA SER B 715 -0.50 17.09 20.13
C SER B 715 -1.38 17.83 19.15
N LEU B 716 -1.68 19.10 19.45
CA LEU B 716 -2.53 19.89 18.58
C LEU B 716 -1.83 20.27 17.28
N GLU B 717 -0.51 20.41 17.32
CA GLU B 717 0.25 20.76 16.11
C GLU B 717 0.20 19.65 15.09
N CYS B 718 0.32 18.40 15.52
CA CYS B 718 0.19 17.28 14.60
C CYS B 718 -1.27 17.08 14.18
N SER B 719 -2.21 17.34 15.08
CA SER B 719 -3.62 17.15 14.77
C SER B 719 -4.11 18.16 13.75
N ASN B 720 -3.54 19.37 13.75
CA ASN B 720 -3.92 20.38 12.77
C ASN B 720 -3.52 19.96 11.36
N LEU B 721 -2.33 19.38 11.21
CA LEU B 721 -1.87 18.93 9.90
C LEU B 721 -2.58 17.67 9.42
N LEU B 722 -3.15 16.89 10.34
CA LEU B 722 -3.82 15.65 9.99
C LEU B 722 -5.23 15.85 9.47
N LEU B 723 -5.76 17.08 9.53
CA LEU B 723 -7.14 17.31 9.13
C LEU B 723 -7.32 17.17 7.62
N GLN B 724 -6.24 17.26 6.86
CA GLN B 724 -6.32 17.10 5.41
C GLN B 724 -6.36 15.63 4.99
N TYR B 725 -6.20 14.70 5.92
CA TYR B 725 -6.23 13.28 5.61
C TYR B 725 -7.44 12.57 6.22
N GLY B 726 -8.58 13.25 6.31
CA GLY B 726 -9.76 12.63 6.92
C GLY B 726 -10.32 11.48 6.11
N SER B 727 -10.33 11.63 4.77
CA SER B 727 -10.81 10.58 3.90
C SER B 727 -9.93 9.33 3.95
N PHE B 728 -8.66 9.48 4.30
CA PHE B 728 -7.78 8.34 4.50
C PHE B 728 -8.07 7.58 5.79
N CYS B 729 -8.90 8.14 6.68
CA CYS B 729 -9.25 7.51 7.94
C CYS B 729 -10.67 7.00 7.98
N THR B 730 -11.60 7.69 7.31
CA THR B 730 -12.96 7.20 7.20
C THR B 730 -13.02 5.86 6.47
N GLN B 731 -12.15 5.68 5.47
CA GLN B 731 -12.07 4.39 4.78
C GLN B 731 -11.64 3.28 5.71
N LEU B 732 -10.64 3.54 6.56
CA LEU B 732 -10.15 2.53 7.50
C LEU B 732 -11.22 2.17 8.52
N ASN B 733 -11.90 3.20 9.06
CA ASN B 733 -12.98 2.95 10.01
C ASN B 733 -14.14 2.18 9.39
N ARG B 734 -14.54 2.53 8.15
CA ARG B 734 -15.60 1.80 7.48
C ARG B 734 -15.21 0.35 7.19
N ALA B 735 -13.97 0.12 6.78
CA ALA B 735 -13.50 -1.24 6.52
C ALA B 735 -13.48 -2.09 7.78
N LEU B 736 -13.03 -1.52 8.90
CA LEU B 736 -12.97 -2.30 10.12
C LEU B 736 -14.36 -2.55 10.70
N THR B 737 -15.28 -1.59 10.55
CA THR B 737 -16.66 -1.84 10.99
C THR B 737 -17.32 -2.90 10.11
N GLY B 738 -17.03 -2.89 8.81
CA GLY B 738 -17.54 -3.94 7.94
C GLY B 738 -16.97 -5.31 8.26
N ILE B 739 -15.71 -5.36 8.70
CA ILE B 739 -15.14 -6.61 9.18
C ILE B 739 -15.85 -7.07 10.46
N ALA B 740 -16.06 -6.15 11.39
CA ALA B 740 -16.62 -6.51 12.70
C ALA B 740 -18.06 -7.01 12.58
N ILE B 741 -18.86 -6.35 11.73
CA ILE B 741 -20.24 -6.78 11.56
C ILE B 741 -20.30 -8.15 10.88
N GLU B 742 -19.35 -8.44 9.99
CA GLU B 742 -19.30 -9.76 9.36
C GLU B 742 -18.89 -10.83 10.37
N GLN B 743 -17.96 -10.49 11.26
CA GLN B 743 -17.59 -11.41 12.34
C GLN B 743 -18.76 -11.69 13.28
N ASP B 744 -19.57 -10.68 13.59
CA ASP B 744 -20.78 -10.90 14.35
C ASP B 744 -21.82 -11.71 13.59
N LYS B 745 -21.90 -11.55 12.27
CA LYS B 745 -22.88 -12.27 11.45
C LYS B 745 -22.52 -13.74 11.25
N ASN B 746 -21.23 -14.08 11.25
CA ASN B 746 -20.82 -15.47 11.03
C ASN B 746 -21.33 -16.39 12.14
N THR B 747 -21.19 -15.96 13.40
CA THR B 747 -21.66 -16.76 14.53
C THR B 747 -23.18 -16.87 14.52
N GLN B 748 -23.87 -15.81 14.08
CA GLN B 748 -25.31 -15.87 13.88
C GLN B 748 -25.71 -16.88 12.81
N GLU B 749 -24.96 -16.93 11.70
CA GLU B 749 -25.24 -17.86 10.62
C GLU B 749 -24.98 -19.32 11.00
N VAL B 750 -23.90 -19.60 11.73
CA VAL B 750 -23.54 -20.99 11.99
C VAL B 750 -24.46 -21.62 13.03
N PHE B 751 -24.58 -20.99 14.19
CA PHE B 751 -25.20 -21.65 15.34
C PHE B 751 -26.72 -21.58 15.35
N ALA B 752 -27.30 -20.40 15.11
CA ALA B 752 -28.75 -20.23 15.24
C ALA B 752 -29.49 -20.65 13.98
N GLN B 753 -29.44 -21.96 13.68
CA GLN B 753 -30.18 -22.48 12.54
C GLN B 753 -31.68 -22.56 12.83
N VAL B 754 -32.05 -22.97 14.03
CA VAL B 754 -33.45 -23.09 14.44
C VAL B 754 -33.74 -22.01 15.48
N LYS B 755 -34.96 -21.49 15.44
CA LYS B 755 -35.38 -20.42 16.35
C LYS B 755 -36.24 -20.93 17.49
N GLN B 756 -36.34 -22.25 17.67
CA GLN B 756 -37.08 -22.84 18.77
C GLN B 756 -36.09 -23.44 19.75
N MET B 757 -36.13 -22.96 20.99
CA MET B 757 -35.20 -23.41 22.02
C MET B 757 -35.84 -24.56 22.78
N TYR B 758 -35.57 -25.79 22.33
CA TYR B 758 -36.06 -26.97 23.02
C TYR B 758 -35.31 -27.15 24.33
N LYS B 759 -36.05 -27.32 25.42
CA LYS B 759 -35.42 -27.45 26.73
C LYS B 759 -34.79 -28.83 26.88
N THR B 760 -33.80 -28.90 27.76
CA THR B 760 -33.07 -30.14 27.97
C THR B 760 -33.95 -31.16 28.69
N PRO B 761 -34.07 -32.38 28.17
CA PRO B 761 -34.86 -33.39 28.88
C PRO B 761 -34.21 -33.81 30.17
N ALA B 762 -35.05 -34.29 31.11
CA ALA B 762 -34.56 -34.64 32.43
C ALA B 762 -33.66 -35.88 32.39
N ILE B 763 -34.01 -36.85 31.57
CA ILE B 763 -33.24 -38.09 31.47
C ILE B 763 -32.11 -37.90 30.46
N LYS B 764 -31.08 -38.72 30.57
CA LYS B 764 -29.94 -38.68 29.66
C LYS B 764 -29.68 -40.01 28.95
N ASP B 765 -30.42 -41.06 29.29
CA ASP B 765 -30.25 -42.37 28.64
C ASP B 765 -31.39 -42.56 27.65
N PHE B 766 -31.06 -42.52 26.35
CA PHE B 766 -32.07 -42.70 25.30
C PHE B 766 -31.85 -44.07 24.68
N GLY B 767 -32.48 -45.08 25.29
CA GLY B 767 -32.34 -46.44 24.82
C GLY B 767 -30.95 -47.02 24.99
N GLY B 768 -30.31 -46.78 26.13
CA GLY B 768 -28.97 -47.25 26.38
C GLY B 768 -27.88 -46.32 25.91
N PHE B 769 -28.22 -45.20 25.28
CA PHE B 769 -27.25 -44.26 24.76
C PHE B 769 -26.98 -43.20 25.82
N ASN B 770 -25.76 -43.18 26.37
CA ASN B 770 -25.41 -42.28 27.47
C ASN B 770 -25.06 -40.91 26.89
N PHE B 771 -26.00 -39.97 26.99
CA PHE B 771 -25.82 -38.62 26.47
C PHE B 771 -25.40 -37.62 27.54
N SER B 772 -25.05 -38.09 28.74
CA SER B 772 -24.73 -37.19 29.84
C SER B 772 -23.43 -36.41 29.62
N GLN B 773 -22.56 -36.87 28.74
CA GLN B 773 -21.29 -36.19 28.51
C GLN B 773 -21.41 -34.97 27.61
N ILE B 774 -22.45 -34.88 26.78
CA ILE B 774 -22.60 -33.77 25.85
C ILE B 774 -23.76 -32.85 26.20
N LEU B 775 -24.62 -33.24 27.13
CA LEU B 775 -25.69 -32.33 27.52
C LEU B 775 -25.34 -31.65 28.84
N PRO B 776 -25.77 -30.41 29.04
CA PRO B 776 -25.51 -29.74 30.32
C PRO B 776 -26.23 -30.40 31.48
N ASP B 777 -25.62 -30.31 32.66
CA ASP B 777 -26.14 -30.90 33.88
C ASP B 777 -26.43 -29.81 34.90
N PRO B 778 -27.49 -29.97 35.73
CA PRO B 778 -27.84 -28.96 36.75
C PRO B 778 -27.04 -29.08 38.05
N SER B 779 -25.71 -29.18 37.92
CA SER B 779 -24.85 -29.25 39.10
C SER B 779 -23.55 -28.45 38.90
N LYS B 780 -23.53 -27.49 38.00
CA LYS B 780 -22.34 -26.70 37.73
C LYS B 780 -22.68 -25.22 37.73
N PRO B 781 -21.74 -24.36 38.12
CA PRO B 781 -21.94 -22.91 37.95
C PRO B 781 -22.11 -22.50 36.48
N THR B 782 -21.42 -23.18 35.57
CA THR B 782 -21.58 -22.95 34.15
C THR B 782 -22.66 -23.86 33.58
N LYS B 783 -23.20 -23.46 32.43
CA LYS B 783 -24.25 -24.22 31.77
C LYS B 783 -23.71 -24.99 30.57
N ARG B 784 -22.39 -25.19 30.52
CA ARG B 784 -21.74 -25.92 29.45
C ARG B 784 -21.62 -27.40 29.81
N SER B 785 -21.47 -28.22 28.78
CA SER B 785 -21.23 -29.64 28.99
C SER B 785 -19.79 -29.88 29.44
N PHE B 786 -19.52 -31.12 29.85
CA PHE B 786 -18.18 -31.48 30.32
C PHE B 786 -17.15 -31.42 29.19
N ILE B 787 -17.53 -31.93 28.01
CA ILE B 787 -16.62 -31.90 26.86
C ILE B 787 -16.38 -30.46 26.42
N GLU B 788 -17.40 -29.61 26.51
CA GLU B 788 -17.22 -28.19 26.21
C GLU B 788 -16.27 -27.53 27.21
N ASP B 789 -16.33 -27.93 28.48
CA ASP B 789 -15.40 -27.40 29.47
C ASP B 789 -13.96 -27.84 29.17
N LEU B 790 -13.79 -29.10 28.76
CA LEU B 790 -12.45 -29.57 28.38
C LEU B 790 -11.95 -28.85 27.14
N LEU B 791 -12.84 -28.54 26.20
CA LEU B 791 -12.42 -27.77 25.02
C LEU B 791 -12.06 -26.34 25.38
N PHE B 792 -12.82 -25.71 26.27
CA PHE B 792 -12.56 -24.35 26.70
C PHE B 792 -11.29 -24.23 27.55
N ASN B 793 -10.90 -25.31 28.23
CA ASN B 793 -9.64 -25.31 28.96
C ASN B 793 -8.43 -25.54 28.07
N LYS B 794 -8.62 -26.02 26.84
CA LYS B 794 -7.50 -26.28 25.95
C LYS B 794 -6.92 -25.00 25.36
N VAL B 795 -7.77 -24.03 25.04
CA VAL B 795 -7.33 -22.81 24.36
C VAL B 795 -6.96 -21.78 25.41
N THR B 796 -5.73 -21.27 25.33
CA THR B 796 -5.24 -20.27 26.27
C THR B 796 -5.41 -18.88 25.66
N LEU B 797 -6.16 -18.02 26.34
CA LEU B 797 -6.38 -16.65 25.87
C LEU B 797 -5.39 -15.70 26.53
N ALA B 798 -4.13 -15.86 26.11
CA ALA B 798 -3.08 -14.95 26.58
C ALA B 798 -3.30 -13.53 26.06
N ASP B 799 -3.77 -13.40 24.83
CA ASP B 799 -4.14 -12.10 24.30
C ASP B 799 -5.40 -11.59 24.99
N ALA B 800 -5.48 -10.27 25.15
CA ALA B 800 -6.62 -9.65 25.81
C ALA B 800 -7.17 -8.50 24.97
N GLY B 801 -8.09 -7.72 25.54
CA GLY B 801 -8.65 -6.59 24.83
C GLY B 801 -10.11 -6.31 25.16
N PHE B 802 -10.82 -7.30 25.70
CA PHE B 802 -12.21 -7.10 26.10
C PHE B 802 -12.53 -7.76 27.44
N MET B 803 -11.52 -8.22 28.18
CA MET B 803 -11.73 -8.69 29.55
C MET B 803 -10.76 -8.10 30.56
N LYS B 804 -9.68 -7.45 30.12
CA LYS B 804 -8.74 -6.83 31.04
C LYS B 804 -9.22 -5.43 31.40
N GLN B 805 -9.19 -5.11 32.69
CA GLN B 805 -9.59 -3.79 33.16
C GLN B 805 -8.59 -2.73 32.69
N TYR B 806 -9.12 -1.56 32.32
CA TYR B 806 -8.27 -0.51 31.78
C TYR B 806 -7.46 0.19 32.87
N GLY B 807 -8.08 0.44 34.03
CA GLY B 807 -7.39 1.03 35.17
C GLY B 807 -6.29 0.19 35.77
N GLU B 808 -6.20 -1.08 35.35
CA GLU B 808 -5.08 -1.93 35.72
C GLU B 808 -3.77 -1.50 35.04
N CYS B 809 -3.84 -0.57 34.08
CA CYS B 809 -2.67 -0.14 33.32
C CYS B 809 -1.82 0.89 34.04
N LEU B 810 -1.86 0.94 35.38
CA LEU B 810 -1.01 1.83 36.15
C LEU B 810 -0.06 1.04 37.04
N GLY B 811 0.56 0.00 36.48
CA GLY B 811 1.42 -0.89 37.23
C GLY B 811 2.87 -0.48 37.24
N ASP B 812 3.73 -1.43 37.59
CA ASP B 812 5.16 -1.18 37.74
C ASP B 812 5.89 -1.47 36.43
N ILE B 813 7.23 -1.53 36.51
CA ILE B 813 8.05 -1.83 35.34
C ILE B 813 7.85 -3.26 34.85
N SER B 814 7.38 -4.16 35.72
CA SER B 814 7.04 -5.51 35.32
C SER B 814 5.63 -5.61 34.73
N ALA B 815 4.83 -4.56 34.89
CA ALA B 815 3.49 -4.52 34.30
C ALA B 815 3.46 -3.82 32.94
N ARG B 816 4.62 -3.44 32.41
CA ARG B 816 4.71 -2.84 31.08
C ARG B 816 4.49 -3.95 30.06
N ASP B 817 3.21 -4.28 29.83
CA ASP B 817 2.83 -5.34 28.93
C ASP B 817 2.35 -4.74 27.61
N LEU B 818 2.10 -5.60 26.63
CA LEU B 818 1.70 -5.15 25.30
C LEU B 818 0.25 -4.70 25.23
N ILE B 819 -0.61 -5.26 26.08
CA ILE B 819 -2.04 -4.97 26.01
C ILE B 819 -2.33 -3.53 26.44
N CYS B 820 -1.69 -3.08 27.51
CA CYS B 820 -1.87 -1.70 27.95
C CYS B 820 -1.25 -0.72 26.96
N ALA B 821 -0.16 -1.12 26.30
CA ALA B 821 0.39 -0.29 25.24
C ALA B 821 -0.57 -0.18 24.05
N GLN B 822 -1.24 -1.28 23.70
CA GLN B 822 -2.26 -1.22 22.65
C GLN B 822 -3.40 -0.31 23.06
N LYS B 823 -3.83 -0.38 24.32
CA LYS B 823 -4.92 0.47 24.77
C LYS B 823 -4.49 1.93 24.85
N PHE B 824 -3.22 2.19 25.12
CA PHE B 824 -2.69 3.55 25.12
C PHE B 824 -2.41 4.09 23.73
N ASN B 825 -2.33 3.23 22.71
CA ASN B 825 -2.09 3.68 21.34
C ASN B 825 -3.34 3.59 20.47
N GLY B 826 -4.52 3.52 21.08
CA GLY B 826 -5.77 3.60 20.33
C GLY B 826 -6.22 2.32 19.68
N LEU B 827 -5.52 1.20 19.89
CA LEU B 827 -5.90 -0.08 19.30
C LEU B 827 -6.75 -0.82 20.32
N THR B 828 -8.04 -0.96 20.04
CA THR B 828 -8.96 -1.63 20.96
C THR B 828 -9.58 -2.85 20.31
N VAL B 829 -10.02 -3.78 21.16
CA VAL B 829 -10.68 -5.00 20.72
C VAL B 829 -12.10 -4.99 21.25
N LEU B 830 -13.06 -5.00 20.35
CA LEU B 830 -14.47 -4.98 20.74
C LEU B 830 -14.92 -6.37 21.18
N PRO B 831 -15.82 -6.46 22.16
CA PRO B 831 -16.28 -7.77 22.61
C PRO B 831 -17.25 -8.38 21.61
N PRO B 832 -17.34 -9.70 21.55
CA PRO B 832 -18.33 -10.34 20.68
C PRO B 832 -19.74 -10.13 21.20
N LEU B 833 -20.70 -10.19 20.27
CA LEU B 833 -22.09 -9.98 20.63
C LEU B 833 -22.66 -11.15 21.41
N LEU B 834 -22.36 -12.37 21.00
CA LEU B 834 -22.98 -13.56 21.55
C LEU B 834 -22.12 -14.11 22.67
N THR B 835 -22.69 -14.24 23.86
CA THR B 835 -21.98 -14.78 25.02
C THR B 835 -21.79 -16.29 24.85
N ASP B 836 -20.63 -16.77 25.31
CA ASP B 836 -20.31 -18.19 25.19
C ASP B 836 -21.28 -19.07 25.96
N GLU B 837 -21.67 -18.63 27.15
CA GLU B 837 -22.69 -19.34 27.92
C GLU B 837 -24.07 -19.29 27.26
N MET B 838 -24.26 -18.41 26.29
CA MET B 838 -25.48 -18.35 25.50
C MET B 838 -25.35 -19.07 24.16
N ILE B 839 -24.13 -19.23 23.65
CA ILE B 839 -23.87 -20.18 22.57
C ILE B 839 -24.10 -21.61 23.06
N ALA B 840 -23.77 -21.86 24.32
CA ALA B 840 -24.06 -23.16 24.93
C ALA B 840 -25.54 -23.49 24.92
N ALA B 841 -26.42 -22.49 25.06
CA ALA B 841 -27.84 -22.73 24.97
C ALA B 841 -28.26 -23.18 23.57
N TYR B 842 -27.70 -22.55 22.53
CA TYR B 842 -27.97 -22.99 21.16
C TYR B 842 -27.49 -24.41 20.92
N THR B 843 -26.28 -24.75 21.34
CA THR B 843 -25.78 -26.08 21.02
C THR B 843 -26.52 -27.15 21.83
N ALA B 844 -26.94 -26.81 23.06
CA ALA B 844 -27.76 -27.75 23.84
C ALA B 844 -29.13 -27.92 23.20
N ALA B 845 -29.69 -26.84 22.64
CA ALA B 845 -30.98 -26.94 21.97
C ALA B 845 -30.90 -27.83 20.73
N LEU B 846 -29.84 -27.67 19.93
CA LEU B 846 -29.66 -28.53 18.76
C LEU B 846 -29.45 -30.00 19.15
N VAL B 847 -28.64 -30.26 20.19
CA VAL B 847 -28.43 -31.65 20.58
C VAL B 847 -29.70 -32.27 21.14
N SER B 848 -30.45 -31.51 21.96
CA SER B 848 -31.71 -32.03 22.48
C SER B 848 -32.73 -32.27 21.37
N GLY B 849 -32.79 -31.38 20.39
CA GLY B 849 -33.70 -31.56 19.28
C GLY B 849 -33.37 -32.77 18.43
N THR B 850 -32.09 -32.97 18.13
CA THR B 850 -31.72 -34.13 17.31
C THR B 850 -31.75 -35.42 18.14
N ALA B 851 -31.75 -35.32 19.46
CA ALA B 851 -31.88 -36.52 20.28
C ALA B 851 -33.33 -36.93 20.45
N THR B 852 -34.25 -35.97 20.53
CA THR B 852 -35.66 -36.26 20.75
C THR B 852 -36.45 -36.26 19.45
N ALA B 853 -36.45 -35.15 18.71
CA ALA B 853 -37.24 -35.07 17.49
C ALA B 853 -36.58 -35.81 16.34
N GLY B 854 -35.26 -35.83 16.29
CA GLY B 854 -34.56 -36.47 15.19
C GLY B 854 -34.18 -35.46 14.12
N TRP B 855 -34.44 -35.81 12.87
CA TRP B 855 -34.14 -34.93 11.74
C TRP B 855 -35.34 -34.10 11.32
N THR B 856 -36.50 -34.31 11.94
CA THR B 856 -37.74 -33.68 11.48
C THR B 856 -37.84 -32.21 11.85
N PHE B 857 -37.22 -31.80 12.95
CA PHE B 857 -37.41 -30.44 13.45
C PHE B 857 -36.71 -29.39 12.61
N GLY B 858 -35.84 -29.79 11.68
CA GLY B 858 -35.20 -28.82 10.80
C GLY B 858 -36.04 -28.51 9.59
N ALA B 859 -36.67 -29.53 9.02
CA ALA B 859 -37.54 -29.31 7.86
C ALA B 859 -38.83 -28.62 8.27
N GLY B 860 -39.48 -29.08 9.33
CA GLY B 860 -40.70 -28.47 9.80
C GLY B 860 -40.76 -28.37 11.31
N ALA B 861 -41.85 -28.84 11.90
CA ALA B 861 -41.99 -28.85 13.34
C ALA B 861 -41.27 -30.05 13.95
N ALA B 862 -41.20 -30.07 15.27
CA ALA B 862 -40.54 -31.15 16.00
C ALA B 862 -41.50 -32.33 16.11
N LEU B 863 -41.01 -33.52 15.75
CA LEU B 863 -41.83 -34.73 15.76
C LEU B 863 -41.17 -35.75 16.67
N GLN B 864 -41.80 -36.08 17.79
CA GLN B 864 -41.21 -37.01 18.73
C GLN B 864 -41.24 -38.43 18.17
N ILE B 865 -40.21 -39.20 18.52
CA ILE B 865 -39.99 -40.55 18.00
C ILE B 865 -38.98 -41.23 18.92
N PRO B 866 -39.17 -42.51 19.24
CA PRO B 866 -38.17 -43.22 20.06
C PRO B 866 -36.82 -43.29 19.36
N PHE B 867 -35.76 -43.23 20.17
CA PHE B 867 -34.41 -43.12 19.62
C PHE B 867 -33.97 -44.38 18.89
N ALA B 868 -34.41 -45.56 19.36
CA ALA B 868 -34.04 -46.80 18.69
C ALA B 868 -34.61 -46.85 17.28
N MET B 869 -35.86 -46.41 17.11
CA MET B 869 -36.47 -46.38 15.78
C MET B 869 -35.78 -45.37 14.87
N GLN B 870 -35.40 -44.22 15.42
CA GLN B 870 -34.68 -43.22 14.64
C GLN B 870 -33.34 -43.75 14.18
N MET B 871 -32.62 -44.43 15.07
CA MET B 871 -31.30 -44.93 14.70
C MET B 871 -31.42 -46.11 13.74
N ALA B 872 -32.47 -46.92 13.87
CA ALA B 872 -32.74 -47.97 12.88
C ALA B 872 -33.05 -47.38 11.51
N TYR B 873 -33.78 -46.27 11.47
CA TYR B 873 -34.02 -45.58 10.21
C TYR B 873 -32.71 -45.03 9.64
N ARG B 874 -31.79 -44.61 10.51
CA ARG B 874 -30.51 -44.11 10.02
C ARG B 874 -29.65 -45.24 9.46
N PHE B 875 -29.68 -46.43 10.06
CA PHE B 875 -29.07 -47.59 9.42
C PHE B 875 -29.77 -47.97 8.13
N ASN B 876 -31.08 -47.70 8.03
CA ASN B 876 -31.80 -47.99 6.79
C ASN B 876 -31.34 -47.12 5.63
N GLY B 877 -30.85 -45.92 5.91
CA GLY B 877 -30.33 -45.05 4.88
C GLY B 877 -28.92 -45.35 4.42
N ILE B 878 -28.24 -46.27 5.11
CA ILE B 878 -26.88 -46.67 4.73
C ILE B 878 -26.89 -47.81 3.72
N GLY B 879 -27.77 -48.79 3.93
CA GLY B 879 -27.80 -49.98 3.09
C GLY B 879 -27.95 -51.23 3.93
N VAL B 880 -27.91 -51.05 5.24
CA VAL B 880 -28.06 -52.14 6.20
C VAL B 880 -29.53 -52.25 6.58
N THR B 881 -30.03 -53.47 6.70
CA THR B 881 -31.42 -53.70 7.02
C THR B 881 -31.72 -53.31 8.47
N GLN B 882 -33.01 -53.24 8.79
CA GLN B 882 -33.45 -52.75 10.09
C GLN B 882 -33.19 -53.76 11.19
N ASN B 883 -33.08 -55.05 10.86
CA ASN B 883 -32.94 -56.10 11.85
C ASN B 883 -31.62 -56.08 12.59
N VAL B 884 -30.57 -55.53 11.99
CA VAL B 884 -29.24 -55.53 12.60
C VAL B 884 -29.23 -54.70 13.88
N LEU B 885 -29.82 -53.51 13.85
CA LEU B 885 -29.94 -52.69 15.06
C LEU B 885 -30.79 -53.39 16.11
N TYR B 886 -31.92 -53.95 15.71
CA TYR B 886 -32.83 -54.54 16.67
C TYR B 886 -32.26 -55.83 17.26
N GLU B 887 -31.22 -56.39 16.64
CA GLU B 887 -30.51 -57.50 17.25
C GLU B 887 -29.28 -57.08 18.04
N ASN B 888 -28.63 -55.97 17.70
CA ASN B 888 -27.34 -55.62 18.31
C ASN B 888 -27.35 -54.21 18.90
N GLN B 889 -28.51 -53.78 19.41
CA GLN B 889 -28.62 -52.45 20.01
C GLN B 889 -27.72 -52.30 21.24
N LYS B 890 -27.61 -53.34 22.07
CA LYS B 890 -26.75 -53.23 23.25
C LYS B 890 -25.28 -53.14 22.86
N GLN B 891 -24.88 -53.91 21.85
CA GLN B 891 -23.50 -53.88 21.39
C GLN B 891 -23.15 -52.53 20.78
N ILE B 892 -24.04 -51.96 19.97
CA ILE B 892 -23.72 -50.67 19.36
C ILE B 892 -23.79 -49.55 20.39
N ALA B 893 -24.64 -49.70 21.42
CA ALA B 893 -24.67 -48.72 22.49
C ALA B 893 -23.39 -48.75 23.30
N ASN B 894 -22.87 -49.95 23.58
CA ASN B 894 -21.59 -50.06 24.29
C ASN B 894 -20.45 -49.49 23.46
N GLN B 895 -20.46 -49.74 22.15
CA GLN B 895 -19.42 -49.16 21.29
C GLN B 895 -19.50 -47.63 21.25
N PHE B 896 -20.72 -47.09 21.22
CA PHE B 896 -20.93 -45.65 21.21
C PHE B 896 -20.43 -45.00 22.51
N ASN B 897 -20.76 -45.61 23.65
CA ASN B 897 -20.27 -45.11 24.93
C ASN B 897 -18.75 -45.22 25.03
N LYS B 898 -18.18 -46.32 24.52
CA LYS B 898 -16.73 -46.48 24.54
C LYS B 898 -16.04 -45.43 23.66
N ALA B 899 -16.62 -45.12 22.51
CA ALA B 899 -16.06 -44.11 21.63
C ALA B 899 -16.09 -42.74 22.28
N ILE B 900 -17.19 -42.40 22.95
CA ILE B 900 -17.24 -41.11 23.66
C ILE B 900 -16.24 -41.08 24.81
N SER B 901 -16.05 -42.21 25.49
CA SER B 901 -15.06 -42.26 26.57
C SER B 901 -13.64 -42.08 26.03
N GLN B 902 -13.36 -42.67 24.86
CA GLN B 902 -12.05 -42.49 24.24
C GLN B 902 -11.82 -41.05 23.81
N ILE B 903 -12.86 -40.40 23.28
CA ILE B 903 -12.74 -38.98 22.93
C ILE B 903 -12.49 -38.14 24.17
N GLN B 904 -13.20 -38.43 25.27
CA GLN B 904 -13.01 -37.72 26.52
C GLN B 904 -11.60 -37.87 27.05
N GLU B 905 -11.06 -39.09 26.98
CA GLU B 905 -9.68 -39.31 27.40
C GLU B 905 -8.67 -38.65 26.49
N SER B 906 -8.93 -38.62 25.17
CA SER B 906 -7.99 -38.01 24.24
C SER B 906 -8.02 -36.48 24.28
N LEU B 907 -9.08 -35.87 24.78
CA LEU B 907 -9.18 -34.43 24.82
C LEU B 907 -8.55 -33.80 26.07
N THR B 908 -7.86 -34.59 26.90
CA THR B 908 -7.22 -34.08 28.09
C THR B 908 -5.70 -34.10 28.05
N THR B 909 -5.10 -34.73 27.03
CA THR B 909 -3.65 -34.88 26.97
C THR B 909 -3.01 -34.06 25.85
N THR B 910 -3.47 -34.23 24.62
CA THR B 910 -2.83 -33.58 23.48
C THR B 910 -3.12 -32.09 23.47
N SER B 911 -2.09 -31.29 23.28
CA SER B 911 -2.20 -29.84 23.19
C SER B 911 -2.28 -29.34 21.76
N THR B 912 -2.20 -30.24 20.78
CA THR B 912 -2.24 -29.86 19.37
C THR B 912 -3.55 -30.24 18.70
N ALA B 913 -4.55 -30.66 19.45
CA ALA B 913 -5.84 -31.02 18.86
C ALA B 913 -6.59 -29.79 18.38
N LEU B 914 -6.42 -28.66 19.07
CA LEU B 914 -7.13 -27.43 18.76
C LEU B 914 -6.19 -26.34 18.27
N GLY B 915 -5.23 -26.71 17.41
CA GLY B 915 -4.20 -25.78 16.99
C GLY B 915 -4.67 -24.65 16.09
N LYS B 916 -5.81 -24.83 15.41
CA LYS B 916 -6.26 -23.84 14.44
C LYS B 916 -6.73 -22.56 15.13
N LEU B 917 -7.54 -22.70 16.17
CA LEU B 917 -8.01 -21.52 16.92
C LEU B 917 -6.85 -20.82 17.62
N GLN B 918 -5.90 -21.60 18.15
CA GLN B 918 -4.71 -21.03 18.76
C GLN B 918 -3.88 -20.26 17.74
N ASP B 919 -3.78 -20.78 16.51
CA ASP B 919 -3.07 -20.06 15.46
C ASP B 919 -3.79 -18.77 15.09
N VAL B 920 -5.12 -18.79 15.08
CA VAL B 920 -5.89 -17.57 14.77
C VAL B 920 -5.62 -16.50 15.84
N VAL B 921 -5.69 -16.90 17.11
CA VAL B 921 -5.46 -15.96 18.21
C VAL B 921 -4.03 -15.43 18.18
N ASN B 922 -3.06 -16.31 17.93
CA ASN B 922 -1.66 -15.89 17.86
C ASN B 922 -1.41 -14.95 16.70
N GLN B 923 -2.05 -15.20 15.54
CA GLN B 923 -1.89 -14.31 14.40
C GLN B 923 -2.45 -12.92 14.70
N ASN B 924 -3.62 -12.85 15.34
CA ASN B 924 -4.19 -11.55 15.69
C ASN B 924 -3.31 -10.81 16.69
N ALA B 925 -2.82 -11.51 17.72
CA ALA B 925 -1.96 -10.88 18.71
C ALA B 925 -0.65 -10.41 18.11
N GLN B 926 -0.06 -11.22 17.22
CA GLN B 926 1.19 -10.84 16.57
C GLN B 926 1.01 -9.64 15.65
N ALA B 927 -0.12 -9.58 14.94
CA ALA B 927 -0.40 -8.43 14.09
C ALA B 927 -0.54 -7.15 14.91
N LEU B 928 -1.26 -7.22 16.03
CA LEU B 928 -1.41 -6.04 16.88
C LEU B 928 -0.07 -5.61 17.50
N ASN B 929 0.73 -6.58 17.93
CA ASN B 929 2.02 -6.26 18.53
C ASN B 929 2.98 -5.67 17.51
N THR B 930 2.94 -6.17 16.27
CA THR B 930 3.77 -5.60 15.21
C THR B 930 3.32 -4.18 14.88
N LEU B 931 2.00 -3.93 14.88
CA LEU B 931 1.50 -2.58 14.64
C LEU B 931 1.94 -1.63 15.75
N VAL B 932 2.00 -2.10 16.99
CA VAL B 932 2.51 -1.27 18.08
C VAL B 932 4.01 -1.02 17.91
N LYS B 933 4.77 -2.08 17.61
CA LYS B 933 6.22 -1.97 17.53
C LYS B 933 6.70 -1.18 16.33
N GLN B 934 5.85 -1.00 15.31
CA GLN B 934 6.28 -0.23 14.14
C GLN B 934 6.31 1.27 14.39
N LEU B 935 5.93 1.74 15.58
CA LEU B 935 5.97 3.16 15.87
C LEU B 935 7.37 3.67 16.16
N SER B 936 8.36 2.79 16.31
CA SER B 936 9.71 3.19 16.63
C SER B 936 10.54 3.59 15.41
N SER B 937 9.97 3.50 14.22
CA SER B 937 10.68 3.89 13.01
C SER B 937 10.44 5.37 12.71
N ASN B 938 11.53 6.11 12.51
CA ASN B 938 11.42 7.55 12.30
C ASN B 938 11.04 7.91 10.87
N PHE B 939 11.11 6.96 9.93
CA PHE B 939 10.78 7.15 8.52
C PHE B 939 11.60 8.29 7.90
N GLY B 940 12.87 8.39 8.29
CA GLY B 940 13.76 9.39 7.75
C GLY B 940 13.81 10.70 8.51
N ALA B 941 12.96 10.88 9.53
CA ALA B 941 13.04 12.05 10.38
C ALA B 941 14.24 11.92 11.31
N ILE B 942 14.59 13.01 11.99
CA ILE B 942 15.74 12.98 12.87
C ILE B 942 15.44 12.28 14.20
N SER B 943 14.17 12.00 14.49
CA SER B 943 13.82 11.25 15.68
C SER B 943 12.48 10.56 15.46
N SER B 944 12.31 9.41 16.11
CA SER B 944 11.09 8.61 15.98
C SER B 944 9.91 9.25 16.72
N VAL B 945 10.12 9.71 17.94
CA VAL B 945 9.05 10.32 18.72
C VAL B 945 8.87 11.76 18.26
N LEU B 946 7.66 12.30 18.40
CA LEU B 946 7.33 13.62 17.89
C LEU B 946 7.67 14.74 18.88
N ASN B 947 7.82 14.42 20.16
CA ASN B 947 8.00 15.44 21.19
C ASN B 947 9.33 16.17 21.00
N ASP B 948 10.41 15.45 20.74
CA ASP B 948 11.68 16.13 20.52
C ASP B 948 11.77 16.76 19.13
N ILE B 949 10.96 16.29 18.18
CA ILE B 949 10.81 17.00 16.91
C ILE B 949 10.23 18.38 17.15
N LEU B 950 9.19 18.46 17.98
CA LEU B 950 8.58 19.75 18.27
C LEU B 950 9.43 20.61 19.18
N SER B 951 10.18 20.01 20.11
CA SER B 951 10.96 20.78 21.06
C SER B 951 12.29 21.24 20.50
N ARG B 952 12.86 20.48 19.55
CA ARG B 952 14.19 20.72 19.06
C ARG B 952 14.25 21.74 17.92
N LEU B 953 13.18 21.87 17.14
CA LEU B 953 13.15 22.77 16.01
C LEU B 953 11.92 23.66 16.07
N ASP B 954 11.97 24.78 15.35
CA ASP B 954 10.74 25.47 15.00
C ASP B 954 9.99 24.66 13.94
N LYS B 955 8.69 24.90 13.83
CA LYS B 955 7.89 23.99 13.02
C LYS B 955 7.95 24.30 11.54
N VAL B 956 8.76 25.28 11.13
CA VAL B 956 8.93 25.60 9.71
C VAL B 956 9.47 24.40 8.95
N GLU B 957 10.47 23.74 9.51
CA GLU B 957 10.94 22.47 8.97
C GLU B 957 10.43 21.26 9.74
N ALA B 958 9.95 21.44 10.97
CA ALA B 958 9.36 20.31 11.68
C ALA B 958 8.04 19.91 11.04
N GLU B 959 7.41 20.79 10.27
CA GLU B 959 6.26 20.36 9.46
C GLU B 959 6.68 19.31 8.45
N VAL B 960 7.81 19.54 7.78
CA VAL B 960 8.36 18.55 6.85
C VAL B 960 8.75 17.28 7.59
N GLN B 961 9.29 17.42 8.80
CA GLN B 961 9.64 16.26 9.61
C GLN B 961 8.42 15.43 9.99
N ILE B 962 7.34 16.08 10.42
CA ILE B 962 6.12 15.37 10.83
C ILE B 962 5.39 14.78 9.64
N ASP B 963 5.54 15.37 8.45
CA ASP B 963 4.88 14.82 7.25
C ASP B 963 5.34 13.41 6.94
N ARG B 964 6.65 13.15 7.06
CA ARG B 964 7.19 11.81 6.80
C ARG B 964 6.66 10.80 7.80
N LEU B 965 6.60 11.17 9.08
CA LEU B 965 6.08 10.28 10.11
C LEU B 965 4.60 9.99 9.87
N ILE B 966 3.83 11.00 9.47
CA ILE B 966 2.41 10.82 9.19
C ILE B 966 2.23 9.85 8.02
N THR B 967 3.02 10.03 6.95
CA THR B 967 2.94 9.14 5.80
C THR B 967 3.30 7.71 6.17
N GLY B 968 4.35 7.52 6.96
CA GLY B 968 4.76 6.18 7.35
C GLY B 968 3.72 5.49 8.22
N ARG B 969 3.14 6.21 9.18
CA ARG B 969 2.13 5.61 10.04
C ARG B 969 0.84 5.31 9.27
N LEU B 970 0.47 6.16 8.31
CA LEU B 970 -0.67 5.86 7.47
C LEU B 970 -0.42 4.63 6.61
N GLN B 971 0.80 4.47 6.10
CA GLN B 971 1.15 3.27 5.33
C GLN B 971 1.06 2.02 6.19
N SER B 972 1.54 2.09 7.44
CA SER B 972 1.46 0.96 8.35
C SER B 972 0.01 0.58 8.64
N LEU B 973 -0.85 1.60 8.87
CA LEU B 973 -2.26 1.33 9.11
C LEU B 973 -2.92 0.70 7.89
N GLN B 974 -2.57 1.17 6.69
CA GLN B 974 -3.11 0.60 5.47
C GLN B 974 -2.72 -0.86 5.31
N THR B 975 -1.45 -1.19 5.58
CA THR B 975 -0.99 -2.56 5.48
C THR B 975 -1.71 -3.46 6.48
N TYR B 976 -1.90 -2.98 7.72
CA TYR B 976 -2.60 -3.76 8.72
C TYR B 976 -4.05 -4.01 8.32
N VAL B 977 -4.72 -2.99 7.79
CA VAL B 977 -6.11 -3.14 7.37
C VAL B 977 -6.23 -4.12 6.21
N THR B 978 -5.30 -4.08 5.26
CA THR B 978 -5.33 -5.01 4.12
C THR B 978 -5.15 -6.45 4.59
N GLN B 979 -4.18 -6.68 5.47
CA GLN B 979 -3.97 -8.04 5.98
C GLN B 979 -5.17 -8.53 6.79
N GLN B 980 -5.77 -7.64 7.58
CA GLN B 980 -6.97 -8.00 8.33
C GLN B 980 -8.13 -8.36 7.40
N LEU B 981 -8.27 -7.63 6.29
CA LEU B 981 -9.33 -7.93 5.33
C LEU B 981 -9.12 -9.30 4.69
N ILE B 982 -7.88 -9.63 4.34
CA ILE B 982 -7.60 -10.93 3.74
C ILE B 982 -7.89 -12.06 4.73
N ARG B 983 -7.45 -11.89 5.98
CA ARG B 983 -7.73 -12.90 7.00
C ARG B 983 -9.22 -13.03 7.28
N ALA B 984 -9.96 -11.91 7.24
CA ALA B 984 -11.40 -11.95 7.44
C ALA B 984 -12.10 -12.69 6.29
N ALA B 985 -11.60 -12.54 5.07
CA ALA B 985 -12.17 -13.29 3.95
C ALA B 985 -11.94 -14.79 4.12
N GLU B 986 -10.74 -15.17 4.57
CA GLU B 986 -10.47 -16.59 4.80
C GLU B 986 -11.36 -17.16 5.91
N ILE B 987 -11.55 -16.38 6.98
CA ILE B 987 -12.43 -16.81 8.07
C ILE B 987 -13.88 -16.90 7.59
N ARG B 988 -14.29 -16.00 6.68
CA ARG B 988 -15.62 -16.07 6.10
C ARG B 988 -15.82 -17.35 5.30
N ALA B 989 -14.82 -17.74 4.51
CA ALA B 989 -14.92 -19.00 3.77
C ALA B 989 -15.02 -20.19 4.71
N SER B 990 -14.21 -20.20 5.77
CA SER B 990 -14.28 -21.29 6.74
C SER B 990 -15.63 -21.33 7.46
N ALA B 991 -16.19 -20.15 7.77
CA ALA B 991 -17.48 -20.10 8.44
C ALA B 991 -18.60 -20.56 7.53
N ASN B 992 -18.52 -20.25 6.24
CA ASN B 992 -19.51 -20.76 5.28
C ASN B 992 -19.45 -22.29 5.20
N LEU B 993 -18.24 -22.85 5.17
CA LEU B 993 -18.11 -24.30 5.17
C LEU B 993 -18.66 -24.91 6.45
N ALA B 994 -18.41 -24.27 7.59
CA ALA B 994 -18.93 -24.77 8.87
C ALA B 994 -20.44 -24.70 8.91
N ALA B 995 -21.04 -23.64 8.37
CA ALA B 995 -22.49 -23.53 8.32
C ALA B 995 -23.09 -24.61 7.42
N THR B 996 -22.44 -24.90 6.29
CA THR B 996 -22.92 -25.97 5.42
C THR B 996 -22.85 -27.32 6.12
N LYS B 997 -21.76 -27.59 6.84
CA LYS B 997 -21.65 -28.84 7.58
C LYS B 997 -22.68 -28.92 8.70
N MET B 998 -22.98 -27.78 9.35
CA MET B 998 -24.03 -27.74 10.36
C MET B 998 -25.39 -28.06 9.76
N SER B 999 -25.68 -27.52 8.58
CA SER B 999 -27.00 -27.72 7.98
C SER B 999 -27.16 -29.13 7.44
N GLU B 1000 -26.11 -29.71 6.88
CA GLU B 1000 -26.25 -30.98 6.18
C GLU B 1000 -25.89 -32.21 7.00
N CYS B 1001 -25.01 -32.09 7.99
CA CYS B 1001 -24.55 -33.26 8.73
C CYS B 1001 -25.16 -33.38 10.13
N VAL B 1002 -25.34 -32.27 10.84
CA VAL B 1002 -25.97 -32.31 12.15
C VAL B 1002 -27.49 -32.39 12.05
N LEU B 1003 -28.07 -31.49 11.27
CA LEU B 1003 -29.51 -31.37 11.18
C LEU B 1003 -30.16 -32.49 10.36
N GLY B 1004 -29.41 -33.11 9.46
CA GLY B 1004 -29.93 -34.19 8.66
C GLY B 1004 -28.83 -35.14 8.26
N GLN B 1005 -29.18 -36.09 7.40
CA GLN B 1005 -28.24 -37.09 6.90
C GLN B 1005 -28.35 -37.17 5.39
N SER B 1006 -27.21 -37.11 4.71
CA SER B 1006 -27.13 -37.24 3.26
C SER B 1006 -26.13 -38.34 2.89
N LYS B 1007 -25.79 -38.39 1.61
CA LYS B 1007 -24.93 -39.45 1.09
C LYS B 1007 -23.63 -38.92 0.47
N ARG B 1008 -23.22 -37.70 0.79
CA ARG B 1008 -21.96 -37.19 0.28
C ARG B 1008 -20.79 -37.90 0.93
N VAL B 1009 -19.88 -38.42 0.12
CA VAL B 1009 -18.77 -39.23 0.61
C VAL B 1009 -17.74 -38.33 1.26
N ASP B 1010 -17.33 -38.69 2.48
CA ASP B 1010 -16.28 -38.02 3.25
C ASP B 1010 -16.58 -36.54 3.51
N PHE B 1011 -17.86 -36.15 3.51
CA PHE B 1011 -18.20 -34.76 3.78
C PHE B 1011 -18.05 -34.45 5.26
N CYS B 1012 -18.49 -35.35 6.13
CA CYS B 1012 -18.37 -35.20 7.58
C CYS B 1012 -17.95 -36.56 8.14
N GLY B 1013 -16.65 -36.75 8.32
CA GLY B 1013 -16.14 -37.99 8.87
C GLY B 1013 -15.89 -39.05 7.82
N LYS B 1014 -14.89 -39.90 8.06
CA LYS B 1014 -14.53 -40.97 7.13
C LYS B 1014 -15.32 -42.22 7.50
N GLY B 1015 -16.43 -42.43 6.80
CA GLY B 1015 -17.27 -43.57 7.06
C GLY B 1015 -18.58 -43.46 6.31
N TYR B 1016 -19.55 -44.26 6.77
CA TYR B 1016 -20.86 -44.26 6.12
C TYR B 1016 -21.83 -43.33 6.83
N HIS B 1017 -22.04 -43.55 8.13
CA HIS B 1017 -22.99 -42.76 8.90
C HIS B 1017 -22.52 -41.32 9.00
N LEU B 1018 -23.45 -40.38 8.87
CA LEU B 1018 -23.11 -38.97 8.72
C LEU B 1018 -23.70 -38.17 9.87
N MET B 1019 -24.07 -38.86 10.95
CA MET B 1019 -24.59 -38.24 12.16
C MET B 1019 -23.49 -37.42 12.83
N SER B 1020 -23.85 -36.26 13.37
CA SER B 1020 -22.88 -35.39 14.01
C SER B 1020 -23.49 -34.68 15.21
N PHE B 1021 -22.63 -34.31 16.15
CA PHE B 1021 -23.01 -33.54 17.33
C PHE B 1021 -22.12 -32.32 17.45
N PRO B 1022 -22.68 -31.13 17.64
CA PRO B 1022 -21.85 -29.92 17.73
C PRO B 1022 -21.49 -29.53 19.16
N GLN B 1023 -20.29 -28.99 19.31
CA GLN B 1023 -19.83 -28.40 20.56
C GLN B 1023 -19.19 -27.05 20.28
N ALA B 1024 -19.34 -26.12 21.22
CA ALA B 1024 -18.74 -24.81 21.08
C ALA B 1024 -17.25 -24.86 21.42
N ALA B 1025 -16.53 -23.84 20.96
CA ALA B 1025 -15.12 -23.67 21.26
C ALA B 1025 -14.80 -22.19 21.12
N PRO B 1026 -13.75 -21.70 21.81
CA PRO B 1026 -13.37 -20.28 21.66
C PRO B 1026 -13.08 -19.90 20.22
N HIS B 1027 -13.97 -19.07 19.66
CA HIS B 1027 -13.96 -18.68 18.26
C HIS B 1027 -13.94 -19.88 17.32
N GLY B 1028 -14.76 -20.89 17.63
CA GLY B 1028 -14.81 -22.05 16.76
C GLY B 1028 -15.86 -23.05 17.16
N VAL B 1029 -15.98 -24.08 16.34
CA VAL B 1029 -16.95 -25.15 16.55
C VAL B 1029 -16.21 -26.47 16.40
N VAL B 1030 -16.71 -27.50 17.09
CA VAL B 1030 -16.14 -28.84 17.02
C VAL B 1030 -17.28 -29.81 16.74
N PHE B 1031 -17.16 -30.57 15.65
CA PHE B 1031 -18.16 -31.54 15.28
C PHE B 1031 -17.66 -32.94 15.62
N LEU B 1032 -18.51 -33.71 16.30
CA LEU B 1032 -18.24 -35.12 16.58
C LEU B 1032 -19.06 -35.94 15.61
N HIS B 1033 -18.40 -36.60 14.67
CA HIS B 1033 -19.06 -37.40 13.65
C HIS B 1033 -19.11 -38.86 14.09
N VAL B 1034 -20.30 -39.44 14.07
CA VAL B 1034 -20.51 -40.85 14.35
C VAL B 1034 -20.62 -41.57 13.03
N THR B 1035 -19.71 -42.51 12.76
CA THR B 1035 -19.61 -43.19 11.49
C THR B 1035 -19.68 -44.69 11.69
N TYR B 1036 -20.21 -45.38 10.69
CA TYR B 1036 -20.33 -46.83 10.66
C TYR B 1036 -19.25 -47.36 9.72
N VAL B 1037 -18.43 -48.29 10.21
CA VAL B 1037 -17.32 -48.82 9.42
C VAL B 1037 -17.42 -50.35 9.43
N PRO B 1038 -17.23 -51.02 8.30
CA PRO B 1038 -17.15 -52.48 8.30
C PRO B 1038 -15.74 -52.95 8.67
N SER B 1039 -15.67 -54.04 9.44
CA SER B 1039 -14.41 -54.47 10.03
C SER B 1039 -13.94 -55.83 9.54
N GLN B 1040 -14.73 -56.89 9.74
CA GLN B 1040 -14.23 -58.25 9.58
C GLN B 1040 -14.65 -58.81 8.23
N GLU B 1041 -13.75 -58.78 7.27
CA GLU B 1041 -14.05 -59.24 5.93
C GLU B 1041 -14.01 -60.77 5.85
N ARG B 1042 -14.56 -61.30 4.76
CA ARG B 1042 -14.52 -62.72 4.48
C ARG B 1042 -14.71 -62.92 2.98
N ASN B 1043 -13.82 -63.69 2.36
CA ASN B 1043 -13.87 -63.90 0.92
C ASN B 1043 -14.93 -64.95 0.55
N PHE B 1044 -15.44 -64.85 -0.67
CA PHE B 1044 -16.55 -65.68 -1.12
C PHE B 1044 -16.50 -65.84 -2.63
N THR B 1045 -17.21 -66.87 -3.11
CA THR B 1045 -17.45 -67.07 -4.52
C THR B 1045 -18.80 -66.47 -4.88
N THR B 1046 -18.86 -65.75 -6.01
CA THR B 1046 -20.07 -65.03 -6.39
C THR B 1046 -20.34 -65.23 -7.87
N ALA B 1047 -21.60 -64.98 -8.25
CA ALA B 1047 -22.07 -65.08 -9.61
C ALA B 1047 -22.96 -63.88 -9.92
N PRO B 1048 -22.98 -63.41 -11.17
CA PRO B 1048 -23.82 -62.25 -11.49
C PRO B 1048 -25.31 -62.56 -11.51
N ALA B 1049 -25.71 -63.70 -12.05
CA ALA B 1049 -27.10 -64.07 -12.13
C ALA B 1049 -27.23 -65.59 -12.16
N ILE B 1050 -28.45 -66.07 -12.07
CA ILE B 1050 -28.75 -67.50 -12.10
C ILE B 1050 -29.78 -67.77 -13.18
N CYS B 1051 -29.57 -68.85 -13.94
CA CYS B 1051 -30.50 -69.30 -14.96
C CYS B 1051 -31.19 -70.55 -14.44
N HIS B 1052 -32.46 -70.43 -14.11
CA HIS B 1052 -33.21 -71.54 -13.52
C HIS B 1052 -33.87 -72.42 -14.58
N GLU B 1053 -34.75 -71.83 -15.39
CA GLU B 1053 -35.49 -72.55 -16.43
C GLU B 1053 -35.39 -71.81 -17.75
N GLY B 1054 -34.17 -71.44 -18.12
CA GLY B 1054 -33.94 -70.68 -19.33
C GLY B 1054 -34.08 -69.18 -19.19
N LYS B 1055 -34.39 -68.68 -17.99
CA LYS B 1055 -34.59 -67.26 -17.76
C LYS B 1055 -33.62 -66.80 -16.67
N ALA B 1056 -33.03 -65.62 -16.88
CA ALA B 1056 -32.13 -65.05 -15.89
C ALA B 1056 -32.91 -64.48 -14.72
N TYR B 1057 -32.35 -64.60 -13.52
CA TYR B 1057 -32.98 -64.13 -12.29
C TYR B 1057 -32.00 -63.16 -11.62
N PHE B 1058 -32.20 -61.88 -11.83
CA PHE B 1058 -31.30 -60.90 -11.24
C PHE B 1058 -31.75 -60.53 -9.83
N PRO B 1059 -30.81 -60.38 -8.90
CA PRO B 1059 -31.18 -60.03 -7.52
C PRO B 1059 -31.76 -58.63 -7.44
N ARG B 1060 -32.84 -58.49 -6.67
CA ARG B 1060 -33.49 -57.19 -6.55
C ARG B 1060 -32.64 -56.21 -5.75
N GLU B 1061 -32.05 -56.68 -4.65
CA GLU B 1061 -31.03 -55.90 -3.94
C GLU B 1061 -30.04 -56.90 -3.35
N GLY B 1062 -28.79 -56.49 -3.24
CA GLY B 1062 -27.74 -57.35 -2.74
C GLY B 1062 -27.13 -58.14 -3.87
N VAL B 1063 -26.27 -59.09 -3.51
CA VAL B 1063 -25.54 -59.91 -4.45
C VAL B 1063 -25.73 -61.38 -4.12
N PHE B 1064 -25.48 -62.22 -5.11
CA PHE B 1064 -25.51 -63.67 -4.97
C PHE B 1064 -24.17 -64.14 -4.41
N VAL B 1065 -24.20 -65.06 -3.46
CA VAL B 1065 -23.01 -65.52 -2.76
C VAL B 1065 -23.10 -67.03 -2.65
N SER B 1066 -21.95 -67.68 -2.53
CA SER B 1066 -21.89 -69.10 -2.25
C SER B 1066 -21.21 -69.33 -0.91
N ASN B 1067 -21.75 -70.27 -0.11
CA ASN B 1067 -21.08 -70.58 1.14
C ASN B 1067 -19.80 -71.37 0.89
N GLY B 1068 -19.70 -72.00 -0.29
CA GLY B 1068 -18.79 -73.10 -0.53
C GLY B 1068 -19.49 -74.35 -1.02
N THR B 1069 -20.76 -74.53 -0.62
CA THR B 1069 -21.57 -75.66 -1.09
C THR B 1069 -22.99 -75.27 -1.49
N SER B 1070 -23.47 -74.08 -1.14
CA SER B 1070 -24.83 -73.67 -1.47
C SER B 1070 -24.85 -72.15 -1.65
N TRP B 1071 -25.89 -71.67 -2.35
CA TRP B 1071 -25.96 -70.29 -2.78
C TRP B 1071 -27.05 -69.54 -2.04
N PHE B 1072 -26.75 -68.28 -1.72
CA PHE B 1072 -27.64 -67.40 -0.99
C PHE B 1072 -27.62 -66.01 -1.64
N ILE B 1073 -28.41 -65.10 -1.09
CA ILE B 1073 -28.44 -63.71 -1.49
C ILE B 1073 -28.26 -62.85 -0.24
N THR B 1074 -27.39 -61.84 -0.33
CA THR B 1074 -27.13 -61.00 0.84
C THR B 1074 -26.66 -59.62 0.40
N GLN B 1075 -26.88 -58.64 1.27
CA GLN B 1075 -26.47 -57.28 0.99
C GLN B 1075 -24.95 -57.14 1.10
N ARG B 1076 -24.43 -56.10 0.45
CA ARG B 1076 -22.98 -55.93 0.35
C ARG B 1076 -22.34 -55.45 1.65
N ASN B 1077 -23.03 -54.63 2.43
CA ASN B 1077 -22.40 -53.99 3.58
C ASN B 1077 -22.40 -54.84 4.84
N PHE B 1078 -23.12 -55.96 4.86
CA PHE B 1078 -23.14 -56.81 6.03
C PHE B 1078 -23.51 -58.23 5.61
N TYR B 1079 -22.94 -59.22 6.28
CA TYR B 1079 -23.13 -60.62 5.91
C TYR B 1079 -24.34 -61.17 6.65
N SER B 1080 -25.47 -61.22 5.96
CA SER B 1080 -26.70 -61.86 6.46
C SER B 1080 -27.21 -62.77 5.36
N PRO B 1081 -26.78 -64.02 5.34
CA PRO B 1081 -27.21 -64.93 4.26
C PRO B 1081 -28.69 -65.25 4.34
N GLN B 1082 -29.34 -65.26 3.18
CA GLN B 1082 -30.77 -65.46 3.08
C GLN B 1082 -31.08 -66.39 1.92
N LEU B 1083 -32.14 -67.18 2.08
CA LEU B 1083 -32.53 -68.14 1.06
C LEU B 1083 -33.06 -67.43 -0.17
N ILE B 1084 -32.68 -67.94 -1.35
CA ILE B 1084 -33.06 -67.32 -2.61
C ILE B 1084 -34.50 -67.72 -2.92
N THR B 1085 -35.41 -66.75 -2.88
CA THR B 1085 -36.81 -66.94 -3.21
C THR B 1085 -37.16 -66.06 -4.40
N THR B 1086 -38.45 -66.07 -4.77
CA THR B 1086 -38.90 -65.24 -5.89
C THR B 1086 -38.97 -63.77 -5.51
N ASP B 1087 -39.24 -63.46 -4.25
CA ASP B 1087 -39.34 -62.07 -3.81
C ASP B 1087 -37.99 -61.36 -3.78
N ASN B 1088 -36.89 -62.10 -3.65
CA ASN B 1088 -35.57 -61.48 -3.61
C ASN B 1088 -35.03 -61.17 -4.99
N THR B 1089 -35.69 -61.62 -6.05
CA THR B 1089 -35.17 -61.47 -7.39
C THR B 1089 -36.23 -61.06 -8.40
N PHE B 1090 -35.81 -60.79 -9.63
CA PHE B 1090 -36.75 -60.47 -10.71
C PHE B 1090 -36.22 -61.06 -12.00
N VAL B 1091 -37.15 -61.35 -12.91
CA VAL B 1091 -36.85 -62.06 -14.15
C VAL B 1091 -36.78 -61.06 -15.30
N SER B 1092 -35.75 -61.20 -16.14
CA SER B 1092 -35.59 -60.31 -17.28
C SER B 1092 -34.81 -61.06 -18.35
N GLY B 1093 -35.50 -61.47 -19.41
CA GLY B 1093 -34.84 -62.08 -20.55
C GLY B 1093 -34.39 -63.51 -20.31
N ASN B 1094 -33.67 -64.02 -21.29
CA ASN B 1094 -33.13 -65.37 -21.25
C ASN B 1094 -31.77 -65.37 -20.56
N CYS B 1095 -31.11 -66.53 -20.56
CA CYS B 1095 -29.84 -66.72 -19.88
C CYS B 1095 -28.73 -67.14 -20.84
N ASP B 1096 -28.74 -66.60 -22.07
CA ASP B 1096 -27.71 -66.88 -23.05
C ASP B 1096 -26.97 -65.64 -23.50
N VAL B 1097 -27.42 -64.44 -23.12
CA VAL B 1097 -26.77 -63.20 -23.46
C VAL B 1097 -25.85 -62.72 -22.33
N VAL B 1098 -25.90 -63.40 -21.18
CA VAL B 1098 -25.11 -62.98 -20.03
C VAL B 1098 -23.85 -63.82 -19.92
N ILE B 1099 -22.79 -63.23 -19.38
CA ILE B 1099 -21.51 -63.90 -19.24
C ILE B 1099 -21.27 -64.24 -17.77
N GLY B 1100 -20.97 -65.50 -17.51
CA GLY B 1100 -20.67 -65.96 -16.16
C GLY B 1100 -21.86 -66.41 -15.36
N ILE B 1101 -23.00 -66.68 -16.00
CA ILE B 1101 -24.20 -67.11 -15.28
C ILE B 1101 -24.03 -68.55 -14.83
N ILE B 1102 -24.58 -68.88 -13.66
CA ILE B 1102 -24.55 -70.23 -13.12
C ILE B 1102 -25.95 -70.80 -13.13
N ASN B 1103 -26.08 -72.06 -12.69
CA ASN B 1103 -27.36 -72.75 -12.66
C ASN B 1103 -27.69 -73.15 -11.23
N ASN B 1104 -28.92 -72.90 -10.81
CA ASN B 1104 -29.38 -73.23 -9.47
C ASN B 1104 -30.90 -73.34 -9.51
N THR B 1105 -31.52 -73.39 -8.34
CA THR B 1105 -32.97 -73.45 -8.23
C THR B 1105 -33.47 -72.23 -7.46
N VAL B 1106 -34.70 -71.83 -7.79
CA VAL B 1106 -35.36 -70.70 -7.15
C VAL B 1106 -36.56 -71.24 -6.37
N TYR B 1107 -36.59 -70.95 -5.08
CA TYR B 1107 -37.69 -71.41 -4.25
C TYR B 1107 -38.97 -70.65 -4.57
N ASP B 1108 -40.09 -71.36 -4.60
CA ASP B 1108 -41.40 -70.78 -4.90
C ASP B 1108 -42.37 -71.33 -3.87
N PRO B 1109 -43.04 -70.48 -3.09
CA PRO B 1109 -44.04 -70.97 -2.13
C PRO B 1109 -45.24 -71.60 -2.85
N LEU B 1110 -45.66 -72.76 -2.34
CA LEU B 1110 -46.76 -73.51 -2.92
C LEU B 1110 -47.87 -73.73 -1.90
N MET C 30 -24.00 41.55 35.80
CA MET C 30 -22.97 40.52 35.90
C MET C 30 -23.58 39.13 35.86
N ALA C 31 -24.83 39.06 35.41
CA ALA C 31 -25.55 37.80 35.28
C ALA C 31 -25.00 37.00 34.11
N GLN C 32 -25.07 35.68 34.21
CA GLN C 32 -24.61 34.83 33.12
C GLN C 32 -25.78 34.36 32.27
N VAL C 33 -25.68 34.57 30.96
CA VAL C 33 -26.72 34.21 30.01
C VAL C 33 -26.13 33.21 29.02
N SER C 34 -26.85 32.10 28.80
CA SER C 34 -26.39 31.10 27.85
C SER C 34 -26.52 31.64 26.42
N SER C 35 -25.51 31.35 25.60
CA SER C 35 -25.47 31.77 24.20
C SER C 35 -25.38 30.52 23.34
N SER C 36 -26.54 30.02 22.94
CA SER C 36 -26.61 28.77 22.18
C SER C 36 -26.32 29.06 20.71
N ARG C 37 -25.23 28.45 20.20
CA ARG C 37 -24.89 28.44 18.77
C ARG C 37 -24.72 29.85 18.19
N ARG C 38 -24.07 30.73 18.95
CA ARG C 38 -23.80 32.08 18.51
C ARG C 38 -22.29 32.29 18.34
N GLY C 39 -21.94 33.32 17.58
CA GLY C 39 -20.55 33.70 17.41
C GLY C 39 -19.83 33.06 16.25
N VAL C 40 -20.54 32.63 15.20
CA VAL C 40 -19.88 32.03 14.05
C VAL C 40 -19.43 33.11 13.09
N TYR C 41 -18.17 33.02 12.66
CA TYR C 41 -17.59 33.99 11.72
C TYR C 41 -16.72 33.25 10.72
N TYR C 42 -16.23 33.98 9.73
CA TYR C 42 -15.32 33.43 8.72
C TYR C 42 -13.89 33.59 9.23
N ASN C 43 -13.28 32.49 9.67
CA ASN C 43 -11.90 32.56 10.13
C ASN C 43 -10.91 32.60 8.98
N ASP C 44 -11.33 32.19 7.79
CA ASP C 44 -10.47 32.16 6.61
C ASP C 44 -11.10 32.96 5.48
N ASP C 45 -10.25 33.55 4.65
CA ASP C 45 -10.71 34.42 3.57
C ASP C 45 -10.85 33.69 2.24
N ILE C 46 -10.51 32.40 2.18
CA ILE C 46 -10.61 31.67 0.92
C ILE C 46 -12.07 31.33 0.63
N PHE C 47 -12.35 31.08 -0.64
CA PHE C 47 -13.71 30.82 -1.10
C PHE C 47 -13.96 29.32 -1.17
N ARG C 48 -15.05 28.87 -0.56
CA ARG C 48 -15.47 27.48 -0.60
C ARG C 48 -16.95 27.42 -0.98
N SER C 49 -17.30 26.44 -1.81
CA SER C 49 -18.67 26.30 -2.31
C SER C 49 -19.12 24.85 -2.18
N ASP C 50 -20.21 24.64 -1.44
CA ASP C 50 -20.90 23.35 -1.33
C ASP C 50 -19.97 22.25 -0.80
N VAL C 51 -19.32 22.53 0.33
CA VAL C 51 -18.40 21.60 0.96
C VAL C 51 -18.74 21.47 2.44
N LEU C 52 -18.23 20.39 3.04
CA LEU C 52 -18.34 20.15 4.48
C LEU C 52 -16.93 20.26 5.05
N HIS C 53 -16.53 21.48 5.40
CA HIS C 53 -15.19 21.76 5.87
C HIS C 53 -15.17 21.88 7.39
N LEU C 54 -14.16 21.29 8.01
CA LEU C 54 -13.94 21.41 9.45
C LEU C 54 -12.53 21.91 9.69
N THR C 55 -12.36 22.75 10.71
CA THR C 55 -11.08 23.38 10.98
C THR C 55 -10.91 23.60 12.48
N GLN C 56 -9.66 23.78 12.89
CA GLN C 56 -9.29 24.07 14.26
C GLN C 56 -8.88 25.54 14.34
N ASP C 57 -9.65 26.34 15.08
CA ASP C 57 -9.35 27.76 15.21
C ASP C 57 -10.03 28.28 16.48
N TYR C 58 -9.85 29.57 16.72
CA TYR C 58 -10.39 30.23 17.91
C TYR C 58 -11.84 30.62 17.64
N PHE C 59 -12.76 29.98 18.36
CA PHE C 59 -14.19 30.22 18.19
C PHE C 59 -14.84 30.39 19.56
N LEU C 60 -16.06 30.92 19.53
CA LEU C 60 -16.86 31.00 20.75
C LEU C 60 -17.53 29.66 20.99
N PRO C 61 -17.36 29.04 22.16
CA PRO C 61 -17.97 27.74 22.41
C PRO C 61 -19.49 27.82 22.46
N PHE C 62 -20.13 26.74 22.01
CA PHE C 62 -21.58 26.70 21.99
C PHE C 62 -22.14 26.59 23.40
N ASP C 63 -23.27 27.27 23.63
CA ASP C 63 -23.99 27.26 24.91
C ASP C 63 -23.11 27.72 26.06
N SER C 64 -22.27 28.72 25.80
CA SER C 64 -21.39 29.28 26.81
C SER C 64 -22.09 30.42 27.55
N ASN C 65 -21.62 30.70 28.76
CA ASN C 65 -22.19 31.74 29.60
C ASN C 65 -21.51 33.07 29.33
N LEU C 66 -22.29 34.08 28.95
CA LEU C 66 -21.81 35.42 28.69
C LEU C 66 -22.20 36.32 29.85
N THR C 67 -21.31 37.23 30.23
CA THR C 67 -21.61 38.19 31.28
C THR C 67 -22.48 39.32 30.73
N GLN C 68 -23.46 39.75 31.52
CA GLN C 68 -24.40 40.78 31.11
C GLN C 68 -24.09 42.08 31.83
N TYR C 69 -23.97 43.16 31.07
CA TYR C 69 -23.72 44.49 31.61
C TYR C 69 -24.83 45.42 31.14
N PHE C 70 -25.16 46.39 32.00
CA PHE C 70 -26.33 47.24 31.80
C PHE C 70 -25.93 48.69 31.59
N SER C 71 -26.64 49.33 30.65
CA SER C 71 -26.50 50.76 30.37
C SER C 71 -27.74 51.27 29.67
N LEU C 72 -28.47 52.19 30.29
CA LEU C 72 -29.80 52.66 29.89
C LEU C 72 -30.79 51.49 29.85
N SER C 76 -26.21 63.89 29.95
CA SER C 76 -27.07 63.85 31.12
C SER C 76 -26.76 62.64 31.99
N ASP C 77 -27.78 61.82 32.25
CA ASP C 77 -27.67 60.62 33.06
C ASP C 77 -28.80 59.70 32.64
N ARG C 78 -28.67 58.40 32.95
CA ARG C 78 -29.73 57.49 32.54
C ARG C 78 -30.47 56.92 33.75
N TYR C 79 -29.76 56.12 34.56
CA TYR C 79 -30.31 55.55 35.79
C TYR C 79 -29.15 54.92 36.55
N THR C 80 -28.94 55.38 37.80
CA THR C 80 -27.94 54.93 38.79
C THR C 80 -26.77 54.06 38.29
N TYR C 81 -26.63 52.84 38.78
CA TYR C 81 -25.52 51.94 38.42
C TYR C 81 -25.69 51.39 37.01
N PHE C 82 -25.45 52.22 35.99
CA PHE C 82 -25.42 51.83 34.58
C PHE C 82 -24.06 52.28 34.02
N ASP C 83 -23.05 51.43 34.14
CA ASP C 83 -21.70 51.78 33.73
C ASP C 83 -21.04 50.60 33.02
N ASN C 84 -19.80 50.80 32.60
CA ASN C 84 -19.02 49.82 31.87
C ASN C 84 -17.60 49.69 32.42
N PRO C 85 -17.17 48.46 32.73
CA PRO C 85 -15.80 48.27 33.25
C PRO C 85 -14.80 48.00 32.14
N ILE C 86 -13.55 47.75 32.52
CA ILE C 86 -12.49 47.37 31.59
C ILE C 86 -12.49 45.85 31.51
N LEU C 87 -12.70 45.32 30.30
CA LEU C 87 -12.81 43.88 30.11
C LEU C 87 -11.46 43.31 29.67
N ASP C 88 -11.44 42.05 29.27
CA ASP C 88 -10.22 41.36 28.86
C ASP C 88 -10.40 40.89 27.42
N PHE C 89 -9.44 41.24 26.56
CA PHE C 89 -9.52 40.83 25.16
C PHE C 89 -9.18 39.35 25.00
N GLY C 90 -8.15 38.87 25.69
CA GLY C 90 -7.73 37.49 25.51
C GLY C 90 -7.13 37.28 24.13
N ASP C 91 -7.62 36.27 23.42
CA ASP C 91 -7.20 36.00 22.06
C ASP C 91 -8.33 36.23 21.06
N GLY C 92 -9.44 36.80 21.53
CA GLY C 92 -10.60 37.05 20.68
C GLY C 92 -11.78 37.43 21.55
N VAL C 93 -12.77 38.10 20.97
CA VAL C 93 -13.88 38.61 21.76
C VAL C 93 -15.15 38.58 20.91
N TYR C 94 -16.26 38.26 21.55
CA TYR C 94 -17.59 38.32 20.94
C TYR C 94 -18.41 39.36 21.68
N PHE C 95 -18.71 40.47 21.00
CA PHE C 95 -19.44 41.58 21.60
C PHE C 95 -20.83 41.65 20.96
N ALA C 96 -21.86 41.36 21.74
CA ALA C 96 -23.24 41.42 21.29
C ALA C 96 -23.98 42.45 22.15
N ALA C 97 -24.56 43.45 21.50
CA ALA C 97 -25.20 44.57 22.19
C ALA C 97 -26.62 44.75 21.69
N THR C 98 -27.55 44.96 22.62
CA THR C 98 -28.92 45.30 22.30
C THR C 98 -29.13 46.80 22.55
N GLU C 99 -29.76 47.46 21.59
CA GLU C 99 -29.92 48.91 21.67
C GLU C 99 -31.36 49.29 21.31
N LYS C 100 -31.77 50.45 21.80
CA LYS C 100 -33.08 51.01 21.51
C LYS C 100 -33.00 52.39 20.89
N SER C 101 -32.01 53.20 21.27
CA SER C 101 -31.87 54.57 20.76
C SER C 101 -30.42 54.89 20.43
N ASN C 102 -29.65 53.88 20.03
CA ASN C 102 -28.24 54.01 19.64
C ASN C 102 -27.40 54.61 20.76
N VAL C 103 -27.41 53.96 21.93
CA VAL C 103 -26.66 54.45 23.08
C VAL C 103 -25.21 53.99 23.06
N ILE C 104 -24.89 52.93 22.31
CA ILE C 104 -23.54 52.37 22.26
C ILE C 104 -22.91 52.82 20.95
N ARG C 105 -21.73 53.44 21.04
CA ARG C 105 -21.09 54.02 19.87
C ARG C 105 -19.89 53.21 19.39
N GLY C 106 -18.95 52.91 20.28
CA GLY C 106 -17.75 52.20 19.86
C GLY C 106 -16.89 51.62 20.97
N TRP C 107 -15.63 51.34 20.65
CA TRP C 107 -14.74 50.66 21.58
C TRP C 107 -13.37 51.34 21.55
N ILE C 108 -12.64 51.17 22.66
CA ILE C 108 -11.27 51.66 22.76
C ILE C 108 -10.37 50.51 23.17
N PHE C 109 -9.58 49.99 22.24
CA PHE C 109 -8.67 48.90 22.56
C PHE C 109 -7.36 49.45 23.13
N GLY C 110 -6.58 48.55 23.73
CA GLY C 110 -5.31 48.95 24.29
C GLY C 110 -4.70 47.82 25.09
N SER C 111 -3.60 48.14 25.78
CA SER C 111 -2.92 47.18 26.63
C SER C 111 -2.90 47.64 28.08
N SER C 112 -2.52 48.91 28.30
CA SER C 112 -2.41 49.43 29.66
C SER C 112 -3.34 50.60 29.91
N PHE C 113 -4.00 51.10 28.85
CA PHE C 113 -4.94 52.23 28.90
C PHE C 113 -4.32 53.51 29.44
N ASP C 114 -3.03 53.72 29.22
CA ASP C 114 -2.36 54.96 29.56
C ASP C 114 -1.71 55.52 28.30
N ASN C 115 -1.09 56.69 28.43
CA ASN C 115 -0.41 57.14 27.21
C ASN C 115 1.02 56.62 27.10
N THR C 116 1.45 55.75 28.02
CA THR C 116 2.70 55.04 27.85
C THR C 116 2.59 53.94 26.80
N THR C 117 1.37 53.53 26.45
CA THR C 117 1.14 52.55 25.41
C THR C 117 0.15 53.13 24.40
N GLN C 118 0.13 52.53 23.21
CA GLN C 118 -0.74 53.01 22.14
C GLN C 118 -2.14 52.44 22.29
N SER C 119 -3.11 53.10 21.64
CA SER C 119 -4.50 52.71 21.70
C SER C 119 -5.18 53.06 20.39
N ALA C 120 -6.34 52.44 20.18
CA ALA C 120 -7.15 52.65 18.98
C ALA C 120 -8.58 52.99 19.36
N VAL C 121 -9.20 53.87 18.57
CA VAL C 121 -10.58 54.26 18.83
C VAL C 121 -11.40 54.13 17.54
N ILE C 122 -12.60 53.56 17.71
CA ILE C 122 -13.50 53.33 16.55
C ILE C 122 -14.89 53.83 16.97
N VAL C 123 -15.18 55.10 16.79
CA VAL C 123 -16.48 55.67 17.26
C VAL C 123 -17.13 56.44 16.10
N ASN C 124 -18.31 57.05 16.31
CA ASN C 124 -18.95 57.71 15.15
C ASN C 124 -20.09 58.67 15.51
N ASN C 125 -20.25 59.77 14.77
CA ASN C 125 -21.43 60.66 14.93
C ASN C 125 -21.80 61.12 13.51
N SER C 126 -22.96 61.75 13.28
CA SER C 126 -23.23 62.22 11.92
C SER C 126 -23.22 60.93 11.11
N THR C 127 -22.48 60.89 10.01
CA THR C 127 -22.27 59.61 9.31
C THR C 127 -20.79 59.49 9.42
N HIS C 128 -20.22 60.33 10.28
CA HIS C 128 -18.75 60.38 10.44
C HIS C 128 -18.19 59.13 11.09
N ILE C 129 -17.39 58.36 10.33
CA ILE C 129 -16.73 57.17 10.93
C ILE C 129 -15.27 57.53 11.21
N ILE C 130 -14.86 57.42 12.47
CA ILE C 130 -13.52 57.82 12.90
C ILE C 130 -12.81 56.59 13.46
N ILE C 131 -11.69 56.24 12.83
CA ILE C 131 -10.80 55.18 13.28
C ILE C 131 -9.39 55.74 13.30
N ARG C 132 -8.74 55.71 14.47
CA ARG C 132 -7.36 56.15 14.54
C ARG C 132 -6.64 55.46 15.69
N VAL C 133 -5.33 55.30 15.52
CA VAL C 133 -4.45 54.69 16.51
C VAL C 133 -3.45 55.75 16.95
N CYS C 134 -3.51 56.12 18.22
CA CYS C 134 -2.65 57.19 18.75
C CYS C 134 -2.29 56.84 20.19
N ASN C 135 -1.46 57.69 20.78
CA ASN C 135 -1.22 57.65 22.22
C ASN C 135 -2.18 58.62 22.88
N PHE C 136 -3.24 58.10 23.48
CA PHE C 136 -4.36 58.89 23.96
C PHE C 136 -4.23 59.21 25.43
N ASN C 137 -4.77 60.36 25.82
CA ASN C 137 -4.97 60.72 27.23
C ASN C 137 -6.44 60.51 27.51
N LEU C 138 -6.76 59.37 28.11
CA LEU C 138 -8.15 58.92 28.23
C LEU C 138 -8.89 59.69 29.32
N CYS C 139 -10.19 59.82 29.14
CA CYS C 139 -11.08 60.27 30.20
C CYS C 139 -11.39 59.10 31.14
N LYS C 140 -12.07 59.42 32.24
CA LYS C 140 -12.52 58.37 33.14
C LYS C 140 -13.65 57.55 32.53
N GLU C 141 -14.61 58.21 31.90
CA GLU C 141 -15.69 57.57 31.17
C GLU C 141 -15.91 58.32 29.87
N PRO C 142 -16.06 57.60 28.75
CA PRO C 142 -16.23 58.27 27.46
C PRO C 142 -17.68 58.62 27.14
N MET C 143 -17.93 59.89 26.91
CA MET C 143 -19.22 60.37 26.42
C MET C 143 -19.02 61.03 25.06
N TYR C 144 -19.95 60.79 24.15
CA TYR C 144 -19.75 61.20 22.77
C TYR C 144 -21.10 61.39 22.08
N THR C 145 -21.40 62.64 21.73
CA THR C 145 -22.64 62.96 21.03
C THR C 145 -22.54 62.56 19.55
N ASN C 153 -19.18 68.28 23.61
CA ASN C 153 -19.85 67.07 24.09
C ASN C 153 -19.29 65.82 23.41
N SER C 154 -17.96 65.73 23.33
CA SER C 154 -17.29 64.61 22.69
C SER C 154 -16.16 64.10 23.58
N TRP C 155 -16.45 63.88 24.86
CA TRP C 155 -15.41 63.55 25.84
C TRP C 155 -14.89 62.13 25.67
N VAL C 156 -14.21 61.84 24.56
CA VAL C 156 -13.58 60.54 24.37
C VAL C 156 -12.16 60.61 24.92
N TYR C 157 -11.35 61.51 24.37
CA TYR C 157 -10.01 61.78 24.88
C TYR C 157 -9.92 63.25 25.29
N GLN C 158 -8.97 63.54 26.21
CA GLN C 158 -8.37 64.90 26.32
C GLN C 158 -7.55 65.25 25.08
N SER C 159 -6.48 64.51 24.82
CA SER C 159 -5.59 64.81 23.71
C SER C 159 -4.89 63.54 23.27
N ALA C 160 -4.33 63.60 22.07
CA ALA C 160 -3.56 62.49 21.52
C ALA C 160 -2.30 63.02 20.87
N PHE C 161 -1.28 62.18 20.80
CA PHE C 161 -0.01 62.56 20.20
C PHE C 161 0.64 61.33 19.59
N ASN C 162 1.53 61.57 18.62
CA ASN C 162 2.22 60.54 17.85
C ASN C 162 1.24 59.57 17.20
N CYS C 163 0.31 60.14 16.43
CA CYS C 163 -0.71 59.35 15.75
C CYS C 163 -0.08 58.63 14.57
N THR C 164 -0.23 57.30 14.54
CA THR C 164 0.41 56.49 13.52
C THR C 164 -0.52 56.20 12.35
N TYR C 165 -1.69 55.62 12.62
CA TYR C 165 -2.62 55.17 11.59
C TYR C 165 -3.95 55.87 11.79
N ASP C 166 -4.34 56.70 10.82
CA ASP C 166 -5.61 57.40 10.84
C ASP C 166 -6.33 57.18 9.51
N ARG C 167 -7.57 56.72 9.58
CA ARG C 167 -8.35 56.41 8.38
C ARG C 167 -9.75 56.97 8.54
N VAL C 168 -9.87 58.24 8.93
CA VAL C 168 -11.18 58.88 9.02
C VAL C 168 -11.76 59.05 7.62
N GLU C 169 -12.95 58.46 7.44
CA GLU C 169 -13.58 58.45 6.12
C GLU C 169 -14.76 59.42 6.06
N LYS C 170 -15.61 59.40 7.07
CA LYS C 170 -16.75 60.31 7.11
C LYS C 170 -16.72 61.18 8.36
N LYS C 184 -34.63 46.61 20.83
CA LYS C 184 -35.45 46.65 19.63
C LYS C 184 -34.58 46.67 18.39
N ASP C 185 -33.27 46.52 18.60
CA ASP C 185 -32.29 46.55 17.52
C ASP C 185 -31.03 45.85 18.03
N LEU C 186 -30.64 44.75 17.39
CA LEU C 186 -29.54 43.94 17.86
C LEU C 186 -28.38 43.99 16.87
N ARG C 187 -27.23 44.45 17.34
CA ARG C 187 -25.99 44.44 16.57
C ARG C 187 -24.93 43.69 17.36
N GLU C 188 -24.19 42.81 16.70
CA GLU C 188 -23.17 42.04 17.37
C GLU C 188 -21.89 42.01 16.54
N TYR C 189 -20.76 41.92 17.24
CA TYR C 189 -19.44 42.09 16.65
C TYR C 189 -18.48 41.05 17.19
N VAL C 190 -17.46 40.75 16.37
CA VAL C 190 -16.34 39.88 16.74
C VAL C 190 -15.05 40.57 16.30
N PHE C 191 -14.10 40.69 17.23
CA PHE C 191 -12.82 41.35 16.99
C PHE C 191 -11.70 40.37 17.25
N LYS C 192 -10.75 40.28 16.32
CA LYS C 192 -9.54 39.49 16.50
C LYS C 192 -8.35 40.27 15.95
N ASN C 193 -7.15 39.97 16.45
CA ASN C 193 -5.94 40.72 16.10
C ASN C 193 -4.74 39.78 16.09
N ARG C 194 -4.36 39.31 14.90
CA ARG C 194 -3.17 38.49 14.74
C ARG C 194 -2.38 38.97 13.52
N ASP C 195 -1.05 38.86 13.63
CA ASP C 195 -0.10 39.24 12.59
C ASP C 195 -0.24 40.71 12.18
N GLY C 196 -0.57 41.54 13.16
CA GLY C 196 -0.75 42.96 12.93
C GLY C 196 -1.91 43.29 12.02
N PHE C 197 -3.04 42.62 12.21
CA PHE C 197 -4.23 42.89 11.42
C PHE C 197 -5.50 42.72 12.26
N LEU C 198 -6.13 43.83 12.64
CA LEU C 198 -7.40 43.74 13.35
C LEU C 198 -8.53 43.45 12.39
N SER C 199 -9.13 42.28 12.50
CA SER C 199 -10.28 41.92 11.69
C SER C 199 -11.57 42.17 12.46
N VAL C 200 -12.57 42.69 11.74
CA VAL C 200 -13.84 43.08 12.33
C VAL C 200 -14.96 42.32 11.63
N TYR C 201 -15.81 41.65 12.42
CA TYR C 201 -16.96 40.95 11.90
C TYR C 201 -18.20 41.49 12.61
N GLN C 202 -19.32 41.60 11.90
CA GLN C 202 -20.52 42.09 12.54
C GLN C 202 -21.75 41.49 11.87
N THR C 203 -22.88 41.59 12.56
CA THR C 203 -24.17 41.51 11.91
C THR C 203 -25.17 42.37 12.68
N TYR C 204 -26.26 42.72 11.99
CA TYR C 204 -27.20 43.73 12.43
C TYR C 204 -28.61 43.30 12.04
N THR C 205 -29.53 43.33 13.00
CA THR C 205 -30.89 42.85 12.79
C THR C 205 -31.86 43.63 13.66
N ALA C 206 -33.13 43.58 13.28
CA ALA C 206 -34.21 44.25 14.00
C ALA C 206 -35.02 43.22 14.76
N VAL C 207 -35.19 43.45 16.06
CA VAL C 207 -35.88 42.54 16.96
C VAL C 207 -36.91 43.33 17.75
N ASN C 208 -37.67 42.62 18.58
CA ASN C 208 -38.66 43.23 19.47
C ASN C 208 -38.61 42.60 20.86
N LEU C 209 -37.41 42.21 21.29
CA LEU C 209 -37.25 41.57 22.59
C LEU C 209 -37.35 42.61 23.71
N PRO C 210 -38.26 42.44 24.67
CA PRO C 210 -38.29 43.32 25.83
C PRO C 210 -37.17 43.06 26.83
N ARG C 211 -36.77 41.80 27.03
CA ARG C 211 -35.68 41.45 27.93
C ARG C 211 -34.99 40.19 27.43
N GLY C 212 -33.75 39.98 27.89
CA GLY C 212 -33.01 38.78 27.54
C GLY C 212 -32.37 38.84 26.17
N LEU C 213 -31.64 37.79 25.84
CA LEU C 213 -30.93 37.68 24.57
C LEU C 213 -31.54 36.53 23.77
N PRO C 214 -32.00 36.77 22.54
CA PRO C 214 -32.60 35.70 21.75
C PRO C 214 -31.56 34.65 21.33
N GLN C 215 -32.04 33.45 21.08
CA GLN C 215 -31.18 32.32 20.74
C GLN C 215 -31.35 31.91 19.28
N GLY C 216 -30.29 31.33 18.73
CA GLY C 216 -30.30 30.90 17.35
C GLY C 216 -28.88 30.83 16.82
N PHE C 217 -28.77 30.64 15.50
CA PHE C 217 -27.49 30.59 14.81
C PHE C 217 -27.29 31.91 14.08
N SER C 218 -26.07 32.45 14.15
CA SER C 218 -25.74 33.73 13.54
C SER C 218 -24.36 33.63 12.90
N VAL C 219 -24.27 34.04 11.65
CA VAL C 219 -23.02 34.04 10.89
C VAL C 219 -22.66 35.49 10.62
N LEU C 220 -21.38 35.84 10.79
CA LEU C 220 -20.94 37.20 10.64
C LEU C 220 -20.13 37.36 9.37
N ARG C 221 -19.79 38.61 9.04
CA ARG C 221 -19.11 38.89 7.78
C ARG C 221 -17.95 39.85 7.99
N PRO C 222 -16.85 39.67 7.25
CA PRO C 222 -15.71 40.56 7.38
C PRO C 222 -15.91 41.87 6.62
N ILE C 223 -15.41 42.97 7.20
CA ILE C 223 -15.41 44.25 6.50
C ILE C 223 -14.00 44.83 6.43
N LEU C 224 -13.28 44.80 7.54
CA LEU C 224 -12.01 45.52 7.66
C LEU C 224 -10.87 44.57 7.97
N LYS C 225 -9.69 44.94 7.47
CA LYS C 225 -8.43 44.25 7.69
C LYS C 225 -7.35 45.25 8.04
N LEU C 226 -7.66 46.12 9.01
CA LEU C 226 -6.81 47.25 9.34
C LEU C 226 -5.48 46.81 9.93
N PRO C 227 -4.36 47.31 9.40
CA PRO C 227 -3.05 46.92 9.92
C PRO C 227 -2.57 47.81 11.06
N PHE C 228 -3.13 47.60 12.26
CA PHE C 228 -2.77 48.43 13.41
C PHE C 228 -1.35 48.13 13.88
N GLY C 229 -1.10 46.90 14.30
CA GLY C 229 0.22 46.47 14.76
C GLY C 229 0.47 46.65 16.24
N ILE C 230 -0.44 47.26 16.99
CA ILE C 230 -0.26 47.48 18.41
C ILE C 230 -0.61 46.21 19.18
N ASN C 231 -0.27 46.17 20.46
CA ASN C 231 -0.57 45.04 21.33
C ASN C 231 -1.89 45.32 22.03
N ILE C 232 -2.87 44.45 21.80
CA ILE C 232 -4.20 44.62 22.39
C ILE C 232 -4.36 43.60 23.52
N THR C 233 -4.68 44.09 24.71
CA THR C 233 -4.88 43.25 25.88
C THR C 233 -6.23 43.47 26.53
N SER C 234 -6.69 44.71 26.60
CA SER C 234 -7.95 45.06 27.24
C SER C 234 -8.64 46.17 26.45
N TYR C 235 -9.96 46.24 26.59
CA TYR C 235 -10.75 47.22 25.86
C TYR C 235 -11.84 47.80 26.75
N ARG C 236 -12.58 48.75 26.20
CA ARG C 236 -13.75 49.32 26.83
C ARG C 236 -14.85 49.52 25.79
N VAL C 237 -15.96 50.09 26.22
CA VAL C 237 -17.09 50.39 25.35
C VAL C 237 -17.41 51.87 25.47
N VAL C 238 -17.57 52.54 24.34
CA VAL C 238 -17.89 53.97 24.30
C VAL C 238 -19.41 54.11 24.19
N MET C 239 -20.00 54.80 25.15
CA MET C 239 -21.44 55.06 25.16
C MET C 239 -21.71 56.53 24.88
N ALA C 240 -22.88 56.80 24.31
CA ALA C 240 -23.26 58.14 23.90
C ALA C 240 -23.89 58.91 25.05
N MET C 241 -24.03 60.22 24.85
CA MET C 241 -24.67 61.11 25.80
C MET C 241 -25.77 61.90 25.11
N PHE C 242 -26.82 62.23 25.86
CA PHE C 242 -27.97 62.95 25.31
C PHE C 242 -28.11 64.30 25.99
N SER C 243 -28.81 65.21 25.33
CA SER C 243 -29.06 66.54 25.88
C SER C 243 -30.44 66.59 26.55
N SER C 253 -34.92 48.60 27.53
CA SER C 253 -33.60 48.99 28.02
C SER C 253 -32.49 48.38 27.16
N ALA C 254 -31.31 48.97 27.23
CA ALA C 254 -30.16 48.55 26.42
C ALA C 254 -29.17 47.80 27.30
N ALA C 255 -28.60 46.74 26.76
CA ALA C 255 -27.58 45.95 27.45
C ALA C 255 -26.69 45.28 26.41
N TYR C 256 -25.51 44.88 26.85
CA TYR C 256 -24.57 44.17 25.99
C TYR C 256 -24.00 42.96 26.71
N TYR C 257 -23.59 41.97 25.94
CA TYR C 257 -23.06 40.72 26.45
C TYR C 257 -21.70 40.45 25.83
N VAL C 258 -20.81 39.86 26.61
CA VAL C 258 -19.40 39.71 26.23
C VAL C 258 -19.00 38.25 26.37
N GLY C 259 -18.40 37.70 25.31
CA GLY C 259 -17.85 36.35 25.36
C GLY C 259 -16.46 36.33 24.76
N ASN C 260 -15.67 35.36 25.21
CA ASN C 260 -14.31 35.18 24.75
C ASN C 260 -14.18 33.93 23.89
N LEU C 261 -13.25 33.99 22.95
CA LEU C 261 -13.02 32.89 22.03
C LEU C 261 -12.04 31.89 22.64
N LYS C 262 -12.27 30.61 22.35
CA LYS C 262 -11.41 29.53 22.82
C LYS C 262 -10.99 28.68 21.63
N TYR C 263 -9.85 27.99 21.77
CA TYR C 263 -9.34 27.14 20.70
C TYR C 263 -10.13 25.84 20.70
N SER C 264 -10.94 25.64 19.67
CA SER C 264 -11.76 24.46 19.53
C SER C 264 -11.82 24.04 18.07
N THR C 265 -12.56 22.98 17.79
CA THR C 265 -12.74 22.47 16.43
C THR C 265 -14.19 22.66 16.02
N PHE C 266 -14.40 23.32 14.90
CA PHE C 266 -15.73 23.57 14.36
C PHE C 266 -15.88 22.89 13.01
N MET C 267 -17.13 22.61 12.64
CA MET C 267 -17.45 22.08 11.33
C MET C 267 -18.53 22.95 10.71
N LEU C 268 -18.33 23.37 9.47
CA LEU C 268 -19.24 24.30 8.83
C LEU C 268 -19.82 23.70 7.55
N SER C 269 -21.04 24.11 7.23
CA SER C 269 -21.70 23.73 5.99
C SER C 269 -21.95 24.98 5.16
N PHE C 270 -21.54 24.95 3.89
CA PHE C 270 -21.65 26.08 2.99
C PHE C 270 -22.76 25.83 1.98
N ASN C 271 -23.59 26.86 1.77
CA ASN C 271 -24.72 26.77 0.84
C ASN C 271 -24.35 27.22 -0.56
N GLU C 272 -23.26 26.66 -1.09
CA GLU C 272 -22.73 26.81 -2.46
C GLU C 272 -22.61 28.26 -2.94
N ASN C 273 -22.68 29.24 -2.04
CA ASN C 273 -22.57 30.65 -2.37
C ASN C 273 -21.57 31.36 -1.48
N GLY C 274 -20.83 30.63 -0.66
CA GLY C 274 -20.00 31.24 0.36
C GLY C 274 -20.73 31.58 1.64
N THR C 275 -22.00 31.19 1.76
CA THR C 275 -22.79 31.46 2.94
C THR C 275 -22.86 30.21 3.81
N ILE C 276 -22.61 30.38 5.10
CA ILE C 276 -22.60 29.26 6.04
C ILE C 276 -24.04 28.92 6.40
N THR C 277 -24.41 27.65 6.21
CA THR C 277 -25.75 27.21 6.58
C THR C 277 -25.83 26.82 8.04
N ASP C 278 -24.94 25.93 8.49
CA ASP C 278 -24.98 25.46 9.86
C ASP C 278 -23.56 25.17 10.35
N ALA C 279 -23.41 25.19 11.66
CA ALA C 279 -22.12 24.98 12.31
C ALA C 279 -22.28 24.01 13.46
N ILE C 280 -21.23 23.21 13.69
CA ILE C 280 -21.21 22.19 14.73
C ILE C 280 -19.95 22.39 15.56
N ASP C 281 -20.12 22.53 16.88
CA ASP C 281 -18.99 22.54 17.81
C ASP C 281 -18.76 21.12 18.28
N CYS C 282 -17.60 20.55 17.93
CA CYS C 282 -17.35 19.13 18.14
C CYS C 282 -17.13 18.77 19.61
N SER C 283 -16.94 19.75 20.49
CA SER C 283 -16.70 19.48 21.90
C SER C 283 -17.94 19.70 22.77
N GLN C 284 -19.11 19.87 22.16
CA GLN C 284 -20.31 20.20 22.93
C GLN C 284 -20.90 18.96 23.60
N ASN C 285 -21.38 18.00 22.80
CA ASN C 285 -22.03 16.80 23.29
C ASN C 285 -21.58 15.63 22.43
N PRO C 286 -21.80 14.38 22.90
CA PRO C 286 -21.41 13.22 22.07
C PRO C 286 -22.05 13.17 20.69
N LEU C 287 -23.24 13.74 20.52
CA LEU C 287 -23.87 13.78 19.20
C LEU C 287 -23.05 14.62 18.23
N ALA C 288 -22.57 15.79 18.66
CA ALA C 288 -21.76 16.64 17.80
C ALA C 288 -20.39 16.01 17.54
N GLU C 289 -19.84 15.32 18.54
CA GLU C 289 -18.57 14.62 18.34
C GLU C 289 -18.73 13.49 17.32
N LEU C 290 -19.86 12.78 17.36
CA LEU C 290 -20.16 11.77 16.35
C LEU C 290 -20.30 12.39 14.97
N LYS C 291 -20.98 13.54 14.90
CA LYS C 291 -21.17 14.23 13.61
C LYS C 291 -19.84 14.70 13.04
N CYS C 292 -18.94 15.19 13.88
CA CYS C 292 -17.62 15.59 13.41
C CYS C 292 -16.76 14.38 13.05
N THR C 293 -16.95 13.26 13.73
CA THR C 293 -16.17 12.06 13.43
C THR C 293 -16.58 11.47 12.08
N ILE C 294 -17.88 11.35 11.83
CA ILE C 294 -18.34 10.78 10.56
C ILE C 294 -18.39 11.81 9.44
N LYS C 295 -18.12 13.09 9.73
CA LYS C 295 -18.08 14.17 8.76
C LYS C 295 -19.40 14.31 8.00
N ASN C 296 -20.50 14.33 8.75
CA ASN C 296 -21.82 14.49 8.16
C ASN C 296 -22.75 15.14 9.17
N PHE C 297 -23.82 15.73 8.66
CA PHE C 297 -24.82 16.38 9.49
C PHE C 297 -26.00 15.46 9.81
N ASN C 298 -26.24 14.44 8.99
CA ASN C 298 -27.31 13.48 9.21
C ASN C 298 -26.70 12.13 9.53
N VAL C 299 -27.13 11.53 10.63
CA VAL C 299 -26.56 10.29 11.15
C VAL C 299 -27.61 9.21 11.11
N ASN C 300 -27.26 8.05 10.55
CA ASN C 300 -28.15 6.90 10.53
C ASN C 300 -28.13 6.23 11.91
N LYS C 301 -29.18 5.45 12.18
CA LYS C 301 -29.30 4.73 13.44
C LYS C 301 -28.25 3.65 13.55
N GLY C 302 -27.56 3.60 14.68
CA GLY C 302 -26.60 2.54 14.93
C GLY C 302 -25.63 2.92 16.03
N ILE C 303 -24.52 2.17 16.05
CA ILE C 303 -23.43 2.37 16.99
C ILE C 303 -22.15 2.69 16.21
N TYR C 304 -21.42 3.70 16.66
CA TYR C 304 -20.18 4.12 16.02
C TYR C 304 -19.15 4.49 17.08
N GLN C 305 -17.90 4.12 16.84
CA GLN C 305 -16.80 4.56 17.70
C GLN C 305 -16.47 6.02 17.42
N THR C 306 -16.04 6.74 18.44
CA THR C 306 -15.73 8.16 18.31
C THR C 306 -14.28 8.43 18.65
N SER C 307 -13.69 9.42 17.99
CA SER C 307 -12.35 9.87 18.29
C SER C 307 -12.39 10.86 19.46
N ASN C 308 -11.24 11.45 19.76
CA ASN C 308 -11.13 12.37 20.89
C ASN C 308 -11.33 13.80 20.42
N PHE C 309 -12.37 14.45 20.93
CA PHE C 309 -12.62 15.87 20.68
C PHE C 309 -13.10 16.59 21.94
N ARG C 310 -12.93 15.98 23.11
CA ARG C 310 -13.58 16.44 24.32
C ARG C 310 -12.64 17.17 25.28
N VAL C 311 -11.46 16.61 25.54
CA VAL C 311 -10.54 17.13 26.55
C VAL C 311 -9.41 17.89 25.87
N SER C 312 -9.02 19.01 26.46
CA SER C 312 -7.93 19.84 25.97
C SER C 312 -7.23 20.51 27.14
N PRO C 313 -5.90 20.54 27.14
CA PRO C 313 -5.17 21.20 28.23
C PRO C 313 -5.34 22.72 28.16
N THR C 314 -5.22 23.37 29.32
CA THR C 314 -5.41 24.81 29.43
C THR C 314 -4.31 25.50 30.24
N GLN C 315 -3.39 24.75 30.84
CA GLN C 315 -2.39 25.33 31.72
C GLN C 315 -1.03 24.70 31.49
N GLU C 316 0.01 25.37 31.97
CA GLU C 316 1.41 25.07 31.65
C GLU C 316 2.15 24.69 32.92
N VAL C 317 2.99 23.67 32.84
CA VAL C 317 3.87 23.25 33.94
C VAL C 317 5.28 23.20 33.37
N VAL C 318 6.20 23.98 33.94
CA VAL C 318 7.60 23.96 33.55
C VAL C 318 8.45 23.71 34.78
N ARG C 319 9.42 22.81 34.65
CA ARG C 319 10.29 22.42 35.77
C ARG C 319 11.73 22.36 35.26
N PHE C 320 12.57 23.28 35.72
CA PHE C 320 13.99 23.31 35.40
C PHE C 320 14.82 23.18 36.66
N PRO C 321 16.04 22.64 36.58
CA PRO C 321 16.93 22.64 37.73
C PRO C 321 17.34 24.04 38.13
N ASN C 322 17.51 24.24 39.44
CA ASN C 322 17.80 25.56 39.98
C ASN C 322 19.31 25.83 39.96
N ILE C 323 19.83 26.04 38.76
CA ILE C 323 21.21 26.45 38.55
C ILE C 323 21.24 27.95 38.39
N THR C 324 21.71 28.66 39.42
CA THR C 324 21.69 30.11 39.43
C THR C 324 23.01 30.73 38.97
N ASN C 325 24.09 29.95 38.91
CA ASN C 325 25.38 30.48 38.50
C ASN C 325 25.39 30.81 37.01
N ARG C 326 26.18 31.81 36.65
CA ARG C 326 26.28 32.28 35.28
C ARG C 326 27.69 31.99 34.76
N CYS C 327 27.78 31.34 33.59
CA CYS C 327 29.08 30.96 33.09
C CYS C 327 29.55 31.95 32.02
N PRO C 328 30.87 32.22 31.95
CA PRO C 328 31.33 33.38 31.18
C PRO C 328 31.25 33.23 29.66
N PHE C 329 30.31 33.96 29.06
CA PHE C 329 30.40 34.27 27.64
C PHE C 329 31.24 35.51 27.38
N ASP C 330 31.74 36.16 28.42
CA ASP C 330 32.61 37.32 28.27
C ASP C 330 34.08 36.96 28.35
N LYS C 331 34.40 35.70 28.62
CA LYS C 331 35.78 35.24 28.68
C LYS C 331 36.14 34.26 27.58
N VAL C 332 35.25 33.33 27.24
CA VAL C 332 35.49 32.44 26.11
C VAL C 332 35.40 33.21 24.80
N PHE C 333 34.39 34.07 24.67
CA PHE C 333 34.19 34.80 23.43
C PHE C 333 35.16 35.97 23.32
N ASN C 334 35.13 36.88 24.28
CA ASN C 334 36.00 38.05 24.28
C ASN C 334 37.26 37.77 25.11
N ALA C 335 38.05 36.82 24.63
CA ALA C 335 39.31 36.48 25.28
C ALA C 335 40.39 37.49 24.91
N THR C 336 41.60 37.26 25.42
CA THR C 336 42.70 38.17 25.14
C THR C 336 43.24 37.94 23.73
N ARG C 337 43.66 36.72 23.41
CA ARG C 337 44.26 36.44 22.10
C ARG C 337 43.84 35.04 21.67
N PHE C 338 43.13 34.94 20.55
CA PHE C 338 42.75 33.66 19.99
C PHE C 338 43.96 32.98 19.36
N PRO C 339 44.05 31.65 19.43
CA PRO C 339 45.21 30.96 18.89
C PRO C 339 45.13 30.79 17.37
N ASN C 340 46.12 30.10 16.84
CA ASN C 340 46.15 29.77 15.42
C ASN C 340 45.07 28.74 15.08
N VAL C 341 44.80 28.61 13.79
CA VAL C 341 43.81 27.64 13.34
C VAL C 341 44.34 26.21 13.48
N TYR C 342 45.65 25.99 13.35
CA TYR C 342 46.18 24.64 13.51
C TYR C 342 46.41 24.28 14.96
N ALA C 343 46.24 25.24 15.87
CA ALA C 343 46.35 25.02 17.31
C ALA C 343 45.06 25.47 17.99
N TRP C 344 43.93 25.08 17.42
CA TRP C 344 42.63 25.46 17.96
C TRP C 344 42.40 24.78 19.31
N GLU C 345 41.74 25.50 20.22
CA GLU C 345 41.60 25.03 21.59
C GLU C 345 40.14 24.69 21.89
N ARG C 346 39.98 23.68 22.76
CA ARG C 346 38.67 23.17 23.15
C ARG C 346 38.49 23.40 24.65
N THR C 347 37.34 23.95 25.02
CA THR C 347 37.03 24.25 26.41
C THR C 347 35.68 23.65 26.78
N LYS C 348 35.63 22.93 27.89
CA LYS C 348 34.40 22.33 28.39
C LYS C 348 33.62 23.35 29.20
N ILE C 349 32.32 23.48 28.91
CA ILE C 349 31.45 24.38 29.64
C ILE C 349 30.39 23.54 30.34
N SER C 350 30.24 23.73 31.64
CA SER C 350 29.30 22.94 32.42
C SER C 350 28.86 23.72 33.65
N ASP C 351 27.68 23.35 34.15
CA ASP C 351 27.12 23.85 35.41
C ASP C 351 26.95 25.36 35.39
N CYS C 352 26.06 25.84 34.53
CA CYS C 352 25.76 27.27 34.47
C CYS C 352 24.39 27.45 33.84
N VAL C 353 24.11 28.70 33.45
CA VAL C 353 22.93 29.04 32.67
C VAL C 353 23.41 29.77 31.43
N ALA C 354 22.83 29.45 30.28
CA ALA C 354 23.19 30.07 29.02
C ALA C 354 22.18 31.16 28.69
N ASP C 355 22.65 32.39 28.55
CA ASP C 355 21.74 33.52 28.37
C ASP C 355 21.58 33.90 26.91
N TYR C 356 22.68 34.13 26.21
CA TYR C 356 22.77 34.55 24.81
C TYR C 356 22.08 35.89 24.53
N THR C 357 21.74 36.65 25.56
CA THR C 357 21.08 37.95 25.38
C THR C 357 21.90 39.11 25.92
N VAL C 358 22.97 38.85 26.67
CA VAL C 358 23.85 39.93 27.13
C VAL C 358 24.77 40.43 26.03
N LEU C 359 24.93 39.68 24.94
CA LEU C 359 25.70 40.11 23.79
C LEU C 359 24.88 40.98 22.85
N TYR C 360 23.59 41.16 23.11
CA TYR C 360 22.75 41.96 22.22
C TYR C 360 23.11 43.44 22.27
N ASN C 361 23.73 43.89 23.36
CA ASN C 361 24.00 45.31 23.52
C ASN C 361 25.18 45.76 22.67
N SER C 362 26.27 44.99 22.68
CA SER C 362 27.53 45.44 22.10
C SER C 362 27.90 44.68 20.82
N THR C 363 27.95 43.36 20.89
CA THR C 363 28.52 42.56 19.82
C THR C 363 27.45 42.19 18.80
N SER C 364 27.75 42.41 17.53
CA SER C 364 26.87 42.01 16.43
C SER C 364 27.54 40.86 15.69
N PHE C 365 26.73 39.86 15.33
CA PHE C 365 27.26 38.58 14.86
C PHE C 365 27.29 38.54 13.34
N SER C 366 28.45 38.17 12.79
CA SER C 366 28.57 38.06 11.34
C SER C 366 27.77 36.87 10.80
N THR C 367 27.91 35.71 11.43
CA THR C 367 27.04 34.58 11.13
C THR C 367 26.87 33.70 12.36
N PHE C 368 25.66 33.19 12.54
CA PHE C 368 25.26 32.36 13.67
C PHE C 368 24.34 31.28 13.10
N LYS C 369 24.89 30.13 12.74
CA LYS C 369 24.08 29.08 12.11
C LYS C 369 24.24 27.78 12.86
N CYS C 370 23.11 27.15 13.19
CA CYS C 370 23.06 25.98 14.04
C CYS C 370 22.64 24.78 13.19
N TYR C 371 23.26 23.64 13.46
CA TYR C 371 22.96 22.39 12.77
C TYR C 371 22.36 21.40 13.75
N GLY C 372 21.16 20.91 13.44
CA GLY C 372 20.45 19.99 14.30
C GLY C 372 19.46 20.64 15.24
N VAL C 373 19.57 21.95 15.47
CA VAL C 373 18.66 22.69 16.32
C VAL C 373 18.30 23.99 15.61
N SER C 374 17.22 24.62 16.07
CA SER C 374 16.85 25.92 15.55
C SER C 374 17.34 27.02 16.49
N PRO C 375 17.83 28.14 15.95
CA PRO C 375 18.28 29.23 16.82
C PRO C 375 17.17 29.85 17.66
N SER C 376 15.94 29.88 17.15
CA SER C 376 14.83 30.43 17.92
C SER C 376 14.44 29.55 19.10
N LYS C 377 14.58 28.24 18.96
CA LYS C 377 14.20 27.29 20.01
C LYS C 377 15.34 27.03 20.99
N LEU C 378 16.44 27.78 20.89
CA LEU C 378 17.63 27.48 21.68
C LEU C 378 17.48 27.90 23.13
N ILE C 379 16.66 28.91 23.42
CA ILE C 379 16.55 29.42 24.78
C ILE C 379 15.80 28.46 25.69
N ASP C 380 14.97 27.58 25.13
CA ASP C 380 14.16 26.67 25.94
C ASP C 380 14.82 25.30 26.15
N LEU C 381 16.05 25.11 25.70
CA LEU C 381 16.68 23.81 25.74
C LEU C 381 17.68 23.70 26.88
N CYS C 382 17.87 22.47 27.36
CA CYS C 382 18.87 22.14 28.37
C CYS C 382 19.84 21.14 27.78
N PHE C 383 21.13 21.34 28.04
CA PHE C 383 22.18 20.53 27.44
C PHE C 383 22.92 19.74 28.51
N THR C 384 23.36 18.55 28.15
CA THR C 384 24.12 17.70 29.06
C THR C 384 25.61 17.95 28.98
N SER C 385 26.17 18.12 27.79
CA SER C 385 27.59 18.40 27.64
C SER C 385 27.80 19.36 26.49
N VAL C 386 28.58 20.41 26.77
CA VAL C 386 28.86 21.50 25.83
C VAL C 386 30.37 21.71 25.77
N TYR C 387 30.91 21.75 24.55
CA TYR C 387 32.32 22.07 24.31
C TYR C 387 32.38 23.23 23.34
N ALA C 388 33.41 24.07 23.49
CA ALA C 388 33.61 25.23 22.62
C ALA C 388 34.99 25.15 21.99
N ASP C 389 35.04 25.22 20.67
CA ASP C 389 36.28 25.22 19.91
C ASP C 389 36.52 26.63 19.39
N THR C 390 37.69 27.20 19.71
CA THR C 390 37.96 28.61 19.46
C THR C 390 39.18 28.76 18.56
N PHE C 391 39.04 29.56 17.49
CA PHE C 391 40.19 29.90 16.66
C PHE C 391 39.90 31.17 15.88
N LEU C 392 40.84 31.52 15.00
CA LEU C 392 40.81 32.76 14.23
C LEU C 392 41.26 32.48 12.80
N ILE C 393 40.42 32.82 11.83
CA ILE C 393 40.68 32.54 10.43
C ILE C 393 40.47 33.81 9.61
N ARG C 394 40.56 33.66 8.30
CA ARG C 394 40.23 34.76 7.40
C ARG C 394 38.74 34.78 7.11
N SER C 395 38.27 35.88 6.52
CA SER C 395 36.85 36.07 6.31
C SER C 395 36.30 35.21 5.18
N SER C 396 37.16 34.80 4.24
CA SER C 396 36.70 33.97 3.12
C SER C 396 36.52 32.51 3.48
N GLU C 397 37.07 32.06 4.61
CA GLU C 397 36.95 30.67 5.04
C GLU C 397 35.82 30.45 6.03
N VAL C 398 35.00 31.48 6.28
CA VAL C 398 33.85 31.33 7.16
C VAL C 398 32.85 30.34 6.56
N ARG C 399 32.75 30.30 5.23
CA ARG C 399 31.94 29.29 4.58
C ARG C 399 32.51 27.88 4.71
N GLN C 400 33.80 27.76 5.03
CA GLN C 400 34.42 26.44 5.06
C GLN C 400 34.16 25.66 6.34
N VAL C 401 33.69 26.31 7.40
CA VAL C 401 33.35 25.59 8.64
C VAL C 401 31.87 25.17 8.51
N ALA C 402 31.68 24.06 7.81
CA ALA C 402 30.35 23.52 7.58
C ALA C 402 30.47 22.03 7.32
N PRO C 403 29.48 21.23 7.72
CA PRO C 403 29.57 19.77 7.49
C PRO C 403 29.49 19.46 6.00
N GLY C 404 30.43 18.61 5.54
CA GLY C 404 30.48 18.20 4.17
C GLY C 404 31.13 19.19 3.21
N GLU C 405 31.61 20.33 3.72
CA GLU C 405 32.24 21.31 2.85
C GLU C 405 33.75 21.16 2.92
N THR C 406 34.43 21.57 1.85
CA THR C 406 35.86 21.35 1.71
C THR C 406 36.58 22.64 1.33
N GLY C 407 37.88 22.64 1.56
CA GLY C 407 38.71 23.80 1.30
C GLY C 407 40.08 23.61 1.94
N VAL C 408 40.76 24.74 2.18
CA VAL C 408 42.08 24.68 2.77
C VAL C 408 42.02 24.51 4.29
N ILE C 409 40.92 24.91 4.92
CA ILE C 409 40.78 24.75 6.38
C ILE C 409 40.06 23.46 6.71
N ALA C 410 39.05 23.10 5.91
CA ALA C 410 38.25 21.92 6.16
C ALA C 410 38.99 20.62 5.85
N ASP C 411 40.15 20.67 5.21
CA ASP C 411 40.91 19.48 4.87
C ASP C 411 42.17 19.33 5.69
N TYR C 412 42.88 20.43 5.97
CA TYR C 412 44.21 20.36 6.55
C TYR C 412 44.29 20.96 7.95
N ASN C 413 43.29 21.72 8.38
CA ASN C 413 43.37 22.43 9.66
C ASN C 413 42.25 22.05 10.62
N TYR C 414 41.00 22.05 10.17
CA TYR C 414 39.87 21.86 11.07
C TYR C 414 38.68 21.34 10.27
N LYS C 415 38.28 20.10 10.51
CA LYS C 415 37.15 19.49 9.81
C LYS C 415 36.04 19.18 10.80
N LEU C 416 34.81 19.58 10.45
CA LEU C 416 33.59 19.25 11.18
C LEU C 416 33.09 17.86 10.79
N PRO C 417 32.48 17.13 11.71
CA PRO C 417 31.88 15.84 11.36
C PRO C 417 30.64 16.01 10.50
N ASP C 418 30.27 15.00 9.74
CA ASP C 418 29.13 15.29 8.83
C ASP C 418 27.80 15.09 9.57
N ASP C 419 27.84 15.06 10.90
CA ASP C 419 26.59 14.96 11.68
C ASP C 419 26.73 15.92 12.86
N PHE C 420 27.33 17.07 12.62
CA PHE C 420 27.66 17.98 13.74
C PHE C 420 26.46 18.56 14.37
N THR C 421 25.85 17.85 15.30
CA THR C 421 24.85 18.63 16.02
C THR C 421 25.59 19.69 16.82
N GLY C 422 25.10 20.92 16.76
CA GLY C 422 25.78 22.02 17.42
C GLY C 422 25.39 23.33 16.75
N CYS C 423 26.26 24.32 16.91
CA CYS C 423 26.04 25.63 16.31
C CYS C 423 27.37 26.37 16.17
N VAL C 424 27.56 27.01 15.03
CA VAL C 424 28.80 27.72 14.74
C VAL C 424 28.53 29.22 14.70
N ILE C 425 29.32 29.96 15.46
CA ILE C 425 29.31 31.42 15.51
C ILE C 425 30.63 31.93 14.93
N ALA C 426 30.54 32.94 14.08
CA ALA C 426 31.72 33.60 13.53
C ALA C 426 31.46 35.08 13.45
N TRP C 427 32.46 35.87 13.85
CA TRP C 427 32.24 37.30 13.99
C TRP C 427 33.55 38.05 13.78
N ASN C 428 33.43 39.24 13.20
CA ASN C 428 34.57 39.96 12.64
C ASN C 428 35.26 40.79 13.71
N THR C 429 36.59 40.63 13.83
CA THR C 429 37.46 41.58 14.53
C THR C 429 38.59 41.93 13.56
N ALA C 430 38.35 42.90 12.69
CA ALA C 430 39.39 43.35 11.78
C ALA C 430 40.32 44.35 12.46
N LYS C 431 39.92 44.88 13.61
CA LYS C 431 40.65 45.94 14.29
C LYS C 431 41.33 45.47 15.57
N GLN C 432 40.69 44.60 16.34
CA GLN C 432 41.21 44.14 17.63
C GLN C 432 42.39 43.20 17.48
N ASP C 433 42.29 42.20 16.61
CA ASP C 433 43.35 41.22 16.40
C ASP C 433 44.14 41.59 15.15
N THR C 434 45.39 42.00 15.34
CA THR C 434 46.29 42.38 14.26
C THR C 434 47.59 41.60 14.39
N GLY C 435 48.26 41.40 13.26
CA GLY C 435 49.52 40.68 13.29
C GLY C 435 49.52 39.43 12.43
N ASN C 436 50.44 38.50 12.70
CA ASN C 436 50.66 37.35 11.83
C ASN C 436 50.21 36.06 12.50
N TYR C 437 49.55 35.21 11.72
CA TYR C 437 49.08 33.91 12.19
C TYR C 437 49.33 32.87 11.10
N TYR C 438 49.34 31.60 11.48
CA TYR C 438 49.76 30.53 10.58
C TYR C 438 48.61 29.58 10.26
N TYR C 439 48.79 28.81 9.19
CA TYR C 439 47.85 27.76 8.84
C TYR C 439 48.58 26.69 8.03
N ARG C 440 48.03 25.48 8.06
CA ARG C 440 48.61 24.35 7.34
C ARG C 440 48.23 24.44 5.87
N SER C 441 49.25 24.45 5.01
CA SER C 441 49.02 24.52 3.57
C SER C 441 49.19 23.19 2.84
N HIS C 442 50.08 22.33 3.32
CA HIS C 442 50.37 21.06 2.68
C HIS C 442 50.38 19.95 3.72
N ARG C 443 49.76 18.82 3.36
CA ARG C 443 49.74 17.64 4.22
C ARG C 443 49.50 16.42 3.35
N LYS C 444 49.85 15.25 3.88
CA LYS C 444 49.69 14.02 3.11
C LYS C 444 48.22 13.61 2.98
N THR C 445 47.47 13.64 4.08
CA THR C 445 46.11 13.13 4.10
C THR C 445 45.17 14.18 4.66
N LYS C 446 43.89 14.04 4.36
CA LYS C 446 42.88 14.88 4.98
C LYS C 446 42.77 14.57 6.46
N LEU C 447 42.38 15.58 7.24
CA LEU C 447 42.20 15.39 8.67
C LEU C 447 40.88 14.69 8.94
N LYS C 448 40.87 13.87 9.99
CA LYS C 448 39.63 13.30 10.50
C LYS C 448 38.84 14.40 11.21
N PRO C 449 37.53 14.21 11.39
CA PRO C 449 36.73 15.19 12.14
C PRO C 449 37.21 15.35 13.57
N PHE C 450 37.29 16.60 14.01
CA PHE C 450 37.71 16.99 15.36
C PHE C 450 39.08 16.45 15.71
N GLU C 451 40.00 16.48 14.75
CA GLU C 451 41.36 15.99 14.91
C GLU C 451 42.31 17.17 14.83
N ARG C 452 43.32 17.17 15.69
CA ARG C 452 44.29 18.26 15.77
C ARG C 452 45.68 17.77 15.37
N ASP C 453 46.44 18.67 14.74
CA ASP C 453 47.79 18.33 14.31
C ASP C 453 48.69 19.53 14.60
N LEU C 454 49.43 19.45 15.70
CA LEU C 454 50.42 20.47 16.05
C LEU C 454 51.80 20.19 15.47
N SER C 455 51.93 19.14 14.66
CA SER C 455 53.23 18.72 14.17
C SER C 455 53.76 19.68 13.11
N SER C 456 54.33 20.80 13.55
CA SER C 456 54.96 21.76 12.66
C SER C 456 56.30 21.22 12.19
N ASP C 457 56.81 21.82 11.11
CA ASP C 457 58.09 21.49 10.49
C ASP C 457 58.15 20.01 10.09
N ASP C 458 57.24 19.63 9.19
CA ASP C 458 57.22 18.28 8.66
C ASP C 458 58.44 18.04 7.79
N GLY C 459 59.27 17.09 8.18
CA GLY C 459 60.56 16.89 7.53
C GLY C 459 61.62 17.79 8.13
N ASN C 460 62.60 18.20 7.32
CA ASN C 460 63.69 19.05 7.79
C ASN C 460 63.59 20.39 7.06
N GLY C 461 63.25 21.43 7.82
CA GLY C 461 63.20 22.78 7.27
C GLY C 461 61.98 23.06 6.39
N VAL C 462 61.03 22.14 6.32
CA VAL C 462 59.81 22.32 5.56
C VAL C 462 58.69 22.54 6.56
N TYR C 463 58.28 23.80 6.72
CA TYR C 463 57.26 24.15 7.71
C TYR C 463 55.91 23.54 7.37
N THR C 464 55.51 23.61 6.10
CA THR C 464 54.11 23.45 5.65
C THR C 464 53.18 24.37 6.44
N LEU C 465 53.68 25.54 6.81
CA LEU C 465 52.94 26.53 7.59
C LEU C 465 53.29 27.91 7.02
N SER C 466 52.52 28.34 6.02
CA SER C 466 52.68 29.70 5.53
C SER C 466 51.85 30.65 6.38
N THR C 467 52.31 31.90 6.46
CA THR C 467 51.75 32.88 7.38
C THR C 467 50.89 33.88 6.63
N TYR C 468 50.03 34.55 7.40
CA TYR C 468 49.14 35.58 6.87
C TYR C 468 48.87 36.62 7.96
N ASP C 469 48.79 37.87 7.53
CA ASP C 469 48.77 39.01 8.43
C ASP C 469 47.43 39.73 8.39
N PHE C 470 47.14 40.47 9.46
CA PHE C 470 45.92 41.24 9.58
C PHE C 470 46.25 42.67 10.03
N ASN C 471 45.64 43.63 9.36
CA ASN C 471 45.80 45.06 9.54
C ASN C 471 44.43 45.69 9.34
N PRO C 472 44.23 46.93 9.83
CA PRO C 472 42.92 47.58 9.60
C PRO C 472 42.62 47.88 8.14
N ASN C 473 43.62 47.95 7.26
CA ASN C 473 43.42 48.26 5.85
C ASN C 473 43.13 47.02 5.01
N VAL C 474 42.85 45.90 5.65
CA VAL C 474 42.75 44.60 4.99
C VAL C 474 41.48 44.55 4.13
N PRO C 475 41.51 43.87 2.98
CA PRO C 475 40.29 43.75 2.15
C PRO C 475 39.13 43.02 2.80
N VAL C 476 37.97 43.04 2.11
CA VAL C 476 36.69 42.71 2.73
C VAL C 476 36.63 41.22 3.08
N ALA C 477 36.93 40.34 2.12
CA ALA C 477 36.84 38.91 2.35
C ALA C 477 38.11 38.34 2.96
N TYR C 478 39.06 39.18 3.32
CA TYR C 478 40.40 38.76 3.71
C TYR C 478 40.69 39.19 5.15
N GLN C 479 39.63 39.54 5.88
CA GLN C 479 39.66 40.09 7.24
C GLN C 479 39.85 39.01 8.28
N ALA C 480 40.16 39.44 9.51
CA ALA C 480 40.32 38.52 10.64
C ALA C 480 38.96 38.23 11.28
N THR C 481 38.54 36.98 11.23
CA THR C 481 37.27 36.56 11.82
C THR C 481 37.53 35.57 12.95
N ARG C 482 36.98 35.86 14.13
CA ARG C 482 37.03 34.93 15.25
C ARG C 482 35.89 33.93 15.10
N VAL C 483 36.21 32.64 15.20
CA VAL C 483 35.23 31.56 15.00
C VAL C 483 35.20 30.70 16.25
N VAL C 484 33.99 30.48 16.77
CA VAL C 484 33.76 29.57 17.89
C VAL C 484 32.71 28.55 17.44
N VAL C 485 32.95 27.29 17.76
CA VAL C 485 32.03 26.21 17.42
C VAL C 485 31.55 25.62 18.74
N LEU C 486 30.24 25.66 18.98
CA LEU C 486 29.64 25.06 20.17
C LEU C 486 29.13 23.68 19.77
N SER C 487 29.74 22.64 20.31
CA SER C 487 29.29 21.27 20.11
C SER C 487 28.65 20.81 21.41
N PHE C 488 27.33 20.65 21.39
CA PHE C 488 26.59 20.25 22.57
C PHE C 488 25.71 19.07 22.21
N GLU C 489 25.42 18.23 23.21
CA GLU C 489 24.51 17.12 23.00
C GLU C 489 23.66 16.87 24.24
N LEU C 490 22.50 16.26 24.00
CA LEU C 490 21.51 15.98 25.04
C LEU C 490 21.08 14.52 24.92
N LEU C 491 20.89 13.88 26.06
CA LEU C 491 20.52 12.46 26.12
C LEU C 491 19.92 12.19 27.49
N ASN C 492 19.68 10.91 27.79
CA ASN C 492 19.11 10.52 29.08
C ASN C 492 20.20 10.62 30.14
N ALA C 493 20.46 11.86 30.54
CA ALA C 493 21.53 12.18 31.48
C ALA C 493 21.18 13.51 32.14
N PRO C 494 21.68 13.74 33.36
CA PRO C 494 21.43 15.05 34.00
C PRO C 494 22.07 16.19 33.22
N ALA C 495 21.36 17.32 33.16
CA ALA C 495 21.81 18.45 32.36
C ALA C 495 22.64 19.40 33.20
N THR C 496 23.56 20.09 32.54
CA THR C 496 24.44 21.06 33.19
C THR C 496 24.25 22.48 32.70
N VAL C 497 23.88 22.67 31.43
CA VAL C 497 23.67 24.00 30.87
C VAL C 497 22.21 24.11 30.47
N CYS C 498 21.53 25.15 30.96
CA CYS C 498 20.11 25.33 30.72
C CYS C 498 19.83 26.78 30.35
N GLY C 499 18.62 27.02 29.87
CA GLY C 499 18.16 28.36 29.55
C GLY C 499 17.59 29.06 30.77
N PRO C 500 17.42 30.38 30.67
CA PRO C 500 16.91 31.17 31.81
C PRO C 500 15.39 31.22 31.88
N LYS C 501 14.79 30.13 32.37
CA LYS C 501 13.34 30.06 32.58
C LYS C 501 13.06 29.66 34.02
N LEU C 502 12.01 30.24 34.59
CA LEU C 502 11.65 29.97 35.98
C LEU C 502 10.68 28.80 36.08
N SER C 503 10.92 27.92 37.04
CA SER C 503 10.05 26.79 37.26
C SER C 503 8.73 27.23 37.89
N THR C 504 7.69 26.42 37.70
CA THR C 504 6.37 26.69 38.23
C THR C 504 5.90 25.52 39.09
N GLN C 505 4.67 25.64 39.59
CA GLN C 505 4.06 24.57 40.36
C GLN C 505 3.60 23.45 39.44
N LEU C 506 3.66 22.22 39.94
CA LEU C 506 3.27 21.04 39.18
C LEU C 506 1.83 20.69 39.54
N VAL C 507 1.03 20.38 38.53
CA VAL C 507 -0.36 20.00 38.71
C VAL C 507 -0.49 18.51 38.38
N LYS C 508 -1.14 17.76 39.26
CA LYS C 508 -1.25 16.33 39.12
C LYS C 508 -2.68 15.93 38.79
N ASN C 509 -2.80 14.78 38.12
CA ASN C 509 -4.08 14.17 37.74
C ASN C 509 -4.91 15.08 36.85
N GLN C 510 -4.26 15.86 36.00
CA GLN C 510 -4.95 16.72 35.04
C GLN C 510 -4.18 16.72 33.72
N CYS C 511 -4.89 16.96 32.64
CA CYS C 511 -4.28 17.01 31.31
C CYS C 511 -3.61 18.37 31.14
N VAL C 512 -2.28 18.40 31.19
CA VAL C 512 -1.50 19.63 31.21
C VAL C 512 -0.42 19.55 30.14
N ASN C 513 0.07 20.73 29.75
CA ASN C 513 1.24 20.83 28.90
C ASN C 513 2.47 20.98 29.78
N PHE C 514 3.42 20.07 29.63
CA PHE C 514 4.58 20.01 30.49
C PHE C 514 5.86 20.31 29.72
N ASN C 515 6.81 20.91 30.42
CA ASN C 515 8.14 21.25 29.90
C ASN C 515 9.14 20.76 30.94
N PHE C 516 9.57 19.51 30.80
CA PHE C 516 10.49 18.87 31.74
C PHE C 516 11.89 18.91 31.17
N ASN C 517 12.72 19.81 31.73
CA ASN C 517 14.16 19.86 31.46
C ASN C 517 14.47 20.07 29.98
N GLY C 518 13.59 20.79 29.29
CA GLY C 518 13.73 21.04 27.87
C GLY C 518 12.91 20.15 26.97
N LEU C 519 12.23 19.13 27.51
CA LEU C 519 11.37 18.26 26.71
C LEU C 519 9.93 18.71 26.90
N LYS C 520 9.29 19.09 25.81
CA LYS C 520 7.90 19.55 25.86
C LYS C 520 6.95 18.42 25.49
N GLY C 521 5.75 18.50 26.03
CA GLY C 521 4.74 17.50 25.71
C GLY C 521 3.42 17.84 26.35
N THR C 522 2.45 16.96 26.13
CA THR C 522 1.10 17.13 26.69
C THR C 522 0.66 15.79 27.26
N GLY C 523 0.23 15.80 28.52
CA GLY C 523 -0.17 14.56 29.15
C GLY C 523 -0.67 14.80 30.56
N VAL C 524 -0.92 13.70 31.26
CA VAL C 524 -1.38 13.73 32.65
C VAL C 524 -0.25 13.21 33.52
N LEU C 525 0.13 14.01 34.52
CA LEU C 525 1.22 13.66 35.42
C LEU C 525 0.66 13.06 36.69
N THR C 526 1.14 11.88 37.05
CA THR C 526 0.73 11.16 38.24
C THR C 526 1.97 10.76 39.04
N PRO C 527 1.84 10.60 40.36
CA PRO C 527 2.94 10.02 41.13
C PRO C 527 3.24 8.60 40.66
N SER C 528 4.51 8.27 40.60
CA SER C 528 4.95 7.01 40.01
C SER C 528 5.68 6.16 41.03
N LEU C 529 5.34 4.87 41.03
CA LEU C 529 6.01 3.88 41.84
C LEU C 529 7.12 3.16 41.07
N LYS C 530 7.46 3.64 39.88
CA LYS C 530 8.54 3.07 39.09
C LYS C 530 9.89 3.39 39.74
N ARG C 531 10.92 2.70 39.26
CA ARG C 531 12.28 2.89 39.75
C ARG C 531 13.20 3.19 38.58
N PHE C 532 13.96 4.27 38.68
CA PHE C 532 14.96 4.62 37.68
C PHE C 532 16.35 4.18 38.15
N GLN C 533 17.36 4.51 37.36
CA GLN C 533 18.74 4.33 37.76
C GLN C 533 19.26 5.60 38.41
N SER C 534 20.56 5.65 38.66
CA SER C 534 21.17 6.83 39.26
C SER C 534 21.24 8.02 38.31
N PHE C 535 21.45 7.75 37.01
CA PHE C 535 21.57 8.81 36.01
C PHE C 535 20.36 8.94 35.11
N GLN C 536 19.33 8.11 35.30
CA GLN C 536 18.18 8.13 34.41
C GLN C 536 17.33 9.37 34.64
N GLN C 537 16.90 9.99 33.55
CA GLN C 537 15.97 11.12 33.60
C GLN C 537 14.59 10.80 33.06
N PHE C 538 14.48 9.89 32.10
CA PHE C 538 13.19 9.53 31.53
C PHE C 538 13.25 8.11 30.99
N GLY C 539 12.13 7.39 31.15
CA GLY C 539 12.01 6.03 30.64
C GLY C 539 11.28 6.00 29.31
N ARG C 540 11.39 4.87 28.62
CA ARG C 540 10.84 4.71 27.28
C ARG C 540 10.07 3.39 27.17
N ASP C 541 9.02 3.40 26.36
CA ASP C 541 8.29 2.20 26.03
C ASP C 541 8.94 1.46 24.88
N THR C 542 8.29 0.37 24.45
CA THR C 542 8.72 -0.33 23.24
C THR C 542 8.39 0.46 21.98
N SER C 543 7.44 1.39 22.05
CA SER C 543 7.09 2.25 20.93
C SER C 543 7.80 3.59 20.98
N ASP C 544 8.86 3.70 21.80
CA ASP C 544 9.66 4.91 21.98
C ASP C 544 8.81 6.09 22.45
N PHE C 545 7.84 5.80 23.31
CA PHE C 545 7.02 6.83 23.94
C PHE C 545 7.44 6.96 25.39
N THR C 546 7.75 8.19 25.80
CA THR C 546 8.21 8.46 27.17
C THR C 546 7.03 8.32 28.12
N ASP C 547 7.15 7.40 29.08
CA ASP C 547 6.07 7.12 30.02
C ASP C 547 6.36 7.60 31.44
N SER C 548 7.63 7.82 31.78
CA SER C 548 7.98 8.26 33.12
C SER C 548 9.18 9.18 33.04
N VAL C 549 9.16 10.24 33.84
CA VAL C 549 10.22 11.25 33.80
C VAL C 549 10.63 11.59 35.22
N ARG C 550 11.89 11.99 35.38
CA ARG C 550 12.43 12.37 36.67
C ARG C 550 12.32 13.88 36.84
N ASP C 551 11.76 14.31 37.96
CA ASP C 551 11.61 15.73 38.26
C ASP C 551 12.97 16.32 38.59
N PRO C 552 13.43 17.36 37.89
CA PRO C 552 14.72 17.98 38.23
C PRO C 552 14.74 18.61 39.61
N GLN C 553 13.61 19.11 40.10
CA GLN C 553 13.48 19.62 41.46
C GLN C 553 12.70 18.61 42.28
N THR C 554 13.20 18.31 43.48
CA THR C 554 12.65 17.28 44.36
C THR C 554 12.56 15.93 43.64
N LEU C 555 13.75 15.39 43.36
CA LEU C 555 13.97 14.25 42.48
C LEU C 555 13.10 13.04 42.78
N GLU C 556 12.16 12.76 41.87
CA GLU C 556 11.28 11.61 41.98
C GLU C 556 10.70 11.33 40.61
N ILE C 557 10.13 10.15 40.45
CA ILE C 557 9.63 9.69 39.16
C ILE C 557 8.15 10.04 39.05
N LEU C 558 7.75 10.55 37.90
CA LEU C 558 6.36 10.88 37.61
C LEU C 558 5.93 10.17 36.33
N ASP C 559 4.73 9.57 36.37
CA ASP C 559 4.21 8.88 35.20
C ASP C 559 3.36 9.82 34.36
N ILE C 560 3.34 9.55 33.05
CA ILE C 560 2.65 10.37 32.07
C ILE C 560 1.63 9.49 31.36
N SER C 561 0.37 9.93 31.36
CA SER C 561 -0.71 9.22 30.70
C SER C 561 -1.34 10.08 29.62
N PRO C 562 -1.90 9.49 28.57
CA PRO C 562 -2.60 10.30 27.56
C PRO C 562 -3.87 10.90 28.12
N CYS C 563 -4.22 12.08 27.60
CA CYS C 563 -5.46 12.73 28.00
C CYS C 563 -6.68 12.00 27.44
N SER C 564 -6.58 11.47 26.22
CA SER C 564 -7.63 10.65 25.64
C SER C 564 -7.56 9.26 26.29
N PHE C 565 -8.15 9.18 27.48
CA PHE C 565 -7.95 8.07 28.41
C PHE C 565 -9.10 7.06 28.30
N GLY C 566 -9.15 6.37 27.15
CA GLY C 566 -10.16 5.37 26.92
C GLY C 566 -10.84 5.44 25.57
N GLY C 567 -11.58 4.39 25.21
CA GLY C 567 -12.32 4.33 23.95
C GLY C 567 -13.81 4.48 24.20
N VAL C 568 -14.46 5.25 23.35
CA VAL C 568 -15.85 5.66 23.53
C VAL C 568 -16.65 5.29 22.29
N SER C 569 -17.80 4.65 22.49
CA SER C 569 -18.75 4.37 21.44
C SER C 569 -20.03 5.14 21.72
N VAL C 570 -20.72 5.56 20.66
CA VAL C 570 -21.95 6.33 20.77
C VAL C 570 -23.06 5.52 20.12
N ILE C 571 -24.24 5.58 20.72
CA ILE C 571 -25.38 4.74 20.35
C ILE C 571 -26.53 5.69 20.04
N THR C 572 -27.07 5.61 18.82
CA THR C 572 -28.06 6.59 18.44
C THR C 572 -29.15 5.97 17.57
N PRO C 573 -30.37 6.48 17.66
CA PRO C 573 -31.35 6.26 16.59
C PRO C 573 -31.10 7.21 15.43
N GLY C 574 -31.97 7.20 14.43
CA GLY C 574 -31.84 8.14 13.34
C GLY C 574 -32.06 9.58 13.80
N THR C 575 -31.32 10.50 13.18
CA THR C 575 -31.44 11.91 13.53
C THR C 575 -32.79 12.49 13.14
N ASN C 576 -33.43 11.94 12.10
CA ASN C 576 -34.79 12.35 11.76
C ASN C 576 -35.81 11.87 12.78
N ALA C 577 -35.49 10.84 13.56
CA ALA C 577 -36.38 10.32 14.59
C ALA C 577 -36.22 11.03 15.92
N SER C 578 -34.99 11.17 16.41
CA SER C 578 -34.72 11.82 17.68
C SER C 578 -33.30 12.34 17.68
N SER C 579 -32.94 13.00 18.78
CA SER C 579 -31.60 13.56 18.94
C SER C 579 -30.94 13.14 20.25
N GLU C 580 -31.47 12.14 20.94
CA GLU C 580 -30.90 11.66 22.19
C GLU C 580 -30.01 10.45 21.91
N VAL C 581 -28.89 10.37 22.63
CA VAL C 581 -27.89 9.34 22.41
C VAL C 581 -27.54 8.66 23.72
N ALA C 582 -26.81 7.55 23.60
CA ALA C 582 -26.25 6.84 24.74
C ALA C 582 -24.75 6.68 24.50
N VAL C 583 -23.99 6.57 25.59
CA VAL C 583 -22.53 6.51 25.52
C VAL C 583 -22.07 5.22 26.19
N LEU C 584 -21.22 4.46 25.50
CA LEU C 584 -20.65 3.24 26.02
C LEU C 584 -19.15 3.40 26.18
N TYR C 585 -18.65 3.11 27.38
CA TYR C 585 -17.22 3.13 27.70
C TYR C 585 -16.72 1.70 27.82
N GLN C 586 -15.55 1.44 27.26
CA GLN C 586 -15.03 0.07 27.23
C GLN C 586 -14.25 -0.24 28.50
N ASP C 587 -14.68 -1.31 29.19
CA ASP C 587 -13.90 -1.98 30.24
C ASP C 587 -13.58 -1.06 31.41
N VAL C 588 -14.58 -0.30 31.86
CA VAL C 588 -14.46 0.51 33.06
C VAL C 588 -15.66 0.25 33.96
N ASN C 589 -15.49 0.52 35.24
CA ASN C 589 -16.57 0.43 36.20
C ASN C 589 -17.29 1.76 36.31
N CYS C 590 -18.59 1.69 36.60
CA CYS C 590 -19.44 2.87 36.62
C CYS C 590 -19.24 3.75 37.85
N THR C 591 -18.51 3.26 38.89
CA THR C 591 -17.84 4.16 39.85
C THR C 591 -16.74 4.97 39.19
N ASP C 592 -15.92 4.33 38.35
CA ASP C 592 -14.68 4.92 37.87
C ASP C 592 -14.86 5.73 36.59
N VAL C 593 -16.09 5.92 36.13
CA VAL C 593 -16.37 6.67 34.91
C VAL C 593 -15.96 8.14 35.04
N PRO C 594 -16.35 8.93 36.10
CA PRO C 594 -15.89 10.31 36.12
C PRO C 594 -14.50 10.49 36.71
N THR C 595 -13.58 9.60 36.34
CA THR C 595 -12.17 9.75 36.70
C THR C 595 -11.34 9.46 35.46
N ALA C 596 -11.82 8.52 34.64
CA ALA C 596 -11.12 8.11 33.43
C ALA C 596 -11.41 9.02 32.24
N ILE C 597 -12.39 9.92 32.34
CA ILE C 597 -12.67 10.87 31.29
C ILE C 597 -12.43 12.30 31.72
N ARG C 598 -12.06 12.52 32.99
CA ARG C 598 -11.78 13.84 33.56
C ARG C 598 -13.01 14.75 33.43
N ALA C 599 -14.08 14.35 34.14
CA ALA C 599 -15.35 15.05 34.04
C ALA C 599 -15.30 16.48 34.57
N ASP C 600 -14.38 16.78 35.49
CA ASP C 600 -14.23 18.15 35.98
C ASP C 600 -13.65 19.08 34.92
N GLN C 601 -12.92 18.57 33.94
CA GLN C 601 -12.31 19.39 32.90
C GLN C 601 -13.17 19.48 31.65
N LEU C 602 -14.37 18.91 31.67
CA LEU C 602 -15.24 18.91 30.51
C LEU C 602 -16.39 19.89 30.67
N THR C 603 -17.12 20.10 29.58
CA THR C 603 -18.30 20.94 29.60
C THR C 603 -19.42 20.26 30.40
N PRO C 604 -20.35 21.05 30.95
CA PRO C 604 -21.48 20.42 31.67
C PRO C 604 -22.38 19.58 30.79
N ALA C 605 -22.38 19.77 29.48
CA ALA C 605 -23.14 18.88 28.60
C ALA C 605 -22.57 17.47 28.60
N TRP C 606 -21.24 17.34 28.60
CA TRP C 606 -20.62 16.02 28.77
C TRP C 606 -20.76 15.49 30.19
N ARG C 607 -20.95 16.38 31.17
CA ARG C 607 -20.99 15.95 32.56
C ARG C 607 -22.26 15.19 32.92
N VAL C 608 -23.31 15.28 32.09
CA VAL C 608 -24.52 14.51 32.36
C VAL C 608 -24.42 13.08 31.85
N TYR C 609 -23.43 12.77 31.02
CA TYR C 609 -23.20 11.42 30.55
C TYR C 609 -22.12 10.70 31.34
N SER C 610 -21.57 11.34 32.37
CA SER C 610 -20.61 10.70 33.26
C SER C 610 -21.27 10.09 34.48
N THR C 611 -22.21 10.80 35.11
CA THR C 611 -23.00 10.25 36.20
C THR C 611 -24.48 10.43 35.91
N GLY C 612 -25.33 9.94 36.81
CA GLY C 612 -26.77 10.09 36.64
C GLY C 612 -27.57 8.94 37.20
N LEU C 613 -28.82 8.84 36.79
CA LEU C 613 -29.72 7.80 37.29
C LEU C 613 -29.91 6.65 36.29
N ASN C 614 -29.59 6.86 35.02
CA ASN C 614 -29.79 5.85 33.98
C ASN C 614 -28.52 5.06 33.70
N VAL C 615 -27.68 4.85 34.71
CA VAL C 615 -26.43 4.13 34.53
C VAL C 615 -26.70 2.62 34.53
N PHE C 616 -25.88 1.88 33.80
CA PHE C 616 -26.00 0.43 33.75
C PHE C 616 -24.60 -0.16 33.57
N GLN C 617 -24.38 -1.33 34.18
CA GLN C 617 -23.09 -2.01 34.11
C GLN C 617 -23.27 -3.30 33.31
N THR C 618 -22.47 -3.45 32.26
CA THR C 618 -22.46 -4.65 31.42
C THR C 618 -21.09 -5.30 31.50
N GLN C 619 -20.95 -6.42 30.81
CA GLN C 619 -19.64 -7.07 30.72
C GLN C 619 -18.71 -6.31 29.79
N ALA C 620 -19.27 -5.61 28.79
CA ALA C 620 -18.44 -4.81 27.89
C ALA C 620 -17.94 -3.56 28.58
N GLY C 621 -18.68 -3.02 29.52
CA GLY C 621 -18.31 -1.81 30.21
C GLY C 621 -19.53 -1.15 30.83
N CYS C 622 -19.48 0.18 30.87
CA CYS C 622 -20.53 0.98 31.49
C CYS C 622 -21.33 1.69 30.41
N LEU C 623 -22.65 1.56 30.47
CA LEU C 623 -23.56 2.19 29.52
C LEU C 623 -24.38 3.24 30.25
N ILE C 624 -24.27 4.49 29.80
CA ILE C 624 -24.95 5.62 30.42
C ILE C 624 -25.78 6.32 29.35
N GLY C 625 -27.06 6.55 29.65
CA GLY C 625 -27.96 7.24 28.76
C GLY C 625 -29.21 6.45 28.40
N ALA C 626 -29.25 5.16 28.70
CA ALA C 626 -30.41 4.33 28.40
C ALA C 626 -30.81 3.56 29.66
N GLU C 627 -32.11 3.47 29.91
CA GLU C 627 -32.59 2.74 31.06
C GLU C 627 -32.66 1.24 30.76
N HIS C 628 -32.62 0.44 31.82
CA HIS C 628 -32.59 -1.01 31.70
C HIS C 628 -33.96 -1.58 32.04
N VAL C 629 -34.47 -2.46 31.18
CA VAL C 629 -35.76 -3.09 31.37
C VAL C 629 -35.54 -4.59 31.56
N ASN C 630 -36.58 -5.26 32.06
CA ASN C 630 -36.48 -6.68 32.36
C ASN C 630 -36.98 -7.58 31.24
N ALA C 631 -37.61 -7.01 30.21
CA ALA C 631 -38.16 -7.82 29.13
C ALA C 631 -37.04 -8.25 28.17
N SER C 632 -37.42 -9.04 27.18
CA SER C 632 -36.48 -9.58 26.20
C SER C 632 -37.13 -9.55 24.83
N TYR C 633 -36.76 -8.55 24.02
CA TYR C 633 -37.25 -8.45 22.65
C TYR C 633 -36.16 -8.91 21.68
N GLU C 634 -36.42 -8.72 20.40
CA GLU C 634 -35.42 -8.99 19.38
C GLU C 634 -34.33 -7.91 19.40
N CYS C 635 -33.23 -8.21 18.73
CA CYS C 635 -32.10 -7.28 18.72
C CYS C 635 -32.31 -6.21 17.66
N ASP C 636 -32.14 -4.95 18.05
CA ASP C 636 -32.23 -3.82 17.15
C ASP C 636 -30.88 -3.16 16.93
N ILE C 637 -30.23 -2.71 18.00
CA ILE C 637 -28.88 -2.19 17.95
C ILE C 637 -28.00 -3.07 18.85
N PRO C 638 -27.16 -3.92 18.27
CA PRO C 638 -26.35 -4.84 19.08
C PRO C 638 -25.24 -4.12 19.83
N ILE C 639 -25.41 -3.95 21.15
CA ILE C 639 -24.42 -3.22 21.92
C ILE C 639 -23.18 -4.09 22.15
N GLY C 640 -23.40 -5.36 22.49
CA GLY C 640 -22.32 -6.28 22.76
C GLY C 640 -22.55 -7.04 24.05
N ALA C 641 -21.96 -8.24 24.13
CA ALA C 641 -22.05 -9.13 25.29
C ALA C 641 -23.49 -9.48 25.63
N GLY C 642 -24.30 -9.70 24.60
CA GLY C 642 -25.68 -10.12 24.79
C GLY C 642 -26.69 -9.02 24.99
N ILE C 643 -26.29 -7.77 24.85
CA ILE C 643 -27.19 -6.64 25.10
C ILE C 643 -27.55 -6.00 23.77
N CYS C 644 -28.83 -5.65 23.62
CA CYS C 644 -29.30 -4.93 22.44
C CYS C 644 -30.18 -3.77 22.89
N ALA C 645 -30.07 -2.64 22.20
CA ALA C 645 -30.83 -1.45 22.53
C ALA C 645 -31.79 -1.10 21.40
N SER C 646 -32.87 -0.40 21.77
CA SER C 646 -33.88 0.01 20.82
C SER C 646 -34.57 1.27 21.33
N TYR C 647 -35.23 1.97 20.41
CA TYR C 647 -35.93 3.21 20.74
C TYR C 647 -37.40 2.92 21.01
N HIS C 648 -37.64 2.30 22.16
CA HIS C 648 -38.99 1.94 22.56
C HIS C 648 -39.71 3.14 23.17
N THR C 649 -40.98 2.93 23.49
CA THR C 649 -41.80 3.98 24.09
C THR C 649 -41.69 3.96 25.60
N GLN C 658 -42.95 9.35 27.08
CA GLN C 658 -42.53 9.48 25.70
C GLN C 658 -41.48 8.44 25.34
N LYS C 659 -41.12 8.38 24.06
CA LYS C 659 -40.14 7.42 23.60
C LYS C 659 -38.75 7.75 24.13
N SER C 660 -38.01 6.71 24.52
CA SER C 660 -36.65 6.86 25.03
C SER C 660 -35.87 5.60 24.71
N ILE C 661 -34.54 5.73 24.77
CA ILE C 661 -33.66 4.60 24.47
C ILE C 661 -33.63 3.67 25.67
N VAL C 662 -33.90 2.39 25.43
CA VAL C 662 -33.90 1.37 26.48
C VAL C 662 -32.88 0.30 26.13
N ALA C 663 -32.41 -0.38 27.18
CA ALA C 663 -31.44 -1.46 27.05
C ALA C 663 -32.01 -2.73 27.65
N TYR C 664 -31.76 -3.86 27.01
CA TYR C 664 -32.33 -5.13 27.44
C TYR C 664 -31.43 -6.26 27.01
N THR C 665 -31.62 -7.42 27.65
CA THR C 665 -30.99 -8.65 27.22
C THR C 665 -31.75 -9.21 26.02
N MET C 666 -31.03 -9.51 24.94
CA MET C 666 -31.66 -9.99 23.73
C MET C 666 -32.26 -11.37 23.92
N SER C 667 -33.35 -11.64 23.19
CA SER C 667 -34.06 -12.91 23.30
C SER C 667 -33.48 -13.90 22.30
N LEU C 668 -33.14 -15.09 22.80
CA LEU C 668 -32.61 -16.14 21.95
C LEU C 668 -33.65 -16.63 20.95
N GLY C 669 -34.87 -16.87 21.43
CA GLY C 669 -35.93 -17.37 20.58
C GLY C 669 -37.10 -17.81 21.43
N ALA C 670 -38.10 -18.34 20.75
CA ALA C 670 -39.29 -18.84 21.43
C ALA C 670 -38.97 -20.11 22.20
N GLU C 671 -39.33 -20.14 23.48
CA GLU C 671 -39.09 -21.31 24.29
C GLU C 671 -40.07 -22.41 23.94
N ASN C 672 -39.56 -23.62 23.74
CA ASN C 672 -40.38 -24.76 23.35
C ASN C 672 -39.99 -25.98 24.16
N SER C 673 -40.95 -26.89 24.34
CA SER C 673 -40.74 -28.15 25.05
C SER C 673 -41.34 -29.26 24.21
N ILE C 674 -40.68 -30.42 24.20
CA ILE C 674 -41.13 -31.58 23.44
C ILE C 674 -41.25 -32.77 24.40
N ALA C 675 -42.37 -33.48 24.32
CA ALA C 675 -42.65 -34.60 25.21
C ALA C 675 -42.10 -35.87 24.57
N TYR C 676 -41.10 -36.46 25.21
CA TYR C 676 -40.47 -37.67 24.70
C TYR C 676 -41.02 -38.91 25.40
N ALA C 677 -41.33 -39.93 24.63
CA ALA C 677 -41.75 -41.22 25.17
C ALA C 677 -41.21 -42.31 24.26
N ASN C 678 -41.03 -43.51 24.83
CA ASN C 678 -40.46 -44.62 24.09
C ASN C 678 -41.50 -45.41 23.31
N ASN C 679 -42.78 -45.02 23.35
CA ASN C 679 -43.79 -45.71 22.56
C ASN C 679 -44.77 -44.74 21.89
N SER C 680 -44.40 -43.47 21.76
CA SER C 680 -45.27 -42.47 21.16
C SER C 680 -44.57 -41.85 19.96
N ILE C 681 -45.34 -41.61 18.91
CA ILE C 681 -44.82 -41.01 17.68
C ILE C 681 -45.75 -39.88 17.26
N ALA C 682 -45.25 -39.00 16.40
CA ALA C 682 -46.03 -37.91 15.86
C ALA C 682 -46.00 -37.99 14.34
N ILE C 683 -47.16 -38.19 13.73
CA ILE C 683 -47.29 -38.34 12.29
C ILE C 683 -48.23 -37.25 11.79
N PRO C 684 -47.81 -36.43 10.82
CA PRO C 684 -48.65 -35.31 10.38
C PRO C 684 -49.77 -35.78 9.46
N THR C 685 -50.89 -35.07 9.50
CA THR C 685 -52.08 -35.44 8.74
C THR C 685 -52.38 -34.48 7.60
N ASN C 686 -51.68 -33.35 7.50
CA ASN C 686 -51.93 -32.37 6.46
C ASN C 686 -50.63 -31.63 6.17
N PHE C 687 -50.58 -30.93 5.05
CA PHE C 687 -49.35 -30.32 4.60
C PHE C 687 -49.65 -28.95 4.00
N SER C 688 -48.62 -28.31 3.46
CA SER C 688 -48.73 -26.99 2.86
C SER C 688 -47.56 -26.79 1.90
N ILE C 689 -47.78 -25.92 0.93
CA ILE C 689 -46.79 -25.58 -0.09
C ILE C 689 -46.37 -24.15 0.15
N SER C 690 -45.07 -23.91 0.30
CA SER C 690 -44.55 -22.58 0.63
C SER C 690 -43.52 -22.16 -0.41
N VAL C 691 -43.60 -20.91 -0.86
CA VAL C 691 -42.66 -20.34 -1.81
C VAL C 691 -41.83 -19.29 -1.09
N THR C 692 -40.51 -19.47 -1.12
CA THR C 692 -39.59 -18.58 -0.44
C THR C 692 -38.64 -17.93 -1.44
N THR C 693 -38.24 -16.70 -1.15
CA THR C 693 -37.37 -15.93 -2.04
C THR C 693 -35.95 -15.90 -1.48
N GLU C 694 -34.97 -16.04 -2.36
CA GLU C 694 -33.56 -15.96 -1.98
C GLU C 694 -32.83 -15.12 -3.03
N VAL C 695 -32.25 -14.00 -2.59
CA VAL C 695 -31.58 -13.09 -3.50
C VAL C 695 -30.07 -13.29 -3.39
N MET C 696 -29.39 -13.40 -4.54
CA MET C 696 -27.95 -13.62 -4.59
C MET C 696 -27.33 -12.62 -5.57
N PRO C 697 -26.32 -11.86 -5.14
CA PRO C 697 -25.57 -11.04 -6.08
C PRO C 697 -24.75 -11.91 -7.03
N VAL C 698 -24.53 -11.40 -8.23
CA VAL C 698 -23.82 -12.13 -9.29
C VAL C 698 -22.58 -11.37 -9.74
N SER C 699 -22.73 -10.12 -10.15
CA SER C 699 -21.64 -9.33 -10.68
C SER C 699 -21.72 -7.90 -10.14
N MET C 700 -20.66 -7.14 -10.38
CA MET C 700 -20.63 -5.74 -9.99
C MET C 700 -20.19 -4.87 -11.17
N ALA C 701 -20.00 -3.58 -10.92
CA ALA C 701 -19.66 -2.64 -11.99
C ALA C 701 -18.21 -2.81 -12.43
N LYS C 702 -17.98 -2.69 -13.73
CA LYS C 702 -16.63 -2.75 -14.28
C LYS C 702 -16.08 -1.34 -14.42
N THR C 703 -14.95 -1.08 -13.79
CA THR C 703 -14.38 0.27 -13.71
C THR C 703 -13.02 0.29 -14.41
N SER C 704 -12.82 1.28 -15.26
CA SER C 704 -11.55 1.51 -15.93
C SER C 704 -11.00 2.88 -15.54
N VAL C 705 -9.70 2.94 -15.29
CA VAL C 705 -9.02 4.13 -14.82
C VAL C 705 -7.97 4.53 -15.84
N ASP C 706 -7.56 5.79 -15.80
CA ASP C 706 -6.47 6.31 -16.62
C ASP C 706 -5.48 7.03 -15.72
N CYS C 707 -4.20 6.67 -15.81
CA CYS C 707 -3.17 7.37 -15.05
C CYS C 707 -3.03 8.81 -15.50
N THR C 708 -2.99 9.03 -16.81
CA THR C 708 -3.13 10.37 -17.34
C THR C 708 -4.55 10.87 -17.09
N MET C 709 -4.70 12.20 -17.11
CA MET C 709 -5.91 12.99 -16.85
C MET C 709 -6.57 12.65 -15.51
N TYR C 710 -5.88 11.93 -14.64
CA TYR C 710 -6.20 11.82 -13.23
C TYR C 710 -5.07 12.30 -12.35
N ILE C 711 -3.87 11.76 -12.54
CA ILE C 711 -2.72 12.14 -11.73
C ILE C 711 -2.20 13.52 -12.12
N CYS C 712 -2.06 13.77 -13.41
CA CYS C 712 -1.44 14.99 -13.91
C CYS C 712 -2.41 15.92 -14.62
N GLY C 713 -3.45 15.39 -15.25
CA GLY C 713 -4.34 16.22 -16.03
C GLY C 713 -3.70 16.65 -17.33
N ASP C 714 -4.20 17.74 -17.88
CA ASP C 714 -3.65 18.31 -19.11
C ASP C 714 -2.44 19.18 -18.74
N SER C 715 -1.32 18.51 -18.47
CA SER C 715 -0.10 19.21 -18.09
C SER C 715 1.08 18.41 -18.62
N LEU C 716 1.81 19.00 -19.58
CA LEU C 716 2.93 18.29 -20.19
C LEU C 716 4.10 18.14 -19.23
N GLU C 717 4.30 19.11 -18.34
CA GLU C 717 5.41 19.05 -17.38
C GLU C 717 5.21 17.90 -16.39
N CYS C 718 3.99 17.70 -15.92
CA CYS C 718 3.72 16.57 -15.04
C CYS C 718 3.78 15.25 -15.80
N SER C 719 3.34 15.26 -17.07
CA SER C 719 3.36 14.03 -17.86
C SER C 719 4.78 13.60 -18.20
N ASN C 720 5.71 14.55 -18.29
CA ASN C 720 7.11 14.21 -18.54
C ASN C 720 7.72 13.46 -17.36
N LEU C 721 7.40 13.88 -16.13
CA LEU C 721 7.91 13.19 -14.96
C LEU C 721 7.21 11.87 -14.68
N LEU C 722 6.04 11.65 -15.26
CA LEU C 722 5.27 10.43 -15.03
C LEU C 722 5.74 9.28 -15.90
N LEU C 723 6.64 9.52 -16.86
CA LEU C 723 7.04 8.46 -17.78
C LEU C 723 7.88 7.40 -17.10
N GLN C 724 8.49 7.74 -15.97
CA GLN C 724 9.30 6.77 -15.23
C GLN C 724 8.46 5.82 -14.39
N TYR C 725 7.15 6.05 -14.29
CA TYR C 725 6.26 5.19 -13.51
C TYR C 725 5.29 4.40 -14.38
N GLY C 726 5.72 3.97 -15.58
CA GLY C 726 4.81 3.24 -16.46
C GLY C 726 4.46 1.87 -15.92
N SER C 727 5.43 1.18 -15.30
CA SER C 727 5.19 -0.14 -14.73
C SER C 727 4.23 -0.08 -13.55
N PHE C 728 4.11 1.07 -12.89
CA PHE C 728 3.12 1.24 -11.84
C PHE C 728 1.72 1.47 -12.37
N CYS C 729 1.57 1.66 -13.68
CA CYS C 729 0.28 1.87 -14.31
C CYS C 729 -0.19 0.67 -15.12
N THR C 730 0.75 -0.04 -15.77
CA THR C 730 0.38 -1.25 -16.49
C THR C 730 -0.16 -2.31 -15.55
N GLN C 731 0.36 -2.39 -14.32
CA GLN C 731 -0.17 -3.31 -13.32
C GLN C 731 -1.61 -2.98 -12.96
N LEU C 732 -1.92 -1.70 -12.76
CA LEU C 732 -3.28 -1.30 -12.42
C LEU C 732 -4.24 -1.58 -13.55
N ASN C 733 -3.85 -1.26 -14.79
CA ASN C 733 -4.69 -1.54 -15.94
C ASN C 733 -4.91 -3.04 -16.14
N ARG C 734 -3.86 -3.86 -15.98
CA ARG C 734 -4.01 -5.30 -16.10
C ARG C 734 -4.92 -5.87 -15.02
N ALA C 735 -4.79 -5.38 -13.79
CA ALA C 735 -5.65 -5.85 -12.69
C ALA C 735 -7.10 -5.48 -12.94
N LEU C 736 -7.36 -4.26 -13.42
CA LEU C 736 -8.74 -3.85 -13.66
C LEU C 736 -9.36 -4.61 -14.83
N THR C 737 -8.56 -4.87 -15.88
CA THR C 737 -9.08 -5.68 -17.00
C THR C 737 -9.36 -7.11 -16.56
N GLY C 738 -8.48 -7.67 -15.72
CA GLY C 738 -8.74 -9.00 -15.19
C GLY C 738 -9.96 -9.07 -14.30
N ILE C 739 -10.24 -7.99 -13.58
CA ILE C 739 -11.49 -7.92 -12.82
C ILE C 739 -12.70 -7.87 -13.76
N ALA C 740 -12.61 -7.05 -14.81
CA ALA C 740 -13.75 -6.85 -15.71
C ALA C 740 -14.09 -8.12 -16.49
N ILE C 741 -13.06 -8.86 -16.93
CA ILE C 741 -13.31 -10.12 -17.64
C ILE C 741 -13.98 -11.14 -16.72
N GLU C 742 -13.56 -11.20 -15.45
CA GLU C 742 -14.19 -12.10 -14.50
C GLU C 742 -15.64 -11.69 -14.23
N GLN C 743 -15.90 -10.39 -14.15
CA GLN C 743 -17.28 -9.91 -14.01
C GLN C 743 -18.15 -10.29 -15.18
N ASP C 744 -17.63 -10.19 -16.40
CA ASP C 744 -18.37 -10.66 -17.58
C ASP C 744 -18.53 -12.18 -17.60
N LYS C 745 -17.57 -12.92 -17.06
CA LYS C 745 -17.62 -14.38 -17.06
C LYS C 745 -18.59 -14.94 -16.02
N ASN C 746 -18.83 -14.19 -14.93
CA ASN C 746 -19.73 -14.66 -13.89
C ASN C 746 -21.16 -14.82 -14.41
N THR C 747 -21.64 -13.82 -15.17
CA THR C 747 -23.00 -13.90 -15.72
C THR C 747 -23.10 -14.99 -16.77
N GLN C 748 -22.03 -15.23 -17.52
CA GLN C 748 -21.96 -16.36 -18.44
C GLN C 748 -22.05 -17.69 -17.73
N GLU C 749 -21.36 -17.83 -16.59
CA GLU C 749 -21.39 -19.06 -15.80
C GLU C 749 -22.73 -19.32 -15.15
N VAL C 750 -23.38 -18.30 -14.61
CA VAL C 750 -24.60 -18.51 -13.82
C VAL C 750 -25.79 -18.81 -14.73
N PHE C 751 -26.04 -17.95 -15.72
CA PHE C 751 -27.31 -18.00 -16.43
C PHE C 751 -27.32 -18.98 -17.60
N ALA C 752 -26.26 -19.01 -18.42
CA ALA C 752 -26.27 -19.83 -19.62
C ALA C 752 -25.85 -21.27 -19.34
N GLN C 753 -26.67 -21.98 -18.56
CA GLN C 753 -26.40 -23.38 -18.28
C GLN C 753 -26.69 -24.27 -19.48
N VAL C 754 -27.77 -23.98 -20.20
CA VAL C 754 -28.15 -24.73 -21.39
C VAL C 754 -28.03 -23.83 -22.61
N LYS C 755 -27.64 -24.42 -23.74
CA LYS C 755 -27.42 -23.68 -24.97
C LYS C 755 -28.58 -23.83 -25.95
N GLN C 756 -29.69 -24.40 -25.52
CA GLN C 756 -30.88 -24.55 -26.35
C GLN C 756 -31.93 -23.57 -25.87
N MET C 757 -32.34 -22.64 -26.75
CA MET C 757 -33.33 -21.63 -26.41
C MET C 757 -34.70 -22.19 -26.73
N TYR C 758 -35.32 -22.82 -25.74
CA TYR C 758 -36.69 -23.30 -25.88
C TYR C 758 -37.65 -22.13 -25.89
N LYS C 759 -38.47 -22.03 -26.94
CA LYS C 759 -39.42 -20.93 -27.02
C LYS C 759 -40.55 -21.14 -26.02
N THR C 760 -41.12 -20.03 -25.57
CA THR C 760 -42.15 -20.09 -24.55
C THR C 760 -43.43 -20.68 -25.13
N PRO C 761 -44.18 -21.47 -24.35
CA PRO C 761 -45.44 -22.04 -24.86
C PRO C 761 -46.52 -20.99 -24.95
N ALA C 762 -47.53 -21.28 -25.78
CA ALA C 762 -48.65 -20.35 -25.94
C ALA C 762 -49.52 -20.31 -24.69
N ILE C 763 -49.74 -21.45 -24.05
CA ILE C 763 -50.59 -21.54 -22.87
C ILE C 763 -49.75 -21.31 -21.62
N LYS C 764 -50.43 -20.95 -20.53
CA LYS C 764 -49.76 -20.71 -19.26
C LYS C 764 -50.30 -21.56 -18.12
N ASP C 765 -51.33 -22.38 -18.35
CA ASP C 765 -51.90 -23.24 -17.32
C ASP C 765 -51.44 -24.67 -17.56
N PHE C 766 -50.56 -25.17 -16.71
CA PHE C 766 -50.05 -26.54 -16.82
C PHE C 766 -50.71 -27.39 -15.74
N GLY C 767 -51.89 -27.90 -16.06
CA GLY C 767 -52.64 -28.71 -15.12
C GLY C 767 -53.12 -27.97 -13.88
N GLY C 768 -53.62 -26.75 -14.07
CA GLY C 768 -54.09 -25.94 -12.96
C GLY C 768 -53.05 -25.05 -12.34
N PHE C 769 -51.80 -25.10 -12.80
CA PHE C 769 -50.73 -24.28 -12.26
C PHE C 769 -50.61 -23.02 -13.11
N ASN C 770 -50.91 -21.87 -12.49
CA ASN C 770 -50.91 -20.59 -13.21
C ASN C 770 -49.49 -20.06 -13.27
N PHE C 771 -48.86 -20.19 -14.45
CA PHE C 771 -47.49 -19.75 -14.66
C PHE C 771 -47.40 -18.39 -15.35
N SER C 772 -48.52 -17.68 -15.49
CA SER C 772 -48.52 -16.41 -16.20
C SER C 772 -47.76 -15.31 -15.46
N GLN C 773 -47.53 -15.46 -14.15
CA GLN C 773 -46.84 -14.45 -13.38
C GLN C 773 -45.33 -14.47 -13.56
N ILE C 774 -44.78 -15.58 -14.08
CA ILE C 774 -43.33 -15.69 -14.24
C ILE C 774 -42.91 -15.82 -15.69
N LEU C 775 -43.83 -16.08 -16.61
CA LEU C 775 -43.42 -16.14 -18.00
C LEU C 775 -43.78 -14.82 -18.71
N PRO C 776 -42.98 -14.40 -19.68
CA PRO C 776 -43.32 -13.17 -20.42
C PRO C 776 -44.57 -13.34 -21.28
N ASP C 777 -45.28 -12.24 -21.46
CA ASP C 777 -46.50 -12.20 -22.25
C ASP C 777 -46.35 -11.22 -23.41
N PRO C 778 -46.92 -11.53 -24.59
CA PRO C 778 -46.79 -10.67 -25.77
C PRO C 778 -47.77 -9.49 -25.79
N SER C 779 -47.73 -8.67 -24.74
CA SER C 779 -48.57 -7.48 -24.67
C SER C 779 -47.85 -6.29 -24.06
N LYS C 780 -46.52 -6.33 -23.97
CA LYS C 780 -45.73 -5.28 -23.36
C LYS C 780 -44.46 -5.05 -24.16
N PRO C 781 -43.94 -3.81 -24.18
CA PRO C 781 -42.74 -3.52 -24.97
C PRO C 781 -41.50 -4.29 -24.56
N THR C 782 -41.33 -4.57 -23.27
CA THR C 782 -40.21 -5.36 -22.82
C THR C 782 -40.58 -6.85 -22.81
N LYS C 783 -39.57 -7.69 -22.68
CA LYS C 783 -39.75 -9.14 -22.72
C LYS C 783 -39.57 -9.76 -21.34
N ARG C 784 -39.71 -8.96 -20.28
CA ARG C 784 -39.57 -9.43 -18.91
C ARG C 784 -40.92 -9.83 -18.35
N SER C 785 -40.89 -10.67 -17.33
CA SER C 785 -42.10 -11.05 -16.62
C SER C 785 -42.52 -9.93 -15.67
N PHE C 786 -43.73 -10.08 -15.10
CA PHE C 786 -44.24 -9.08 -14.17
C PHE C 786 -43.43 -9.04 -12.88
N ILE C 787 -43.08 -10.20 -12.34
CA ILE C 787 -42.28 -10.25 -11.12
C ILE C 787 -40.88 -9.68 -11.37
N GLU C 788 -40.34 -9.92 -12.57
CA GLU C 788 -39.06 -9.31 -12.92
C GLU C 788 -39.16 -7.80 -13.02
N ASP C 789 -40.29 -7.28 -13.50
CA ASP C 789 -40.49 -5.83 -13.52
C ASP C 789 -40.57 -5.26 -12.12
N LEU C 790 -41.28 -5.94 -11.21
CA LEU C 790 -41.34 -5.49 -9.83
C LEU C 790 -39.97 -5.56 -9.15
N LEU C 791 -39.15 -6.55 -9.51
CA LEU C 791 -37.80 -6.62 -8.97
C LEU C 791 -36.91 -5.51 -9.52
N PHE C 792 -37.03 -5.21 -10.80
CA PHE C 792 -36.24 -4.15 -11.43
C PHE C 792 -36.65 -2.77 -10.95
N ASN C 793 -37.90 -2.57 -10.55
CA ASN C 793 -38.32 -1.30 -9.98
C ASN C 793 -37.88 -1.10 -8.54
N LYS C 794 -37.45 -2.17 -7.85
CA LYS C 794 -37.02 -2.04 -6.47
C LYS C 794 -35.65 -1.41 -6.34
N VAL C 795 -34.73 -1.75 -7.25
CA VAL C 795 -33.35 -1.29 -7.16
C VAL C 795 -33.25 0.04 -7.89
N THR C 796 -32.74 1.06 -7.19
CA THR C 796 -32.57 2.40 -7.76
C THR C 796 -31.13 2.57 -8.20
N LEU C 797 -30.93 2.83 -9.50
CA LEU C 797 -29.60 3.04 -10.05
C LEU C 797 -29.27 4.53 -10.07
N ALA C 798 -29.05 5.06 -8.87
CA ALA C 798 -28.66 6.46 -8.73
C ALA C 798 -27.27 6.70 -9.32
N ASP C 799 -26.36 5.74 -9.14
CA ASP C 799 -25.05 5.83 -9.78
C ASP C 799 -25.18 5.61 -11.28
N ALA C 800 -24.24 6.16 -12.04
CA ALA C 800 -24.26 6.04 -13.49
C ALA C 800 -22.89 5.69 -14.03
N GLY C 801 -22.69 5.81 -15.34
CA GLY C 801 -21.41 5.54 -15.93
C GLY C 801 -21.48 4.88 -17.30
N PHE C 802 -22.62 4.27 -17.63
CA PHE C 802 -22.81 3.66 -18.94
C PHE C 802 -24.19 3.93 -19.52
N MET C 803 -24.98 4.83 -18.91
CA MET C 803 -26.22 5.29 -19.51
C MET C 803 -26.34 6.81 -19.55
N LYS C 804 -25.47 7.56 -18.88
CA LYS C 804 -25.53 9.01 -18.89
C LYS C 804 -24.69 9.54 -20.06
N GLN C 805 -25.26 10.45 -20.83
CA GLN C 805 -24.56 11.01 -21.98
C GLN C 805 -23.44 11.93 -21.51
N TYR C 806 -22.34 11.95 -22.29
CA TYR C 806 -21.20 12.77 -21.92
C TYR C 806 -21.44 14.25 -22.20
N GLY C 807 -22.13 14.56 -23.31
CA GLY C 807 -22.49 15.93 -23.63
C GLY C 807 -23.43 16.59 -22.65
N GLU C 808 -24.08 15.79 -21.79
CA GLU C 808 -24.88 16.33 -20.70
C GLU C 808 -24.01 16.99 -19.62
N CYS C 809 -22.70 16.76 -19.64
CA CYS C 809 -21.81 17.26 -18.59
C CYS C 809 -21.39 18.72 -18.78
N LEU C 810 -22.18 19.51 -19.51
CA LEU C 810 -21.88 20.94 -19.68
C LEU C 810 -22.97 21.80 -19.07
N GLY C 811 -23.44 21.44 -17.89
CA GLY C 811 -24.56 22.10 -17.24
C GLY C 811 -24.15 23.26 -16.36
N ASP C 812 -25.09 23.66 -15.50
CA ASP C 812 -24.93 24.84 -14.65
C ASP C 812 -24.33 24.45 -13.30
N ILE C 813 -24.39 25.36 -12.34
CA ILE C 813 -23.91 25.10 -10.99
C ILE C 813 -24.73 24.03 -10.28
N SER C 814 -25.98 23.82 -10.69
CA SER C 814 -26.80 22.75 -10.13
C SER C 814 -26.52 21.41 -10.79
N ALA C 815 -25.82 21.40 -11.93
CA ALA C 815 -25.45 20.16 -12.61
C ALA C 815 -24.07 19.68 -12.22
N ARG C 816 -23.42 20.33 -11.27
CA ARG C 816 -22.11 19.90 -10.78
C ARG C 816 -22.33 18.66 -9.90
N ASP C 817 -22.42 17.51 -10.55
CA ASP C 817 -22.65 16.26 -9.87
C ASP C 817 -21.37 15.43 -9.85
N LEU C 818 -21.39 14.31 -9.14
CA LEU C 818 -20.21 13.47 -8.99
C LEU C 818 -19.88 12.68 -10.25
N ILE C 819 -20.89 12.36 -11.07
CA ILE C 819 -20.66 11.55 -12.26
C ILE C 819 -19.85 12.31 -13.29
N CYS C 820 -20.14 13.60 -13.46
CA CYS C 820 -19.38 14.41 -14.40
C CYS C 820 -17.94 14.60 -13.92
N ALA C 821 -17.74 14.71 -12.61
CA ALA C 821 -16.38 14.76 -12.07
C ALA C 821 -15.64 13.46 -12.29
N GLN C 822 -16.32 12.32 -12.14
CA GLN C 822 -15.70 11.03 -12.42
C GLN C 822 -15.31 10.91 -13.88
N LYS C 823 -16.17 11.39 -14.78
CA LYS C 823 -15.84 11.32 -16.21
C LYS C 823 -14.72 12.30 -16.57
N PHE C 824 -14.67 13.46 -15.90
CA PHE C 824 -13.61 14.43 -16.13
C PHE C 824 -12.27 14.01 -15.51
N ASN C 825 -12.28 13.08 -14.56
CA ASN C 825 -11.04 12.64 -13.92
C ASN C 825 -10.61 11.24 -14.37
N GLY C 826 -11.07 10.79 -15.52
CA GLY C 826 -10.61 9.54 -16.09
C GLY C 826 -11.21 8.29 -15.51
N LEU C 827 -12.18 8.40 -14.62
CA LEU C 827 -12.82 7.24 -14.01
C LEU C 827 -14.06 6.89 -14.84
N THR C 828 -14.01 5.78 -15.56
CA THR C 828 -15.11 5.38 -16.41
C THR C 828 -15.67 4.03 -15.99
N VAL C 829 -16.94 3.81 -16.33
CA VAL C 829 -17.64 2.57 -16.02
C VAL C 829 -18.02 1.91 -17.34
N LEU C 830 -17.46 0.73 -17.60
CA LEU C 830 -17.76 0.00 -18.83
C LEU C 830 -19.11 -0.70 -18.71
N PRO C 831 -19.87 -0.78 -19.80
CA PRO C 831 -21.17 -1.44 -19.74
C PRO C 831 -20.99 -2.96 -19.70
N PRO C 832 -21.95 -3.68 -19.15
CA PRO C 832 -21.88 -5.15 -19.19
C PRO C 832 -22.12 -5.69 -20.59
N LEU C 833 -21.62 -6.90 -20.82
CA LEU C 833 -21.73 -7.51 -22.14
C LEU C 833 -23.17 -7.92 -22.45
N LEU C 834 -23.85 -8.52 -21.49
CA LEU C 834 -25.18 -9.08 -21.72
C LEU C 834 -26.24 -8.08 -21.30
N THR C 835 -27.16 -7.78 -22.22
CA THR C 835 -28.28 -6.90 -21.95
C THR C 835 -29.26 -7.60 -21.01
N ASP C 836 -29.98 -6.82 -20.20
CA ASP C 836 -30.98 -7.39 -19.30
C ASP C 836 -32.08 -8.11 -20.07
N GLU C 837 -32.47 -7.57 -21.23
CA GLU C 837 -33.42 -8.27 -22.09
C GLU C 837 -32.87 -9.57 -22.65
N MET C 838 -31.54 -9.71 -22.74
CA MET C 838 -30.89 -10.96 -23.10
C MET C 838 -30.83 -11.94 -21.95
N ILE C 839 -30.73 -11.45 -20.72
CA ILE C 839 -30.82 -12.32 -19.53
C ILE C 839 -32.25 -12.83 -19.38
N ALA C 840 -33.23 -12.00 -19.72
CA ALA C 840 -34.63 -12.42 -19.67
C ALA C 840 -34.93 -13.58 -20.62
N ALA C 841 -34.28 -13.62 -21.78
CA ALA C 841 -34.44 -14.75 -22.69
C ALA C 841 -33.92 -16.05 -22.08
N TYR C 842 -32.75 -16.00 -21.42
CA TYR C 842 -32.26 -17.18 -20.71
C TYR C 842 -33.20 -17.62 -19.61
N THR C 843 -33.71 -16.68 -18.80
CA THR C 843 -34.54 -17.11 -17.67
C THR C 843 -35.89 -17.63 -18.16
N ALA C 844 -36.40 -17.09 -19.27
CA ALA C 844 -37.64 -17.61 -19.85
C ALA C 844 -37.42 -18.99 -20.45
N ALA C 845 -36.26 -19.20 -21.09
CA ALA C 845 -35.94 -20.52 -21.65
C ALA C 845 -35.81 -21.56 -20.55
N LEU C 846 -35.14 -21.24 -19.45
CA LEU C 846 -35.01 -22.18 -18.34
C LEU C 846 -36.36 -22.49 -17.70
N VAL C 847 -37.21 -21.48 -17.49
CA VAL C 847 -38.51 -21.75 -16.88
C VAL C 847 -39.39 -22.57 -17.81
N SER C 848 -39.36 -22.27 -19.12
CA SER C 848 -40.14 -23.07 -20.07
C SER C 848 -39.63 -24.50 -20.16
N GLY C 849 -38.32 -24.69 -20.12
CA GLY C 849 -37.76 -26.04 -20.15
C GLY C 849 -38.10 -26.85 -18.92
N THR C 850 -38.03 -26.24 -17.73
CA THR C 850 -38.37 -26.98 -16.53
C THR C 850 -39.88 -27.13 -16.36
N ALA C 851 -40.67 -26.32 -17.07
CA ALA C 851 -42.11 -26.48 -17.01
C ALA C 851 -42.60 -27.56 -17.98
N THR C 852 -41.94 -27.70 -19.13
CA THR C 852 -42.36 -28.66 -20.13
C THR C 852 -41.54 -29.94 -20.08
N ALA C 853 -40.22 -29.84 -20.22
CA ALA C 853 -39.39 -31.04 -20.26
C ALA C 853 -39.16 -31.62 -18.87
N GLY C 854 -39.11 -30.78 -17.85
CA GLY C 854 -38.86 -31.24 -16.50
C GLY C 854 -37.39 -31.16 -16.16
N TRP C 855 -36.84 -32.22 -15.60
CA TRP C 855 -35.43 -32.29 -15.24
C TRP C 855 -34.57 -32.94 -16.32
N THR C 856 -35.18 -33.39 -17.41
CA THR C 856 -34.45 -34.19 -18.40
C THR C 856 -33.54 -33.34 -19.28
N PHE C 857 -33.92 -32.10 -19.57
CA PHE C 857 -33.15 -31.29 -20.52
C PHE C 857 -31.82 -30.82 -19.96
N GLY C 858 -31.62 -30.90 -18.65
CA GLY C 858 -30.34 -30.54 -18.08
C GLY C 858 -29.32 -31.64 -18.21
N ALA C 859 -29.74 -32.88 -17.94
CA ALA C 859 -28.83 -34.01 -18.07
C ALA C 859 -28.56 -34.35 -19.54
N GLY C 860 -29.61 -34.40 -20.36
CA GLY C 860 -29.45 -34.71 -21.77
C GLY C 860 -30.32 -33.85 -22.66
N ALA C 861 -31.08 -34.48 -23.55
CA ALA C 861 -31.98 -33.76 -24.43
C ALA C 861 -33.30 -33.46 -23.70
N ALA C 862 -34.13 -32.66 -24.35
CA ALA C 862 -35.42 -32.27 -23.78
C ALA C 862 -36.42 -33.40 -24.02
N LEU C 863 -37.07 -33.86 -22.96
CA LEU C 863 -38.03 -34.94 -23.03
C LEU C 863 -39.37 -34.43 -22.52
N GLN C 864 -40.35 -34.31 -23.41
CA GLN C 864 -41.64 -33.79 -22.98
C GLN C 864 -42.36 -34.80 -22.10
N ILE C 865 -43.16 -34.28 -21.17
CA ILE C 865 -43.88 -35.05 -20.16
C ILE C 865 -44.95 -34.13 -19.59
N PRO C 866 -46.16 -34.63 -19.35
CA PRO C 866 -47.18 -33.81 -18.68
C PRO C 866 -46.74 -33.43 -17.28
N PHE C 867 -47.18 -32.25 -16.83
CA PHE C 867 -46.70 -31.67 -15.58
C PHE C 867 -47.18 -32.46 -14.36
N ALA C 868 -48.31 -33.14 -14.49
CA ALA C 868 -48.86 -33.84 -13.33
C ALA C 868 -47.99 -35.04 -12.96
N MET C 869 -47.53 -35.79 -13.95
CA MET C 869 -46.64 -36.91 -13.62
C MET C 869 -45.26 -36.40 -13.18
N GLN C 870 -44.83 -35.25 -13.71
CA GLN C 870 -43.59 -34.65 -13.25
C GLN C 870 -43.66 -34.29 -11.77
N MET C 871 -44.78 -33.70 -11.36
CA MET C 871 -44.96 -33.35 -9.95
C MET C 871 -45.19 -34.58 -9.09
N ALA C 872 -45.80 -35.64 -9.65
CA ALA C 872 -45.91 -36.90 -8.93
C ALA C 872 -44.54 -37.53 -8.69
N TYR C 873 -43.66 -37.46 -9.69
CA TYR C 873 -42.29 -37.95 -9.53
C TYR C 873 -41.54 -37.13 -8.50
N ARG C 874 -41.77 -35.80 -8.47
CA ARG C 874 -41.12 -34.96 -7.48
C ARG C 874 -41.64 -35.25 -6.07
N PHE C 875 -42.92 -35.57 -5.92
CA PHE C 875 -43.44 -36.05 -4.64
C PHE C 875 -42.82 -37.39 -4.27
N ASN C 876 -42.56 -38.25 -5.25
CA ASN C 876 -41.98 -39.56 -4.98
C ASN C 876 -40.56 -39.48 -4.44
N GLY C 877 -39.83 -38.42 -4.77
CA GLY C 877 -38.49 -38.24 -4.25
C GLY C 877 -38.40 -37.68 -2.85
N ILE C 878 -39.54 -37.30 -2.27
CA ILE C 878 -39.59 -36.78 -0.90
C ILE C 878 -39.80 -37.90 0.10
N GLY C 879 -40.71 -38.83 -0.21
CA GLY C 879 -41.07 -39.88 0.72
C GLY C 879 -42.58 -40.06 0.76
N VAL C 880 -43.29 -39.16 0.09
CA VAL C 880 -44.73 -39.21 -0.03
C VAL C 880 -45.10 -40.07 -1.21
N THR C 881 -46.13 -40.90 -1.05
CA THR C 881 -46.53 -41.82 -2.11
C THR C 881 -47.16 -41.06 -3.28
N GLN C 882 -47.37 -41.78 -4.38
CA GLN C 882 -47.77 -41.15 -5.63
C GLN C 882 -49.24 -40.75 -5.63
N ASN C 883 -50.05 -41.36 -4.76
CA ASN C 883 -51.49 -41.14 -4.76
C ASN C 883 -51.91 -39.79 -4.21
N VAL C 884 -51.08 -39.15 -3.39
CA VAL C 884 -51.48 -37.94 -2.68
C VAL C 884 -51.70 -36.78 -3.64
N LEU C 885 -50.76 -36.60 -4.57
CA LEU C 885 -50.93 -35.56 -5.59
C LEU C 885 -52.13 -35.84 -6.48
N TYR C 886 -52.31 -37.09 -6.88
CA TYR C 886 -53.41 -37.44 -7.76
C TYR C 886 -54.76 -37.32 -7.07
N GLU C 887 -54.76 -37.28 -5.73
CA GLU C 887 -56.00 -37.01 -5.01
C GLU C 887 -56.19 -35.53 -4.71
N ASN C 888 -55.13 -34.76 -4.50
CA ASN C 888 -55.26 -33.40 -3.98
C ASN C 888 -54.57 -32.38 -4.88
N GLN C 889 -54.54 -32.64 -6.19
CA GLN C 889 -53.84 -31.73 -7.10
C GLN C 889 -54.54 -30.37 -7.21
N LYS C 890 -55.86 -30.32 -7.06
CA LYS C 890 -56.55 -29.04 -7.11
C LYS C 890 -56.21 -28.19 -5.89
N GLN C 891 -56.19 -28.79 -4.70
CA GLN C 891 -55.82 -28.07 -3.49
C GLN C 891 -54.36 -27.64 -3.54
N ILE C 892 -53.49 -28.49 -4.09
CA ILE C 892 -52.07 -28.14 -4.22
C ILE C 892 -51.89 -26.99 -5.20
N ALA C 893 -52.62 -27.01 -6.32
CA ALA C 893 -52.54 -25.92 -7.29
C ALA C 893 -53.07 -24.61 -6.70
N ASN C 894 -54.14 -24.68 -5.90
CA ASN C 894 -54.65 -23.49 -5.24
C ASN C 894 -53.64 -22.93 -4.24
N GLN C 895 -52.97 -23.81 -3.48
CA GLN C 895 -51.93 -23.34 -2.56
C GLN C 895 -50.76 -22.71 -3.31
N PHE C 896 -50.38 -23.30 -4.45
CA PHE C 896 -49.31 -22.74 -5.26
C PHE C 896 -49.65 -21.35 -5.78
N ASN C 897 -50.87 -21.19 -6.30
CA ASN C 897 -51.30 -19.89 -6.80
C ASN C 897 -51.39 -18.87 -5.68
N LYS C 898 -51.87 -19.27 -4.51
CA LYS C 898 -51.94 -18.37 -3.37
C LYS C 898 -50.54 -17.94 -2.92
N ALA C 899 -49.57 -18.86 -2.94
CA ALA C 899 -48.21 -18.52 -2.57
C ALA C 899 -47.59 -17.55 -3.55
N ILE C 900 -47.82 -17.75 -4.86
CA ILE C 900 -47.28 -16.83 -5.85
C ILE C 900 -47.93 -15.45 -5.71
N SER C 901 -49.23 -15.41 -5.41
CA SER C 901 -49.90 -14.13 -5.19
C SER C 901 -49.38 -13.43 -3.95
N GLN C 902 -49.08 -14.18 -2.88
CA GLN C 902 -48.50 -13.57 -1.69
C GLN C 902 -47.11 -13.02 -1.96
N ILE C 903 -46.30 -13.73 -2.76
CA ILE C 903 -44.99 -13.21 -3.15
C ILE C 903 -45.14 -11.93 -3.97
N GLN C 904 -46.09 -11.91 -4.89
CA GLN C 904 -46.35 -10.73 -5.72
C GLN C 904 -46.77 -9.54 -4.86
N GLU C 905 -47.64 -9.77 -3.88
CA GLU C 905 -48.05 -8.70 -2.98
C GLU C 905 -46.92 -8.23 -2.07
N SER C 906 -46.08 -9.15 -1.58
CA SER C 906 -44.99 -8.77 -0.69
C SER C 906 -43.83 -8.09 -1.41
N LEU C 907 -43.71 -8.26 -2.73
CA LEU C 907 -42.62 -7.62 -3.47
C LEU C 907 -42.94 -6.21 -3.92
N THR C 908 -44.02 -5.60 -3.44
CA THR C 908 -44.37 -4.24 -3.81
C THR C 908 -44.31 -3.24 -2.67
N THR C 909 -44.09 -3.69 -1.44
CA THR C 909 -44.11 -2.82 -0.27
C THR C 909 -42.75 -2.66 0.39
N THR C 910 -42.11 -3.77 0.75
CA THR C 910 -40.87 -3.71 1.51
C THR C 910 -39.71 -3.25 0.62
N SER C 911 -38.96 -2.27 1.10
CA SER C 911 -37.78 -1.78 0.40
C SER C 911 -36.49 -2.41 0.89
N THR C 912 -36.56 -3.32 1.86
CA THR C 912 -35.38 -3.98 2.41
C THR C 912 -35.24 -5.42 1.95
N ALA C 913 -36.08 -5.87 1.02
CA ALA C 913 -35.98 -7.25 0.54
C ALA C 913 -34.77 -7.43 -0.37
N LEU C 914 -34.41 -6.40 -1.12
CA LEU C 914 -33.32 -6.45 -2.08
C LEU C 914 -32.12 -5.62 -1.64
N GLY C 915 -31.79 -5.67 -0.35
CA GLY C 915 -30.76 -4.80 0.19
C GLY C 915 -29.35 -5.14 -0.23
N LYS C 916 -29.11 -6.38 -0.68
CA LYS C 916 -27.75 -6.80 -1.00
C LYS C 916 -27.24 -6.11 -2.26
N LEU C 917 -28.06 -6.10 -3.32
CA LEU C 917 -27.67 -5.45 -4.57
C LEU C 917 -27.54 -3.95 -4.39
N GLN C 918 -28.44 -3.36 -3.61
CA GLN C 918 -28.36 -1.94 -3.29
C GLN C 918 -27.09 -1.63 -2.52
N ASP C 919 -26.70 -2.52 -1.60
CA ASP C 919 -25.45 -2.34 -0.86
C ASP C 919 -24.24 -2.42 -1.78
N VAL C 920 -24.27 -3.33 -2.75
CA VAL C 920 -23.17 -3.45 -3.71
C VAL C 920 -23.03 -2.17 -4.53
N VAL C 921 -24.16 -1.67 -5.03
CA VAL C 921 -24.16 -0.44 -5.83
C VAL C 921 -23.68 0.74 -5.01
N ASN C 922 -24.15 0.86 -3.77
CA ASN C 922 -23.75 1.96 -2.90
C ASN C 922 -22.27 1.88 -2.56
N GLN C 923 -21.74 0.67 -2.35
CA GLN C 923 -20.32 0.53 -2.06
C GLN C 923 -19.46 0.96 -3.25
N ASN C 924 -19.86 0.56 -4.47
CA ASN C 924 -19.10 0.96 -5.65
C ASN C 924 -19.14 2.47 -5.85
N ALA C 925 -20.33 3.07 -5.69
CA ALA C 925 -20.46 4.52 -5.85
C ALA C 925 -19.67 5.27 -4.79
N GLN C 926 -19.69 4.78 -3.54
CA GLN C 926 -18.95 5.44 -2.47
C GLN C 926 -17.45 5.33 -2.69
N ALA C 927 -16.98 4.18 -3.20
CA ALA C 927 -15.56 4.04 -3.49
C ALA C 927 -15.12 5.00 -4.59
N LEU C 928 -15.92 5.13 -5.66
CA LEU C 928 -15.57 6.06 -6.72
C LEU C 928 -15.60 7.50 -6.25
N ASN C 929 -16.60 7.87 -5.43
CA ASN C 929 -16.69 9.23 -4.93
C ASN C 929 -15.56 9.56 -3.98
N THR C 930 -15.14 8.59 -3.16
CA THR C 930 -13.99 8.80 -2.29
C THR C 930 -12.70 8.96 -3.09
N LEU C 931 -12.56 8.18 -4.17
CA LEU C 931 -11.39 8.33 -5.03
C LEU C 931 -11.36 9.69 -5.70
N VAL C 932 -12.53 10.23 -6.05
CA VAL C 932 -12.58 11.59 -6.61
C VAL C 932 -12.22 12.62 -5.53
N LYS C 933 -12.81 12.48 -4.34
CA LYS C 933 -12.62 13.47 -3.28
C LYS C 933 -11.22 13.46 -2.69
N GLN C 934 -10.46 12.38 -2.88
CA GLN C 934 -9.10 12.33 -2.35
C GLN C 934 -8.12 13.22 -3.10
N LEU C 935 -8.53 13.82 -4.22
CA LEU C 935 -7.64 14.69 -4.98
C LEU C 935 -7.39 16.04 -4.31
N SER C 936 -8.11 16.37 -3.25
CA SER C 936 -7.96 17.66 -2.59
C SER C 936 -6.84 17.68 -1.55
N SER C 937 -6.15 16.56 -1.35
CA SER C 937 -5.05 16.50 -0.40
C SER C 937 -3.74 16.83 -1.10
N ASN C 938 -2.96 17.74 -0.50
CA ASN C 938 -1.71 18.18 -1.11
C ASN C 938 -0.54 17.27 -0.79
N PHE C 939 -0.70 16.32 0.13
CA PHE C 939 0.32 15.33 0.50
C PHE C 939 1.63 15.99 0.95
N GLY C 940 1.50 17.08 1.70
CA GLY C 940 2.67 17.79 2.21
C GLY C 940 3.20 18.89 1.31
N ALA C 941 2.66 19.03 0.09
CA ALA C 941 3.07 20.12 -0.77
C ALA C 941 2.37 21.41 -0.34
N ILE C 942 2.78 22.54 -0.94
CA ILE C 942 2.23 23.82 -0.53
C ILE C 942 0.84 24.07 -1.12
N SER C 943 0.41 23.27 -2.09
CA SER C 943 -0.93 23.40 -2.65
C SER C 943 -1.37 22.06 -3.20
N SER C 944 -2.69 21.87 -3.25
CA SER C 944 -3.27 20.63 -3.76
C SER C 944 -3.39 20.62 -5.27
N VAL C 945 -3.81 21.73 -5.86
CA VAL C 945 -3.90 21.84 -7.31
C VAL C 945 -2.50 22.05 -7.86
N LEU C 946 -2.26 21.58 -9.09
CA LEU C 946 -0.93 21.62 -9.68
C LEU C 946 -0.68 22.91 -10.47
N ASN C 947 -1.74 23.64 -10.85
CA ASN C 947 -1.58 24.80 -11.69
C ASN C 947 -0.82 25.93 -10.98
N ASP C 948 -1.16 26.18 -9.72
CA ASP C 948 -0.43 27.22 -8.98
C ASP C 948 0.96 26.76 -8.57
N ILE C 949 1.18 25.44 -8.43
CA ILE C 949 2.53 24.91 -8.27
C ILE C 949 3.38 25.25 -9.48
N LEU C 950 2.82 25.07 -10.68
CA LEU C 950 3.57 25.39 -11.89
C LEU C 950 3.72 26.89 -12.12
N SER C 951 2.71 27.70 -11.78
CA SER C 951 2.75 29.12 -12.11
C SER C 951 3.38 29.96 -11.03
N ARG C 952 3.58 29.41 -9.83
CA ARG C 952 4.12 30.19 -8.72
C ARG C 952 5.61 29.98 -8.51
N LEU C 953 6.15 28.83 -8.90
CA LEU C 953 7.56 28.51 -8.70
C LEU C 953 8.17 28.05 -10.00
N ASP C 954 9.49 28.21 -10.11
CA ASP C 954 10.23 27.60 -11.21
C ASP C 954 10.29 26.10 -11.00
N LYS C 955 10.57 25.38 -12.09
CA LYS C 955 10.37 23.93 -12.08
C LYS C 955 11.42 23.17 -11.28
N VAL C 956 12.50 23.85 -10.87
CA VAL C 956 13.60 23.20 -10.16
C VAL C 956 13.12 22.62 -8.83
N GLU C 957 12.37 23.40 -8.06
CA GLU C 957 11.73 22.89 -6.85
C GLU C 957 10.29 22.51 -7.06
N ALA C 958 9.68 22.94 -8.18
CA ALA C 958 8.32 22.52 -8.47
C ALA C 958 8.26 21.04 -8.81
N GLU C 959 9.35 20.46 -9.34
CA GLU C 959 9.35 19.01 -9.52
C GLU C 959 9.40 18.28 -8.19
N VAL C 960 10.11 18.85 -7.21
CA VAL C 960 10.10 18.30 -5.85
C VAL C 960 8.70 18.37 -5.25
N GLN C 961 8.01 19.48 -5.47
CA GLN C 961 6.62 19.60 -5.01
C GLN C 961 5.70 18.61 -5.72
N ILE C 962 5.90 18.42 -7.03
CA ILE C 962 5.05 17.56 -7.84
C ILE C 962 5.23 16.08 -7.49
N ASP C 963 6.44 15.68 -7.09
CA ASP C 963 6.71 14.27 -6.79
C ASP C 963 5.88 13.76 -5.63
N ARG C 964 5.67 14.60 -4.60
CA ARG C 964 4.83 14.20 -3.48
C ARG C 964 3.40 13.96 -3.90
N LEU C 965 2.85 14.84 -4.75
CA LEU C 965 1.49 14.68 -5.25
C LEU C 965 1.37 13.41 -6.10
N ILE C 966 2.38 13.13 -6.92
CA ILE C 966 2.39 11.93 -7.75
C ILE C 966 2.40 10.68 -6.87
N THR C 967 3.23 10.67 -5.83
CA THR C 967 3.31 9.53 -4.93
C THR C 967 1.99 9.32 -4.18
N GLY C 968 1.38 10.41 -3.71
CA GLY C 968 0.11 10.28 -3.00
C GLY C 968 -1.01 9.77 -3.88
N ARG C 969 -1.10 10.28 -5.12
CA ARG C 969 -2.14 9.81 -6.03
C ARG C 969 -1.92 8.37 -6.45
N LEU C 970 -0.66 7.96 -6.63
CA LEU C 970 -0.37 6.56 -6.92
C LEU C 970 -0.75 5.66 -5.75
N GLN C 971 -0.51 6.11 -4.52
CA GLN C 971 -0.91 5.35 -3.35
C GLN C 971 -2.43 5.21 -3.27
N SER C 972 -3.16 6.29 -3.59
CA SER C 972 -4.62 6.24 -3.61
C SER C 972 -5.13 5.25 -4.65
N LEU C 973 -4.52 5.26 -5.84
CA LEU C 973 -4.91 4.31 -6.88
C LEU C 973 -4.63 2.88 -6.47
N GLN C 974 -3.49 2.63 -5.83
CA GLN C 974 -3.16 1.29 -5.34
C GLN C 974 -4.18 0.81 -4.31
N THR C 975 -4.56 1.69 -3.39
CA THR C 975 -5.55 1.33 -2.36
C THR C 975 -6.90 1.00 -3.00
N TYR C 976 -7.33 1.81 -3.97
CA TYR C 976 -8.60 1.55 -4.64
C TYR C 976 -8.58 0.22 -5.39
N VAL C 977 -7.47 -0.07 -6.07
CA VAL C 977 -7.37 -1.31 -6.83
C VAL C 977 -7.37 -2.52 -5.89
N THR C 978 -6.69 -2.42 -4.75
CA THR C 978 -6.66 -3.53 -3.79
C THR C 978 -8.05 -3.80 -3.22
N GLN C 979 -8.78 -2.73 -2.83
CA GLN C 979 -10.12 -2.92 -2.32
C GLN C 979 -11.06 -3.49 -3.38
N GLN C 980 -10.93 -3.03 -4.63
CA GLN C 980 -11.75 -3.58 -5.71
C GLN C 980 -11.44 -5.06 -5.94
N LEU C 981 -10.16 -5.45 -5.83
CA LEU C 981 -9.80 -6.85 -5.99
C LEU C 981 -10.42 -7.72 -4.90
N ILE C 982 -10.39 -7.25 -3.65
CA ILE C 982 -10.98 -8.02 -2.55
C ILE C 982 -12.48 -8.16 -2.74
N ARG C 983 -13.16 -7.06 -3.11
CA ARG C 983 -14.60 -7.11 -3.36
C ARG C 983 -14.93 -8.02 -4.55
N ALA C 984 -14.09 -8.01 -5.59
CA ALA C 984 -14.30 -8.91 -6.72
C ALA C 984 -14.16 -10.36 -6.33
N ALA C 985 -13.20 -10.67 -5.44
CA ALA C 985 -13.08 -12.05 -4.95
C ALA C 985 -14.30 -12.49 -4.17
N GLU C 986 -14.84 -11.61 -3.33
CA GLU C 986 -16.05 -11.95 -2.57
C GLU C 986 -17.24 -12.15 -3.51
N ILE C 987 -17.36 -11.30 -4.53
CA ILE C 987 -18.43 -11.43 -5.51
C ILE C 987 -18.26 -12.72 -6.32
N ARG C 988 -17.02 -13.12 -6.60
CA ARG C 988 -16.76 -14.38 -7.28
C ARG C 988 -17.23 -15.57 -6.45
N ALA C 989 -16.96 -15.54 -5.13
CA ALA C 989 -17.44 -16.62 -4.27
C ALA C 989 -18.96 -16.68 -4.25
N SER C 990 -19.62 -15.52 -4.16
CA SER C 990 -21.08 -15.49 -4.17
C SER C 990 -21.63 -15.99 -5.50
N ALA C 991 -20.98 -15.65 -6.60
CA ALA C 991 -21.44 -16.08 -7.92
C ALA C 991 -21.25 -17.57 -8.11
N ASN C 992 -20.17 -18.14 -7.56
CA ASN C 992 -19.99 -19.58 -7.60
C ASN C 992 -21.09 -20.30 -6.81
N LEU C 993 -21.44 -19.76 -5.64
CA LEU C 993 -22.55 -20.35 -4.88
C LEU C 993 -23.87 -20.25 -5.64
N ALA C 994 -24.10 -19.11 -6.30
CA ALA C 994 -25.33 -18.93 -7.08
C ALA C 994 -25.38 -19.89 -8.25
N ALA C 995 -24.24 -20.11 -8.92
CA ALA C 995 -24.21 -21.05 -10.04
C ALA C 995 -24.44 -22.48 -9.57
N THR C 996 -23.89 -22.85 -8.41
CA THR C 996 -24.15 -24.17 -7.86
C THR C 996 -25.62 -24.37 -7.52
N LYS C 997 -26.24 -23.34 -6.93
CA LYS C 997 -27.67 -23.42 -6.65
C LYS C 997 -28.50 -23.49 -7.92
N MET C 998 -28.09 -22.77 -8.97
CA MET C 998 -28.77 -22.84 -10.26
C MET C 998 -28.67 -24.24 -10.86
N SER C 999 -27.50 -24.87 -10.75
CA SER C 999 -27.32 -26.19 -11.35
C SER C 999 -28.07 -27.26 -10.57
N GLU C 1000 -28.01 -27.23 -9.24
CA GLU C 1000 -28.50 -28.35 -8.45
C GLU C 1000 -29.96 -28.24 -8.03
N CYS C 1001 -30.54 -27.05 -8.01
CA CYS C 1001 -31.91 -26.87 -7.53
C CYS C 1001 -32.91 -26.54 -8.63
N VAL C 1002 -32.48 -25.93 -9.72
CA VAL C 1002 -33.39 -25.59 -10.82
C VAL C 1002 -33.44 -26.71 -11.86
N LEU C 1003 -32.28 -27.18 -12.29
CA LEU C 1003 -32.23 -28.23 -13.30
C LEU C 1003 -32.57 -29.61 -12.74
N GLY C 1004 -32.60 -29.77 -11.42
CA GLY C 1004 -32.94 -31.04 -10.83
C GLY C 1004 -33.28 -30.88 -9.36
N GLN C 1005 -33.59 -32.00 -8.74
CA GLN C 1005 -33.94 -32.05 -7.32
C GLN C 1005 -33.02 -33.03 -6.61
N SER C 1006 -32.44 -32.60 -5.49
CA SER C 1006 -31.56 -33.45 -4.70
C SER C 1006 -32.06 -33.53 -3.27
N LYS C 1007 -31.23 -34.12 -2.40
CA LYS C 1007 -31.62 -34.36 -1.01
C LYS C 1007 -30.77 -33.60 -0.01
N ARG C 1008 -30.05 -32.57 -0.45
CA ARG C 1008 -29.29 -31.75 0.49
C ARG C 1008 -30.24 -30.92 1.35
N VAL C 1009 -30.04 -30.96 2.65
CA VAL C 1009 -30.95 -30.31 3.59
C VAL C 1009 -30.68 -28.81 3.60
N ASP C 1010 -31.73 -28.02 3.44
CA ASP C 1010 -31.71 -26.56 3.51
C ASP C 1010 -30.79 -25.92 2.49
N PHE C 1011 -30.51 -26.60 1.38
CA PHE C 1011 -29.64 -26.02 0.36
C PHE C 1011 -30.36 -24.92 -0.41
N CYS C 1012 -31.61 -25.16 -0.81
CA CYS C 1012 -32.43 -24.18 -1.50
C CYS C 1012 -33.81 -24.19 -0.84
N GLY C 1013 -33.99 -23.35 0.17
CA GLY C 1013 -35.26 -23.25 0.84
C GLY C 1013 -35.38 -24.15 2.06
N LYS C 1014 -36.17 -23.71 3.04
CA LYS C 1014 -36.37 -24.46 4.27
C LYS C 1014 -37.58 -25.37 4.09
N GLY C 1015 -37.30 -26.63 3.78
CA GLY C 1015 -38.38 -27.59 3.56
C GLY C 1015 -37.84 -28.84 2.91
N TYR C 1016 -38.79 -29.65 2.41
CA TYR C 1016 -38.40 -30.89 1.75
C TYR C 1016 -38.21 -30.69 0.26
N HIS C 1017 -39.23 -30.18 -0.43
CA HIS C 1017 -39.18 -29.99 -1.87
C HIS C 1017 -38.14 -28.93 -2.22
N LEU C 1018 -37.37 -29.19 -3.25
CA LEU C 1018 -36.16 -28.42 -3.51
C LEU C 1018 -36.24 -27.77 -4.90
N MET C 1019 -37.43 -27.78 -5.48
CA MET C 1019 -37.66 -27.23 -6.82
C MET C 1019 -37.64 -25.71 -6.74
N SER C 1020 -37.07 -25.06 -7.76
CA SER C 1020 -36.89 -23.62 -7.74
C SER C 1020 -37.12 -23.02 -9.13
N PHE C 1021 -37.33 -21.71 -9.15
CA PHE C 1021 -37.47 -20.91 -10.36
C PHE C 1021 -36.55 -19.71 -10.31
N PRO C 1022 -35.78 -19.43 -11.37
CA PRO C 1022 -34.91 -18.25 -11.35
C PRO C 1022 -35.56 -17.03 -11.98
N GLN C 1023 -35.22 -15.85 -11.44
CA GLN C 1023 -35.60 -14.57 -12.00
C GLN C 1023 -34.40 -13.63 -11.99
N ALA C 1024 -34.33 -12.77 -12.99
CA ALA C 1024 -33.24 -11.81 -13.09
C ALA C 1024 -33.47 -10.64 -12.15
N ALA C 1025 -32.39 -9.93 -11.85
CA ALA C 1025 -32.43 -8.73 -11.02
C ALA C 1025 -31.20 -7.91 -11.37
N PRO C 1026 -31.24 -6.58 -11.14
CA PRO C 1026 -30.06 -5.75 -11.41
C PRO C 1026 -28.82 -6.21 -10.67
N HIS C 1027 -27.86 -6.73 -11.43
CA HIS C 1027 -26.63 -7.34 -10.92
C HIS C 1027 -26.94 -8.45 -9.91
N GLY C 1028 -27.94 -9.28 -10.21
CA GLY C 1028 -28.23 -10.36 -9.30
C GLY C 1028 -29.30 -11.30 -9.81
N VAL C 1029 -29.55 -12.33 -9.03
CA VAL C 1029 -30.55 -13.35 -9.35
C VAL C 1029 -31.43 -13.55 -8.11
N VAL C 1030 -32.68 -13.91 -8.34
CA VAL C 1030 -33.63 -14.20 -7.27
C VAL C 1030 -34.23 -15.57 -7.53
N PHE C 1031 -34.07 -16.48 -6.57
CA PHE C 1031 -34.60 -17.83 -6.67
C PHE C 1031 -35.88 -17.93 -5.86
N LEU C 1032 -36.91 -18.51 -6.46
CA LEU C 1032 -38.16 -18.84 -5.78
C LEU C 1032 -38.18 -20.34 -5.54
N HIS C 1033 -38.06 -20.73 -4.28
CA HIS C 1033 -38.04 -22.14 -3.90
C HIS C 1033 -39.44 -22.57 -3.48
N VAL C 1034 -39.90 -23.68 -4.06
CA VAL C 1034 -41.18 -24.29 -3.72
C VAL C 1034 -40.88 -25.46 -2.79
N THR C 1035 -41.42 -25.41 -1.57
CA THR C 1035 -41.11 -26.39 -0.53
C THR C 1035 -42.39 -26.99 0.01
N TYR C 1036 -42.27 -28.24 0.45
CA TYR C 1036 -43.37 -29.01 1.03
C TYR C 1036 -43.14 -29.05 2.54
N VAL C 1037 -44.14 -28.66 3.32
CA VAL C 1037 -43.99 -28.62 4.77
C VAL C 1037 -45.20 -29.31 5.41
N PRO C 1038 -45.02 -30.17 6.39
CA PRO C 1038 -46.17 -30.76 7.09
C PRO C 1038 -46.67 -29.84 8.20
N SER C 1039 -48.00 -29.75 8.31
CA SER C 1039 -48.61 -28.74 9.19
C SER C 1039 -49.42 -29.35 10.33
N GLN C 1040 -50.46 -30.12 10.05
CA GLN C 1040 -51.43 -30.52 11.07
C GLN C 1040 -50.92 -31.78 11.76
N GLU C 1041 -50.91 -31.78 13.09
CA GLU C 1041 -50.26 -32.83 13.83
C GLU C 1041 -51.25 -33.61 14.70
N ARG C 1042 -50.93 -34.89 14.89
CA ARG C 1042 -51.72 -35.76 15.76
C ARG C 1042 -50.83 -36.88 16.27
N ASN C 1043 -50.87 -37.12 17.58
CA ASN C 1043 -49.98 -38.09 18.21
C ASN C 1043 -50.51 -39.51 18.06
N PHE C 1044 -49.63 -40.49 18.24
CA PHE C 1044 -49.98 -41.90 18.04
C PHE C 1044 -49.11 -42.80 18.90
N THR C 1045 -49.54 -44.05 19.02
CA THR C 1045 -48.76 -45.09 19.69
C THR C 1045 -48.06 -45.93 18.64
N THR C 1046 -46.77 -46.22 18.86
CA THR C 1046 -45.96 -46.91 17.87
C THR C 1046 -45.27 -48.12 18.50
N ALA C 1047 -44.89 -49.06 17.65
CA ALA C 1047 -44.17 -50.26 18.04
C ALA C 1047 -43.08 -50.53 17.01
N PRO C 1048 -41.94 -51.08 17.44
CA PRO C 1048 -40.85 -51.32 16.48
C PRO C 1048 -41.15 -52.43 15.48
N ALA C 1049 -41.69 -53.56 15.95
CA ALA C 1049 -42.00 -54.67 15.08
C ALA C 1049 -43.13 -55.47 15.70
N ILE C 1050 -43.60 -56.48 14.95
CA ILE C 1050 -44.68 -57.35 15.41
C ILE C 1050 -44.22 -58.80 15.32
N CYS C 1051 -44.57 -59.58 16.34
CA CYS C 1051 -44.28 -61.01 16.39
C CYS C 1051 -45.60 -61.75 16.20
N HIS C 1052 -45.77 -62.38 15.04
CA HIS C 1052 -47.02 -63.04 14.70
C HIS C 1052 -47.03 -64.50 15.16
N GLU C 1053 -46.10 -65.29 14.65
CA GLU C 1053 -46.00 -66.72 14.96
C GLU C 1053 -44.58 -67.08 15.36
N GLY C 1054 -44.00 -66.28 16.25
CA GLY C 1054 -42.64 -66.49 16.68
C GLY C 1054 -41.60 -65.84 15.80
N LYS C 1055 -41.99 -65.13 14.75
CA LYS C 1055 -41.07 -64.48 13.83
C LYS C 1055 -41.37 -62.99 13.78
N ALA C 1056 -40.32 -62.17 13.76
CA ALA C 1056 -40.49 -60.73 13.68
C ALA C 1056 -40.83 -60.32 12.25
N TYR C 1057 -41.70 -59.32 12.13
CA TYR C 1057 -42.16 -58.81 10.83
C TYR C 1057 -41.83 -57.32 10.79
N PHE C 1058 -40.69 -56.99 10.21
CA PHE C 1058 -40.29 -55.59 10.16
C PHE C 1058 -40.93 -54.91 8.95
N PRO C 1059 -41.38 -53.66 9.12
CA PRO C 1059 -42.01 -52.94 8.00
C PRO C 1059 -41.01 -52.64 6.90
N ARG C 1060 -41.43 -52.86 5.65
CA ARG C 1060 -40.54 -52.64 4.52
C ARG C 1060 -40.29 -51.15 4.31
N GLU C 1061 -41.34 -50.33 4.39
CA GLU C 1061 -41.18 -48.88 4.43
C GLU C 1061 -42.29 -48.33 5.32
N GLY C 1062 -42.01 -47.24 6.02
CA GLY C 1062 -42.96 -46.63 6.93
C GLY C 1062 -42.82 -47.23 8.30
N VAL C 1063 -43.75 -46.88 9.18
CA VAL C 1063 -43.73 -47.29 10.57
C VAL C 1063 -45.07 -47.90 10.94
N PHE C 1064 -45.04 -48.70 12.01
CA PHE C 1064 -46.24 -49.31 12.57
C PHE C 1064 -46.90 -48.32 13.53
N VAL C 1065 -48.23 -48.22 13.46
CA VAL C 1065 -48.98 -47.22 14.18
C VAL C 1065 -50.23 -47.89 14.74
N SER C 1066 -50.70 -47.41 15.88
CA SER C 1066 -51.97 -47.84 16.44
C SER C 1066 -52.98 -46.71 16.35
N ASN C 1067 -54.22 -47.04 16.00
CA ASN C 1067 -55.24 -45.99 16.00
C ASN C 1067 -55.65 -45.64 17.43
N GLY C 1068 -55.36 -46.53 18.38
CA GLY C 1068 -55.99 -46.57 19.68
C GLY C 1068 -56.70 -47.88 19.94
N THR C 1069 -57.15 -48.58 18.90
CA THR C 1069 -57.73 -49.90 19.04
C THR C 1069 -57.24 -50.93 18.01
N SER C 1070 -56.58 -50.50 16.93
CA SER C 1070 -56.10 -51.42 15.91
C SER C 1070 -54.83 -50.85 15.29
N TRP C 1071 -54.09 -51.72 14.62
CA TRP C 1071 -52.75 -51.40 14.14
C TRP C 1071 -52.71 -51.33 12.63
N PHE C 1072 -51.90 -50.39 12.13
CA PHE C 1072 -51.74 -50.13 10.70
C PHE C 1072 -50.27 -49.86 10.43
N ILE C 1073 -49.95 -49.67 9.15
CA ILE C 1073 -48.62 -49.27 8.70
C ILE C 1073 -48.78 -48.03 7.82
N THR C 1074 -47.93 -47.03 8.04
CA THR C 1074 -48.04 -45.80 7.26
C THR C 1074 -46.69 -45.10 7.19
N GLN C 1075 -46.52 -44.30 6.13
CA GLN C 1075 -45.28 -43.57 5.97
C GLN C 1075 -45.19 -42.42 6.96
N ARG C 1076 -43.95 -42.00 7.24
CA ARG C 1076 -43.71 -41.01 8.28
C ARG C 1076 -44.15 -39.60 7.91
N ASN C 1077 -44.03 -39.22 6.64
CA ASN C 1077 -44.25 -37.83 6.25
C ASN C 1077 -45.71 -37.46 6.05
N PHE C 1078 -46.61 -38.45 5.97
CA PHE C 1078 -48.02 -38.15 5.76
C PHE C 1078 -48.83 -39.33 6.29
N TYR C 1079 -49.98 -39.02 6.90
CA TYR C 1079 -50.80 -40.05 7.52
C TYR C 1079 -51.76 -40.63 6.50
N SER C 1080 -51.43 -41.82 5.99
CA SER C 1080 -52.31 -42.62 5.15
C SER C 1080 -52.31 -44.03 5.72
N PRO C 1081 -53.27 -44.35 6.59
CA PRO C 1081 -53.26 -45.67 7.22
C PRO C 1081 -53.57 -46.77 6.23
N GLN C 1082 -52.94 -47.92 6.44
CA GLN C 1082 -53.04 -49.05 5.53
C GLN C 1082 -53.00 -50.35 6.33
N LEU C 1083 -53.75 -51.34 5.85
CA LEU C 1083 -53.82 -52.62 6.53
C LEU C 1083 -52.49 -53.37 6.40
N ILE C 1084 -52.08 -54.02 7.49
CA ILE C 1084 -50.80 -54.70 7.54
C ILE C 1084 -50.93 -56.04 6.81
N THR C 1085 -50.27 -56.18 5.67
CA THR C 1085 -50.26 -57.40 4.88
C THR C 1085 -48.82 -57.92 4.81
N THR C 1086 -48.64 -59.00 4.03
CA THR C 1086 -47.31 -59.56 3.87
C THR C 1086 -46.44 -58.72 2.96
N ASP C 1087 -47.03 -58.04 1.97
CA ASP C 1087 -46.26 -57.22 1.05
C ASP C 1087 -45.70 -55.96 1.70
N ASN C 1088 -46.33 -55.47 2.77
CA ASN C 1088 -45.83 -54.28 3.45
C ASN C 1088 -44.67 -54.57 4.37
N THR C 1089 -44.35 -55.85 4.61
CA THR C 1089 -43.36 -56.19 5.62
C THR C 1089 -42.42 -57.30 5.13
N PHE C 1090 -41.41 -57.62 5.94
CA PHE C 1090 -40.50 -58.70 5.64
C PHE C 1090 -40.10 -59.39 6.94
N VAL C 1091 -39.80 -60.68 6.84
CA VAL C 1091 -39.54 -61.52 8.00
C VAL C 1091 -38.04 -61.68 8.18
N SER C 1092 -37.58 -61.57 9.42
CA SER C 1092 -36.16 -61.74 9.72
C SER C 1092 -36.02 -62.17 11.17
N GLY C 1093 -35.62 -63.42 11.38
CA GLY C 1093 -35.32 -63.92 12.72
C GLY C 1093 -36.55 -64.14 13.57
N ASN C 1094 -36.28 -64.42 14.85
CA ASN C 1094 -37.33 -64.64 15.83
C ASN C 1094 -37.75 -63.33 16.48
N CYS C 1095 -38.59 -63.41 17.49
CA CYS C 1095 -39.12 -62.24 18.18
C CYS C 1095 -38.78 -62.24 19.67
N ASP C 1096 -37.57 -62.71 20.01
CA ASP C 1096 -37.12 -62.70 21.39
C ASP C 1096 -35.84 -61.89 21.60
N VAL C 1097 -35.21 -61.43 20.51
CA VAL C 1097 -34.00 -60.63 20.61
C VAL C 1097 -34.32 -59.13 20.51
N VAL C 1098 -35.56 -58.80 20.19
CA VAL C 1098 -35.94 -57.40 20.01
C VAL C 1098 -36.59 -56.87 21.29
N ILE C 1099 -36.45 -55.58 21.52
CA ILE C 1099 -37.01 -54.94 22.71
C ILE C 1099 -38.27 -54.16 22.31
N GLY C 1100 -39.36 -54.43 23.01
CA GLY C 1100 -40.60 -53.72 22.81
C GLY C 1100 -41.48 -54.22 21.70
N ILE C 1101 -41.30 -55.48 21.27
CA ILE C 1101 -42.14 -56.02 20.21
C ILE C 1101 -43.54 -56.31 20.75
N ILE C 1102 -44.55 -56.15 19.89
CA ILE C 1102 -45.93 -56.41 20.25
C ILE C 1102 -46.41 -57.65 19.48
N ASN C 1103 -47.65 -58.05 19.72
CA ASN C 1103 -48.24 -59.21 19.08
C ASN C 1103 -49.50 -58.80 18.33
N ASN C 1104 -49.62 -59.28 17.09
CA ASN C 1104 -50.76 -58.96 16.25
C ASN C 1104 -50.89 -60.06 15.20
N THR C 1105 -51.73 -59.80 14.19
CA THR C 1105 -51.93 -60.72 13.09
C THR C 1105 -51.50 -60.08 11.78
N VAL C 1106 -51.05 -60.90 10.84
CA VAL C 1106 -50.59 -60.45 9.53
C VAL C 1106 -51.52 -61.02 8.49
N TYR C 1107 -52.07 -60.15 7.64
CA TYR C 1107 -52.97 -60.58 6.58
C TYR C 1107 -52.20 -61.34 5.51
N ASP C 1108 -52.71 -62.50 5.12
CA ASP C 1108 -52.13 -63.31 4.05
C ASP C 1108 -53.26 -63.62 3.07
N PRO C 1109 -53.14 -63.22 1.80
CA PRO C 1109 -54.20 -63.53 0.83
C PRO C 1109 -54.31 -65.03 0.58
N LEU C 1110 -55.53 -65.53 0.61
CA LEU C 1110 -55.81 -66.95 0.40
C LEU C 1110 -56.69 -67.16 -0.82
C1 NAG D . 16.07 36.30 -31.51
C2 NAG D . 14.84 36.59 -30.65
C3 NAG D . 13.57 36.45 -31.48
C4 NAG D . 13.65 37.31 -32.74
C5 NAG D . 14.93 37.00 -33.51
C6 NAG D . 15.16 37.90 -34.69
C7 NAG D . 15.46 35.96 -28.36
C8 NAG D . 15.31 34.94 -27.27
N2 NAG D . 14.79 35.72 -29.49
O3 NAG D . 12.45 36.85 -30.70
O4 NAG D . 12.54 37.03 -33.58
O5 NAG D . 16.07 37.16 -32.65
O6 NAG D . 16.41 38.55 -34.63
O7 NAG D . 16.17 36.95 -28.23
C1 NAG D . 11.61 38.14 -33.63
C2 NAG D . 10.25 37.64 -33.14
C3 NAG D . 9.23 38.77 -33.14
C4 NAG D . 9.76 39.95 -32.34
C5 NAG D . 11.12 40.38 -32.85
C6 NAG D . 11.75 41.48 -32.02
C7 NAG D . 9.51 35.30 -33.47
C8 NAG D . 9.70 35.11 -31.99
N2 NAG D . 9.79 36.52 -33.95
O3 NAG D . 8.00 38.31 -32.58
O4 NAG D . 8.85 41.05 -32.45
O5 NAG D . 12.03 39.26 -32.81
O6 NAG D . 11.46 41.31 -30.64
O7 NAG D . 9.11 34.39 -34.19
C1 NAG E . -27.55 -47.94 -30.07
C2 NAG E . -27.85 -49.10 -31.02
C3 NAG E . -26.58 -49.88 -31.29
C4 NAG E . -25.45 -48.97 -31.78
C5 NAG E . -25.27 -47.80 -30.80
C6 NAG E . -24.28 -46.77 -31.29
C7 NAG E . -30.17 -49.86 -30.81
C8 NAG E . -31.10 -50.84 -30.15
N2 NAG E . -28.89 -49.96 -30.48
O3 NAG E . -26.85 -50.88 -32.28
O4 NAG E . -24.24 -49.71 -31.85
O5 NAG E . -26.52 -47.12 -30.62
O6 NAG E . -24.58 -45.49 -30.78
O7 NAG E . -30.57 -49.02 -31.61
C1 NAG E . -23.84 -49.87 -33.22
C2 NAG E . -22.37 -50.29 -33.26
C3 NAG E . -21.91 -50.51 -34.69
C4 NAG E . -22.83 -51.50 -35.39
C5 NAG E . -24.28 -51.05 -35.28
C6 NAG E . -25.27 -52.06 -35.83
C7 NAG E . -20.86 -49.53 -31.47
C8 NAG E . -20.05 -48.40 -30.93
N2 NAG E . -21.53 -49.30 -32.60
O3 NAG E . -20.58 -51.00 -34.69
O4 NAG E . -22.48 -51.60 -36.77
O5 NAG E . -24.63 -50.85 -33.90
O6 NAG E . -25.99 -52.71 -34.80
O7 NAG E . -20.91 -50.62 -30.90
C1 NAG F . -5.78 -50.52 -25.32
C2 NAG F . -5.31 -51.80 -26.01
C3 NAG F . -3.96 -51.56 -26.69
C4 NAG F . -4.06 -50.38 -27.64
C5 NAG F . -4.56 -49.14 -26.91
C6 NAG F . -4.80 -47.96 -27.81
C7 NAG F . -5.50 -54.17 -25.41
C8 NAG F . -5.34 -55.18 -24.33
N2 NAG F . -5.21 -52.90 -25.08
O3 NAG F . -3.58 -52.73 -27.42
O4 NAG F . -2.80 -50.11 -28.28
O5 NAG F . -5.81 -49.43 -26.27
O6 NAG F . -5.46 -46.90 -27.12
O7 NAG F . -5.86 -54.48 -26.54
C1 NAG F . -1.70 -49.89 -27.36
C2 NAG F . -0.48 -50.66 -27.89
C3 NAG F . 0.72 -50.43 -26.96
C4 NAG F . 0.97 -48.94 -26.78
C5 NAG F . -0.29 -48.24 -26.31
C6 NAG F . -0.15 -46.74 -26.23
C7 NAG F . -0.80 -52.71 -29.20
C8 NAG F . -1.10 -54.17 -29.14
N2 NAG F . -0.76 -52.07 -28.01
O3 NAG F . 1.86 -51.06 -27.53
O4 NAG F . 2.01 -48.74 -25.82
O5 NAG F . -1.37 -48.51 -27.22
O6 NAG F . -1.37 -46.08 -26.50
O7 NAG F . -0.59 -52.12 -30.25
C1 NAG G . -65.09 -47.65 -17.88
C2 NAG G . -65.72 -46.37 -18.43
C3 NAG G . -66.71 -45.80 -17.41
C4 NAG G . -67.73 -46.85 -17.00
C5 NAG G . -67.01 -48.11 -16.51
C6 NAG G . -67.94 -49.25 -16.17
C7 NAG G . -64.32 -45.15 -20.01
C8 NAG G . -63.25 -44.09 -20.17
N2 NAG G . -64.71 -45.39 -18.76
O3 NAG G . -67.38 -44.68 -17.98
O4 NAG G . -68.56 -46.35 -15.95
O5 NAG G . -66.12 -48.58 -17.52
O6 NAG G . -67.23 -50.40 -15.75
O7 NAG G . -64.79 -45.74 -20.97
C1 NAG G . -69.89 -46.16 -16.47
C2 NAG G . -70.84 -45.94 -15.28
C3 NAG G . -72.26 -45.68 -15.78
C4 NAG G . -72.27 -44.53 -16.79
C5 NAG G . -71.26 -44.79 -17.91
C6 NAG G . -71.13 -43.63 -18.87
C7 NAG G . -70.42 -46.99 -13.11
C8 NAG G . -70.46 -48.27 -12.32
N2 NAG G . -70.82 -47.07 -14.38
O3 NAG G . -73.10 -45.37 -14.68
O4 NAG G . -73.57 -44.39 -17.35
O5 NAG G . -69.96 -45.02 -17.35
O6 NAG G . -69.79 -43.16 -18.93
O7 NAG G . -70.04 -45.93 -12.62
C1 NAG H . 48.90 9.53 11.04
C2 NAG H . 48.46 9.22 9.61
C3 NAG H . 48.84 7.79 9.24
C4 NAG H . 50.32 7.55 9.47
C5 NAG H . 50.70 7.93 10.90
C6 NAG H . 52.18 7.85 11.17
C7 NAG H . 46.48 10.60 9.14
C8 NAG H . 44.98 10.63 9.03
N2 NAG H . 47.02 9.42 9.47
O3 NAG H . 48.52 7.56 7.87
O4 NAG H . 50.64 6.18 9.25
O5 NAG H . 50.31 9.29 11.16
O6 NAG H . 52.54 8.60 12.33
O7 NAG H . 47.16 11.60 8.94
C1 NAG H . 51.44 5.99 8.06
C2 NAG H . 50.66 5.06 7.12
C3 NAG H . 51.46 4.84 5.83
C4 NAG H . 51.82 6.19 5.20
C5 NAG H . 52.54 7.07 6.20
C6 NAG H . 52.82 8.46 5.67
C7 NAG H . 49.14 3.28 7.88
C8 NAG H . 48.02 4.10 7.30
N2 NAG H . 50.37 3.79 7.76
O3 NAG H . 50.68 4.07 4.93
O4 NAG H . 52.65 5.97 4.07
O5 NAG H . 51.74 7.23 7.38
O6 NAG H . 51.74 8.94 4.88
O7 NAG H . 48.93 2.20 8.42
C1 NAG I . -17.96 -58.02 16.37
C2 NAG I . -18.25 -59.30 17.14
C3 NAG I . -18.64 -58.98 18.58
C4 NAG I . -17.59 -58.09 19.23
C5 NAG I . -17.31 -56.86 18.37
C6 NAG I . -16.18 -56.01 18.89
C7 NAG I . -19.05 -61.08 15.64
C8 NAG I . -20.25 -61.76 15.06
N2 NAG I . -19.30 -60.07 16.48
O3 NAG I . -18.79 -60.19 19.31
O4 NAG I . -18.06 -57.66 20.50
O5 NAG I . -16.94 -57.27 17.04
O6 NAG I . -15.45 -55.40 17.83
O7 NAG I . -17.90 -61.42 15.36
C1 NAG I . -17.28 -58.28 21.56
C2 NAG I . -17.48 -57.46 22.84
C3 NAG I . -16.69 -58.11 23.98
C4 NAG I . -17.06 -59.58 24.13
C5 NAG I . -16.90 -60.30 22.80
C6 NAG I . -17.38 -61.73 22.84
C7 NAG I . -17.95 -55.07 22.62
C8 NAG I . -17.36 -53.71 22.42
N2 NAG I . -17.07 -56.09 22.65
O3 NAG I . -16.97 -57.41 25.20
O4 NAG I . -16.23 -60.19 25.11
O5 NAG I . -17.66 -59.64 21.77
O6 NAG I . -18.56 -61.90 22.07
O7 NAG I . -19.15 -55.25 22.75
C1 NAG J . -22.22 -41.78 31.28
C2 NAG J . -22.75 -42.44 32.56
C3 NAG J . -22.04 -41.85 33.78
C4 NAG J . -20.53 -41.96 33.64
C5 NAG J . -20.08 -41.30 32.34
C6 NAG J . -18.60 -41.49 32.07
C7 NAG J . -24.98 -43.22 33.22
C8 NAG J . -26.44 -42.91 33.27
N2 NAG J . -24.18 -42.28 32.68
O3 NAG J . -22.47 -42.53 34.95
O4 NAG J . -19.85 -41.40 34.76
O5 NAG J . -20.78 -41.89 31.23
O6 NAG J . -18.23 -40.87 30.85
O7 NAG J . -24.53 -44.29 33.63
C1 NAG J . -20.19 -40.03 35.04
C2 NAG J . -20.39 -39.88 36.55
C3 NAG J . -20.72 -38.43 36.89
C4 NAG J . -19.65 -37.49 36.35
C5 NAG J . -19.46 -37.73 34.84
C6 NAG J . -18.32 -36.93 34.26
C7 NAG J . -21.20 -41.75 37.91
C8 NAG J . -22.39 -42.57 38.30
N2 NAG J . -21.43 -40.77 37.03
O3 NAG J . -20.81 -38.29 38.31
O4 NAG J . -20.03 -36.14 36.57
O5 NAG J . -19.17 -39.12 34.60
O6 NAG J . -17.83 -37.52 33.07
O7 NAG J . -20.09 -41.96 38.37
C1 NAG K . -27.02 -76.05 -17.51
C2 NAG K . -25.72 -76.20 -18.29
C3 NAG K . -25.97 -76.01 -19.79
C4 NAG K . -27.08 -76.94 -20.26
C5 NAG K . -28.32 -76.76 -19.40
C6 NAG K . -29.44 -77.72 -19.75
C7 NAG K . -23.71 -75.60 -17.01
C8 NAG K . -22.77 -74.49 -16.62
N2 NAG K . -24.72 -75.25 -17.82
O3 NAG K . -24.76 -76.27 -20.50
O4 NAG K . -27.39 -76.67 -21.63
O5 NAG K . -27.99 -76.97 -18.03
O6 NAG K . -30.55 -77.56 -18.88
O7 NAG K . -23.56 -76.74 -16.61
C1 NAG K . -26.94 -77.78 -22.44
C2 NAG K . -27.59 -77.66 -23.82
C3 NAG K . -27.10 -78.79 -24.72
C4 NAG K . -25.58 -78.83 -24.78
C5 NAG K . -25.01 -78.88 -23.36
C6 NAG K . -23.50 -78.79 -23.33
C7 NAG K . -29.80 -76.62 -24.03
C8 NAG K . -31.29 -76.81 -23.87
N2 NAG K . -29.04 -77.67 -23.72
O3 NAG K . -27.63 -78.60 -26.03
O4 NAG K . -25.15 -79.95 -25.51
O5 NAG K . -25.51 -77.79 -22.58
O6 NAG K . -23.06 -77.77 -22.43
O7 NAG K . -29.32 -75.56 -24.44
C1 NAG L . 1.97 43.63 26.27
C2 NAG L . 2.59 42.32 26.77
C3 NAG L . 1.74 41.74 27.89
C4 NAG L . 1.51 42.76 28.99
C5 NAG L . 0.95 44.05 28.40
C6 NAG L . 0.80 45.17 29.41
C7 NAG L . 3.80 41.36 24.86
C8 NAG L . 3.78 40.30 23.80
N2 NAG L . 2.74 41.37 25.68
O3 NAG L . 2.41 40.59 28.42
O4 NAG L . 0.60 42.25 29.95
O5 NAG L . 1.81 44.54 27.37
O6 NAG L . 0.50 46.39 28.79
O7 NAG L . 4.72 42.16 24.97
C1 NAG L . 1.24 41.98 31.23
C2 NAG L . 1.12 40.49 31.54
C3 NAG L . 1.81 40.17 32.86
C4 NAG L . 3.24 40.66 32.85
C5 NAG L . 3.29 42.15 32.50
C6 NAG L . 4.71 42.67 32.36
C7 NAG L . -0.78 39.08 30.82
C8 NAG L . 0.19 38.38 29.90
N2 NAG L . -0.27 40.08 31.56
O3 NAG L . 1.76 38.76 33.08
O4 NAG L . 3.83 40.46 34.14
O5 NAG L . 2.64 42.37 31.24
O6 NAG L . 5.54 41.73 31.70
O7 NAG L . -1.96 38.76 30.87
C1 NAG M . -55.46 -29.32 4.84
C2 NAG M . -56.96 -29.64 4.83
C3 NAG M . -57.65 -28.89 3.69
C4 NAG M . -57.34 -27.41 3.75
C5 NAG M . -55.83 -27.19 3.80
C6 NAG M . -55.44 -25.74 3.99
C7 NAG M . -57.40 -31.86 5.78
C8 NAG M . -57.62 -33.31 5.49
N2 NAG M . -57.19 -31.07 4.73
O3 NAG M . -59.05 -29.12 3.79
O4 NAG M . -57.86 -26.77 2.59
O5 NAG M . -55.26 -27.91 4.91
O6 NAG M . -54.36 -25.60 4.92
O7 NAG M . -57.43 -31.42 6.93
C1 NAG M . -58.97 -25.90 2.96
C2 NAG M . -59.21 -24.92 1.81
C3 NAG M . -60.40 -24.02 2.16
C4 NAG M . -61.62 -24.85 2.51
C5 NAG M . -61.28 -25.84 3.62
C6 NAG M . -62.41 -26.79 3.93
C7 NAG M . -57.30 -24.27 0.42
C8 NAG M . -56.10 -23.37 0.30
N2 NAG M . -58.03 -24.12 1.54
O3 NAG M . -60.69 -23.18 1.04
O4 NAG M . -62.67 -23.99 2.96
O5 NAG M . -60.16 -26.65 3.23
O6 NAG M . -62.11 -28.11 3.50
O7 NAG M . -57.60 -25.08 -0.45
C1 NAG N . -52.86 -16.00 -13.00
C2 NAG N . -54.22 -15.91 -13.71
C3 NAG N . -54.54 -14.46 -14.08
C4 NAG N . -54.46 -13.57 -12.84
C5 NAG N . -53.09 -13.73 -12.17
C6 NAG N . -52.99 -12.97 -10.87
C7 NAG N . -55.35 -17.40 -15.30
C8 NAG N . -55.20 -18.22 -16.54
N2 NAG N . -54.25 -16.76 -14.89
O3 NAG N . -55.84 -14.39 -14.64
O4 NAG N . -54.72 -12.21 -13.16
O5 NAG N . -52.85 -15.11 -11.87
O6 NAG N . -51.76 -13.25 -10.20
O7 NAG N . -56.41 -17.32 -14.69
C1 NAG N . -53.85 -11.66 -14.19
C2 NAG N . -54.72 -10.85 -15.16
C3 NAG N . -53.85 -10.22 -16.23
C4 NAG N . -52.72 -9.41 -15.61
C5 NAG N . -51.93 -10.27 -14.62
C6 NAG N . -50.87 -9.50 -13.88
C7 NAG N . -57.06 -11.48 -15.52
C8 NAG N . -58.00 -12.41 -16.22
N2 NAG N . -55.76 -11.67 -15.75
O3 NAG N . -54.65 -9.38 -17.06
O4 NAG N . -51.83 -8.94 -16.62
O5 NAG N . -52.82 -10.82 -13.65
O6 NAG N . -50.52 -10.15 -12.66
O7 NAG N . -57.47 -10.57 -14.78
C1 NAG O . -47.65 -63.25 23.31
C2 NAG O . -47.20 -62.87 24.72
C3 NAG O . -46.11 -63.83 25.20
C4 NAG O . -46.56 -65.27 25.07
C5 NAG O . -47.02 -65.55 23.64
C6 NAG O . -47.59 -66.93 23.45
C7 NAG O . -47.47 -60.49 25.24
C8 NAG O . -46.83 -59.14 25.21
N2 NAG O . -46.73 -61.50 24.76
O3 NAG O . -45.79 -63.53 26.55
O4 NAG O . -45.49 -66.15 25.39
O5 NAG O . -48.06 -64.62 23.29
O6 NAG O . -48.04 -67.12 22.11
O7 NAG O . -48.61 -60.66 25.65
C1 NAG O . -45.79 -66.82 26.64
C2 NAG O . -44.84 -68.01 26.80
C3 NAG O . -45.10 -68.72 28.12
C4 NAG O . -45.04 -67.73 29.29
C5 NAG O . -45.97 -66.55 29.03
C6 NAG O . -45.86 -65.47 30.08
C7 NAG O . -43.99 -69.17 24.81
C8 NAG O . -44.30 -70.16 23.72
N2 NAG O . -44.97 -68.93 25.69
O3 NAG O . -44.14 -69.75 28.31
O4 NAG O . -45.42 -68.38 30.49
O5 NAG O . -45.66 -65.94 27.77
O6 NAG O . -45.62 -64.19 29.49
O7 NAG O . -42.90 -68.62 24.90
C1 NAG P . 0.22 17.82 -45.42
C2 NAG P . -1.17 18.31 -45.85
C3 NAG P . -1.66 19.39 -44.88
C4 NAG P . -1.61 18.88 -43.45
C5 NAG P . -0.22 18.36 -43.12
C6 NAG P . -0.13 17.72 -41.74
C7 NAG P . -1.57 18.10 -48.25
C8 NAG P . -1.49 18.76 -49.60
N2 NAG P . -1.16 18.82 -47.21
O3 NAG P . -2.99 19.76 -45.23
O4 NAG P . -1.94 19.93 -42.55
O5 NAG P . 0.18 17.36 -44.06
O6 NAG P . -0.54 16.37 -41.78
O7 NAG P . -2.01 16.95 -48.12
C1 NAG Q . 38.67 24.66 -47.59
C2 NAG Q . 39.95 25.43 -47.32
C3 NAG Q . 40.26 26.36 -48.49
C4 NAG Q . 40.27 25.59 -49.81
C5 NAG Q . 38.97 24.81 -49.96
C6 NAG Q . 38.98 23.90 -51.19
C7 NAG Q . 40.71 25.99 -45.04
C8 NAG Q . 41.78 24.97 -45.22
N2 NAG Q . 39.87 26.17 -46.07
O3 NAG Q . 41.51 26.99 -48.28
O4 NAG Q . 40.41 26.49 -50.89
O5 NAG Q . 38.77 23.95 -48.83
O6 NAG Q . 37.73 23.23 -51.35
O7 NAG Q . 40.61 26.65 -44.01
C1 NAG R . -10.27 47.86 -20.33
C2 NAG R . -10.88 47.06 -21.51
C3 NAG R . -12.38 47.29 -21.59
C4 NAG R . -13.05 46.99 -20.26
C5 NAG R . -12.38 47.79 -19.15
C6 NAG R . -12.92 47.46 -17.77
C7 NAG R . -10.15 48.51 -23.41
C8 NAG R . -9.41 48.50 -24.71
N2 NAG R . -10.21 47.32 -22.77
O3 NAG R . -12.92 46.45 -22.61
O4 NAG R . -14.43 47.33 -20.32
O5 NAG R . -10.97 47.53 -19.12
O6 NAG R . -11.87 47.14 -16.87
O7 NAG R . -10.66 49.53 -22.97
C1 NAG S . -28.08 11.13 -28.53
C2 NAG S . -28.96 12.38 -28.35
C3 NAG S . -30.04 12.11 -27.30
C4 NAG S . -30.81 10.85 -27.64
C5 NAG S . -29.87 9.68 -27.84
C6 NAG S . -30.57 8.42 -28.29
C7 NAG S . -28.39 14.76 -28.49
C8 NAG S . -27.46 15.83 -28.01
N2 NAG S . -28.16 13.53 -28.00
O3 NAG S . -30.91 13.24 -27.24
O4 NAG S . -31.72 10.55 -26.58
O5 NAG S . -28.90 10.00 -28.85
O6 NAG S . -29.65 7.36 -28.50
O7 NAG S . -29.29 14.97 -29.28
C1 NAG T . -31.36 -4.51 -41.05
C2 NAG T . -30.66 -3.78 -42.19
C3 NAG T . -30.97 -2.29 -42.14
C4 NAG T . -32.47 -2.05 -42.08
C5 NAG T . -33.10 -2.84 -40.94
C6 NAG T . -34.61 -2.75 -40.91
C7 NAG T . -28.49 -4.22 -43.26
C8 NAG T . -27.04 -4.44 -43.05
N2 NAG T . -29.23 -4.01 -42.17
O3 NAG T . -30.42 -1.65 -43.28
O4 NAG T . -32.74 -0.66 -41.89
O5 NAG T . -32.77 -4.24 -41.08
O6 NAG T . -35.21 -3.93 -41.45
O7 NAG T . -29.00 -4.23 -44.38
C1 NAG U . -55.69 -32.39 -22.70
C2 NAG U . -57.03 -32.41 -21.96
C3 NAG U . -58.18 -32.26 -22.95
C4 NAG U . -57.99 -31.02 -23.82
C5 NAG U . -56.62 -31.06 -24.48
C6 NAG U . -56.31 -29.79 -25.25
C7 NAG U . -57.13 -33.64 -19.84
C8 NAG U . -57.30 -34.97 -19.19
N2 NAG U . -57.19 -33.62 -21.17
O3 NAG U . -59.41 -32.18 -22.24
O4 NAG U . -59.00 -30.96 -24.81
O5 NAG U . -55.59 -31.19 -23.49
O6 NAG U . -55.16 -29.13 -24.73
O7 NAG U . -56.95 -32.62 -19.18
C1 NAG V . -43.28 -37.34 -31.40
C2 NAG V . -42.03 -36.73 -32.02
C3 NAG V . -41.97 -35.23 -31.74
C4 NAG V . -43.25 -34.56 -32.21
C5 NAG V . -44.46 -35.23 -31.57
C6 NAG V . -45.78 -34.70 -32.09
C7 NAG V . -39.94 -37.98 -32.33
C8 NAG V . -38.75 -38.61 -31.66
N2 NAG V . -40.83 -37.39 -31.52
O3 NAG V . -40.85 -34.68 -32.42
O4 NAG V . -43.24 -33.18 -31.85
O5 NAG V . -44.45 -36.64 -31.86
O6 NAG V . -45.64 -34.14 -33.39
O7 NAG V . -40.08 -37.99 -33.55
C1 NAG W . 32.16 44.92 -31.58
C2 NAG W . 33.27 44.27 -30.79
C3 NAG W . 34.49 45.20 -30.69
C4 NAG W . 34.91 45.66 -32.08
C5 NAG W . 33.72 46.26 -32.83
C6 NAG W . 34.06 46.62 -34.27
C7 NAG W . 33.23 42.77 -28.83
C8 NAG W . 32.65 42.54 -27.47
N2 NAG W . 32.82 43.88 -29.47
O3 NAG W . 35.56 44.52 -30.05
O4 NAG W . 35.94 46.65 -31.96
O5 NAG W . 32.65 45.32 -32.87
O6 NAG W . 35.16 45.86 -34.75
O7 NAG W . 34.03 42.01 -29.34
C1 NAG X . 24.33 -7.26 -34.09
C2 NAG X . 25.50 -8.20 -33.81
C3 NAG X . 26.81 -7.40 -33.72
C4 NAG X . 27.00 -6.56 -34.97
C5 NAG X . 25.77 -5.68 -35.21
C6 NAG X . 25.83 -4.91 -36.50
C7 NAG X . 25.63 -10.25 -32.45
C8 NAG X . 25.33 -10.87 -31.12
N2 NAG X . 25.29 -8.96 -32.59
O3 NAG X . 27.90 -8.31 -33.58
O4 NAG X . 28.14 -5.72 -34.81
O5 NAG X . 24.59 -6.51 -35.28
O6 NAG X . 27.17 -4.78 -36.96
O7 NAG X . 26.16 -10.87 -33.37
C1 NAG Y . 18.08 58.37 -5.25
C2 NAG Y . 19.26 57.82 -6.06
C3 NAG Y . 20.39 58.84 -6.10
C4 NAG Y . 19.89 60.19 -6.59
C5 NAG Y . 18.71 60.65 -5.75
C6 NAG Y . 18.08 61.92 -6.26
C7 NAG Y . 19.97 55.49 -6.27
C8 NAG Y . 20.45 54.27 -5.55
N2 NAG Y . 19.71 56.55 -5.52
O3 NAG Y . 21.42 58.36 -6.95
O4 NAG Y . 20.94 61.15 -6.48
O5 NAG Y . 17.68 59.64 -5.77
O6 NAG Y . 16.71 61.75 -6.54
O7 NAG Y . 19.83 55.50 -7.50
C1 NAG Z . 15.03 54.89 -17.73
C2 NAG Z . 15.58 54.31 -19.03
C3 NAG Z . 17.08 54.06 -18.91
C4 NAG Z . 17.79 55.34 -18.47
C5 NAG Z . 17.17 55.87 -17.19
C6 NAG Z . 17.75 57.18 -16.75
C7 NAG Z . 14.63 52.70 -20.64
C8 NAG Z . 13.92 51.40 -20.80
N2 NAG Z . 14.88 53.07 -19.37
O3 NAG Z . 17.60 53.63 -20.16
O4 NAG Z . 19.17 55.07 -18.24
O5 NAG Z . 15.76 56.09 -17.39
O6 NAG Z . 19.17 57.15 -16.73
O7 NAG Z . 14.97 53.39 -21.59
C1 NAG AA . 27.53 45.02 -42.76
C2 NAG AA . 26.13 45.44 -43.19
C3 NAG AA . 26.19 46.71 -44.03
C4 NAG AA . 26.97 47.80 -43.29
C5 NAG AA . 28.34 47.27 -42.85
C6 NAG AA . 29.10 48.26 -42.00
C7 NAG AA . 24.56 43.56 -43.36
C8 NAG AA . 23.97 42.52 -44.26
N2 NAG AA . 25.46 44.38 -43.92
O3 NAG AA . 24.87 47.17 -44.31
O4 NAG AA . 27.15 48.93 -44.14
O5 NAG AA . 28.17 46.09 -42.06
O6 NAG AA . 30.12 47.61 -41.25
O7 NAG AA . 24.25 43.66 -42.18
C1 NAG BA . -47.08 -53.12 -29.80
C2 NAG BA . -46.78 -53.92 -31.08
C3 NAG BA . -47.83 -55.00 -31.31
C4 NAG BA . -47.97 -55.86 -30.05
C5 NAG BA . -48.25 -54.98 -28.84
C6 NAG BA . -48.37 -55.76 -27.56
C7 NAG BA . -47.55 -52.25 -32.78
C8 NAG BA . -47.13 -51.47 -33.98
N2 NAG BA . -46.63 -53.06 -32.25
O3 NAG BA . -47.46 -55.81 -32.42
O4 NAG BA . -49.03 -56.79 -30.22
O5 NAG BA . -47.19 -54.02 -28.67
O6 NAG BA . -49.60 -56.46 -27.49
O7 NAG BA . -48.69 -52.14 -32.30
C1 NAG CA . 24.23 44.66 30.95
C2 NAG CA . 22.94 45.49 31.03
C3 NAG CA . 22.92 46.54 29.92
C4 NAG CA . 24.19 47.38 29.93
C5 NAG CA . 25.41 46.45 29.88
C6 NAG CA . 26.71 47.21 30.01
C7 NAG CA . 20.62 44.92 31.61
C8 NAG CA . 19.51 43.93 31.41
N2 NAG CA . 21.77 44.65 30.96
O3 NAG CA . 21.79 47.39 30.08
O4 NAG CA . 24.22 48.25 28.82
O5 NAG CA . 25.36 45.53 30.98
O6 NAG CA . 26.82 48.23 29.02
O7 NAG CA . 20.50 45.92 32.30
C1 NAG DA . 43.13 -18.10 14.53
C2 NAG DA . 43.73 -19.07 13.52
C3 NAG DA . 43.93 -18.37 12.18
C4 NAG DA . 42.64 -17.74 11.71
C5 NAG DA . 42.08 -16.81 12.79
C6 NAG DA . 40.72 -16.25 12.44
C7 NAG DA . 45.07 -20.87 14.53
C8 NAG DA . 46.44 -21.29 14.97
N2 NAG DA . 44.98 -19.63 14.00
O3 NAG DA . 44.39 -19.33 11.22
O4 NAG DA . 42.87 -16.98 10.52
O5 NAG DA . 41.92 -17.55 14.02
O6 NAG DA . 39.68 -17.18 12.71
O7 NAG DA . 44.09 -21.60 14.64
C1 NAG EA . 51.25 9.73 40.91
C2 NAG EA . 51.76 11.05 41.49
C3 NAG EA . 53.23 10.91 41.90
C4 NAG EA . 53.41 9.73 42.84
C5 NAG EA . 52.83 8.45 42.22
C6 NAG EA . 52.85 7.27 43.15
C7 NAG EA . 50.78 13.17 40.71
C8 NAG EA . 49.99 13.17 41.99
N2 NAG EA . 51.61 12.13 40.54
O3 NAG EA . 53.66 12.10 42.54
O4 NAG EA . 54.79 9.52 43.10
O5 NAG EA . 51.45 8.68 41.86
O6 NAG EA . 52.94 6.04 42.45
O7 NAG EA . 50.67 14.06 39.88
C1 NAG FA . 49.27 3.24 -19.28
C2 NAG FA . 49.43 1.80 -18.77
C3 NAG FA . 49.66 0.84 -19.95
C4 NAG FA . 48.55 1.00 -20.99
C5 NAG FA . 48.42 2.46 -21.41
C6 NAG FA . 47.26 2.71 -22.33
C7 NAG FA . 51.78 1.91 -17.92
C8 NAG FA . 52.64 1.68 -16.72
N2 NAG FA . 50.47 1.66 -17.76
O3 NAG FA . 49.69 -0.50 -19.47
O4 NAG FA . 48.83 0.21 -22.13
O5 NAG FA . 48.20 3.30 -20.25
O6 NAG FA . 46.38 3.70 -21.82
O7 NAG FA . 52.25 2.31 -18.98
C1 NAG GA . 25.97 -30.30 -11.72
C2 NAG GA . 26.78 -30.25 -13.02
C3 NAG GA . 25.86 -30.49 -14.22
C4 NAG GA . 25.08 -31.78 -14.04
C5 NAG GA . 24.34 -31.77 -12.70
C6 NAG GA . 23.64 -33.07 -12.41
C7 NAG GA . 28.72 -28.86 -13.63
C8 NAG GA . 29.28 -27.47 -13.69
N2 NAG GA . 27.47 -28.97 -13.16
O3 NAG GA . 26.64 -30.54 -15.41
O4 NAG GA . 24.14 -31.92 -15.10
O5 NAG GA . 25.28 -31.56 -11.64
O6 NAG GA . 23.10 -33.09 -11.09
O7 NAG GA . 29.36 -29.84 -13.98
C1 NAG HA . 22.11 -47.00 -0.80
C2 NAG HA . 23.42 -46.88 -0.03
C3 NAG HA . 24.54 -46.40 -0.94
C4 NAG HA . 24.64 -47.27 -2.18
C5 NAG HA . 23.29 -47.37 -2.88
C6 NAG HA . 23.29 -48.34 -4.03
C7 NAG HA . 23.83 -46.25 2.31
C8 NAG HA . 23.57 -45.23 3.37
N2 NAG HA . 23.27 -46.00 1.12
O3 NAG HA . 25.78 -46.40 -0.24
O4 NAG HA . 25.59 -46.72 -3.09
O5 NAG HA . 22.29 -47.85 -1.94
O6 NAG HA . 22.63 -49.55 -3.70
O7 NAG HA . 24.50 -47.25 2.52
C1 NAG IA . -12.01 -65.46 -15.13
C2 NAG IA . -12.53 -65.95 -16.48
C3 NAG IA . -11.81 -67.23 -16.89
C4 NAG IA . -10.30 -67.03 -16.86
C5 NAG IA . -9.86 -66.50 -15.50
C6 NAG IA . -8.40 -66.16 -15.44
C7 NAG IA . -14.84 -65.40 -17.11
C8 NAG IA . -16.29 -65.77 -16.95
N2 NAG IA . -13.96 -66.16 -16.44
O3 NAG IA . -12.22 -67.61 -18.21
O4 NAG IA . -9.64 -68.26 -17.12
O5 NAG IA . -10.59 -65.29 -15.20
O6 NAG IA . -8.19 -64.80 -15.08
O7 NAG IA . -14.47 -64.47 -17.82
C1 NAG JA . -9.65 -64.77 0.22
C2 NAG JA . -8.83 -64.01 1.27
C3 NAG JA . -7.85 -63.08 0.59
C4 NAG JA . -6.96 -63.87 -0.38
C5 NAG JA . -7.84 -64.63 -1.37
C6 NAG JA . -7.04 -65.54 -2.29
C7 NAG JA . -9.46 -63.16 3.48
C8 NAG JA . -10.45 -62.36 4.27
N2 NAG JA . -9.69 -63.27 2.18
O3 NAG JA . -7.03 -62.45 1.57
O4 NAG JA . -6.11 -62.98 -1.09
O5 NAG JA . -8.76 -65.48 -0.68
O6 NAG JA . -5.78 -65.87 -1.72
O7 NAG JA . -8.49 -63.69 4.02
C1 NAG KA . 56.14 23.94 18.91
C2 NAG KA . 55.18 24.87 19.66
C3 NAG KA . 55.91 26.13 20.11
C4 NAG KA . 57.15 25.76 20.91
C5 NAG KA . 58.03 24.80 20.13
C6 NAG KA . 59.21 24.29 20.92
C7 NAG KA . 52.80 25.39 19.31
C8 NAG KA . 51.75 25.75 18.30
N2 NAG KA . 54.03 25.22 18.82
O3 NAG KA . 55.03 26.92 20.91
O4 NAG KA . 57.90 26.94 21.20
O5 NAG KA . 57.26 23.65 19.74
O6 NAG KA . 59.03 24.48 22.31
O7 NAG KA . 52.55 25.27 20.50
C1 NAG LA . 17.67 -6.78 38.25
C2 NAG LA . 16.83 -6.26 39.41
C3 NAG LA . 17.41 -4.95 39.95
C4 NAG LA . 18.88 -5.13 40.29
C5 NAG LA . 19.64 -5.70 39.09
C6 NAG LA . 21.08 -6.02 39.41
C7 NAG LA . 14.41 -6.37 39.82
C8 NAG LA . 13.04 -6.12 39.25
N2 NAG LA . 15.43 -6.08 39.02
O3 NAG LA . 16.69 -4.55 41.10
O4 NAG LA . 19.44 -3.87 40.66
O5 NAG LA . 19.03 -6.92 38.66
O6 NAG LA . 21.52 -5.34 40.58
O7 NAG LA . 14.57 -6.81 40.95
C1 NAG MA . 48.63 35.72 -10.75
C2 NAG MA . 48.70 35.81 -9.22
C3 NAG MA . 49.52 37.04 -8.82
C4 NAG MA . 50.89 37.01 -9.49
C5 NAG MA . 50.74 36.85 -10.99
C6 NAG MA . 52.06 36.68 -11.71
C7 NAG MA . 47.01 35.16 -7.58
C8 NAG MA . 45.61 35.35 -7.10
N2 NAG MA . 47.37 35.88 -8.64
O3 NAG MA . 49.67 37.05 -7.40
O4 NAG MA . 51.60 38.21 -9.21
O5 NAG MA . 49.96 35.69 -11.30
O6 NAG MA . 51.97 35.70 -12.74
O7 NAG MA . 47.79 34.39 -7.02
C1 NAG NA . 53.92 24.97 -5.16
C2 NAG NA . 54.46 24.34 -3.87
C3 NAG NA . 54.31 25.31 -2.71
C4 NAG NA . 54.95 26.66 -3.06
C5 NAG NA . 54.37 27.19 -4.37
C6 NAG NA . 55.03 28.46 -4.83
C7 NAG NA . 54.38 22.05 -2.99
C8 NAG NA . 53.53 20.83 -2.76
N2 NAG NA . 53.79 23.09 -3.58
O3 NAG NA . 54.93 24.77 -1.56
O4 NAG NA . 54.67 27.60 -2.02
O5 NAG NA . 54.58 26.21 -5.41
O6 NAG NA . 54.92 29.48 -3.84
O7 NAG NA . 55.56 22.10 -2.65
C1 NAG OA . 63.11 14.32 20.97
C2 NAG OA . 63.60 13.31 19.93
C3 NAG OA . 65.12 13.40 19.79
C4 NAG OA . 65.55 14.84 19.51
C5 NAG OA . 64.96 15.79 20.56
C6 NAG OA . 65.24 17.24 20.26
C7 NAG OA . 62.50 11.17 19.46
C8 NAG OA . 62.18 9.80 19.98
N2 NAG OA . 63.20 11.96 20.28
O3 NAG OA . 65.56 12.56 18.73
O4 NAG OA . 66.97 14.94 19.53
O5 NAG OA . 63.53 15.64 20.60
O6 NAG OA . 64.27 18.09 20.88
O7 NAG OA . 62.16 11.55 18.34
C1 NAG PA . -22.79 -73.38 4.18
C2 NAG PA . -22.63 -74.23 5.45
C3 NAG PA . -23.38 -75.55 5.33
C4 NAG PA . -24.82 -75.31 4.91
C5 NAG PA . -24.87 -74.44 3.66
C6 NAG PA . -26.27 -74.13 3.21
C7 NAG PA . -20.30 -75.06 5.05
C8 NAG PA . -18.92 -75.13 5.65
N2 NAG PA . -21.22 -74.44 5.80
O3 NAG PA . -23.33 -76.23 6.57
O4 NAG PA . -25.48 -76.55 4.66
O5 NAG PA . -24.20 -73.19 3.90
O6 NAG PA . -26.90 -75.29 2.67
O7 NAG PA . -20.54 -75.55 3.95
C1 NAG QA . -21.62 29.18 32.84
C2 NAG QA . -21.68 28.51 34.21
C3 NAG QA . -20.27 28.18 34.70
C4 NAG QA . -19.53 27.35 33.65
C5 NAG QA . -19.56 28.04 32.30
C6 NAG QA . -18.96 27.21 31.20
C7 NAG QA . -23.63 29.15 35.55
C8 NAG QA . -24.19 30.11 36.54
N2 NAG QA . -22.37 29.36 35.18
O3 NAG QA . -20.35 27.47 35.92
O4 NAG QA . -18.18 27.15 34.06
O5 NAG QA . -20.92 28.32 31.92
O6 NAG QA . -19.91 26.27 30.68
O7 NAG QA . -24.31 28.24 35.09
C1 NAG RA . -16.89 63.72 13.03
C2 NAG RA . -16.09 64.93 12.56
C3 NAG RA . -16.34 66.13 13.46
C4 NAG RA . -17.83 66.40 13.60
C5 NAG RA . -18.56 65.13 14.03
C6 NAG RA . -20.06 65.30 14.05
C7 NAG RA . -13.90 64.82 11.41
C8 NAG RA . -14.59 65.40 10.20
N2 NAG RA . -14.67 64.63 12.50
O3 NAG RA . -15.68 67.27 12.94
O4 NAG RA . -18.05 67.42 14.56
O5 NAG RA . -18.28 64.07 13.11
O6 NAG RA . -20.60 64.99 15.33
O7 NAG RA . -12.71 64.55 11.41
C1 NAG SA . 16.62 23.36 44.33
C2 NAG SA . 15.18 23.15 44.83
C3 NAG SA . 15.16 22.11 45.96
C4 NAG SA . 15.86 20.83 45.53
C5 NAG SA . 17.26 21.13 45.01
C6 NAG SA . 17.96 19.92 44.46
C7 NAG SA . 14.92 25.21 46.21
C8 NAG SA . 14.05 26.43 46.40
N2 NAG SA . 14.52 24.39 45.23
O3 NAG SA . 13.81 21.84 46.33
O4 NAG SA . 15.95 19.93 46.63
O5 NAG SA . 17.19 22.09 43.94
O6 NAG SA . 18.72 20.24 43.29
O7 NAG SA . 15.91 25.01 46.91
C1 NAG TA . -14.56 -3.25 38.78
C2 NAG TA . -13.65 -3.43 39.98
C3 NAG TA . -13.10 -4.85 40.02
C4 NAG TA . -14.22 -5.87 39.96
C5 NAG TA . -15.11 -5.60 38.75
C6 NAG TA . -16.32 -6.49 38.68
C7 NAG TA . -12.12 -1.85 41.07
C8 NAG TA . -11.00 -0.87 40.88
N2 NAG TA . -12.57 -2.45 39.97
O3 NAG TA . -12.35 -5.04 41.22
O4 NAG TA . -13.69 -7.19 39.86
O5 NAG TA . -15.60 -4.25 38.79
O6 NAG TA . -17.17 -6.15 37.59
O7 NAG TA . -12.61 -2.07 42.17
C1 NAG UA . -34.53 -7.17 38.07
C2 NAG UA . -34.88 -5.78 38.60
C3 NAG UA . -33.85 -5.34 39.64
C4 NAG UA . -33.72 -6.40 40.74
C5 NAG UA . -33.43 -7.76 40.12
C6 NAG UA . -33.41 -8.88 41.14
C7 NAG UA . -35.89 -3.87 37.44
C8 NAG UA . -35.82 -2.95 36.26
N2 NAG UA . -34.94 -4.81 37.52
O3 NAG UA . -34.26 -4.10 40.21
O4 NAG UA . -32.66 -6.04 41.62
O5 NAG UA . -34.44 -8.10 39.16
O6 NAG UA . -34.60 -9.65 41.08
O7 NAG UA . -36.77 -3.76 38.29
C1 NAG VA . -40.55 -46.95 28.44
C2 NAG VA . -40.07 -48.30 28.97
C3 NAG VA . -40.75 -48.63 30.28
C4 NAG VA . -40.57 -47.50 31.28
C5 NAG VA . -41.03 -46.18 30.67
C6 NAG VA . -40.76 -44.99 31.56
C7 NAG VA . -39.33 -49.95 27.30
C8 NAG VA . -39.75 -51.01 26.33
N2 NAG VA . -40.31 -49.35 27.99
O3 NAG VA . -40.21 -49.84 30.81
O4 NAG VA . -41.32 -47.76 32.47
O5 NAG VA . -40.34 -45.94 29.44
O6 NAG VA . -40.06 -43.96 30.86
O7 NAG VA . -38.15 -49.64 27.46
C1 NAG WA . -49.87 -35.94 21.95
C2 NAG WA . -49.90 -34.43 21.78
C3 NAG WA . -48.70 -33.77 22.45
C4 NAG WA . -48.61 -34.20 23.90
C5 NAG WA . -48.60 -35.72 24.01
C6 NAG WA . -48.64 -36.21 25.44
C7 NAG WA . -50.85 -33.19 19.88
C8 NAG WA . -50.77 -32.93 18.40
N2 NAG WA . -49.96 -34.07 20.37
O3 NAG WA . -48.81 -32.36 22.35
O4 NAG WA . -47.43 -33.68 24.50
O5 NAG WA . -49.76 -36.27 23.35
O6 NAG WA . -49.26 -35.26 26.29
O7 NAG WA . -51.67 -32.62 20.59
C1 NAG XA . 8.19 59.60 20.90
C2 NAG XA . 8.15 59.81 19.38
C3 NAG XA . 8.62 61.23 19.04
C4 NAG XA . 7.83 62.27 19.83
C5 NAG XA . 7.88 61.95 21.32
C6 NAG XA . 7.00 62.87 22.14
C7 NAG XA . 8.62 58.32 17.50
C8 NAG XA . 9.56 57.30 16.94
N2 NAG XA . 8.95 58.82 18.69
O3 NAG XA . 8.47 61.45 17.64
O4 NAG XA . 8.38 63.56 19.60
O5 NAG XA . 7.41 60.61 21.55
O6 NAG XA . 6.46 63.91 21.36
O7 NAG XA . 7.61 58.66 16.91
C1 NAG YA . -29.23 30.92 -2.92
C2 NAG YA . -29.61 31.26 -4.36
C3 NAG YA . -28.93 32.56 -4.79
C4 NAG YA . -29.25 33.68 -3.81
C5 NAG YA . -28.89 33.25 -2.39
C6 NAG YA . -29.30 34.26 -1.34
C7 NAG YA . -30.01 29.81 -6.30
C8 NAG YA . -29.48 28.67 -7.13
N2 NAG YA . -29.25 30.18 -5.26
O3 NAG YA . -29.39 32.92 -6.09
O4 NAG YA . -28.50 34.85 -4.14
O5 NAG YA . -29.57 32.02 -2.06
O6 NAG YA . -29.52 35.54 -1.91
O7 NAG YA . -31.07 30.37 -6.56
C1 NAG ZA . 36.10 42.95 24.88
C2 NAG ZA . 35.19 43.93 24.14
C3 NAG ZA . 35.89 45.28 23.97
C4 NAG ZA . 36.38 45.80 25.32
C5 NAG ZA . 37.24 44.75 26.01
C6 NAG ZA . 37.67 45.15 27.40
C7 NAG ZA . 33.52 43.26 22.47
C8 NAG ZA . 33.30 42.70 21.09
N2 NAG ZA . 34.79 43.40 22.85
O3 NAG ZA . 34.98 46.21 23.39
O4 NAG ZA . 37.15 46.98 25.13
O5 NAG ZA . 36.51 43.52 26.14
O6 NAG ZA . 37.30 44.17 28.36
O7 NAG ZA . 32.59 43.56 23.20
C1 NAG AB . -0.30 61.33 29.81
C2 NAG AB . -0.37 60.70 31.20
C3 NAG AB . -0.10 61.76 32.27
C4 NAG AB . 1.20 62.49 31.98
C5 NAG AB . 1.21 63.04 30.56
C6 NAG AB . 2.53 63.66 30.17
C7 NAG AB . -1.86 58.75 31.26
C8 NAG AB . -3.24 58.25 31.53
N2 NAG AB . -1.65 60.06 31.43
O3 NAG AB . -0.04 61.14 33.55
O4 NAG AB . 1.36 63.58 32.90
O5 NAG AB . 0.97 61.97 29.63
O6 NAG AB . 2.70 63.65 28.76
O7 NAG AB . -0.95 58.00 30.90
C1 NAG BB . -59.41 -46.66 14.48
C2 NAG BB . -60.86 -46.19 14.37
C3 NAG BB . -61.83 -47.36 14.49
C4 NAG BB . -61.45 -48.45 13.51
C5 NAG BB . -59.98 -48.83 13.66
C6 NAG BB . -59.53 -49.85 12.65
C7 NAG BB . -61.14 -45.20 16.66
C8 NAG BB . -61.52 -43.95 17.38
N2 NAG BB . -61.18 -45.12 15.31
O3 NAG BB . -63.16 -46.90 14.23
O4 NAG BB . -62.25 -49.61 13.74
O5 NAG BB . -59.15 -47.66 13.49
O6 NAG BB . -60.03 -51.14 12.96
O7 NAG BB . -60.83 -46.22 17.25
#